data_1T3Q
#
_entry.id   1T3Q
#
_cell.length_a   278.320
_cell.length_b   72.100
_cell.length_c   202.650
_cell.angle_alpha   90.00
_cell.angle_beta   127.98
_cell.angle_gamma   90.00
#
_symmetry.space_group_name_H-M   'C 1 2 1'
#
loop_
_entity.id
_entity.type
_entity.pdbx_description
1 polymer 'quinoline 2-oxidoreductase small subunit'
2 polymer 'quinoline 2-oxidoreductase large subunit'
3 polymer 'quinoline 2-oxidoreductase medium subunit'
4 non-polymer 'FE2/S2 (INORGANIC) CLUSTER'
5 non-polymer GLYCEROL
6 non-polymer 'SULFATE ION'
7 non-polymer 'PTERIN CYTOSINE DINUCLEOTIDE'
8 non-polymer 'DIOXOSULFIDOMOLYBDENUM(VI) ION'
9 non-polymer 'FLAVIN-ADENINE DINUCLEOTIDE'
10 water water
#
loop_
_entity_poly.entity_id
_entity_poly.type
_entity_poly.pdbx_seq_one_letter_code
_entity_poly.pdbx_strand_id
1 'polypeptide(L)'
;MQAHEESQLMRISATINGKPRVFYVEPRMHLADALREVVGLTGTKIGCEQGVCGSCTILIDGAPMRSCLTLAVQAEGCSI
ETVEGLSQGEKLNALQDSFRRHHALQCGFCTAGMLATARSILAENPAPSRDEVREVMSGNLCRCTGYETIIDAITDPAVA
EAARRGEV
;
A,D
2 'polypeptide(L)'
;MMKHEVVALKKKSIGTSVLRREDTRLLTGRGRYIADLVLSGMLHVASLRSPFAHARIVSIDVADAQALPGVELVWCGADV
AELSQGIVATMQVEGFQTTIQPLLANGVTRFVGEIVAVVVASSRAIAEDAAQLIQVEYEELPAVTGIEAALEGEARANDT
LAGNVVSRTSRARDELAPIFASSAGVVRGQFSCGRVSACPMETRGAVAQYEWTTQQLILWTATQMPSFVRTMVAMFCAIP
EHLIEVRVPDVGGGFGQKAHLHPEELLVCLLSRALGRPVRWIEDRQENFLGATHAKQQRNEMGLAFDGDGRFLALENRSI
TDGGAYNNLPWTQLVESHVGNAVILGVYKVPAVSEESIAVATNKCPIGAYRGVGFTAGQIARETLIDRAARQLGLSPFEI
RRRNVVMPEDFPFTNRLGQTHREGTYLQTINLLEEMVNPEAFRQRQAEARARGKYLGLGVSVFNEVTGTGTRTLSFLGTP
TTTHDSATVRIDPTGKVTVTTSLASSGQGHETTLAQIAADVLGVPASDVVIQAGSTKNTYGFGAYASRGAVIGAGSIGRA
ASIVRERVKQLAGHLLEAASEDIVIEDGLVHVAGVPAKGMPFAEVVGAAYFADATHPPGFDATLEATATYDPSDLVLANG
GHAAIVEIDASTYATRVTDFFAVEDCGTMINPMIVEGQIRGGIAQAIGQTLLEEVIYDDFGQLVTTTLMDYLIPTTLDVP
DIRIRHLETPSPLVPGGIKGMGESAMISAPAAVVAAVNDALAHLEVVIETVPITPERIFRSIQERPMQ
;
B,E
3 'polypeptide(L)'
;MKFPAFSYRAPASLQEVIQVLADDPDARIIAGGQSLLPLLAFRLVYPSCLVDLRNVSELFEISQSAGILSVGAMVTHFRN
KTDPTVAKCVPILPKVLAHVAHQAVRNRGTLGGSLAHADAGAEMPFLMATLGATMYIASSAGVRSVSATDFMKGHYFTDL
EAGEVLVRVEIPIPALHWEFDEYARRKGDYALVMAAAGLSMQGGRCVAARIALGAVEERAHQAIRANDFLVGKVIDESTA
ATAAELATEGLEPRSDIHGSRDLRLSLAKAITQRVILKAAQGAMYAGA
;
C,F
#
loop_
_chem_comp.id
_chem_comp.type
_chem_comp.name
_chem_comp.formula
FAD non-polymer 'FLAVIN-ADENINE DINUCLEOTIDE' 'C27 H33 N9 O15 P2'
FES non-polymer 'FE2/S2 (INORGANIC) CLUSTER' 'Fe2 S2'
GOL non-polymer GLYCEROL 'C3 H8 O3'
MCN non-polymer 'PTERIN CYTOSINE DINUCLEOTIDE' 'C19 H22 N8 O13 P2 S2'
SMO non-polymer 'DIOXOSULFIDOMOLYBDENUM(VI) ION' 'Mo O2 S'
SO4 non-polymer 'SULFATE ION' 'O4 S -2'
#
# COMPACT_ATOMS: atom_id res chain seq x y z
N SER A 7 -33.69 1.92 5.43
CA SER A 7 -32.57 0.93 5.26
C SER A 7 -33.06 -0.21 4.40
N GLN A 8 -32.26 -0.51 3.38
CA GLN A 8 -32.52 -1.58 2.45
C GLN A 8 -31.60 -2.73 2.89
N LEU A 9 -30.82 -2.48 3.95
CA LEU A 9 -29.87 -3.45 4.53
C LEU A 9 -30.50 -4.32 5.62
N MET A 10 -30.19 -5.60 5.57
CA MET A 10 -30.72 -6.56 6.53
C MET A 10 -29.63 -7.08 7.48
N ARG A 11 -29.98 -7.18 8.74
CA ARG A 11 -29.05 -7.64 9.78
C ARG A 11 -28.99 -9.16 9.74
N ILE A 12 -27.84 -9.69 9.34
CA ILE A 12 -27.68 -11.14 9.26
C ILE A 12 -26.79 -11.68 10.35
N SER A 13 -27.27 -12.72 11.02
CA SER A 13 -26.54 -13.35 12.11
C SER A 13 -26.10 -14.75 11.70
N ALA A 14 -24.80 -14.97 11.64
CA ALA A 14 -24.26 -16.27 11.26
C ALA A 14 -22.91 -16.52 11.92
N THR A 15 -22.53 -17.78 12.07
CA THR A 15 -21.24 -18.10 12.65
C THR A 15 -20.27 -18.28 11.49
N ILE A 16 -19.16 -17.55 11.53
CA ILE A 16 -18.16 -17.64 10.46
C ILE A 16 -16.85 -18.09 11.08
N ASN A 17 -16.39 -19.27 10.64
CA ASN A 17 -15.16 -19.86 11.13
C ASN A 17 -15.15 -19.98 12.65
N GLY A 18 -16.26 -20.45 13.21
CA GLY A 18 -16.36 -20.64 14.64
C GLY A 18 -16.76 -19.43 15.46
N LYS A 19 -16.75 -18.25 14.86
CA LYS A 19 -17.09 -17.03 15.59
C LYS A 19 -18.43 -16.43 15.17
N PRO A 20 -19.29 -16.15 16.15
CA PRO A 20 -20.60 -15.56 15.87
C PRO A 20 -20.38 -14.19 15.23
N ARG A 21 -20.97 -13.96 14.07
CA ARG A 21 -20.80 -12.68 13.38
C ARG A 21 -22.15 -12.05 13.04
N VAL A 22 -22.13 -10.73 12.89
CA VAL A 22 -23.31 -9.98 12.53
C VAL A 22 -22.90 -9.01 11.43
N PHE A 23 -23.52 -9.14 10.26
CA PHE A 23 -23.20 -8.25 9.15
C PHE A 23 -24.46 -7.76 8.45
N TYR A 24 -24.37 -6.58 7.85
CA TYR A 24 -25.49 -5.99 7.14
C TYR A 24 -25.31 -6.06 5.65
N VAL A 25 -26.33 -6.55 4.96
CA VAL A 25 -26.28 -6.71 3.52
C VAL A 25 -27.62 -6.48 2.86
N GLU A 26 -27.59 -6.22 1.56
CA GLU A 26 -28.81 -6.05 0.79
C GLU A 26 -29.13 -7.44 0.24
N PRO A 27 -30.41 -7.74 0.02
CA PRO A 27 -30.81 -9.05 -0.51
C PRO A 27 -30.14 -9.37 -1.86
N ARG A 28 -29.89 -8.33 -2.65
CA ARG A 28 -29.29 -8.49 -3.98
C ARG A 28 -27.82 -8.94 -4.01
N MET A 29 -27.19 -9.03 -2.84
CA MET A 29 -25.79 -9.43 -2.78
C MET A 29 -25.66 -10.91 -2.44
N HIS A 30 -24.88 -11.67 -3.22
CA HIS A 30 -24.71 -13.07 -2.90
C HIS A 30 -23.70 -13.23 -1.76
N LEU A 31 -23.67 -14.41 -1.16
CA LEU A 31 -22.80 -14.70 -0.03
C LEU A 31 -21.31 -14.53 -0.33
N ALA A 32 -20.88 -14.91 -1.54
CA ALA A 32 -19.48 -14.77 -1.91
C ALA A 32 -19.06 -13.30 -1.78
N ASP A 33 -19.84 -12.40 -2.37
CA ASP A 33 -19.53 -10.96 -2.29
C ASP A 33 -19.61 -10.45 -0.85
N ALA A 34 -20.59 -10.91 -0.08
CA ALA A 34 -20.72 -10.45 1.30
C ALA A 34 -19.52 -10.85 2.13
N LEU A 35 -19.10 -12.12 2.02
CA LEU A 35 -17.95 -12.59 2.76
C LEU A 35 -16.72 -11.76 2.39
N ARG A 36 -16.53 -11.56 1.09
CA ARG A 36 -15.38 -10.81 0.60
C ARG A 36 -15.39 -9.33 0.91
N GLU A 37 -16.47 -8.65 0.54
CA GLU A 37 -16.57 -7.20 0.71
C GLU A 37 -17.18 -6.65 2.00
N VAL A 38 -18.09 -7.39 2.62
CA VAL A 38 -18.68 -6.89 3.86
C VAL A 38 -17.96 -7.43 5.09
N VAL A 39 -17.70 -8.73 5.11
CA VAL A 39 -17.02 -9.35 6.24
C VAL A 39 -15.50 -9.17 6.12
N GLY A 40 -15.00 -9.03 4.90
CA GLY A 40 -13.58 -8.83 4.70
C GLY A 40 -12.74 -10.09 4.61
N LEU A 41 -13.36 -11.20 4.23
CA LEU A 41 -12.66 -12.47 4.09
C LEU A 41 -12.56 -12.76 2.59
N THR A 42 -11.49 -12.26 1.97
CA THR A 42 -11.33 -12.43 0.53
C THR A 42 -10.77 -13.78 0.07
N GLY A 43 -10.65 -14.73 1.00
CA GLY A 43 -10.16 -16.04 0.61
C GLY A 43 -11.09 -16.73 -0.37
N THR A 44 -12.39 -16.48 -0.23
CA THR A 44 -13.39 -17.06 -1.13
C THR A 44 -13.29 -16.30 -2.45
N LYS A 45 -13.07 -17.03 -3.54
CA LYS A 45 -12.90 -16.41 -4.85
C LYS A 45 -14.09 -16.59 -5.78
N ILE A 46 -14.21 -15.68 -6.74
CA ILE A 46 -15.30 -15.70 -7.71
C ILE A 46 -14.74 -15.85 -9.12
N GLY A 47 -15.14 -16.91 -9.81
CA GLY A 47 -14.66 -17.12 -11.15
C GLY A 47 -15.73 -17.18 -12.25
N CYS A 48 -17.00 -17.26 -11.87
CA CYS A 48 -18.07 -17.33 -12.87
C CYS A 48 -19.42 -16.80 -12.41
N GLU A 49 -19.72 -16.93 -11.12
CA GLU A 49 -21.00 -16.49 -10.55
C GLU A 49 -22.20 -17.20 -11.19
N GLN A 50 -21.96 -18.42 -11.68
CA GLN A 50 -23.00 -19.23 -12.31
C GLN A 50 -23.06 -20.62 -11.71
N GLY A 51 -22.26 -20.86 -10.66
CA GLY A 51 -22.26 -22.14 -10.00
C GLY A 51 -21.43 -23.23 -10.65
N VAL A 52 -20.79 -22.91 -11.77
CA VAL A 52 -20.00 -23.89 -12.50
C VAL A 52 -18.55 -24.14 -12.08
N CYS A 53 -17.77 -23.07 -11.89
CA CYS A 53 -16.35 -23.25 -11.57
C CYS A 53 -16.00 -23.80 -10.20
N GLY A 54 -16.84 -23.50 -9.21
CA GLY A 54 -16.58 -24.01 -7.87
C GLY A 54 -15.56 -23.24 -7.05
N SER A 55 -15.04 -22.14 -7.61
CA SER A 55 -14.04 -21.35 -6.88
C SER A 55 -14.56 -20.69 -5.61
N CYS A 56 -15.87 -20.50 -5.51
CA CYS A 56 -16.51 -19.86 -4.36
C CYS A 56 -17.05 -20.88 -3.39
N THR A 57 -16.71 -22.15 -3.59
CA THR A 57 -17.23 -23.21 -2.73
C THR A 57 -16.77 -23.06 -1.28
N ILE A 58 -17.74 -23.07 -0.36
CA ILE A 58 -17.46 -22.97 1.06
C ILE A 58 -18.31 -24.01 1.78
N LEU A 59 -18.11 -24.17 3.08
CA LEU A 59 -18.92 -25.14 3.82
C LEU A 59 -19.94 -24.39 4.66
N ILE A 60 -21.21 -24.78 4.51
CA ILE A 60 -22.29 -24.19 5.27
C ILE A 60 -22.90 -25.34 6.07
N ASP A 61 -22.77 -25.25 7.39
CA ASP A 61 -23.26 -26.29 8.28
C ASP A 61 -22.62 -27.60 7.88
N GLY A 62 -21.32 -27.53 7.55
CA GLY A 62 -20.56 -28.70 7.16
C GLY A 62 -20.70 -29.20 5.74
N ALA A 63 -21.59 -28.60 4.96
CA ALA A 63 -21.79 -29.04 3.59
C ALA A 63 -21.31 -28.05 2.53
N PRO A 64 -20.60 -28.54 1.51
CA PRO A 64 -20.12 -27.62 0.47
C PRO A 64 -21.26 -27.02 -0.35
N MET A 65 -21.21 -25.71 -0.56
CA MET A 65 -22.21 -24.99 -1.33
C MET A 65 -21.56 -23.86 -2.13
N ARG A 66 -22.18 -23.47 -3.23
CA ARG A 66 -21.67 -22.37 -4.04
C ARG A 66 -22.13 -21.09 -3.36
N SER A 67 -21.18 -20.29 -2.87
CA SER A 67 -21.55 -19.05 -2.21
C SER A 67 -22.04 -17.99 -3.20
N CYS A 68 -21.71 -18.14 -4.47
CA CYS A 68 -22.16 -17.17 -5.46
C CYS A 68 -23.64 -17.42 -5.79
N LEU A 69 -24.12 -18.62 -5.44
CA LEU A 69 -25.51 -18.98 -5.69
C LEU A 69 -26.30 -19.09 -4.38
N THR A 70 -25.82 -18.41 -3.36
CA THR A 70 -26.47 -18.35 -2.05
C THR A 70 -26.61 -16.88 -1.73
N LEU A 71 -27.81 -16.41 -1.42
CA LEU A 71 -27.95 -14.99 -1.08
C LEU A 71 -27.26 -14.80 0.26
N ALA A 72 -26.62 -13.64 0.44
CA ALA A 72 -25.96 -13.38 1.70
C ALA A 72 -26.99 -13.47 2.83
N VAL A 73 -28.20 -13.01 2.57
CA VAL A 73 -29.23 -13.07 3.61
C VAL A 73 -29.63 -14.50 3.96
N GLN A 74 -29.30 -15.46 3.10
CA GLN A 74 -29.63 -16.86 3.39
C GLN A 74 -28.61 -17.49 4.32
N ALA A 75 -27.64 -16.70 4.78
CA ALA A 75 -26.63 -17.21 5.69
C ALA A 75 -27.16 -17.16 7.13
N GLU A 76 -28.29 -16.48 7.31
CA GLU A 76 -28.90 -16.34 8.62
C GLU A 76 -29.03 -17.67 9.35
N GLY A 77 -28.52 -17.72 10.56
CA GLY A 77 -28.60 -18.92 11.37
C GLY A 77 -27.71 -20.08 10.93
N CYS A 78 -26.80 -19.82 10.00
CA CYS A 78 -25.91 -20.87 9.51
C CYS A 78 -24.49 -20.75 10.05
N SER A 79 -23.77 -21.87 10.01
CA SER A 79 -22.38 -21.92 10.45
C SER A 79 -21.55 -22.03 9.17
N ILE A 80 -20.79 -20.99 8.88
CA ILE A 80 -19.97 -20.92 7.67
C ILE A 80 -18.48 -21.12 7.92
N GLU A 81 -17.83 -21.87 7.03
CA GLU A 81 -16.41 -22.13 7.12
C GLU A 81 -15.74 -21.72 5.81
N THR A 82 -14.85 -20.74 5.88
CA THR A 82 -14.13 -20.29 4.69
C THR A 82 -12.69 -20.80 4.81
N VAL A 83 -11.92 -20.68 3.74
CA VAL A 83 -10.54 -21.14 3.75
C VAL A 83 -9.70 -20.52 4.87
N GLU A 84 -10.02 -19.28 5.25
CA GLU A 84 -9.28 -18.60 6.30
C GLU A 84 -9.32 -19.36 7.64
N GLY A 85 -10.36 -20.16 7.82
CA GLY A 85 -10.50 -20.88 9.08
C GLY A 85 -9.77 -22.20 9.16
N LEU A 86 -9.19 -22.65 8.05
CA LEU A 86 -8.50 -23.94 8.03
C LEU A 86 -7.26 -24.07 8.90
N SER A 87 -6.29 -23.18 8.70
CA SER A 87 -5.05 -23.25 9.48
C SER A 87 -5.31 -23.04 10.97
N GLN A 88 -4.44 -23.60 11.79
CA GLN A 88 -4.55 -23.47 13.24
C GLN A 88 -3.18 -23.11 13.80
N GLY A 89 -3.10 -22.01 14.55
CA GLY A 89 -1.84 -21.60 15.13
C GLY A 89 -0.72 -21.30 14.16
N GLU A 90 -1.05 -20.60 13.07
CA GLU A 90 -0.08 -20.22 12.06
C GLU A 90 0.72 -21.38 11.49
N LYS A 91 0.03 -22.45 11.13
CA LYS A 91 0.66 -23.62 10.54
C LYS A 91 -0.38 -24.24 9.60
N LEU A 92 0.07 -24.71 8.45
CA LEU A 92 -0.84 -25.34 7.51
C LEU A 92 -1.30 -26.64 8.13
N ASN A 93 -2.54 -27.05 7.90
CA ASN A 93 -2.98 -28.31 8.47
C ASN A 93 -2.57 -29.41 7.49
N ALA A 94 -2.83 -30.66 7.84
CA ALA A 94 -2.43 -31.78 7.00
C ALA A 94 -2.84 -31.65 5.53
N LEU A 95 -4.09 -31.29 5.28
CA LEU A 95 -4.57 -31.15 3.91
C LEU A 95 -3.82 -30.07 3.14
N GLN A 96 -3.69 -28.89 3.75
CA GLN A 96 -2.98 -27.77 3.13
C GLN A 96 -1.53 -28.12 2.87
N ASP A 97 -0.87 -28.68 3.88
CA ASP A 97 0.52 -29.06 3.74
C ASP A 97 0.69 -30.08 2.62
N SER A 98 -0.29 -30.97 2.47
CA SER A 98 -0.23 -31.97 1.42
C SER A 98 -0.32 -31.30 0.05
N PHE A 99 -1.22 -30.33 -0.08
CA PHE A 99 -1.35 -29.61 -1.35
C PHE A 99 0.00 -29.02 -1.74
N ARG A 100 0.70 -28.46 -0.75
CA ARG A 100 2.01 -27.85 -0.98
C ARG A 100 3.06 -28.89 -1.37
N ARG A 101 3.14 -29.97 -0.60
CA ARG A 101 4.12 -31.02 -0.88
C ARG A 101 3.95 -31.65 -2.25
N HIS A 102 2.70 -31.77 -2.71
CA HIS A 102 2.44 -32.37 -4.00
C HIS A 102 2.29 -31.36 -5.14
N HIS A 103 2.51 -30.09 -4.84
CA HIS A 103 2.39 -29.04 -5.85
C HIS A 103 0.99 -29.15 -6.48
N ALA A 104 -0.03 -28.98 -5.64
CA ALA A 104 -1.43 -29.08 -6.06
C ALA A 104 -2.02 -27.72 -6.43
N LEU A 105 -1.20 -26.69 -6.49
CA LEU A 105 -1.67 -25.37 -6.89
C LEU A 105 -0.57 -24.58 -7.61
N GLN A 106 -1.00 -23.65 -8.45
CA GLN A 106 -0.10 -22.80 -9.21
C GLN A 106 -0.50 -21.34 -8.99
N CYS A 107 -1.52 -20.89 -9.73
CA CYS A 107 -1.94 -19.50 -9.55
C CYS A 107 -2.67 -19.42 -8.20
N GLY A 108 -3.22 -20.55 -7.78
CA GLY A 108 -3.92 -20.63 -6.49
C GLY A 108 -5.35 -20.11 -6.40
N PHE A 109 -5.91 -19.70 -7.53
CA PHE A 109 -7.26 -19.14 -7.52
C PHE A 109 -8.37 -20.15 -7.21
N CYS A 110 -8.18 -21.40 -7.62
CA CYS A 110 -9.17 -22.45 -7.39
C CYS A 110 -8.98 -23.15 -6.06
N THR A 111 -7.86 -22.87 -5.40
CA THR A 111 -7.51 -23.56 -4.17
C THR A 111 -8.51 -23.52 -3.01
N ALA A 112 -9.04 -22.35 -2.69
CA ALA A 112 -10.03 -22.27 -1.61
C ALA A 112 -11.19 -23.24 -1.87
N GLY A 113 -11.72 -23.23 -3.09
CA GLY A 113 -12.82 -24.11 -3.45
C GLY A 113 -12.42 -25.58 -3.43
N MET A 114 -11.20 -25.88 -3.89
CA MET A 114 -10.71 -27.24 -3.90
C MET A 114 -10.68 -27.80 -2.49
N LEU A 115 -10.14 -27.02 -1.56
CA LEU A 115 -10.05 -27.42 -0.16
C LEU A 115 -11.40 -27.71 0.48
N ALA A 116 -12.39 -26.88 0.17
CA ALA A 116 -13.74 -27.06 0.73
C ALA A 116 -14.29 -28.41 0.29
N THR A 117 -14.24 -28.69 -1.00
CA THR A 117 -14.76 -29.96 -1.50
C THR A 117 -13.94 -31.13 -0.94
N ALA A 118 -12.63 -30.97 -0.90
CA ALA A 118 -11.76 -32.05 -0.39
C ALA A 118 -12.10 -32.37 1.07
N ARG A 119 -12.30 -31.33 1.88
CA ARG A 119 -12.63 -31.56 3.28
C ARG A 119 -13.90 -32.38 3.40
N SER A 120 -14.90 -32.02 2.61
CA SER A 120 -16.17 -32.73 2.61
C SER A 120 -15.98 -34.21 2.29
N ILE A 121 -15.16 -34.48 1.28
CA ILE A 121 -14.87 -35.85 0.85
C ILE A 121 -14.22 -36.65 1.98
N LEU A 122 -13.20 -36.06 2.58
CA LEU A 122 -12.45 -36.69 3.65
C LEU A 122 -13.25 -36.89 4.92
N ALA A 123 -14.29 -36.08 5.10
CA ALA A 123 -15.14 -36.20 6.27
C ALA A 123 -15.91 -37.52 6.21
N GLU A 124 -16.38 -37.87 5.02
CA GLU A 124 -17.14 -39.11 4.86
C GLU A 124 -16.26 -40.34 4.67
N ASN A 125 -15.11 -40.13 4.01
CA ASN A 125 -14.18 -41.22 3.75
C ASN A 125 -12.75 -40.68 3.82
N PRO A 126 -12.01 -41.07 4.87
CA PRO A 126 -10.63 -40.66 5.13
C PRO A 126 -9.63 -41.07 4.05
N ALA A 127 -9.92 -42.18 3.39
CA ALA A 127 -9.04 -42.71 2.35
C ALA A 127 -9.82 -43.04 1.08
N PRO A 128 -10.33 -42.00 0.38
CA PRO A 128 -11.09 -42.25 -0.84
C PRO A 128 -10.14 -42.73 -1.93
N SER A 129 -10.68 -43.46 -2.91
CA SER A 129 -9.86 -43.95 -4.01
C SER A 129 -9.60 -42.77 -4.95
N ARG A 130 -8.60 -42.88 -5.81
CA ARG A 130 -8.33 -41.79 -6.74
C ARG A 130 -9.57 -41.52 -7.60
N ASP A 131 -10.24 -42.58 -8.02
CA ASP A 131 -11.44 -42.45 -8.85
C ASP A 131 -12.55 -41.72 -8.11
N GLU A 132 -12.72 -42.02 -6.83
CA GLU A 132 -13.73 -41.39 -6.02
C GLU A 132 -13.44 -39.90 -5.88
N VAL A 133 -12.16 -39.57 -5.69
CA VAL A 133 -11.78 -38.17 -5.57
C VAL A 133 -12.03 -37.43 -6.88
N ARG A 134 -11.59 -38.01 -8.00
CA ARG A 134 -11.81 -37.37 -9.28
C ARG A 134 -13.29 -37.13 -9.54
N GLU A 135 -14.13 -38.07 -9.10
CA GLU A 135 -15.56 -37.97 -9.26
C GLU A 135 -16.17 -36.83 -8.46
N VAL A 136 -15.84 -36.76 -7.17
CA VAL A 136 -16.38 -35.71 -6.33
C VAL A 136 -15.76 -34.34 -6.63
N MET A 137 -14.50 -34.32 -7.05
CA MET A 137 -13.84 -33.05 -7.36
C MET A 137 -14.16 -32.54 -8.77
N SER A 138 -14.95 -33.31 -9.52
CA SER A 138 -15.29 -32.92 -10.89
C SER A 138 -16.07 -31.61 -11.02
N GLY A 139 -16.51 -31.08 -9.88
CA GLY A 139 -17.25 -29.82 -9.88
C GLY A 139 -16.37 -28.63 -9.54
N ASN A 140 -15.06 -28.86 -9.43
CA ASN A 140 -14.13 -27.78 -9.12
C ASN A 140 -13.15 -27.66 -10.27
N LEU A 141 -13.17 -26.51 -10.95
CA LEU A 141 -12.30 -26.29 -12.10
C LEU A 141 -10.95 -25.67 -11.76
N CYS A 142 -9.92 -26.18 -12.41
CA CYS A 142 -8.56 -25.67 -12.26
C CYS A 142 -8.00 -25.57 -13.67
N ARG A 143 -7.47 -24.40 -14.01
CA ARG A 143 -6.92 -24.17 -15.34
C ARG A 143 -5.39 -24.29 -15.39
N CYS A 144 -4.76 -24.42 -14.22
CA CYS A 144 -3.31 -24.49 -14.11
C CYS A 144 -2.61 -25.84 -13.98
N THR A 145 -3.13 -26.67 -13.08
CA THR A 145 -2.48 -27.93 -12.71
C THR A 145 -2.64 -29.24 -13.44
N GLY A 146 -3.75 -29.41 -14.16
CA GLY A 146 -3.95 -30.69 -14.83
C GLY A 146 -4.54 -31.70 -13.85
N TYR A 147 -4.89 -31.24 -12.65
CA TYR A 147 -5.54 -32.04 -11.61
C TYR A 147 -4.82 -33.21 -10.94
N GLU A 148 -3.90 -33.88 -11.63
CA GLU A 148 -3.27 -35.04 -11.02
C GLU A 148 -2.69 -34.83 -9.63
N THR A 149 -1.99 -33.72 -9.42
CA THR A 149 -1.39 -33.48 -8.12
C THR A 149 -2.39 -33.15 -7.02
N ILE A 150 -3.58 -32.68 -7.39
CA ILE A 150 -4.61 -32.40 -6.40
C ILE A 150 -5.13 -33.75 -5.92
N ILE A 151 -5.25 -34.70 -6.85
CA ILE A 151 -5.73 -36.04 -6.51
C ILE A 151 -4.66 -36.66 -5.59
N ASP A 152 -3.39 -36.44 -5.94
CA ASP A 152 -2.28 -36.96 -5.15
C ASP A 152 -2.34 -36.41 -3.72
N ALA A 153 -2.55 -35.10 -3.61
CA ALA A 153 -2.60 -34.45 -2.31
C ALA A 153 -3.72 -34.97 -1.42
N ILE A 154 -4.92 -35.12 -1.98
CA ILE A 154 -6.06 -35.59 -1.21
C ILE A 154 -5.96 -37.05 -0.74
N THR A 155 -5.28 -37.88 -1.52
CA THR A 155 -5.12 -39.29 -1.17
C THR A 155 -3.84 -39.60 -0.42
N ASP A 156 -3.09 -38.55 -0.07
CA ASP A 156 -1.84 -38.70 0.67
C ASP A 156 -2.14 -39.40 1.99
N PRO A 157 -1.31 -40.39 2.37
CA PRO A 157 -1.54 -41.12 3.63
C PRO A 157 -1.54 -40.26 4.90
N ALA A 158 -0.80 -39.16 4.90
CA ALA A 158 -0.77 -38.27 6.07
C ALA A 158 -2.11 -37.55 6.19
N VAL A 159 -2.75 -37.30 5.05
CA VAL A 159 -4.05 -36.64 5.03
C VAL A 159 -5.12 -37.60 5.56
N ALA A 160 -5.05 -38.85 5.13
CA ALA A 160 -6.02 -39.85 5.57
C ALA A 160 -5.91 -40.02 7.09
N GLU A 161 -4.67 -40.06 7.59
CA GLU A 161 -4.43 -40.20 9.02
C GLU A 161 -5.02 -39.02 9.78
N ALA A 162 -4.77 -37.81 9.30
CA ALA A 162 -5.29 -36.62 9.95
C ALA A 162 -6.81 -36.63 9.92
N ALA A 163 -7.38 -37.09 8.81
CA ALA A 163 -8.82 -37.18 8.66
C ALA A 163 -9.43 -38.10 9.73
N ARG A 164 -8.79 -39.24 9.95
CA ARG A 164 -9.27 -40.18 10.95
C ARG A 164 -9.24 -39.57 12.34
N ARG A 165 -8.28 -38.66 12.57
CA ARG A 165 -8.18 -38.00 13.86
C ARG A 165 -9.06 -36.75 13.90
N GLY A 166 -9.89 -36.60 12.88
CA GLY A 166 -10.78 -35.45 12.81
C GLY A 166 -10.06 -34.10 12.77
N GLU A 167 -8.93 -34.05 12.06
CA GLU A 167 -8.17 -32.80 11.98
C GLU A 167 -7.82 -32.33 10.57
N VAL A 168 -8.73 -32.56 9.64
CA VAL A 168 -8.52 -32.14 8.26
C VAL A 168 -9.43 -30.95 7.91
N MET B 1 27.78 -7.61 -27.27
CA MET B 1 26.87 -6.79 -26.43
C MET B 1 26.87 -7.34 -25.00
N MET B 2 26.96 -6.46 -24.01
CA MET B 2 26.97 -6.89 -22.63
C MET B 2 25.71 -7.65 -22.21
N LYS B 3 24.58 -7.34 -22.85
CA LYS B 3 23.33 -8.01 -22.50
C LYS B 3 23.34 -9.49 -22.86
N HIS B 4 24.31 -9.88 -23.70
CA HIS B 4 24.44 -11.28 -24.13
C HIS B 4 25.16 -12.14 -23.10
N GLU B 5 25.86 -11.49 -22.17
CA GLU B 5 26.64 -12.17 -21.15
C GLU B 5 25.95 -13.34 -20.48
N VAL B 6 26.69 -14.45 -20.36
CA VAL B 6 26.19 -15.65 -19.71
C VAL B 6 27.07 -15.85 -18.48
N VAL B 7 26.58 -15.46 -17.32
CA VAL B 7 27.35 -15.59 -16.10
C VAL B 7 27.54 -17.04 -15.71
N ALA B 8 28.64 -17.32 -15.03
CA ALA B 8 28.94 -18.68 -14.60
C ALA B 8 28.39 -18.91 -13.20
N LEU B 9 27.92 -20.12 -12.95
CA LEU B 9 27.38 -20.47 -11.64
C LEU B 9 27.51 -21.96 -11.37
N LYS B 10 27.57 -22.32 -10.10
CA LYS B 10 27.65 -23.71 -9.73
C LYS B 10 26.26 -24.09 -9.24
N LYS B 11 25.65 -25.09 -9.87
CA LYS B 11 24.31 -25.50 -9.49
C LYS B 11 24.29 -26.19 -8.12
N LYS B 12 23.35 -25.77 -7.28
CA LYS B 12 23.19 -26.33 -5.95
C LYS B 12 21.68 -26.37 -5.71
N SER B 13 21.05 -25.20 -5.63
CA SER B 13 19.60 -25.13 -5.44
C SER B 13 18.95 -25.48 -6.78
N ILE B 14 19.49 -24.93 -7.86
CA ILE B 14 18.98 -25.20 -9.19
C ILE B 14 19.05 -26.70 -9.43
N GLY B 15 17.93 -27.28 -9.87
CA GLY B 15 17.86 -28.71 -10.13
C GLY B 15 17.12 -29.46 -9.05
N THR B 16 16.81 -28.78 -7.95
CA THR B 16 16.10 -29.41 -6.85
C THR B 16 14.66 -28.91 -6.77
N SER B 17 13.76 -29.79 -6.37
CA SER B 17 12.34 -29.44 -6.27
C SER B 17 11.97 -28.76 -4.95
N VAL B 18 12.45 -27.54 -4.78
CA VAL B 18 12.16 -26.74 -3.60
C VAL B 18 10.66 -26.46 -3.53
N LEU B 19 10.07 -26.61 -2.35
CA LEU B 19 8.64 -26.36 -2.19
C LEU B 19 8.38 -24.86 -2.41
N ARG B 20 7.27 -24.54 -3.06
CA ARG B 20 6.95 -23.15 -3.36
C ARG B 20 6.67 -22.26 -2.16
N ARG B 21 7.37 -21.14 -2.07
CA ARG B 21 7.18 -20.24 -0.95
C ARG B 21 5.84 -19.51 -1.04
N GLU B 22 5.27 -19.38 -2.24
CA GLU B 22 3.99 -18.70 -2.37
C GLU B 22 2.79 -19.53 -1.94
N ASP B 23 2.96 -20.85 -1.88
CA ASP B 23 1.86 -21.75 -1.51
C ASP B 23 1.20 -21.46 -0.18
N THR B 24 1.96 -21.06 0.83
CA THR B 24 1.39 -20.83 2.13
C THR B 24 0.31 -19.76 2.17
N ARG B 25 0.54 -18.62 1.53
CA ARG B 25 -0.49 -17.60 1.54
C ARG B 25 -1.65 -17.99 0.62
N LEU B 26 -1.34 -18.72 -0.44
CA LEU B 26 -2.35 -19.14 -1.40
C LEU B 26 -3.24 -20.29 -0.91
N LEU B 27 -2.83 -20.95 0.16
CA LEU B 27 -3.60 -22.06 0.73
C LEU B 27 -4.39 -21.63 1.95
N THR B 28 -4.14 -20.42 2.43
CA THR B 28 -4.81 -19.90 3.61
C THR B 28 -5.75 -18.74 3.32
N GLY B 29 -6.03 -18.50 2.05
CA GLY B 29 -6.92 -17.41 1.68
C GLY B 29 -6.25 -16.05 1.82
N ARG B 30 -4.92 -16.05 1.90
CA ARG B 30 -4.19 -14.80 2.04
C ARG B 30 -3.46 -14.33 0.79
N GLY B 31 -3.85 -14.87 -0.36
CA GLY B 31 -3.24 -14.43 -1.60
C GLY B 31 -3.88 -13.07 -1.81
N ARG B 32 -3.26 -12.20 -2.57
CA ARG B 32 -3.85 -10.89 -2.80
C ARG B 32 -3.98 -10.63 -4.28
N TYR B 33 -5.16 -10.96 -4.82
CA TYR B 33 -5.42 -10.79 -6.24
C TYR B 33 -6.06 -9.43 -6.51
N ILE B 34 -6.18 -9.06 -7.78
CA ILE B 34 -6.71 -7.76 -8.13
C ILE B 34 -8.08 -7.41 -7.52
N ALA B 35 -9.02 -8.36 -7.53
CA ALA B 35 -10.34 -8.10 -6.97
C ALA B 35 -10.33 -7.99 -5.45
N ASP B 36 -9.25 -8.44 -4.81
CA ASP B 36 -9.16 -8.37 -3.35
C ASP B 36 -8.69 -7.01 -2.86
N LEU B 37 -8.15 -6.20 -3.76
CA LEU B 37 -7.65 -4.89 -3.37
C LEU B 37 -8.77 -3.94 -2.92
N VAL B 38 -8.51 -3.24 -1.82
CA VAL B 38 -9.47 -2.29 -1.29
C VAL B 38 -8.81 -0.93 -1.13
N LEU B 39 -9.37 0.08 -1.79
CA LEU B 39 -8.85 1.43 -1.72
C LEU B 39 -9.96 2.37 -1.24
N SER B 40 -9.62 3.32 -0.39
CA SER B 40 -10.58 4.27 0.15
C SER B 40 -11.27 5.06 -0.97
N GLY B 41 -12.58 5.20 -0.85
CA GLY B 41 -13.35 5.94 -1.83
C GLY B 41 -13.46 5.30 -3.20
N MET B 42 -13.01 4.06 -3.28
CA MET B 42 -13.01 3.28 -4.52
C MET B 42 -14.37 3.22 -5.21
N LEU B 43 -14.40 3.53 -6.50
CA LEU B 43 -15.62 3.47 -7.31
C LEU B 43 -15.56 2.28 -8.26
N HIS B 44 -16.70 1.95 -8.87
CA HIS B 44 -16.79 0.80 -9.75
C HIS B 44 -17.28 1.08 -11.16
N VAL B 45 -16.67 0.43 -12.13
CA VAL B 45 -17.07 0.64 -13.51
C VAL B 45 -17.81 -0.58 -14.07
N ALA B 46 -18.81 -0.30 -14.91
CA ALA B 46 -19.59 -1.34 -15.59
C ALA B 46 -19.63 -0.90 -17.03
N SER B 47 -19.81 -1.85 -17.95
CA SER B 47 -19.82 -1.51 -19.36
C SER B 47 -21.07 -1.93 -20.13
N LEU B 48 -21.43 -1.11 -21.12
CA LEU B 48 -22.55 -1.43 -22.00
C LEU B 48 -21.80 -1.80 -23.28
N ARG B 49 -22.14 -2.96 -23.85
CA ARG B 49 -21.47 -3.43 -25.05
C ARG B 49 -22.37 -3.52 -26.26
N SER B 50 -21.74 -3.59 -27.42
CA SER B 50 -22.45 -3.69 -28.69
C SER B 50 -23.13 -5.04 -28.82
N PRO B 51 -24.40 -5.04 -29.25
CA PRO B 51 -25.15 -6.29 -29.43
C PRO B 51 -25.06 -6.74 -30.89
N PHE B 52 -24.31 -5.97 -31.68
CA PHE B 52 -24.15 -6.27 -33.10
C PHE B 52 -22.70 -6.43 -33.51
N ALA B 53 -22.47 -7.30 -34.49
CA ALA B 53 -21.12 -7.56 -34.99
C ALA B 53 -20.56 -6.34 -35.71
N HIS B 54 -21.43 -5.61 -36.40
CA HIS B 54 -21.01 -4.42 -37.13
C HIS B 54 -22.21 -3.50 -37.25
N ALA B 55 -22.10 -2.31 -36.67
CA ALA B 55 -23.22 -1.37 -36.71
C ALA B 55 -22.82 0.07 -36.51
N ARG B 56 -23.56 0.96 -37.14
CA ARG B 56 -23.31 2.38 -36.98
C ARG B 56 -24.06 2.79 -35.72
N ILE B 57 -23.47 3.66 -34.92
CA ILE B 57 -24.11 4.12 -33.71
C ILE B 57 -24.79 5.44 -34.06
N VAL B 58 -26.10 5.37 -34.29
CA VAL B 58 -26.88 6.55 -34.64
C VAL B 58 -26.90 7.57 -33.50
N SER B 59 -27.25 7.11 -32.31
CA SER B 59 -27.30 8.01 -31.16
C SER B 59 -27.20 7.26 -29.84
N ILE B 60 -26.83 8.00 -28.80
CA ILE B 60 -26.70 7.45 -27.45
C ILE B 60 -27.22 8.48 -26.45
N ASP B 61 -28.11 8.03 -25.57
CA ASP B 61 -28.69 8.88 -24.54
C ASP B 61 -28.32 8.29 -23.18
N VAL B 62 -27.61 9.05 -22.35
CA VAL B 62 -27.19 8.56 -21.05
C VAL B 62 -27.71 9.40 -19.89
N ALA B 63 -28.66 10.28 -20.17
CA ALA B 63 -29.24 11.16 -19.15
C ALA B 63 -29.79 10.41 -17.94
N ASP B 64 -30.64 9.42 -18.19
CA ASP B 64 -31.24 8.64 -17.10
C ASP B 64 -30.19 7.90 -16.29
N ALA B 65 -29.18 7.38 -16.99
CA ALA B 65 -28.11 6.65 -16.33
C ALA B 65 -27.31 7.58 -15.42
N GLN B 66 -27.03 8.79 -15.90
CA GLN B 66 -26.27 9.76 -15.12
C GLN B 66 -27.02 10.21 -13.87
N ALA B 67 -28.34 10.23 -13.95
CA ALA B 67 -29.17 10.67 -12.83
C ALA B 67 -29.40 9.62 -11.74
N LEU B 68 -29.26 8.34 -12.10
CA LEU B 68 -29.48 7.29 -11.11
C LEU B 68 -28.58 7.50 -9.90
N PRO B 69 -29.16 7.47 -8.68
CA PRO B 69 -28.33 7.66 -7.49
C PRO B 69 -27.18 6.66 -7.40
N GLY B 70 -26.02 7.15 -6.95
CA GLY B 70 -24.85 6.30 -6.84
C GLY B 70 -23.94 6.41 -8.06
N VAL B 71 -24.48 6.89 -9.17
CA VAL B 71 -23.70 7.05 -10.39
C VAL B 71 -22.92 8.35 -10.37
N GLU B 72 -21.63 8.27 -10.69
CA GLU B 72 -20.76 9.43 -10.69
C GLU B 72 -20.37 9.88 -12.09
N LEU B 73 -20.49 8.98 -13.06
CA LEU B 73 -20.06 9.32 -14.41
C LEU B 73 -20.49 8.29 -15.44
N VAL B 74 -20.76 8.78 -16.65
CA VAL B 74 -21.13 7.92 -17.77
C VAL B 74 -20.45 8.49 -19.01
N TRP B 75 -19.62 7.69 -19.65
CA TRP B 75 -18.90 8.12 -20.86
C TRP B 75 -19.30 7.32 -22.08
N CYS B 76 -19.27 7.97 -23.24
CA CYS B 76 -19.55 7.28 -24.50
C CYS B 76 -18.26 7.41 -25.30
N GLY B 77 -18.24 6.87 -26.52
CA GLY B 77 -17.03 6.94 -27.32
C GLY B 77 -16.45 8.32 -27.56
N ALA B 78 -17.31 9.32 -27.70
CA ALA B 78 -16.88 10.68 -27.96
C ALA B 78 -16.15 11.30 -26.77
N ASP B 79 -16.59 10.96 -25.56
CA ASP B 79 -15.96 11.46 -24.35
C ASP B 79 -14.52 10.94 -24.27
N VAL B 80 -14.37 9.65 -24.52
CA VAL B 80 -13.06 9.01 -24.46
C VAL B 80 -12.13 9.48 -25.58
N ALA B 81 -12.69 9.60 -26.79
CA ALA B 81 -11.90 10.03 -27.93
C ALA B 81 -11.14 11.33 -27.68
N GLU B 82 -11.66 12.16 -26.79
CA GLU B 82 -11.02 13.44 -26.46
C GLU B 82 -9.78 13.23 -25.60
N LEU B 83 -9.71 12.09 -24.93
CA LEU B 83 -8.59 11.79 -24.03
C LEU B 83 -7.57 10.84 -24.63
N SER B 84 -8.02 9.97 -25.52
CA SER B 84 -7.14 9.00 -26.16
C SER B 84 -7.76 8.44 -27.43
N GLN B 85 -6.96 8.32 -28.48
CA GLN B 85 -7.44 7.78 -29.74
C GLN B 85 -7.50 6.26 -29.66
N GLY B 86 -6.87 5.69 -28.64
CA GLY B 86 -6.90 4.25 -28.47
C GLY B 86 -5.58 3.51 -28.59
N ILE B 87 -5.68 2.19 -28.75
CA ILE B 87 -4.52 1.33 -28.84
C ILE B 87 -3.99 1.19 -30.26
N VAL B 88 -2.81 1.76 -30.51
CA VAL B 88 -2.17 1.69 -31.82
C VAL B 88 -1.32 0.42 -31.87
N ALA B 89 -1.63 -0.47 -32.81
CA ALA B 89 -0.89 -1.72 -32.93
C ALA B 89 -0.34 -1.90 -34.33
N THR B 90 0.97 -2.05 -34.43
CA THR B 90 1.62 -2.24 -35.72
C THR B 90 2.81 -3.18 -35.62
N MET B 91 3.35 -3.55 -36.76
CA MET B 91 4.49 -4.45 -36.85
C MET B 91 5.40 -4.01 -37.99
N GLN B 92 6.71 -4.24 -37.81
CA GLN B 92 7.70 -3.90 -38.82
C GLN B 92 7.71 -5.03 -39.84
N VAL B 93 6.58 -5.20 -40.51
CA VAL B 93 6.41 -6.25 -41.50
C VAL B 93 5.83 -5.64 -42.78
N GLU B 94 6.46 -5.93 -43.92
CA GLU B 94 6.01 -5.38 -45.19
C GLU B 94 4.54 -5.70 -45.49
N GLY B 95 3.77 -4.65 -45.75
CA GLY B 95 2.36 -4.83 -46.07
C GLY B 95 1.43 -4.95 -44.87
N PHE B 96 1.98 -4.93 -43.67
CA PHE B 96 1.16 -5.03 -42.47
C PHE B 96 0.26 -3.82 -42.31
N GLN B 97 -1.01 -4.05 -42.00
CA GLN B 97 -1.95 -2.95 -41.81
C GLN B 97 -2.13 -2.61 -40.33
N THR B 98 -1.67 -1.42 -39.96
CA THR B 98 -1.78 -0.95 -38.59
C THR B 98 -3.25 -0.75 -38.23
N THR B 99 -3.60 -0.96 -36.97
CA THR B 99 -4.95 -0.72 -36.53
C THR B 99 -4.87 0.13 -35.28
N ILE B 100 -5.91 0.93 -35.06
CA ILE B 100 -5.98 1.77 -33.88
C ILE B 100 -7.32 1.37 -33.29
N GLN B 101 -7.30 0.67 -32.15
CA GLN B 101 -8.54 0.26 -31.54
C GLN B 101 -9.02 1.31 -30.55
N PRO B 102 -10.19 1.89 -30.79
CA PRO B 102 -10.68 2.90 -29.86
C PRO B 102 -11.06 2.22 -28.55
N LEU B 103 -10.84 2.90 -27.42
CA LEU B 103 -11.16 2.32 -26.13
C LEU B 103 -12.66 2.03 -26.09
N LEU B 104 -13.44 2.95 -26.64
CA LEU B 104 -14.89 2.79 -26.71
C LEU B 104 -15.28 3.04 -28.16
N ALA B 105 -16.21 2.24 -28.68
CA ALA B 105 -16.64 2.43 -30.06
C ALA B 105 -17.16 3.86 -30.15
N ASN B 106 -16.88 4.53 -31.27
CA ASN B 106 -17.34 5.90 -31.44
C ASN B 106 -17.93 6.05 -32.83
N GLY B 107 -19.26 6.02 -32.91
CA GLY B 107 -19.91 6.15 -34.20
C GLY B 107 -20.15 4.82 -34.89
N VAL B 108 -19.32 3.82 -34.58
CA VAL B 108 -19.48 2.50 -35.18
C VAL B 108 -18.89 1.43 -34.27
N THR B 109 -19.52 0.26 -34.24
CA THR B 109 -19.01 -0.85 -33.43
C THR B 109 -18.55 -1.92 -34.42
N ARG B 110 -17.49 -2.63 -34.08
CA ARG B 110 -16.96 -3.63 -35.01
C ARG B 110 -16.95 -5.09 -34.54
N PHE B 111 -17.67 -5.37 -33.46
CA PHE B 111 -17.81 -6.73 -32.97
C PHE B 111 -18.72 -6.78 -31.76
N VAL B 112 -19.48 -7.86 -31.64
CA VAL B 112 -20.38 -8.04 -30.51
C VAL B 112 -19.51 -8.09 -29.27
N GLY B 113 -19.78 -7.20 -28.32
CA GLY B 113 -19.01 -7.16 -27.09
C GLY B 113 -18.14 -5.93 -26.97
N GLU B 114 -17.96 -5.18 -28.06
CA GLU B 114 -17.13 -3.98 -27.98
C GLU B 114 -17.83 -3.00 -27.05
N ILE B 115 -17.05 -2.27 -26.25
CA ILE B 115 -17.64 -1.32 -25.31
C ILE B 115 -18.15 -0.08 -26.03
N VAL B 116 -19.36 0.35 -25.70
CA VAL B 116 -19.94 1.54 -26.33
C VAL B 116 -20.16 2.62 -25.28
N ALA B 117 -20.16 2.23 -24.02
CA ALA B 117 -20.34 3.17 -22.93
C ALA B 117 -19.89 2.56 -21.60
N VAL B 118 -19.39 3.40 -20.72
CA VAL B 118 -18.95 2.95 -19.40
C VAL B 118 -19.62 3.78 -18.32
N VAL B 119 -19.92 3.13 -17.20
CA VAL B 119 -20.55 3.80 -16.08
C VAL B 119 -19.71 3.57 -14.82
N VAL B 120 -19.46 4.64 -14.09
CA VAL B 120 -18.73 4.53 -12.83
C VAL B 120 -19.74 4.86 -11.73
N ALA B 121 -19.87 3.97 -10.75
CA ALA B 121 -20.82 4.18 -9.67
C ALA B 121 -20.30 3.67 -8.32
N SER B 122 -21.09 3.89 -7.28
CA SER B 122 -20.72 3.50 -5.92
C SER B 122 -20.52 2.00 -5.73
N SER B 123 -21.14 1.21 -6.61
CA SER B 123 -21.00 -0.25 -6.54
C SER B 123 -21.12 -0.80 -7.95
N ARG B 124 -20.60 -2.00 -8.16
CA ARG B 124 -20.67 -2.65 -9.47
C ARG B 124 -22.14 -2.91 -9.84
N ALA B 125 -22.95 -3.30 -8.87
CA ALA B 125 -24.36 -3.58 -9.12
C ALA B 125 -25.10 -2.35 -9.61
N ILE B 126 -24.83 -1.21 -8.98
CA ILE B 126 -25.48 0.04 -9.37
C ILE B 126 -24.97 0.52 -10.73
N ALA B 127 -23.70 0.28 -11.01
CA ALA B 127 -23.14 0.68 -12.31
C ALA B 127 -23.87 -0.10 -13.38
N GLU B 128 -24.14 -1.38 -13.10
CA GLU B 128 -24.84 -2.22 -14.05
C GLU B 128 -26.30 -1.75 -14.18
N ASP B 129 -26.91 -1.38 -13.06
CA ASP B 129 -28.29 -0.88 -13.11
C ASP B 129 -28.34 0.29 -14.08
N ALA B 130 -27.44 1.26 -13.90
CA ALA B 130 -27.38 2.46 -14.73
C ALA B 130 -27.07 2.15 -16.19
N ALA B 131 -26.20 1.18 -16.44
CA ALA B 131 -25.85 0.82 -17.80
C ALA B 131 -27.10 0.37 -18.55
N GLN B 132 -28.00 -0.31 -17.87
CA GLN B 132 -29.23 -0.77 -18.52
C GLN B 132 -30.18 0.39 -18.82
N LEU B 133 -29.87 1.57 -18.30
CA LEU B 133 -30.72 2.73 -18.53
C LEU B 133 -30.29 3.52 -19.75
N ILE B 134 -29.10 3.21 -20.26
CA ILE B 134 -28.56 3.89 -21.42
C ILE B 134 -29.34 3.48 -22.67
N GLN B 135 -29.71 4.47 -23.48
CA GLN B 135 -30.46 4.21 -24.70
C GLN B 135 -29.54 4.42 -25.91
N VAL B 136 -29.37 3.37 -26.69
CA VAL B 136 -28.52 3.42 -27.88
C VAL B 136 -29.30 3.03 -29.12
N GLU B 137 -29.14 3.80 -30.19
CA GLU B 137 -29.81 3.49 -31.45
C GLU B 137 -28.75 3.04 -32.43
N TYR B 138 -28.93 1.84 -32.97
CA TYR B 138 -27.99 1.28 -33.94
C TYR B 138 -28.58 1.16 -35.32
N GLU B 139 -27.70 0.91 -36.28
CA GLU B 139 -28.05 0.70 -37.66
C GLU B 139 -27.12 -0.44 -38.06
N GLU B 140 -27.60 -1.67 -37.94
CA GLU B 140 -26.78 -2.83 -38.27
C GLU B 140 -26.21 -2.77 -39.69
N LEU B 141 -24.95 -3.12 -39.82
CA LEU B 141 -24.26 -3.11 -41.10
C LEU B 141 -23.78 -4.52 -41.44
N PRO B 142 -23.53 -4.80 -42.73
CA PRO B 142 -23.07 -6.13 -43.11
C PRO B 142 -21.73 -6.39 -42.40
N ALA B 143 -21.63 -7.56 -41.77
CA ALA B 143 -20.42 -7.91 -41.04
C ALA B 143 -19.63 -9.01 -41.71
N VAL B 144 -18.34 -9.08 -41.40
CA VAL B 144 -17.48 -10.13 -41.93
C VAL B 144 -17.50 -11.19 -40.85
N THR B 145 -18.14 -12.32 -41.16
CA THR B 145 -18.31 -13.39 -40.19
C THR B 145 -17.31 -14.52 -40.21
N GLY B 146 -16.33 -14.45 -41.10
CA GLY B 146 -15.34 -15.52 -41.16
C GLY B 146 -14.29 -15.30 -42.23
N ILE B 147 -13.31 -16.18 -42.26
CA ILE B 147 -12.21 -16.12 -43.21
C ILE B 147 -12.68 -16.11 -44.66
N GLU B 148 -13.63 -16.98 -44.99
CA GLU B 148 -14.14 -17.06 -46.35
C GLU B 148 -14.72 -15.73 -46.80
N ALA B 149 -15.61 -15.18 -45.98
CA ALA B 149 -16.26 -13.91 -46.27
C ALA B 149 -15.25 -12.77 -46.31
N ALA B 150 -14.27 -12.80 -45.40
CA ALA B 150 -13.26 -11.75 -45.37
C ALA B 150 -12.42 -11.73 -46.63
N LEU B 151 -12.15 -12.91 -47.19
CA LEU B 151 -11.34 -13.02 -48.38
C LEU B 151 -12.10 -12.90 -49.70
N GLU B 152 -13.37 -13.31 -49.70
CA GLU B 152 -14.14 -13.27 -50.94
C GLU B 152 -15.37 -12.35 -50.93
N GLY B 153 -15.76 -11.87 -49.75
CA GLY B 153 -16.93 -11.02 -49.66
C GLY B 153 -16.72 -9.55 -49.95
N GLU B 154 -17.82 -8.80 -50.04
CA GLU B 154 -17.76 -7.37 -50.31
C GLU B 154 -17.63 -6.56 -49.02
N ALA B 155 -18.19 -7.07 -47.93
CA ALA B 155 -18.13 -6.36 -46.66
C ALA B 155 -16.70 -6.21 -46.13
N ARG B 156 -16.45 -5.09 -45.45
CA ARG B 156 -15.15 -4.82 -44.86
C ARG B 156 -15.34 -4.76 -43.34
N ALA B 157 -14.59 -5.59 -42.62
CA ALA B 157 -14.70 -5.65 -41.16
C ALA B 157 -14.35 -4.34 -40.45
N ASN B 158 -13.21 -3.77 -40.81
CA ASN B 158 -12.73 -2.53 -40.20
C ASN B 158 -12.58 -1.47 -41.29
N ASP B 159 -13.48 -0.50 -41.29
CA ASP B 159 -13.46 0.55 -42.31
C ASP B 159 -12.25 1.47 -42.35
N THR B 160 -11.38 1.40 -41.35
CA THR B 160 -10.18 2.23 -41.35
C THR B 160 -9.08 1.54 -42.13
N LEU B 161 -9.34 0.31 -42.57
CA LEU B 161 -8.36 -0.46 -43.31
C LEU B 161 -8.68 -0.56 -44.80
N ALA B 162 -7.67 -0.97 -45.57
CA ALA B 162 -7.83 -1.14 -47.00
C ALA B 162 -8.01 -2.65 -47.22
N GLY B 163 -9.26 -3.09 -47.26
CA GLY B 163 -9.52 -4.51 -47.45
C GLY B 163 -9.43 -5.23 -46.12
N ASN B 164 -9.74 -6.52 -46.13
CA ASN B 164 -9.71 -7.30 -44.89
C ASN B 164 -8.40 -8.02 -44.61
N VAL B 165 -7.47 -8.00 -45.56
CA VAL B 165 -6.19 -8.67 -45.34
C VAL B 165 -5.25 -7.78 -44.52
N VAL B 166 -5.15 -8.07 -43.24
CA VAL B 166 -4.29 -7.32 -42.34
C VAL B 166 -2.81 -7.58 -42.64
N SER B 167 -2.49 -8.82 -42.97
CA SER B 167 -1.11 -9.17 -43.28
C SER B 167 -1.02 -10.41 -44.14
N ARG B 168 -0.04 -10.41 -45.04
CA ARG B 168 0.15 -11.52 -45.96
C ARG B 168 1.64 -11.66 -46.20
N THR B 169 2.20 -12.78 -45.78
CA THR B 169 3.63 -13.01 -45.93
C THR B 169 3.93 -14.44 -46.37
N SER B 170 5.02 -14.58 -47.12
CA SER B 170 5.46 -15.88 -47.58
C SER B 170 6.98 -15.84 -47.55
N ARG B 171 7.56 -16.61 -46.64
CA ARG B 171 9.01 -16.64 -46.49
C ARG B 171 9.69 -17.72 -47.34
N ALA B 172 8.90 -18.64 -47.88
CA ALA B 172 9.44 -19.69 -48.72
C ALA B 172 8.43 -20.00 -49.82
N ARG B 173 8.88 -19.97 -51.07
CA ARG B 173 7.99 -20.22 -52.20
C ARG B 173 8.54 -21.17 -53.26
N ASP B 174 9.06 -22.31 -52.83
CA ASP B 174 9.60 -23.30 -53.78
C ASP B 174 8.45 -23.84 -54.63
N GLU B 175 8.78 -24.28 -55.85
CA GLU B 175 7.80 -24.85 -56.77
C GLU B 175 7.59 -26.29 -56.33
N LEU B 176 6.40 -26.60 -55.83
CA LEU B 176 6.11 -27.94 -55.33
C LEU B 176 5.19 -28.82 -56.18
N ALA B 177 4.45 -28.20 -57.10
CA ALA B 177 3.52 -28.97 -57.94
C ALA B 177 4.17 -30.22 -58.54
N PRO B 178 5.31 -30.06 -59.20
CA PRO B 178 5.95 -31.26 -59.78
C PRO B 178 6.37 -32.28 -58.73
N ILE B 179 6.70 -31.83 -57.53
CA ILE B 179 7.09 -32.78 -56.49
C ILE B 179 5.88 -33.61 -56.05
N PHE B 180 4.76 -32.93 -55.79
CA PHE B 180 3.55 -33.64 -55.38
C PHE B 180 3.03 -34.53 -56.50
N ALA B 181 3.34 -34.16 -57.74
CA ALA B 181 2.88 -34.93 -58.88
C ALA B 181 3.68 -36.20 -59.12
N SER B 182 4.95 -36.21 -58.71
CA SER B 182 5.81 -37.37 -58.95
C SER B 182 6.29 -38.15 -57.74
N SER B 183 6.12 -37.59 -56.54
CA SER B 183 6.56 -38.29 -55.34
C SER B 183 5.85 -39.63 -55.16
N ALA B 184 6.52 -40.56 -54.50
CA ALA B 184 5.96 -41.89 -54.26
C ALA B 184 4.68 -41.76 -53.44
N GLY B 185 4.67 -40.80 -52.52
CA GLY B 185 3.51 -40.61 -51.68
C GLY B 185 3.17 -39.17 -51.39
N VAL B 186 1.90 -38.94 -51.06
CA VAL B 186 1.41 -37.62 -50.73
C VAL B 186 0.27 -37.73 -49.73
N VAL B 187 0.24 -36.81 -48.78
CA VAL B 187 -0.84 -36.74 -47.80
C VAL B 187 -1.16 -35.27 -47.71
N ARG B 188 -2.45 -34.95 -47.65
CA ARG B 188 -2.88 -33.56 -47.57
C ARG B 188 -4.06 -33.43 -46.63
N GLY B 189 -4.24 -32.23 -46.09
CA GLY B 189 -5.35 -32.01 -45.20
C GLY B 189 -5.71 -30.54 -45.12
N GLN B 190 -6.98 -30.29 -44.86
CA GLN B 190 -7.45 -28.93 -44.71
C GLN B 190 -7.82 -28.84 -43.24
N PHE B 191 -6.82 -28.54 -42.42
CA PHE B 191 -6.98 -28.44 -40.98
C PHE B 191 -7.59 -27.12 -40.55
N SER B 192 -8.37 -27.18 -39.48
CA SER B 192 -9.02 -25.99 -38.97
C SER B 192 -9.18 -26.07 -37.45
N CYS B 193 -8.89 -24.97 -36.77
CA CYS B 193 -9.04 -24.92 -35.33
C CYS B 193 -10.03 -23.79 -35.05
N GLY B 194 -10.94 -24.03 -34.11
CA GLY B 194 -11.89 -23.00 -33.77
C GLY B 194 -11.27 -22.06 -32.76
N ARG B 195 -11.96 -20.97 -32.44
CA ARG B 195 -11.44 -20.05 -31.45
C ARG B 195 -11.58 -20.72 -30.08
N VAL B 196 -10.70 -20.33 -29.17
CA VAL B 196 -10.75 -20.82 -27.79
C VAL B 196 -10.41 -19.62 -26.94
N SER B 197 -10.68 -19.73 -25.64
CA SER B 197 -10.37 -18.67 -24.69
C SER B 197 -9.37 -19.23 -23.69
N ALA B 198 -8.44 -18.38 -23.24
CA ALA B 198 -7.45 -18.82 -22.25
C ALA B 198 -8.25 -19.25 -21.02
N CYS B 199 -9.42 -18.63 -20.86
CA CYS B 199 -10.33 -18.93 -19.75
C CYS B 199 -9.64 -19.15 -18.40
N PRO B 200 -8.89 -18.15 -17.92
CA PRO B 200 -8.22 -18.30 -16.61
C PRO B 200 -9.33 -18.28 -15.56
N MET B 201 -9.14 -18.94 -14.42
CA MET B 201 -10.20 -18.93 -13.40
C MET B 201 -10.45 -17.53 -12.87
N GLU B 202 -9.42 -16.69 -12.83
CA GLU B 202 -9.59 -15.30 -12.42
C GLU B 202 -9.69 -14.49 -13.70
N THR B 203 -10.75 -13.70 -13.85
CA THR B 203 -10.92 -12.90 -15.05
C THR B 203 -9.98 -11.69 -14.99
N ARG B 204 -10.04 -10.83 -15.99
CA ARG B 204 -9.19 -9.65 -16.01
C ARG B 204 -9.71 -8.60 -15.05
N GLY B 205 -8.80 -7.74 -14.61
CA GLY B 205 -9.17 -6.69 -13.68
C GLY B 205 -8.07 -5.69 -13.50
N ALA B 206 -8.44 -4.48 -13.08
CA ALA B 206 -7.47 -3.42 -12.85
C ALA B 206 -8.11 -2.35 -11.98
N VAL B 207 -7.28 -1.65 -11.22
CA VAL B 207 -7.74 -0.58 -10.35
C VAL B 207 -6.74 0.56 -10.50
N ALA B 208 -7.24 1.75 -10.82
CA ALA B 208 -6.38 2.91 -10.98
C ALA B 208 -6.62 3.93 -9.88
N GLN B 209 -5.54 4.58 -9.44
CA GLN B 209 -5.64 5.59 -8.42
C GLN B 209 -4.80 6.79 -8.87
N TYR B 210 -5.49 7.85 -9.28
CA TYR B 210 -4.80 9.05 -9.72
C TYR B 210 -4.89 10.08 -8.60
N GLU B 211 -3.76 10.68 -8.26
CA GLU B 211 -3.70 11.68 -7.21
C GLU B 211 -3.30 13.02 -7.81
N TRP B 212 -4.25 13.95 -7.88
CA TRP B 212 -3.97 15.24 -8.48
C TRP B 212 -2.95 16.11 -7.75
N THR B 213 -2.84 15.95 -6.43
CA THR B 213 -1.89 16.75 -5.68
C THR B 213 -0.43 16.39 -5.96
N THR B 214 -0.21 15.23 -6.57
CA THR B 214 1.15 14.81 -6.90
C THR B 214 1.26 14.49 -8.38
N GLN B 215 0.09 14.43 -9.04
CA GLN B 215 0.02 14.12 -10.47
C GLN B 215 0.55 12.72 -10.74
N GLN B 216 0.52 11.87 -9.71
CA GLN B 216 1.00 10.50 -9.87
C GLN B 216 -0.16 9.51 -10.02
N LEU B 217 0.08 8.51 -10.85
CA LEU B 217 -0.91 7.47 -11.12
C LEU B 217 -0.39 6.10 -10.73
N ILE B 218 -1.19 5.34 -9.99
CA ILE B 218 -0.83 3.98 -9.63
C ILE B 218 -1.89 3.11 -10.29
N LEU B 219 -1.45 2.17 -11.12
CA LEU B 219 -2.37 1.26 -11.77
C LEU B 219 -2.08 -0.16 -11.34
N TRP B 220 -3.02 -0.75 -10.60
CA TRP B 220 -2.91 -2.14 -10.17
C TRP B 220 -3.58 -2.91 -11.29
N THR B 221 -2.90 -3.92 -11.84
CA THR B 221 -3.51 -4.69 -12.90
C THR B 221 -2.98 -6.11 -12.95
N ALA B 222 -3.87 -7.06 -13.22
CA ALA B 222 -3.51 -8.47 -13.31
C ALA B 222 -2.88 -8.66 -14.70
N THR B 223 -1.61 -8.29 -14.81
CA THR B 223 -0.91 -8.38 -16.09
C THR B 223 0.37 -9.22 -16.01
N GLN B 224 0.78 -9.73 -17.16
CA GLN B 224 2.01 -10.51 -17.26
C GLN B 224 3.13 -9.59 -17.76
N MET B 225 2.78 -8.35 -18.12
CA MET B 225 3.76 -7.39 -18.66
C MET B 225 3.62 -5.98 -18.05
N PRO B 226 3.94 -5.82 -16.76
CA PRO B 226 3.83 -4.51 -16.10
C PRO B 226 4.58 -3.32 -16.70
N SER B 227 5.84 -3.51 -17.09
CA SER B 227 6.62 -2.42 -17.68
C SER B 227 6.00 -1.96 -18.99
N PHE B 228 5.48 -2.92 -19.75
CA PHE B 228 4.83 -2.66 -21.03
C PHE B 228 3.57 -1.81 -20.82
N VAL B 229 2.75 -2.21 -19.84
CA VAL B 229 1.52 -1.47 -19.55
C VAL B 229 1.83 -0.03 -19.15
N ARG B 230 2.82 0.14 -18.27
CA ARG B 230 3.20 1.48 -17.82
C ARG B 230 3.56 2.39 -18.99
N THR B 231 4.43 1.89 -19.88
CA THR B 231 4.86 2.67 -21.04
C THR B 231 3.70 2.97 -21.99
N MET B 232 2.81 2.00 -22.21
CA MET B 232 1.68 2.22 -23.10
C MET B 232 0.65 3.19 -22.54
N VAL B 233 0.43 3.14 -21.22
CA VAL B 233 -0.52 4.07 -20.62
C VAL B 233 0.04 5.48 -20.82
N ALA B 234 1.34 5.63 -20.60
CA ALA B 234 1.99 6.92 -20.75
C ALA B 234 1.80 7.47 -22.16
N MET B 235 2.01 6.61 -23.15
CA MET B 235 1.89 7.02 -24.55
C MET B 235 0.47 7.23 -25.04
N PHE B 236 -0.42 6.28 -24.77
CA PHE B 236 -1.79 6.38 -25.23
C PHE B 236 -2.69 7.33 -24.44
N CYS B 237 -2.27 7.71 -23.23
CA CYS B 237 -3.06 8.64 -22.42
C CYS B 237 -2.32 9.95 -22.26
N ALA B 238 -1.13 10.04 -22.84
CA ALA B 238 -0.31 11.24 -22.76
C ALA B 238 -0.09 11.67 -21.32
N ILE B 239 0.40 10.73 -20.50
CA ILE B 239 0.70 10.98 -19.10
C ILE B 239 2.19 10.73 -18.96
N PRO B 240 2.93 11.66 -18.33
CA PRO B 240 4.37 11.47 -18.17
C PRO B 240 4.65 10.11 -17.53
N GLU B 241 5.54 9.34 -18.16
CA GLU B 241 5.86 7.99 -17.71
C GLU B 241 6.40 7.87 -16.29
N HIS B 242 7.23 8.80 -15.87
CA HIS B 242 7.80 8.72 -14.53
C HIS B 242 6.77 8.94 -13.44
N LEU B 243 5.61 9.47 -13.81
CA LEU B 243 4.54 9.72 -12.84
C LEU B 243 3.56 8.55 -12.81
N ILE B 244 3.96 7.42 -13.39
CA ILE B 244 3.11 6.25 -13.41
C ILE B 244 3.80 5.04 -12.80
N GLU B 245 3.07 4.31 -11.96
CA GLU B 245 3.59 3.09 -11.38
C GLU B 245 2.56 2.01 -11.61
N VAL B 246 2.99 0.87 -12.12
CA VAL B 246 2.07 -0.24 -12.34
C VAL B 246 2.44 -1.29 -11.30
N ARG B 247 1.42 -1.82 -10.62
CA ARG B 247 1.64 -2.84 -9.60
C ARG B 247 0.91 -4.10 -10.01
N VAL B 248 1.50 -5.25 -9.74
CA VAL B 248 0.89 -6.52 -10.09
C VAL B 248 0.69 -7.36 -8.84
N PRO B 249 -0.57 -7.65 -8.49
CA PRO B 249 -0.83 -8.46 -7.29
C PRO B 249 -0.67 -9.91 -7.71
N ASP B 250 -1.11 -10.84 -6.87
CA ASP B 250 -1.04 -12.25 -7.27
C ASP B 250 -2.04 -12.34 -8.41
N VAL B 251 -1.72 -13.11 -9.44
CA VAL B 251 -2.60 -13.26 -10.61
C VAL B 251 -3.11 -14.69 -10.73
N GLY B 252 -4.44 -14.84 -10.85
CA GLY B 252 -5.05 -16.14 -10.96
C GLY B 252 -5.04 -16.77 -12.35
N GLY B 253 -3.85 -16.93 -12.91
CA GLY B 253 -3.74 -17.51 -14.24
C GLY B 253 -3.74 -16.43 -15.31
N GLY B 254 -2.89 -16.61 -16.31
CA GLY B 254 -2.79 -15.66 -17.41
C GLY B 254 -2.83 -16.38 -18.75
N PHE B 255 -1.86 -17.26 -18.95
CA PHE B 255 -1.79 -18.07 -20.17
C PHE B 255 -1.75 -17.25 -21.46
N GLY B 256 -1.30 -16.02 -21.38
CA GLY B 256 -1.23 -15.17 -22.56
C GLY B 256 -2.33 -14.12 -22.63
N GLN B 257 -3.51 -14.46 -22.12
CA GLN B 257 -4.64 -13.52 -22.16
C GLN B 257 -4.29 -12.23 -21.44
N LYS B 258 -3.53 -12.34 -20.36
CA LYS B 258 -3.14 -11.19 -19.57
C LYS B 258 -1.80 -10.63 -20.03
N ALA B 259 -1.43 -10.98 -21.25
CA ALA B 259 -0.19 -10.49 -21.85
C ALA B 259 -0.59 -9.58 -23.01
N HIS B 260 -1.62 -8.77 -22.79
CA HIS B 260 -2.09 -7.81 -23.78
C HIS B 260 -2.44 -6.53 -23.05
N LEU B 261 -2.51 -5.43 -23.79
CA LEU B 261 -2.93 -4.17 -23.20
C LEU B 261 -4.43 -4.16 -23.43
N HIS B 262 -5.21 -3.99 -22.36
CA HIS B 262 -6.66 -3.99 -22.51
C HIS B 262 -7.21 -2.57 -22.50
N PRO B 263 -8.24 -2.30 -23.32
CA PRO B 263 -8.81 -0.97 -23.33
C PRO B 263 -9.17 -0.55 -21.91
N GLU B 264 -9.71 -1.48 -21.12
CA GLU B 264 -10.10 -1.17 -19.75
C GLU B 264 -8.97 -0.70 -18.86
N GLU B 265 -7.73 -1.15 -19.11
CA GLU B 265 -6.60 -0.70 -18.29
C GLU B 265 -6.41 0.80 -18.51
N LEU B 266 -6.55 1.24 -19.74
CA LEU B 266 -6.39 2.66 -20.02
C LEU B 266 -7.59 3.40 -19.46
N LEU B 267 -8.78 2.83 -19.65
CA LEU B 267 -10.01 3.47 -19.18
C LEU B 267 -10.02 3.75 -17.69
N VAL B 268 -9.62 2.79 -16.86
CA VAL B 268 -9.64 3.08 -15.43
C VAL B 268 -8.71 4.22 -15.06
N CYS B 269 -7.59 4.34 -15.77
CA CYS B 269 -6.65 5.42 -15.49
C CYS B 269 -7.29 6.76 -15.86
N LEU B 270 -7.94 6.78 -17.02
CA LEU B 270 -8.61 8.00 -17.48
C LEU B 270 -9.75 8.36 -16.54
N LEU B 271 -10.50 7.35 -16.12
CA LEU B 271 -11.63 7.57 -15.23
C LEU B 271 -11.20 8.05 -13.85
N SER B 272 -10.16 7.44 -13.30
CA SER B 272 -9.69 7.85 -11.98
C SER B 272 -9.16 9.27 -12.03
N ARG B 273 -8.47 9.62 -13.11
CA ARG B 273 -7.94 10.99 -13.23
C ARG B 273 -9.11 11.96 -13.30
N ALA B 274 -10.14 11.60 -14.07
CA ALA B 274 -11.30 12.46 -14.23
C ALA B 274 -12.11 12.65 -12.95
N LEU B 275 -12.26 11.59 -12.17
CA LEU B 275 -13.05 11.65 -10.94
C LEU B 275 -12.31 11.98 -9.65
N GLY B 276 -10.98 11.84 -9.67
CA GLY B 276 -10.22 12.13 -8.47
C GLY B 276 -10.42 11.09 -7.39
N ARG B 277 -10.80 9.88 -7.81
CA ARG B 277 -11.02 8.77 -6.88
C ARG B 277 -10.60 7.47 -7.57
N PRO B 278 -10.31 6.42 -6.77
CA PRO B 278 -9.92 5.15 -7.38
C PRO B 278 -11.05 4.57 -8.19
N VAL B 279 -10.72 3.90 -9.29
CA VAL B 279 -11.73 3.28 -10.14
C VAL B 279 -11.36 1.82 -10.36
N ARG B 280 -12.27 0.94 -9.94
CA ARG B 280 -12.08 -0.49 -10.02
C ARG B 280 -12.84 -1.17 -11.17
N TRP B 281 -12.11 -1.96 -11.94
CA TRP B 281 -12.68 -2.73 -13.04
C TRP B 281 -12.38 -4.20 -12.83
N ILE B 282 -13.41 -4.98 -12.49
CA ILE B 282 -13.27 -6.42 -12.32
C ILE B 282 -14.36 -6.99 -13.21
N GLU B 283 -13.96 -7.58 -14.33
CA GLU B 283 -14.93 -8.12 -15.29
C GLU B 283 -15.51 -9.46 -14.86
N ASP B 284 -16.71 -9.76 -15.35
CA ASP B 284 -17.34 -11.03 -15.04
C ASP B 284 -17.00 -12.05 -16.12
N ARG B 285 -17.41 -13.30 -15.93
CA ARG B 285 -17.09 -14.35 -16.90
C ARG B 285 -17.57 -14.08 -18.33
N GLN B 286 -18.76 -13.50 -18.47
CA GLN B 286 -19.29 -13.21 -19.79
C GLN B 286 -18.42 -12.19 -20.52
N GLU B 287 -17.96 -11.16 -19.80
CA GLU B 287 -17.12 -10.14 -20.40
C GLU B 287 -15.78 -10.74 -20.82
N ASN B 288 -15.30 -11.75 -20.10
CA ASN B 288 -14.03 -12.37 -20.47
C ASN B 288 -14.20 -13.06 -21.82
N PHE B 289 -15.36 -13.66 -22.06
CA PHE B 289 -15.59 -14.32 -23.35
C PHE B 289 -15.87 -13.28 -24.43
N LEU B 290 -16.62 -12.23 -24.07
CA LEU B 290 -16.99 -11.17 -25.02
C LEU B 290 -15.91 -10.17 -25.41
N GLY B 291 -15.21 -9.62 -24.43
CA GLY B 291 -14.23 -8.59 -24.72
C GLY B 291 -12.75 -8.76 -24.45
N ALA B 292 -12.29 -9.98 -24.20
CA ALA B 292 -10.86 -10.17 -23.98
C ALA B 292 -10.35 -10.49 -25.38
N THR B 293 -9.64 -11.60 -25.53
CA THR B 293 -9.16 -12.01 -26.84
C THR B 293 -9.48 -13.50 -26.95
N HIS B 294 -9.52 -14.01 -28.18
CA HIS B 294 -9.74 -15.43 -28.40
C HIS B 294 -8.45 -15.83 -29.10
N ALA B 295 -8.25 -17.12 -29.30
CA ALA B 295 -7.03 -17.55 -29.95
C ALA B 295 -7.19 -18.86 -30.69
N LYS B 296 -6.12 -19.24 -31.40
CA LYS B 296 -6.02 -20.49 -32.13
C LYS B 296 -6.83 -20.67 -33.41
N GLN B 297 -7.60 -19.67 -33.82
CA GLN B 297 -8.39 -19.87 -35.02
C GLN B 297 -7.69 -19.64 -36.35
N GLN B 298 -7.06 -20.69 -36.84
CA GLN B 298 -6.42 -20.61 -38.15
C GLN B 298 -6.75 -21.85 -38.95
N ARG B 299 -6.69 -21.70 -40.27
CA ARG B 299 -6.97 -22.78 -41.19
C ARG B 299 -5.62 -23.07 -41.83
N ASN B 300 -5.24 -24.34 -41.88
CA ASN B 300 -3.98 -24.71 -42.50
C ASN B 300 -4.20 -25.78 -43.56
N GLU B 301 -4.07 -25.39 -44.82
CA GLU B 301 -4.21 -26.30 -45.93
C GLU B 301 -2.78 -26.80 -46.13
N MET B 302 -2.49 -27.97 -45.57
CA MET B 302 -1.16 -28.53 -45.63
C MET B 302 -1.03 -29.76 -46.51
N GLY B 303 0.15 -29.89 -47.13
CA GLY B 303 0.42 -31.02 -47.99
C GLY B 303 1.84 -31.47 -47.72
N LEU B 304 2.04 -32.79 -47.66
CA LEU B 304 3.36 -33.35 -47.42
C LEU B 304 3.65 -34.40 -48.48
N ALA B 305 4.80 -34.25 -49.15
CA ALA B 305 5.21 -35.19 -50.18
C ALA B 305 6.37 -35.99 -49.60
N PHE B 306 6.42 -37.28 -49.91
CA PHE B 306 7.49 -38.12 -49.38
C PHE B 306 7.85 -39.27 -50.32
N ASP B 307 9.05 -39.82 -50.16
CA ASP B 307 9.47 -40.91 -51.02
C ASP B 307 9.07 -42.27 -50.44
N GLY B 308 9.41 -43.33 -51.17
CA GLY B 308 9.05 -44.68 -50.75
C GLY B 308 9.58 -45.12 -49.39
N ASP B 309 10.55 -44.38 -48.87
CA ASP B 309 11.15 -44.71 -47.58
C ASP B 309 10.58 -43.82 -46.47
N GLY B 310 9.71 -42.90 -46.86
CA GLY B 310 9.11 -42.00 -45.89
C GLY B 310 9.86 -40.70 -45.69
N ARG B 311 10.90 -40.48 -46.49
CA ARG B 311 11.69 -39.26 -46.39
C ARG B 311 10.86 -38.11 -46.97
N PHE B 312 10.76 -37.01 -46.21
CA PHE B 312 9.98 -35.86 -46.65
C PHE B 312 10.66 -35.13 -47.80
N LEU B 313 9.91 -34.95 -48.89
CA LEU B 313 10.45 -34.26 -50.06
C LEU B 313 9.98 -32.81 -50.13
N ALA B 314 8.81 -32.54 -49.57
CA ALA B 314 8.27 -31.18 -49.61
C ALA B 314 7.11 -30.99 -48.66
N LEU B 315 6.96 -29.75 -48.20
CA LEU B 315 5.85 -29.40 -47.31
C LEU B 315 5.26 -28.09 -47.80
N GLU B 316 3.96 -28.13 -48.04
CA GLU B 316 3.25 -26.93 -48.49
C GLU B 316 2.22 -26.56 -47.43
N ASN B 317 2.09 -25.27 -47.13
CA ASN B 317 1.11 -24.84 -46.14
C ASN B 317 0.59 -23.44 -46.37
N ARG B 318 -0.73 -23.36 -46.51
CA ARG B 318 -1.42 -22.08 -46.70
C ARG B 318 -2.13 -21.89 -45.37
N SER B 319 -1.66 -20.92 -44.59
CA SER B 319 -2.21 -20.67 -43.27
C SER B 319 -2.98 -19.35 -43.21
N ILE B 320 -4.22 -19.41 -42.74
CA ILE B 320 -5.06 -18.22 -42.63
C ILE B 320 -5.59 -18.07 -41.22
N THR B 321 -5.48 -16.85 -40.68
CA THR B 321 -5.93 -16.55 -39.33
C THR B 321 -7.16 -15.66 -39.30
N ASP B 322 -8.14 -16.02 -38.47
CA ASP B 322 -9.34 -15.22 -38.31
C ASP B 322 -8.89 -14.25 -37.21
N GLY B 323 -8.50 -13.04 -37.61
CA GLY B 323 -7.97 -12.08 -36.67
C GLY B 323 -8.87 -11.16 -35.85
N GLY B 324 -10.15 -11.11 -36.17
CA GLY B 324 -11.02 -10.23 -35.42
C GLY B 324 -10.94 -8.83 -35.99
N ALA B 325 -11.62 -7.90 -35.33
CA ALA B 325 -11.71 -6.51 -35.79
C ALA B 325 -10.47 -5.64 -35.72
N TYR B 326 -9.57 -5.93 -34.78
CA TYR B 326 -8.36 -5.13 -34.63
C TYR B 326 -7.16 -6.03 -34.32
N ASN B 327 -5.98 -5.41 -34.27
CA ASN B 327 -4.76 -6.11 -33.93
C ASN B 327 -4.62 -5.91 -32.43
N ASN B 328 -4.40 -6.99 -31.69
CA ASN B 328 -4.20 -6.87 -30.24
C ASN B 328 -2.81 -6.26 -30.08
N LEU B 329 -2.57 -5.62 -28.94
CA LEU B 329 -1.25 -5.06 -28.66
C LEU B 329 -0.73 -5.93 -27.53
N PRO B 330 0.54 -6.39 -27.60
CA PRO B 330 1.53 -6.13 -28.65
C PRO B 330 1.77 -7.20 -29.73
N TRP B 331 1.07 -8.33 -29.65
CA TRP B 331 1.30 -9.41 -30.61
C TRP B 331 0.69 -9.27 -32.00
N THR B 332 -0.44 -8.59 -32.08
CA THR B 332 -1.18 -8.38 -33.33
C THR B 332 -1.70 -9.69 -33.89
N GLN B 333 -2.32 -9.63 -35.06
CA GLN B 333 -2.85 -10.83 -35.69
C GLN B 333 -1.75 -11.77 -36.17
N LEU B 334 -0.50 -11.31 -36.10
CA LEU B 334 0.61 -12.15 -36.54
C LEU B 334 0.90 -13.23 -35.49
N VAL B 335 0.22 -13.13 -34.36
CA VAL B 335 0.42 -14.07 -33.26
C VAL B 335 0.06 -15.52 -33.63
N GLU B 336 -0.77 -15.70 -34.64
CA GLU B 336 -1.16 -17.04 -35.06
C GLU B 336 -0.39 -17.56 -36.29
N SER B 337 -0.99 -17.45 -37.47
CA SER B 337 -0.36 -17.93 -38.71
C SER B 337 1.06 -17.45 -39.00
N HIS B 338 1.31 -16.16 -38.84
CA HIS B 338 2.61 -15.60 -39.14
C HIS B 338 3.75 -16.28 -38.36
N VAL B 339 3.70 -16.23 -37.04
CA VAL B 339 4.76 -16.86 -36.26
C VAL B 339 4.71 -18.38 -36.39
N GLY B 340 3.51 -18.90 -36.64
CA GLY B 340 3.35 -20.35 -36.79
C GLY B 340 4.10 -20.90 -38.00
N ASN B 341 3.95 -20.24 -39.15
CA ASN B 341 4.62 -20.70 -40.35
C ASN B 341 6.14 -20.61 -40.26
N ALA B 342 6.64 -19.72 -39.41
CA ALA B 342 8.08 -19.58 -39.26
C ALA B 342 8.71 -20.86 -38.73
N VAL B 343 7.96 -21.61 -37.90
CA VAL B 343 8.48 -22.85 -37.33
C VAL B 343 7.72 -24.08 -37.81
N ILE B 344 7.09 -23.97 -38.97
CA ILE B 344 6.30 -25.06 -39.54
C ILE B 344 7.06 -26.37 -39.81
N LEU B 345 8.37 -26.30 -40.00
CA LEU B 345 9.16 -27.51 -40.25
C LEU B 345 9.51 -28.21 -38.96
N GLY B 346 9.33 -27.50 -37.86
CA GLY B 346 9.63 -28.06 -36.56
C GLY B 346 11.00 -28.70 -36.46
N VAL B 347 10.99 -29.99 -36.11
CA VAL B 347 12.18 -30.77 -35.88
C VAL B 347 12.70 -31.56 -37.10
N TYR B 348 12.04 -31.38 -38.24
CA TYR B 348 12.37 -32.15 -39.44
C TYR B 348 13.14 -31.47 -40.56
N LYS B 349 13.77 -32.30 -41.38
CA LYS B 349 14.53 -31.85 -42.52
C LYS B 349 13.63 -31.99 -43.75
N VAL B 350 13.21 -30.85 -44.30
CA VAL B 350 12.35 -30.82 -45.48
C VAL B 350 13.02 -29.85 -46.45
N PRO B 351 13.61 -30.38 -47.53
CA PRO B 351 14.31 -29.57 -48.55
C PRO B 351 13.52 -28.55 -49.36
N ALA B 352 12.26 -28.84 -49.66
CA ALA B 352 11.46 -27.90 -50.43
C ALA B 352 10.22 -27.45 -49.66
N VAL B 353 10.05 -26.14 -49.53
CA VAL B 353 8.93 -25.59 -48.79
C VAL B 353 8.25 -24.41 -49.49
N SER B 354 6.93 -24.35 -49.37
CA SER B 354 6.16 -23.27 -49.94
C SER B 354 5.04 -22.97 -48.96
N GLU B 355 5.11 -21.81 -48.32
CA GLU B 355 4.09 -21.45 -47.36
C GLU B 355 3.73 -19.98 -47.44
N GLU B 356 2.52 -19.69 -47.00
CA GLU B 356 2.04 -18.32 -46.98
C GLU B 356 1.18 -18.16 -45.73
N SER B 357 1.32 -17.00 -45.10
CA SER B 357 0.58 -16.66 -43.90
C SER B 357 -0.36 -15.50 -44.22
N ILE B 358 -1.65 -15.67 -43.94
CA ILE B 358 -2.63 -14.63 -44.19
C ILE B 358 -3.45 -14.34 -42.94
N ALA B 359 -3.51 -13.07 -42.54
CA ALA B 359 -4.28 -12.67 -41.37
C ALA B 359 -5.39 -11.76 -41.88
N VAL B 360 -6.65 -12.12 -41.62
CA VAL B 360 -7.76 -11.31 -42.08
C VAL B 360 -8.61 -10.77 -40.95
N ALA B 361 -9.10 -9.55 -41.14
CA ALA B 361 -9.95 -8.92 -40.14
C ALA B 361 -11.37 -9.44 -40.29
N THR B 362 -12.02 -9.68 -39.16
CA THR B 362 -13.39 -10.15 -39.14
C THR B 362 -14.08 -9.36 -38.03
N ASN B 363 -15.41 -9.33 -38.03
CA ASN B 363 -16.10 -8.59 -36.99
C ASN B 363 -16.32 -9.46 -35.76
N LYS B 364 -15.21 -9.73 -35.08
CA LYS B 364 -15.19 -10.54 -33.87
C LYS B 364 -14.17 -9.88 -32.96
N CYS B 365 -14.08 -10.31 -31.70
CA CYS B 365 -13.10 -9.67 -30.84
C CYS B 365 -11.73 -10.05 -31.42
N PRO B 366 -10.73 -9.19 -31.22
CA PRO B 366 -9.40 -9.50 -31.75
C PRO B 366 -8.81 -10.82 -31.29
N ILE B 367 -8.12 -11.48 -32.21
CA ILE B 367 -7.46 -12.73 -31.90
C ILE B 367 -6.27 -12.31 -31.05
N GLY B 368 -5.83 -13.16 -30.14
CA GLY B 368 -4.72 -12.81 -29.28
C GLY B 368 -3.89 -14.00 -28.87
N ALA B 369 -2.89 -13.76 -28.04
CA ALA B 369 -1.99 -14.79 -27.57
C ALA B 369 -2.59 -15.69 -26.51
N TYR B 370 -2.37 -16.99 -26.68
CA TYR B 370 -2.80 -18.00 -25.74
C TYR B 370 -1.76 -19.11 -25.82
N ARG B 371 -1.24 -19.50 -24.66
CA ARG B 371 -0.25 -20.56 -24.51
C ARG B 371 0.03 -21.37 -25.76
N GLY B 372 1.22 -21.18 -26.34
CA GLY B 372 1.60 -21.90 -27.53
C GLY B 372 1.35 -21.10 -28.80
N VAL B 373 0.53 -20.07 -28.67
CA VAL B 373 0.16 -19.19 -29.77
C VAL B 373 -0.09 -19.88 -31.11
N GLY B 374 0.42 -19.31 -32.19
CA GLY B 374 0.21 -19.89 -33.51
C GLY B 374 0.96 -21.18 -33.82
N PHE B 375 1.87 -21.58 -32.95
CA PHE B 375 2.65 -22.80 -33.19
C PHE B 375 1.77 -24.05 -33.15
N THR B 376 0.73 -24.02 -32.32
CA THR B 376 -0.16 -25.18 -32.17
C THR B 376 -0.86 -25.71 -33.41
N ALA B 377 -1.50 -24.84 -34.20
CA ALA B 377 -2.23 -25.30 -35.37
C ALA B 377 -1.39 -26.11 -36.34
N GLY B 378 -0.23 -25.57 -36.71
CA GLY B 378 0.65 -26.26 -37.65
C GLY B 378 1.19 -27.56 -37.08
N GLN B 379 1.43 -27.58 -35.77
CA GLN B 379 1.94 -28.79 -35.11
C GLN B 379 0.88 -29.88 -35.28
N ILE B 380 -0.39 -29.54 -35.03
CA ILE B 380 -1.48 -30.50 -35.19
C ILE B 380 -1.52 -31.04 -36.62
N ALA B 381 -1.52 -30.13 -37.58
CA ALA B 381 -1.60 -30.50 -38.99
C ALA B 381 -0.42 -31.36 -39.47
N ARG B 382 0.80 -30.93 -39.19
CA ARG B 382 1.98 -31.68 -39.63
C ARG B 382 2.11 -33.04 -38.96
N GLU B 383 2.00 -33.08 -37.64
CA GLU B 383 2.13 -34.36 -36.94
C GLU B 383 1.04 -35.34 -37.36
N THR B 384 -0.16 -34.83 -37.63
CA THR B 384 -1.26 -35.69 -38.06
C THR B 384 -0.98 -36.25 -39.44
N LEU B 385 -0.43 -35.42 -40.32
CA LEU B 385 -0.10 -35.86 -41.68
C LEU B 385 1.09 -36.83 -41.66
N ILE B 386 2.02 -36.60 -40.75
CA ILE B 386 3.19 -37.47 -40.63
C ILE B 386 2.74 -38.87 -40.21
N ASP B 387 1.79 -38.95 -39.28
CA ASP B 387 1.27 -40.24 -38.82
C ASP B 387 0.53 -40.92 -39.96
N ARG B 388 -0.18 -40.13 -40.77
CA ARG B 388 -0.94 -40.67 -41.88
C ARG B 388 0.01 -41.22 -42.94
N ALA B 389 1.12 -40.52 -43.16
CA ALA B 389 2.11 -40.96 -44.13
C ALA B 389 2.72 -42.28 -43.66
N ALA B 390 2.97 -42.37 -42.36
CA ALA B 390 3.54 -43.59 -41.79
C ALA B 390 2.62 -44.77 -42.03
N ARG B 391 1.35 -44.62 -41.68
CA ARG B 391 0.39 -45.70 -41.88
C ARG B 391 0.31 -46.12 -43.33
N GLN B 392 0.38 -45.15 -44.24
CA GLN B 392 0.31 -45.44 -45.65
C GLN B 392 1.50 -46.30 -46.10
N LEU B 393 2.65 -46.08 -45.48
CA LEU B 393 3.86 -46.83 -45.83
C LEU B 393 4.09 -48.08 -44.97
N GLY B 394 3.31 -48.23 -43.92
CA GLY B 394 3.48 -49.40 -43.07
C GLY B 394 4.64 -49.21 -42.11
N LEU B 395 4.97 -47.96 -41.81
CA LEU B 395 6.04 -47.63 -40.88
C LEU B 395 5.40 -47.19 -39.57
N SER B 396 6.12 -47.32 -38.47
CA SER B 396 5.56 -46.89 -37.19
C SER B 396 5.71 -45.37 -37.20
N PRO B 397 4.87 -44.66 -36.42
CA PRO B 397 4.98 -43.19 -36.39
C PRO B 397 6.33 -42.74 -35.85
N PHE B 398 6.97 -43.60 -35.05
CA PHE B 398 8.26 -43.27 -34.49
C PHE B 398 9.36 -43.41 -35.54
N GLU B 399 9.25 -44.46 -36.35
CA GLU B 399 10.25 -44.73 -37.39
C GLU B 399 10.26 -43.69 -38.50
N ILE B 400 9.09 -43.26 -38.96
CA ILE B 400 9.09 -42.26 -40.02
C ILE B 400 9.72 -40.95 -39.54
N ARG B 401 9.60 -40.67 -38.25
CA ARG B 401 10.19 -39.46 -37.68
C ARG B 401 11.71 -39.59 -37.58
N ARG B 402 12.21 -40.77 -37.22
CA ARG B 402 13.65 -40.98 -37.14
C ARG B 402 14.32 -40.71 -38.47
N ARG B 403 13.60 -41.00 -39.56
CA ARG B 403 14.14 -40.81 -40.90
C ARG B 403 14.11 -39.38 -41.42
N ASN B 404 13.49 -38.47 -40.65
CA ASN B 404 13.40 -37.08 -41.10
C ASN B 404 13.87 -36.06 -40.08
N VAL B 405 14.07 -36.49 -38.84
CA VAL B 405 14.49 -35.58 -37.79
C VAL B 405 15.94 -35.13 -37.93
N VAL B 406 16.23 -33.94 -37.43
CA VAL B 406 17.61 -33.46 -37.47
C VAL B 406 18.34 -34.42 -36.54
N MET B 407 19.36 -35.09 -37.07
CA MET B 407 20.11 -36.08 -36.30
C MET B 407 21.22 -35.49 -35.45
N PRO B 408 21.67 -36.23 -34.42
CA PRO B 408 22.75 -35.77 -33.53
C PRO B 408 23.96 -35.31 -34.33
N GLU B 409 24.28 -36.07 -35.38
CA GLU B 409 25.43 -35.78 -36.24
C GLU B 409 25.19 -34.54 -37.11
N ASP B 410 23.93 -34.11 -37.23
CA ASP B 410 23.58 -32.95 -38.04
C ASP B 410 23.86 -31.58 -37.45
N PHE B 411 23.80 -31.47 -36.11
CA PHE B 411 24.02 -30.19 -35.45
C PHE B 411 25.44 -29.67 -35.68
N PRO B 412 25.57 -28.38 -36.05
CA PRO B 412 24.48 -27.41 -36.26
C PRO B 412 23.86 -27.58 -37.63
N PHE B 413 22.54 -27.44 -37.71
CA PHE B 413 21.83 -27.60 -38.96
C PHE B 413 20.81 -26.48 -39.21
N THR B 414 20.87 -25.86 -40.37
CA THR B 414 19.92 -24.79 -40.70
C THR B 414 18.90 -25.30 -41.71
N ASN B 415 17.63 -25.31 -41.33
CA ASN B 415 16.61 -25.81 -42.24
C ASN B 415 16.22 -24.82 -43.31
N ARG B 416 15.34 -25.26 -44.21
CA ARG B 416 14.88 -24.42 -45.31
C ARG B 416 14.31 -23.07 -44.93
N LEU B 417 13.73 -22.97 -43.74
CA LEU B 417 13.15 -21.71 -43.28
C LEU B 417 14.08 -20.86 -42.42
N GLY B 418 15.36 -21.20 -42.43
CA GLY B 418 16.33 -20.43 -41.69
C GLY B 418 16.47 -20.65 -40.19
N GLN B 419 15.94 -21.75 -39.66
CA GLN B 419 16.10 -22.00 -38.23
C GLN B 419 17.29 -22.91 -38.06
N THR B 420 18.24 -22.49 -37.25
CA THR B 420 19.44 -23.30 -37.01
C THR B 420 19.32 -24.10 -35.72
N HIS B 421 19.44 -25.41 -35.83
CA HIS B 421 19.38 -26.30 -34.67
C HIS B 421 20.81 -26.47 -34.17
N ARG B 422 21.04 -26.20 -32.88
CA ARG B 422 22.39 -26.31 -32.33
C ARG B 422 22.59 -27.38 -31.26
N GLU B 423 21.62 -27.57 -30.39
CA GLU B 423 21.73 -28.61 -29.36
C GLU B 423 20.34 -29.00 -28.87
N GLY B 424 20.01 -30.28 -29.05
CA GLY B 424 18.71 -30.78 -28.63
C GLY B 424 18.68 -32.30 -28.68
N THR B 425 17.61 -32.89 -28.13
CA THR B 425 17.48 -34.35 -28.11
C THR B 425 16.34 -34.88 -28.95
N TYR B 426 16.23 -34.41 -30.20
CA TYR B 426 15.15 -34.85 -31.06
C TYR B 426 15.07 -36.37 -31.21
N LEU B 427 16.15 -36.98 -31.68
CA LEU B 427 16.18 -38.42 -31.87
C LEU B 427 15.92 -39.18 -30.58
N GLN B 428 16.64 -38.82 -29.52
CA GLN B 428 16.48 -39.50 -28.24
C GLN B 428 15.06 -39.37 -27.70
N THR B 429 14.39 -38.27 -28.04
CA THR B 429 13.01 -38.07 -27.58
C THR B 429 12.09 -39.10 -28.24
N ILE B 430 12.25 -39.28 -29.55
CA ILE B 430 11.44 -40.23 -30.28
C ILE B 430 11.60 -41.64 -29.70
N ASN B 431 12.85 -42.02 -29.44
CA ASN B 431 13.15 -43.34 -28.89
C ASN B 431 12.60 -43.53 -27.48
N LEU B 432 12.75 -42.51 -26.64
CA LEU B 432 12.28 -42.58 -25.26
C LEU B 432 10.75 -42.65 -25.23
N LEU B 433 10.12 -41.83 -26.08
CA LEU B 433 8.67 -41.79 -26.16
C LEU B 433 8.13 -43.18 -26.55
N GLU B 434 8.77 -43.81 -27.53
CA GLU B 434 8.33 -45.13 -27.96
C GLU B 434 8.43 -46.12 -26.80
N GLU B 435 9.53 -46.06 -26.04
CA GLU B 435 9.71 -46.95 -24.89
C GLU B 435 8.57 -46.76 -23.89
N MET B 436 8.24 -45.50 -23.62
CA MET B 436 7.18 -45.18 -22.68
C MET B 436 5.84 -45.75 -23.14
N VAL B 437 5.56 -45.59 -24.43
CA VAL B 437 4.31 -46.05 -25.01
C VAL B 437 4.20 -47.57 -25.12
N ASN B 438 5.27 -48.21 -25.55
CA ASN B 438 5.28 -49.67 -25.71
C ASN B 438 4.23 -50.01 -26.76
N PRO B 439 4.45 -49.58 -28.02
CA PRO B 439 3.53 -49.82 -29.13
C PRO B 439 3.08 -51.27 -29.30
N GLU B 440 3.96 -52.22 -28.99
CA GLU B 440 3.61 -53.63 -29.13
C GLU B 440 2.41 -53.94 -28.24
N ALA B 441 2.48 -53.49 -26.98
CA ALA B 441 1.39 -53.71 -26.05
C ALA B 441 0.15 -52.92 -26.44
N PHE B 442 0.35 -51.71 -26.97
CA PHE B 442 -0.78 -50.89 -27.39
C PHE B 442 -1.57 -51.58 -28.49
N ARG B 443 -0.85 -52.16 -29.46
CA ARG B 443 -1.46 -52.86 -30.58
C ARG B 443 -2.33 -54.00 -30.07
N GLN B 444 -1.87 -54.64 -28.99
CA GLN B 444 -2.58 -55.75 -28.37
C GLN B 444 -3.84 -55.22 -27.71
N ARG B 445 -3.70 -54.12 -26.98
CA ARG B 445 -4.82 -53.48 -26.29
C ARG B 445 -5.82 -52.92 -27.30
N GLN B 446 -5.32 -52.37 -28.40
CA GLN B 446 -6.17 -51.80 -29.43
C GLN B 446 -7.02 -52.87 -30.11
N ALA B 447 -6.38 -53.95 -30.53
CA ALA B 447 -7.08 -55.05 -31.18
C ALA B 447 -8.17 -55.62 -30.28
N GLU B 448 -7.88 -55.70 -28.98
CA GLU B 448 -8.85 -56.23 -28.04
C GLU B 448 -9.94 -55.24 -27.63
N ALA B 449 -9.85 -54.01 -28.13
CA ALA B 449 -10.85 -52.99 -27.81
C ALA B 449 -11.97 -53.02 -28.82
N ARG B 450 -11.64 -53.41 -30.06
CA ARG B 450 -12.64 -53.48 -31.12
C ARG B 450 -13.77 -54.41 -30.71
N ALA B 451 -13.41 -55.55 -30.13
CA ALA B 451 -14.38 -56.54 -29.69
C ALA B 451 -15.37 -55.98 -28.67
N ARG B 452 -15.02 -54.84 -28.08
CA ARG B 452 -15.89 -54.20 -27.10
C ARG B 452 -16.54 -52.94 -27.67
N GLY B 453 -16.45 -52.78 -28.98
CA GLY B 453 -17.03 -51.60 -29.62
C GLY B 453 -16.34 -50.32 -29.24
N LYS B 454 -15.03 -50.39 -29.04
CA LYS B 454 -14.24 -49.22 -28.67
C LYS B 454 -13.11 -49.02 -29.68
N TYR B 455 -12.93 -47.79 -30.13
CA TYR B 455 -11.87 -47.46 -31.08
C TYR B 455 -10.71 -46.84 -30.32
N LEU B 456 -9.61 -47.58 -30.21
CA LEU B 456 -8.44 -47.08 -29.49
C LEU B 456 -7.43 -46.53 -30.49
N GLY B 457 -6.81 -45.40 -30.14
CA GLY B 457 -5.85 -44.80 -31.05
C GLY B 457 -4.66 -44.18 -30.34
N LEU B 458 -3.50 -44.30 -30.97
CA LEU B 458 -2.26 -43.75 -30.43
C LEU B 458 -1.87 -42.56 -31.29
N GLY B 459 -1.53 -41.45 -30.65
CA GLY B 459 -1.12 -40.27 -31.39
C GLY B 459 0.25 -39.83 -30.94
N VAL B 460 1.10 -39.45 -31.89
CA VAL B 460 2.45 -39.01 -31.58
C VAL B 460 2.73 -37.60 -32.04
N SER B 461 3.45 -36.85 -31.23
CA SER B 461 3.82 -35.48 -31.56
C SER B 461 5.21 -35.18 -31.02
N VAL B 462 6.13 -34.83 -31.92
CA VAL B 462 7.49 -34.48 -31.55
C VAL B 462 7.68 -33.01 -31.90
N PHE B 463 8.27 -32.25 -30.99
CA PHE B 463 8.44 -30.82 -31.23
C PHE B 463 9.76 -30.22 -30.75
N ASN B 464 9.97 -28.97 -31.15
CA ASN B 464 11.09 -28.18 -30.71
C ASN B 464 10.35 -26.87 -30.46
N GLU B 465 10.93 -25.95 -29.69
CA GLU B 465 10.24 -24.71 -29.36
C GLU B 465 11.20 -23.57 -29.07
N VAL B 466 10.88 -22.37 -29.55
CA VAL B 466 11.74 -21.22 -29.27
C VAL B 466 11.40 -20.73 -27.87
N THR B 467 12.41 -20.61 -27.02
CA THR B 467 12.21 -20.13 -25.65
C THR B 467 13.13 -18.97 -25.34
N GLY B 468 13.01 -18.39 -24.15
CA GLY B 468 13.84 -17.26 -23.77
C GLY B 468 13.67 -16.15 -24.79
N THR B 469 12.51 -16.13 -25.40
CA THR B 469 12.17 -15.18 -26.45
C THR B 469 12.62 -13.74 -26.24
N GLY B 470 13.60 -13.35 -27.05
CA GLY B 470 14.15 -12.01 -27.00
C GLY B 470 14.28 -11.48 -28.42
N THR B 471 15.08 -10.43 -28.57
CA THR B 471 15.30 -9.79 -29.87
C THR B 471 15.61 -10.77 -31.00
N ARG B 472 16.56 -11.66 -30.78
CA ARG B 472 16.96 -12.63 -31.80
C ARG B 472 15.80 -13.54 -32.22
N THR B 473 15.03 -14.01 -31.25
CA THR B 473 13.92 -14.88 -31.59
C THR B 473 12.82 -14.13 -32.34
N LEU B 474 12.55 -12.90 -31.92
CA LEU B 474 11.50 -12.12 -32.58
C LEU B 474 11.90 -11.84 -34.03
N SER B 475 13.19 -11.66 -34.28
CA SER B 475 13.68 -11.43 -35.65
C SER B 475 13.44 -12.71 -36.46
N PHE B 476 13.82 -13.85 -35.89
CA PHE B 476 13.64 -15.14 -36.56
C PHE B 476 12.18 -15.38 -36.90
N LEU B 477 11.28 -14.98 -36.01
CA LEU B 477 9.84 -15.16 -36.22
C LEU B 477 9.23 -14.17 -37.20
N GLY B 478 10.03 -13.22 -37.68
CA GLY B 478 9.51 -12.25 -38.63
C GLY B 478 8.72 -11.11 -38.00
N THR B 479 8.88 -10.92 -36.70
CA THR B 479 8.20 -9.85 -36.00
C THR B 479 9.28 -9.07 -35.25
N PRO B 480 10.17 -8.40 -36.02
CA PRO B 480 11.27 -7.62 -35.45
C PRO B 480 10.87 -6.74 -34.28
N THR B 481 11.56 -6.96 -33.15
CA THR B 481 11.32 -6.22 -31.92
C THR B 481 12.53 -6.39 -31.01
N THR B 482 13.04 -5.28 -30.48
CA THR B 482 14.16 -5.33 -29.56
C THR B 482 13.57 -5.45 -28.16
N THR B 483 14.05 -6.40 -27.37
CA THR B 483 13.53 -6.55 -26.02
C THR B 483 14.48 -5.92 -25.02
N HIS B 484 13.99 -5.71 -23.80
CA HIS B 484 14.79 -5.14 -22.73
C HIS B 484 14.26 -5.78 -21.44
N ASP B 485 15.15 -6.41 -20.69
CA ASP B 485 14.76 -7.09 -19.45
C ASP B 485 15.85 -6.99 -18.40
N SER B 486 15.68 -6.06 -17.46
CA SER B 486 16.68 -5.88 -16.43
C SER B 486 16.24 -6.48 -15.10
N ALA B 487 17.23 -6.72 -14.25
CA ALA B 487 16.98 -7.26 -12.91
C ALA B 487 17.93 -6.52 -12.01
N THR B 488 17.55 -6.39 -10.74
CA THR B 488 18.40 -5.72 -9.78
C THR B 488 18.68 -6.72 -8.67
N VAL B 489 19.90 -6.70 -8.18
CA VAL B 489 20.29 -7.59 -7.10
C VAL B 489 21.07 -6.79 -6.09
N ARG B 490 20.64 -6.88 -4.82
CA ARG B 490 21.31 -6.18 -3.74
C ARG B 490 21.69 -7.21 -2.70
N ILE B 491 22.91 -7.12 -2.20
CA ILE B 491 23.33 -8.01 -1.14
C ILE B 491 23.12 -7.14 0.10
N ASP B 492 22.19 -7.55 0.95
CA ASP B 492 21.92 -6.78 2.15
C ASP B 492 23.11 -6.92 3.11
N PRO B 493 23.34 -5.91 3.97
CA PRO B 493 24.45 -5.88 4.94
C PRO B 493 24.69 -7.17 5.73
N THR B 494 23.62 -7.83 6.18
CA THR B 494 23.78 -9.05 6.96
C THR B 494 24.07 -10.28 6.11
N GLY B 495 24.20 -10.09 4.79
CA GLY B 495 24.48 -11.21 3.91
C GLY B 495 23.28 -11.83 3.23
N LYS B 496 22.10 -11.24 3.40
CA LYS B 496 20.91 -11.76 2.75
C LYS B 496 20.86 -11.12 1.36
N VAL B 497 20.00 -11.63 0.49
CA VAL B 497 19.92 -11.13 -0.88
C VAL B 497 18.52 -10.68 -1.30
N THR B 498 18.45 -9.50 -1.89
CA THR B 498 17.17 -8.93 -2.37
C THR B 498 17.23 -8.79 -3.89
N VAL B 499 16.36 -9.52 -4.57
CA VAL B 499 16.31 -9.49 -6.04
C VAL B 499 15.04 -8.78 -6.49
N THR B 500 15.17 -7.92 -7.49
CA THR B 500 14.02 -7.22 -8.03
C THR B 500 13.93 -7.58 -9.50
N THR B 501 12.76 -8.05 -9.91
CA THR B 501 12.56 -8.43 -11.29
C THR B 501 11.37 -7.73 -11.94
N SER B 502 11.43 -7.68 -13.27
CA SER B 502 10.40 -7.06 -14.08
C SER B 502 9.45 -8.16 -14.54
N LEU B 503 9.81 -9.40 -14.24
CA LEU B 503 8.99 -10.56 -14.58
C LEU B 503 7.77 -10.57 -13.66
N ALA B 504 6.60 -10.84 -14.23
CA ALA B 504 5.37 -10.89 -13.44
C ALA B 504 4.86 -12.33 -13.48
N SER B 505 4.48 -12.85 -12.32
CA SER B 505 4.01 -14.23 -12.21
C SER B 505 2.49 -14.36 -12.23
N SER B 506 2.00 -15.44 -12.83
CA SER B 506 0.57 -15.72 -12.86
C SER B 506 0.38 -17.19 -12.49
N GLY B 507 1.26 -17.66 -11.61
CA GLY B 507 1.20 -19.03 -11.13
C GLY B 507 2.35 -19.95 -11.52
N GLN B 508 3.27 -19.49 -12.37
CA GLN B 508 4.36 -20.37 -12.80
C GLN B 508 5.56 -20.51 -11.86
N GLY B 509 5.43 -20.02 -10.63
CA GLY B 509 6.50 -20.19 -9.63
C GLY B 509 7.75 -19.34 -9.58
N HIS B 510 7.76 -18.19 -10.25
CA HIS B 510 8.94 -17.31 -10.26
C HIS B 510 9.46 -16.94 -8.87
N GLU B 511 8.53 -16.68 -7.95
CA GLU B 511 8.88 -16.30 -6.60
C GLU B 511 9.80 -17.34 -5.95
N THR B 512 9.69 -18.57 -6.40
CA THR B 512 10.52 -19.64 -5.87
C THR B 512 11.72 -19.93 -6.77
N THR B 513 11.46 -20.19 -8.05
CA THR B 513 12.55 -20.51 -8.97
C THR B 513 13.59 -19.42 -9.20
N LEU B 514 13.17 -18.16 -9.23
CA LEU B 514 14.13 -17.09 -9.43
C LEU B 514 15.05 -17.00 -8.20
N ALA B 515 14.53 -17.34 -7.03
CA ALA B 515 15.33 -17.31 -5.82
C ALA B 515 16.40 -18.39 -5.89
N GLN B 516 16.02 -19.54 -6.45
CA GLN B 516 16.93 -20.67 -6.60
C GLN B 516 18.11 -20.26 -7.50
N ILE B 517 17.81 -19.50 -8.54
CA ILE B 517 18.84 -19.04 -9.46
C ILE B 517 19.78 -18.06 -8.77
N ALA B 518 19.22 -17.06 -8.08
CA ALA B 518 20.03 -16.07 -7.40
C ALA B 518 20.90 -16.68 -6.32
N ALA B 519 20.34 -17.65 -5.59
CA ALA B 519 21.07 -18.32 -4.52
C ALA B 519 22.32 -18.98 -5.07
N ASP B 520 22.18 -19.69 -6.19
CA ASP B 520 23.32 -20.39 -6.80
C ASP B 520 24.38 -19.45 -7.34
N VAL B 521 23.97 -18.33 -7.93
CA VAL B 521 24.94 -17.39 -8.47
C VAL B 521 25.80 -16.80 -7.35
N LEU B 522 25.17 -16.42 -6.24
CA LEU B 522 25.89 -15.82 -5.12
C LEU B 522 26.42 -16.83 -4.09
N GLY B 523 26.11 -18.10 -4.30
CA GLY B 523 26.60 -19.13 -3.37
C GLY B 523 26.01 -19.08 -1.98
N VAL B 524 24.73 -18.75 -1.88
CA VAL B 524 24.05 -18.68 -0.59
C VAL B 524 22.77 -19.51 -0.63
N PRO B 525 22.22 -19.84 0.56
CA PRO B 525 20.99 -20.63 0.62
C PRO B 525 19.85 -19.87 -0.03
N ALA B 526 18.97 -20.57 -0.73
CA ALA B 526 17.83 -19.92 -1.37
C ALA B 526 16.95 -19.26 -0.31
N SER B 527 16.98 -19.79 0.90
CA SER B 527 16.17 -19.23 1.99
C SER B 527 16.67 -17.84 2.39
N ASP B 528 17.87 -17.48 1.95
CA ASP B 528 18.45 -16.17 2.26
C ASP B 528 18.18 -15.17 1.14
N VAL B 529 17.37 -15.57 0.17
CA VAL B 529 17.05 -14.73 -0.97
C VAL B 529 15.56 -14.43 -1.07
N VAL B 530 15.21 -13.20 -1.45
CA VAL B 530 13.80 -12.87 -1.63
C VAL B 530 13.62 -12.23 -3.01
N ILE B 531 12.55 -12.63 -3.69
CA ILE B 531 12.25 -12.09 -5.00
C ILE B 531 11.17 -11.02 -4.89
N GLN B 532 11.50 -9.83 -5.38
CA GLN B 532 10.59 -8.69 -5.40
C GLN B 532 10.11 -8.50 -6.82
N ALA B 533 8.79 -8.51 -6.99
CA ALA B 533 8.18 -8.35 -8.31
C ALA B 533 6.85 -7.63 -8.14
N GLY B 534 6.22 -7.26 -9.25
CA GLY B 534 4.94 -6.59 -9.15
C GLY B 534 4.96 -5.08 -8.94
N SER B 535 6.06 -4.44 -9.30
CA SER B 535 6.20 -2.99 -9.19
C SER B 535 7.18 -2.48 -10.23
N THR B 536 6.82 -1.40 -10.92
CA THR B 536 7.68 -0.81 -11.93
C THR B 536 8.58 0.29 -11.36
N LYS B 537 8.61 0.41 -10.04
CA LYS B 537 9.46 1.42 -9.40
C LYS B 537 10.93 1.19 -9.70
N ASN B 538 11.29 -0.06 -9.97
CA ASN B 538 12.66 -0.42 -10.29
C ASN B 538 12.69 -1.59 -11.26
N THR B 539 13.71 -1.57 -12.13
CA THR B 539 13.94 -2.54 -13.20
C THR B 539 12.93 -2.27 -14.31
N TYR B 540 13.16 -2.88 -15.47
CA TYR B 540 12.27 -2.72 -16.61
C TYR B 540 12.37 -3.94 -17.49
N GLY B 541 11.23 -4.52 -17.86
CA GLY B 541 11.26 -5.70 -18.69
C GLY B 541 9.96 -5.99 -19.42
N PHE B 542 10.05 -6.85 -20.43
CA PHE B 542 8.88 -7.20 -21.23
C PHE B 542 7.90 -8.15 -20.51
N GLY B 543 8.33 -8.71 -19.38
CA GLY B 543 7.45 -9.61 -18.64
C GLY B 543 7.57 -11.07 -18.98
N ALA B 544 6.61 -11.86 -18.49
CA ALA B 544 6.60 -13.30 -18.74
C ALA B 544 5.65 -13.67 -19.88
N TYR B 545 6.22 -14.27 -20.91
CA TYR B 545 5.47 -14.70 -22.08
C TYR B 545 6.45 -15.48 -22.95
N ALA B 546 5.94 -16.19 -23.95
CA ALA B 546 6.78 -16.96 -24.87
C ALA B 546 7.83 -17.83 -24.17
N SER B 547 7.45 -18.45 -23.06
CA SER B 547 8.36 -19.33 -22.31
C SER B 547 9.72 -18.68 -22.13
N ARG B 548 9.74 -17.46 -21.60
CA ARG B 548 10.98 -16.71 -21.43
C ARG B 548 11.39 -16.40 -19.99
N GLY B 549 10.47 -16.58 -19.05
CA GLY B 549 10.76 -16.26 -17.66
C GLY B 549 12.00 -16.87 -17.07
N ALA B 550 12.10 -18.20 -17.11
CA ALA B 550 13.26 -18.90 -16.56
C ALA B 550 14.55 -18.43 -17.23
N VAL B 551 14.54 -18.33 -18.55
CA VAL B 551 15.72 -17.91 -19.29
C VAL B 551 16.10 -16.46 -19.04
N ILE B 552 15.14 -15.55 -19.30
CA ILE B 552 15.37 -14.13 -19.10
C ILE B 552 15.70 -13.83 -17.64
N GLY B 553 15.02 -14.52 -16.73
CA GLY B 553 15.29 -14.33 -15.32
C GLY B 553 16.70 -14.79 -14.99
N ALA B 554 17.06 -15.99 -15.44
CA ALA B 554 18.39 -16.52 -15.18
C ALA B 554 19.43 -15.55 -15.72
N GLY B 555 19.25 -15.12 -16.96
CA GLY B 555 20.21 -14.21 -17.57
C GLY B 555 20.33 -12.85 -16.91
N SER B 556 19.21 -12.18 -16.65
CA SER B 556 19.25 -10.85 -16.03
C SER B 556 19.69 -10.91 -14.57
N ILE B 557 19.10 -11.81 -13.80
CA ILE B 557 19.50 -11.92 -12.41
C ILE B 557 20.96 -12.36 -12.39
N GLY B 558 21.34 -13.20 -13.33
CA GLY B 558 22.71 -13.67 -13.43
C GLY B 558 23.67 -12.49 -13.58
N ARG B 559 23.42 -11.66 -14.58
CA ARG B 559 24.25 -10.49 -14.83
C ARG B 559 24.33 -9.54 -13.64
N ALA B 560 23.17 -9.18 -13.08
CA ALA B 560 23.13 -8.27 -11.95
C ALA B 560 23.85 -8.85 -10.73
N ALA B 561 23.59 -10.12 -10.45
CA ALA B 561 24.22 -10.79 -9.32
C ALA B 561 25.74 -10.89 -9.52
N SER B 562 26.15 -11.07 -10.77
CA SER B 562 27.57 -11.18 -11.08
C SER B 562 28.32 -9.89 -10.76
N ILE B 563 27.71 -8.76 -11.06
CA ILE B 563 28.34 -7.47 -10.80
C ILE B 563 28.68 -7.32 -9.32
N VAL B 564 27.71 -7.60 -8.45
CA VAL B 564 27.97 -7.47 -7.02
C VAL B 564 28.82 -8.62 -6.51
N ARG B 565 28.69 -9.79 -7.12
CA ARG B 565 29.50 -10.94 -6.73
C ARG B 565 30.98 -10.60 -6.94
N GLU B 566 31.28 -10.01 -8.08
CA GLU B 566 32.67 -9.63 -8.39
C GLU B 566 33.24 -8.66 -7.35
N ARG B 567 32.42 -7.74 -6.87
CA ARG B 567 32.90 -6.78 -5.88
C ARG B 567 33.17 -7.49 -4.56
N VAL B 568 32.41 -8.53 -4.27
CA VAL B 568 32.62 -9.30 -3.05
C VAL B 568 33.93 -10.09 -3.21
N LYS B 569 34.17 -10.62 -4.42
CA LYS B 569 35.39 -11.38 -4.69
C LYS B 569 36.63 -10.49 -4.58
N GLN B 570 36.50 -9.25 -5.06
CA GLN B 570 37.60 -8.29 -5.00
C GLN B 570 37.99 -7.96 -3.57
N LEU B 571 36.98 -7.75 -2.72
CA LEU B 571 37.23 -7.43 -1.33
C LEU B 571 37.81 -8.64 -0.62
N ALA B 572 37.25 -9.81 -0.90
CA ALA B 572 37.71 -11.05 -0.27
C ALA B 572 39.15 -11.36 -0.69
N GLY B 573 39.44 -11.17 -1.97
CA GLY B 573 40.78 -11.43 -2.47
C GLY B 573 41.79 -10.51 -1.81
N HIS B 574 41.37 -9.28 -1.55
CA HIS B 574 42.23 -8.29 -0.92
C HIS B 574 42.58 -8.72 0.50
N LEU B 575 41.58 -9.19 1.25
CA LEU B 575 41.79 -9.63 2.61
C LEU B 575 42.52 -10.97 2.70
N LEU B 576 42.28 -11.85 1.73
CA LEU B 576 42.89 -13.18 1.71
C LEU B 576 44.18 -13.26 0.88
N GLU B 577 44.56 -12.13 0.28
CA GLU B 577 45.77 -12.07 -0.54
C GLU B 577 45.72 -13.03 -1.74
N ALA B 578 44.67 -12.91 -2.54
CA ALA B 578 44.50 -13.73 -3.73
C ALA B 578 43.76 -12.93 -4.78
N ALA B 579 43.99 -13.26 -6.05
CA ALA B 579 43.31 -12.55 -7.14
C ALA B 579 41.81 -12.78 -7.03
N SER B 580 41.03 -11.76 -7.35
CA SER B 580 39.57 -11.88 -7.28
C SER B 580 39.08 -13.02 -8.16
N GLU B 581 39.67 -13.13 -9.35
CA GLU B 581 39.28 -14.16 -10.30
C GLU B 581 39.41 -15.57 -9.70
N ASP B 582 40.20 -15.70 -8.64
CA ASP B 582 40.42 -16.99 -8.00
C ASP B 582 39.55 -17.24 -6.77
N ILE B 583 38.63 -16.31 -6.52
CA ILE B 583 37.74 -16.41 -5.36
C ILE B 583 36.39 -17.00 -5.78
N VAL B 584 35.85 -17.88 -4.95
CA VAL B 584 34.54 -18.47 -5.22
C VAL B 584 33.68 -18.32 -3.97
N ILE B 585 32.36 -18.42 -4.14
CA ILE B 585 31.45 -18.34 -3.01
C ILE B 585 30.61 -19.60 -3.08
N GLU B 586 30.67 -20.41 -2.02
CA GLU B 586 29.92 -21.66 -1.98
C GLU B 586 29.47 -21.95 -0.57
N ASP B 587 28.21 -22.37 -0.42
CA ASP B 587 27.68 -22.70 0.89
C ASP B 587 27.92 -21.56 1.87
N GLY B 588 27.80 -20.32 1.40
CA GLY B 588 27.99 -19.16 2.26
C GLY B 588 29.42 -18.89 2.67
N LEU B 589 30.37 -19.59 2.05
CA LEU B 589 31.78 -19.41 2.38
C LEU B 589 32.50 -18.76 1.19
N VAL B 590 33.15 -17.64 1.43
CA VAL B 590 33.90 -16.95 0.39
C VAL B 590 35.36 -17.39 0.54
N HIS B 591 35.89 -18.11 -0.44
CA HIS B 591 37.25 -18.59 -0.33
C HIS B 591 37.99 -18.75 -1.65
N VAL B 592 39.28 -19.01 -1.54
CA VAL B 592 40.12 -19.24 -2.72
C VAL B 592 39.68 -20.59 -3.27
N ALA B 593 39.30 -20.63 -4.54
CA ALA B 593 38.84 -21.87 -5.16
C ALA B 593 39.82 -23.00 -4.91
N GLY B 594 39.32 -24.11 -4.38
CA GLY B 594 40.17 -25.26 -4.10
C GLY B 594 40.78 -25.23 -2.71
N VAL B 595 40.66 -24.09 -2.02
CA VAL B 595 41.22 -23.95 -0.68
C VAL B 595 40.18 -23.37 0.29
N PRO B 596 39.23 -24.21 0.73
CA PRO B 596 38.19 -23.75 1.67
C PRO B 596 38.71 -23.10 2.96
N ALA B 597 39.86 -23.58 3.44
CA ALA B 597 40.44 -23.02 4.67
C ALA B 597 40.85 -21.56 4.50
N LYS B 598 41.15 -21.18 3.26
CA LYS B 598 41.54 -19.80 3.00
C LYS B 598 40.27 -19.03 2.60
N GLY B 599 39.42 -18.77 3.58
CA GLY B 599 38.18 -18.07 3.29
C GLY B 599 37.58 -17.36 4.49
N MET B 600 36.38 -16.82 4.28
CA MET B 600 35.64 -16.09 5.31
C MET B 600 34.14 -16.25 5.02
N PRO B 601 33.30 -16.22 6.06
CA PRO B 601 31.89 -16.36 5.74
C PRO B 601 31.42 -15.19 4.87
N PHE B 602 30.46 -15.46 4.01
CA PHE B 602 29.89 -14.46 3.12
C PHE B 602 29.47 -13.20 3.88
N ALA B 603 28.76 -13.41 4.99
CA ALA B 603 28.27 -12.28 5.81
C ALA B 603 29.40 -11.40 6.32
N GLU B 604 30.56 -11.99 6.60
CA GLU B 604 31.68 -11.21 7.10
C GLU B 604 32.28 -10.31 6.02
N VAL B 605 32.39 -10.82 4.80
CA VAL B 605 32.94 -10.03 3.70
C VAL B 605 31.97 -8.90 3.39
N VAL B 606 30.69 -9.24 3.28
CA VAL B 606 29.66 -8.26 2.99
C VAL B 606 29.64 -7.21 4.10
N GLY B 607 29.74 -7.67 5.35
CA GLY B 607 29.75 -6.74 6.47
C GLY B 607 30.84 -5.70 6.30
N ALA B 608 32.03 -6.15 5.91
CA ALA B 608 33.17 -5.27 5.70
C ALA B 608 32.96 -4.34 4.49
N ALA B 609 32.31 -4.85 3.45
CA ALA B 609 32.06 -4.03 2.27
C ALA B 609 31.21 -2.82 2.64
N TYR B 610 30.22 -3.05 3.49
CA TYR B 610 29.33 -1.98 3.92
C TYR B 610 29.91 -1.07 5.00
N PHE B 611 30.45 -1.69 6.03
CA PHE B 611 30.92 -0.94 7.20
C PHE B 611 32.38 -0.96 7.62
N ALA B 612 33.30 -1.43 6.79
CA ALA B 612 34.70 -1.45 7.17
C ALA B 612 35.59 -0.87 6.07
N ASP B 613 35.46 0.44 5.90
CA ASP B 613 36.18 1.24 4.93
C ASP B 613 37.68 0.90 4.78
N ALA B 614 38.33 0.61 5.91
CA ALA B 614 39.75 0.30 5.91
C ALA B 614 40.12 -1.00 5.21
N THR B 615 39.16 -1.91 5.05
CA THR B 615 39.43 -3.20 4.40
C THR B 615 39.29 -3.18 2.89
N HIS B 616 38.81 -2.07 2.34
CA HIS B 616 38.60 -1.95 0.90
C HIS B 616 39.89 -1.78 0.10
N PRO B 617 40.02 -2.49 -1.03
CA PRO B 617 41.22 -2.37 -1.86
C PRO B 617 41.15 -1.06 -2.65
N PRO B 618 42.28 -0.56 -3.16
CA PRO B 618 42.24 0.69 -3.91
C PRO B 618 41.35 0.63 -5.15
N GLY B 619 40.66 1.74 -5.44
CA GLY B 619 39.78 1.82 -6.59
C GLY B 619 38.49 1.04 -6.46
N PHE B 620 38.28 0.44 -5.29
CA PHE B 620 37.09 -0.36 -5.01
C PHE B 620 35.79 0.43 -5.11
N ASP B 621 34.74 -0.23 -5.59
CA ASP B 621 33.41 0.38 -5.67
C ASP B 621 32.58 -0.47 -4.69
N ALA B 622 32.36 0.06 -3.50
CA ALA B 622 31.63 -0.65 -2.46
C ALA B 622 30.14 -0.85 -2.70
N THR B 623 29.62 -0.36 -3.82
CA THR B 623 28.20 -0.50 -4.12
C THR B 623 27.83 -1.98 -4.27
N LEU B 624 26.96 -2.49 -3.39
CA LEU B 624 26.55 -3.89 -3.49
C LEU B 624 25.12 -4.11 -4.01
N GLU B 625 24.70 -3.25 -4.92
CA GLU B 625 23.40 -3.36 -5.56
C GLU B 625 23.65 -2.97 -7.01
N ALA B 626 23.21 -3.80 -7.93
CA ALA B 626 23.44 -3.53 -9.35
C ALA B 626 22.28 -4.00 -10.21
N THR B 627 22.19 -3.41 -11.40
CA THR B 627 21.13 -3.72 -12.35
C THR B 627 21.73 -4.04 -13.71
N ALA B 628 21.11 -4.98 -14.42
CA ALA B 628 21.60 -5.35 -15.74
C ALA B 628 20.51 -5.97 -16.58
N THR B 629 20.50 -5.63 -17.87
CA THR B 629 19.52 -6.22 -18.75
C THR B 629 20.17 -7.42 -19.43
N TYR B 630 19.35 -8.37 -19.87
CA TYR B 630 19.85 -9.55 -20.54
C TYR B 630 18.97 -9.91 -21.73
N ASP B 631 19.62 -10.41 -22.78
CA ASP B 631 18.94 -10.79 -24.00
C ASP B 631 19.81 -11.88 -24.62
N PRO B 632 19.28 -13.09 -24.80
CA PRO B 632 20.11 -14.15 -25.39
C PRO B 632 20.71 -13.75 -26.74
N SER B 633 21.91 -14.27 -27.01
CA SER B 633 22.62 -13.95 -28.25
C SER B 633 22.10 -14.74 -29.45
N ASP B 634 21.22 -15.70 -29.21
CA ASP B 634 20.70 -16.52 -30.30
C ASP B 634 19.44 -17.23 -29.80
N LEU B 635 18.84 -18.04 -30.65
CA LEU B 635 17.65 -18.78 -30.26
C LEU B 635 18.03 -19.74 -29.16
N VAL B 636 17.08 -20.08 -28.31
CA VAL B 636 17.29 -21.05 -27.24
C VAL B 636 16.15 -22.05 -27.45
N LEU B 637 16.42 -23.09 -28.24
CA LEU B 637 15.41 -24.09 -28.57
C LEU B 637 15.28 -25.25 -27.59
N ALA B 638 14.08 -25.44 -27.06
CA ALA B 638 13.82 -26.56 -26.16
C ALA B 638 13.14 -27.60 -27.05
N ASN B 639 12.96 -28.81 -26.55
CA ASN B 639 12.32 -29.84 -27.37
C ASN B 639 11.71 -30.93 -26.52
N GLY B 640 10.91 -31.78 -27.16
CA GLY B 640 10.28 -32.87 -26.43
C GLY B 640 9.31 -33.61 -27.32
N GLY B 641 8.47 -34.40 -26.69
CA GLY B 641 7.49 -35.16 -27.43
C GLY B 641 6.34 -35.57 -26.53
N HIS B 642 5.21 -35.87 -27.15
CA HIS B 642 4.02 -36.29 -26.42
C HIS B 642 3.35 -37.41 -27.19
N ALA B 643 2.72 -38.31 -26.45
CA ALA B 643 1.98 -39.42 -27.05
C ALA B 643 0.71 -39.54 -26.23
N ALA B 644 -0.42 -39.66 -26.92
CA ALA B 644 -1.70 -39.78 -26.26
C ALA B 644 -2.44 -40.99 -26.77
N ILE B 645 -3.18 -41.63 -25.87
CA ILE B 645 -3.99 -42.78 -26.24
C ILE B 645 -5.42 -42.37 -25.93
N VAL B 646 -6.29 -42.48 -26.94
CA VAL B 646 -7.69 -42.12 -26.78
C VAL B 646 -8.57 -43.31 -27.08
N GLU B 647 -9.72 -43.34 -26.43
CA GLU B 647 -10.68 -44.42 -26.64
C GLU B 647 -11.99 -43.77 -27.06
N ILE B 648 -12.51 -44.21 -28.21
CA ILE B 648 -13.76 -43.68 -28.73
C ILE B 648 -14.82 -44.78 -28.72
N ASP B 649 -15.98 -44.49 -28.14
CA ASP B 649 -17.08 -45.46 -28.10
C ASP B 649 -17.73 -45.49 -29.48
N ALA B 650 -17.78 -46.66 -30.11
CA ALA B 650 -18.38 -46.79 -31.43
C ALA B 650 -19.86 -46.45 -31.52
N SER B 651 -20.57 -46.55 -30.42
CA SER B 651 -22.01 -46.26 -30.41
C SER B 651 -22.39 -44.85 -29.96
N THR B 652 -21.66 -44.31 -28.99
CA THR B 652 -21.99 -42.99 -28.48
C THR B 652 -21.03 -41.89 -28.92
N TYR B 653 -19.91 -42.30 -29.51
CA TYR B 653 -18.90 -41.36 -30.00
C TYR B 653 -18.23 -40.60 -28.85
N ALA B 654 -18.37 -41.13 -27.65
CA ALA B 654 -17.75 -40.51 -26.48
C ALA B 654 -16.25 -40.74 -26.61
N THR B 655 -15.47 -39.70 -26.31
CA THR B 655 -14.01 -39.81 -26.40
C THR B 655 -13.35 -39.60 -25.06
N ARG B 656 -12.41 -40.48 -24.75
CA ARG B 656 -11.69 -40.42 -23.48
C ARG B 656 -10.18 -40.54 -23.71
N VAL B 657 -9.42 -39.64 -23.11
CA VAL B 657 -7.96 -39.70 -23.21
C VAL B 657 -7.58 -40.58 -22.04
N THR B 658 -7.22 -41.82 -22.32
CA THR B 658 -6.87 -42.77 -21.27
C THR B 658 -5.43 -42.72 -20.80
N ASP B 659 -4.53 -42.29 -21.68
CA ASP B 659 -3.11 -42.23 -21.34
C ASP B 659 -2.43 -41.03 -21.98
N PHE B 660 -1.39 -40.54 -21.31
CA PHE B 660 -0.62 -39.42 -21.84
C PHE B 660 0.81 -39.59 -21.39
N PHE B 661 1.72 -39.51 -22.36
CA PHE B 661 3.14 -39.67 -22.12
C PHE B 661 3.83 -38.40 -22.59
N ALA B 662 4.78 -37.92 -21.80
CA ALA B 662 5.52 -36.71 -22.16
C ALA B 662 7.01 -36.84 -21.95
N VAL B 663 7.78 -36.35 -22.91
CA VAL B 663 9.23 -36.33 -22.83
C VAL B 663 9.59 -34.86 -23.01
N GLU B 664 10.26 -34.28 -22.02
CA GLU B 664 10.62 -32.87 -22.11
C GLU B 664 12.10 -32.59 -21.92
N ASP B 665 12.64 -31.70 -22.73
CA ASP B 665 14.02 -31.30 -22.62
C ASP B 665 14.05 -29.79 -22.64
N CYS B 666 14.09 -29.18 -21.46
CA CYS B 666 14.15 -27.74 -21.33
C CYS B 666 15.51 -27.39 -20.76
N GLY B 667 16.53 -28.13 -21.22
CA GLY B 667 17.86 -27.91 -20.73
C GLY B 667 17.86 -28.21 -19.24
N THR B 668 18.60 -27.41 -18.47
CA THR B 668 18.67 -27.59 -17.03
C THR B 668 17.37 -27.17 -16.36
N MET B 669 16.73 -28.08 -15.64
CA MET B 669 15.50 -27.76 -14.92
C MET B 669 15.85 -27.07 -13.61
N ILE B 670 15.20 -25.95 -13.33
CA ILE B 670 15.47 -25.23 -12.08
C ILE B 670 14.76 -25.97 -10.95
N ASN B 671 13.51 -26.33 -11.19
CA ASN B 671 12.67 -27.00 -10.21
C ASN B 671 11.86 -28.06 -10.93
N PRO B 672 12.33 -29.32 -10.94
CA PRO B 672 11.62 -30.42 -11.62
C PRO B 672 10.15 -30.50 -11.26
N MET B 673 9.82 -30.32 -9.99
CA MET B 673 8.43 -30.37 -9.54
C MET B 673 7.58 -29.33 -10.28
N ILE B 674 8.08 -28.09 -10.32
CA ILE B 674 7.38 -27.01 -10.99
C ILE B 674 7.27 -27.26 -12.49
N VAL B 675 8.34 -27.77 -13.09
CA VAL B 675 8.34 -28.06 -14.52
C VAL B 675 7.27 -29.11 -14.85
N GLU B 676 7.14 -30.14 -14.01
CA GLU B 676 6.13 -31.16 -14.29
C GLU B 676 4.74 -30.58 -14.12
N GLY B 677 4.60 -29.64 -13.19
CA GLY B 677 3.31 -29.01 -13.00
C GLY B 677 2.92 -28.26 -14.27
N GLN B 678 3.91 -27.61 -14.89
CA GLN B 678 3.70 -26.87 -16.13
C GLN B 678 3.31 -27.80 -17.26
N ILE B 679 3.93 -28.98 -17.30
CA ILE B 679 3.64 -29.96 -18.33
C ILE B 679 2.22 -30.51 -18.18
N ARG B 680 1.84 -30.88 -16.95
CA ARG B 680 0.49 -31.41 -16.75
C ARG B 680 -0.57 -30.35 -17.00
N GLY B 681 -0.31 -29.12 -16.58
CA GLY B 681 -1.27 -28.05 -16.81
C GLY B 681 -1.48 -27.81 -18.29
N GLY B 682 -0.38 -27.80 -19.05
CA GLY B 682 -0.45 -27.59 -20.49
C GLY B 682 -1.18 -28.73 -21.17
N ILE B 683 -0.95 -29.96 -20.71
CA ILE B 683 -1.60 -31.12 -21.29
C ILE B 683 -3.11 -31.07 -21.10
N ALA B 684 -3.56 -30.60 -19.93
CA ALA B 684 -4.99 -30.50 -19.67
C ALA B 684 -5.62 -29.48 -20.64
N GLN B 685 -4.97 -28.34 -20.81
CA GLN B 685 -5.51 -27.33 -21.72
C GLN B 685 -5.54 -27.86 -23.15
N ALA B 686 -4.57 -28.71 -23.49
CA ALA B 686 -4.48 -29.33 -24.82
C ALA B 686 -5.67 -30.25 -25.05
N ILE B 687 -6.03 -31.01 -24.03
CA ILE B 687 -7.17 -31.91 -24.13
C ILE B 687 -8.43 -31.05 -24.28
N GLY B 688 -8.43 -29.91 -23.59
CA GLY B 688 -9.57 -29.01 -23.68
C GLY B 688 -9.72 -28.52 -25.11
N GLN B 689 -8.65 -27.95 -25.67
CA GLN B 689 -8.71 -27.43 -27.04
C GLN B 689 -9.10 -28.49 -28.07
N THR B 690 -8.53 -29.69 -27.94
CA THR B 690 -8.81 -30.73 -28.92
C THR B 690 -10.11 -31.52 -28.80
N LEU B 691 -10.69 -31.60 -27.61
CA LEU B 691 -11.92 -32.38 -27.46
C LEU B 691 -13.13 -31.68 -26.87
N LEU B 692 -12.93 -30.51 -26.26
CA LEU B 692 -14.03 -29.83 -25.59
C LEU B 692 -14.33 -28.36 -25.84
N GLU B 693 -13.27 -27.55 -25.91
CA GLU B 693 -13.42 -26.11 -26.05
C GLU B 693 -13.59 -25.46 -27.42
N GLU B 694 -14.53 -24.53 -27.47
CA GLU B 694 -14.78 -23.75 -28.68
C GLU B 694 -15.62 -22.51 -28.41
N VAL B 695 -15.05 -21.36 -28.73
CA VAL B 695 -15.76 -20.10 -28.62
C VAL B 695 -16.45 -20.04 -29.97
N ILE B 696 -17.77 -19.93 -29.98
CA ILE B 696 -18.49 -19.93 -31.24
C ILE B 696 -19.24 -18.67 -31.62
N TYR B 697 -19.00 -18.20 -32.84
CA TYR B 697 -19.69 -17.05 -33.40
C TYR B 697 -20.60 -17.64 -34.47
N ASP B 698 -21.87 -17.25 -34.50
CA ASP B 698 -22.79 -17.80 -35.50
C ASP B 698 -22.68 -17.05 -36.81
N ASP B 699 -23.52 -17.43 -37.77
CA ASP B 699 -23.52 -16.82 -39.09
C ASP B 699 -23.82 -15.32 -39.11
N PHE B 700 -24.22 -14.75 -37.99
CA PHE B 700 -24.54 -13.33 -37.95
C PHE B 700 -23.53 -12.53 -37.13
N GLY B 701 -22.55 -13.23 -36.56
CA GLY B 701 -21.54 -12.56 -35.77
C GLY B 701 -21.87 -12.50 -34.29
N GLN B 702 -22.93 -13.19 -33.88
CA GLN B 702 -23.28 -13.21 -32.46
C GLN B 702 -22.39 -14.22 -31.75
N LEU B 703 -21.97 -13.90 -30.54
CA LEU B 703 -21.14 -14.80 -29.75
C LEU B 703 -22.11 -15.70 -29.00
N VAL B 704 -22.20 -16.96 -29.40
CA VAL B 704 -23.13 -17.88 -28.76
C VAL B 704 -22.57 -18.59 -27.53
N THR B 705 -21.27 -18.45 -27.29
CA THR B 705 -20.64 -19.07 -26.13
C THR B 705 -20.11 -17.98 -25.19
N THR B 706 -20.85 -17.70 -24.12
CA THR B 706 -20.42 -16.68 -23.17
C THR B 706 -20.47 -17.17 -21.72
N THR B 707 -20.72 -18.47 -21.52
CA THR B 707 -20.79 -19.02 -20.17
C THR B 707 -20.03 -20.33 -20.06
N LEU B 708 -19.72 -20.74 -18.83
CA LEU B 708 -19.01 -21.98 -18.59
C LEU B 708 -19.93 -23.18 -18.84
N MET B 709 -21.19 -22.90 -19.15
CA MET B 709 -22.15 -23.94 -19.46
C MET B 709 -22.01 -24.31 -20.94
N ASP B 710 -21.63 -23.33 -21.76
CA ASP B 710 -21.46 -23.59 -23.18
C ASP B 710 -20.00 -23.73 -23.58
N TYR B 711 -19.10 -23.22 -22.74
CA TYR B 711 -17.67 -23.33 -23.00
C TYR B 711 -17.14 -24.34 -22.00
N LEU B 712 -16.85 -25.53 -22.48
CA LEU B 712 -16.39 -26.62 -21.64
C LEU B 712 -14.88 -26.77 -21.49
N ILE B 713 -14.37 -26.55 -20.28
CA ILE B 713 -12.95 -26.75 -20.05
C ILE B 713 -12.81 -28.06 -19.28
N PRO B 714 -11.65 -28.71 -19.41
CA PRO B 714 -11.45 -29.98 -18.71
C PRO B 714 -11.61 -30.03 -17.20
N THR B 715 -12.15 -31.14 -16.74
CA THR B 715 -12.38 -31.40 -15.32
C THR B 715 -11.49 -32.59 -14.93
N THR B 716 -11.56 -32.97 -13.66
CA THR B 716 -10.80 -34.11 -13.15
C THR B 716 -11.15 -35.39 -13.91
N LEU B 717 -12.29 -35.40 -14.60
CA LEU B 717 -12.72 -36.58 -15.33
C LEU B 717 -12.28 -36.60 -16.79
N ASP B 718 -11.65 -35.52 -17.23
CA ASP B 718 -11.18 -35.41 -18.61
C ASP B 718 -9.69 -35.64 -18.76
N VAL B 719 -8.93 -35.39 -17.70
CA VAL B 719 -7.48 -35.54 -17.74
C VAL B 719 -7.03 -36.79 -17.00
N PRO B 720 -6.29 -37.67 -17.69
CA PRO B 720 -5.80 -38.91 -17.07
C PRO B 720 -4.54 -38.63 -16.27
N ASP B 721 -4.01 -39.65 -15.61
CA ASP B 721 -2.75 -39.46 -14.90
C ASP B 721 -1.76 -39.38 -16.06
N ILE B 722 -0.70 -38.61 -15.88
CA ILE B 722 0.29 -38.39 -16.92
C ILE B 722 1.68 -38.88 -16.55
N ARG B 723 2.35 -39.57 -17.48
CA ARG B 723 3.69 -40.06 -17.24
C ARG B 723 4.69 -39.13 -17.93
N ILE B 724 5.68 -38.67 -17.17
CA ILE B 724 6.67 -37.74 -17.70
C ILE B 724 8.10 -38.21 -17.53
N ARG B 725 8.91 -38.01 -18.56
CA ARG B 725 10.33 -38.35 -18.50
C ARG B 725 11.09 -37.11 -18.97
N HIS B 726 12.29 -36.93 -18.44
CA HIS B 726 13.10 -35.75 -18.77
C HIS B 726 14.47 -36.05 -19.40
N LEU B 727 14.91 -35.13 -20.24
CA LEU B 727 16.21 -35.18 -20.88
C LEU B 727 16.73 -33.76 -20.70
N GLU B 728 18.04 -33.61 -20.55
CA GLU B 728 18.60 -32.27 -20.37
C GLU B 728 19.78 -31.96 -21.29
N THR B 729 19.57 -30.98 -22.16
CA THR B 729 20.61 -30.53 -23.08
C THR B 729 20.76 -29.06 -22.75
N PRO B 730 21.73 -28.73 -21.89
CA PRO B 730 22.00 -27.36 -21.45
C PRO B 730 22.27 -26.37 -22.57
N SER B 731 21.69 -25.18 -22.43
CA SER B 731 21.92 -24.13 -23.39
C SER B 731 23.18 -23.40 -22.97
N PRO B 732 24.10 -23.17 -23.91
CA PRO B 732 25.34 -22.47 -23.56
C PRO B 732 25.12 -20.96 -23.55
N LEU B 733 23.90 -20.55 -23.86
CA LEU B 733 23.55 -19.13 -23.92
C LEU B 733 22.79 -18.59 -22.71
N VAL B 734 22.53 -19.46 -21.74
CA VAL B 734 21.78 -19.07 -20.56
C VAL B 734 22.49 -19.59 -19.32
N PRO B 735 22.60 -18.78 -18.25
CA PRO B 735 23.28 -19.31 -17.06
C PRO B 735 22.64 -20.60 -16.56
N GLY B 736 23.48 -21.53 -16.11
CA GLY B 736 22.97 -22.79 -15.61
C GLY B 736 22.48 -23.73 -16.70
N GLY B 737 22.53 -23.29 -17.95
CA GLY B 737 22.07 -24.13 -19.05
C GLY B 737 20.56 -24.19 -19.21
N ILE B 738 19.88 -23.30 -18.48
CA ILE B 738 18.42 -23.21 -18.48
C ILE B 738 17.76 -22.86 -19.81
N LYS B 739 16.68 -23.58 -20.14
CA LYS B 739 15.87 -23.31 -21.33
C LYS B 739 14.41 -23.20 -20.84
N GLY B 740 13.54 -22.62 -21.67
CA GLY B 740 12.14 -22.49 -21.26
C GLY B 740 11.28 -23.69 -21.63
N MET B 741 10.02 -23.70 -21.19
CA MET B 741 9.11 -24.80 -21.49
C MET B 741 7.65 -24.54 -21.15
N GLY B 742 7.37 -23.38 -20.57
CA GLY B 742 6.01 -23.04 -20.19
C GLY B 742 4.91 -23.40 -21.20
N GLU B 743 5.16 -23.12 -22.47
CA GLU B 743 4.17 -23.41 -23.51
C GLU B 743 4.25 -24.77 -24.16
N SER B 744 5.35 -25.48 -23.91
CA SER B 744 5.59 -26.78 -24.54
C SER B 744 4.41 -27.72 -24.76
N ALA B 745 3.67 -28.04 -23.70
CA ALA B 745 2.54 -28.95 -23.84
C ALA B 745 1.41 -28.43 -24.71
N MET B 746 1.19 -27.12 -24.74
CA MET B 746 0.12 -26.57 -25.55
C MET B 746 0.53 -26.40 -27.01
N ILE B 747 1.81 -26.62 -27.28
CA ILE B 747 2.29 -26.54 -28.65
C ILE B 747 2.14 -27.94 -29.25
N SER B 748 2.60 -28.92 -28.48
CA SER B 748 2.62 -30.32 -28.91
C SER B 748 1.51 -31.29 -28.47
N ALA B 749 1.10 -31.23 -27.20
CA ALA B 749 0.06 -32.15 -26.76
C ALA B 749 -1.23 -32.12 -27.59
N PRO B 750 -1.64 -30.94 -28.08
CA PRO B 750 -2.88 -30.98 -28.88
C PRO B 750 -2.71 -31.86 -30.11
N ALA B 751 -1.51 -31.83 -30.70
CA ALA B 751 -1.23 -32.62 -31.87
C ALA B 751 -1.32 -34.10 -31.55
N ALA B 752 -0.83 -34.49 -30.37
CA ALA B 752 -0.89 -35.88 -29.95
C ALA B 752 -2.31 -36.40 -29.87
N VAL B 753 -3.22 -35.57 -29.35
CA VAL B 753 -4.62 -35.98 -29.22
C VAL B 753 -5.30 -36.08 -30.59
N VAL B 754 -5.12 -35.08 -31.44
CA VAL B 754 -5.72 -35.12 -32.76
C VAL B 754 -5.18 -36.34 -33.52
N ALA B 755 -3.86 -36.56 -33.42
CA ALA B 755 -3.25 -37.71 -34.08
C ALA B 755 -3.85 -38.99 -33.53
N ALA B 756 -4.12 -39.02 -32.22
CA ALA B 756 -4.69 -40.21 -31.60
C ALA B 756 -6.08 -40.52 -32.12
N VAL B 757 -6.93 -39.51 -32.23
CA VAL B 757 -8.28 -39.72 -32.73
C VAL B 757 -8.22 -40.27 -34.16
N ASN B 758 -7.34 -39.69 -34.97
CA ASN B 758 -7.20 -40.14 -36.35
C ASN B 758 -6.69 -41.57 -36.43
N ASP B 759 -5.78 -41.94 -35.53
CA ASP B 759 -5.26 -43.30 -35.52
C ASP B 759 -6.39 -44.25 -35.16
N ALA B 760 -7.24 -43.82 -34.22
CA ALA B 760 -8.36 -44.63 -33.77
C ALA B 760 -9.36 -44.92 -34.87
N LEU B 761 -9.58 -43.93 -35.74
CA LEU B 761 -10.55 -44.07 -36.82
C LEU B 761 -9.94 -44.43 -38.17
N ALA B 762 -8.63 -44.55 -38.22
CA ALA B 762 -7.93 -44.88 -39.47
C ALA B 762 -8.51 -46.10 -40.19
N HIS B 763 -8.81 -47.15 -39.45
CA HIS B 763 -9.34 -48.37 -40.07
C HIS B 763 -10.67 -48.17 -40.79
N LEU B 764 -11.36 -47.08 -40.49
CA LEU B 764 -12.65 -46.79 -41.12
C LEU B 764 -12.42 -45.87 -42.32
N GLU B 765 -11.15 -45.58 -42.60
CA GLU B 765 -10.76 -44.70 -43.71
C GLU B 765 -11.39 -43.32 -43.54
N VAL B 766 -11.41 -42.87 -42.30
CA VAL B 766 -11.95 -41.56 -41.96
C VAL B 766 -10.88 -40.72 -41.27
N VAL B 767 -10.92 -39.41 -41.49
CA VAL B 767 -9.98 -38.51 -40.86
C VAL B 767 -10.78 -37.37 -40.24
N ILE B 768 -10.18 -36.70 -39.26
CA ILE B 768 -10.81 -35.57 -38.60
C ILE B 768 -9.72 -34.51 -38.51
N GLU B 769 -9.94 -33.40 -39.20
CA GLU B 769 -8.94 -32.34 -39.25
C GLU B 769 -9.37 -31.03 -38.62
N THR B 770 -10.49 -31.06 -37.91
CA THR B 770 -10.99 -29.87 -37.24
C THR B 770 -11.08 -30.08 -35.73
N VAL B 771 -10.63 -29.09 -34.96
CA VAL B 771 -10.74 -29.17 -33.50
C VAL B 771 -11.69 -28.07 -33.08
N PRO B 772 -12.44 -28.27 -31.99
CA PRO B 772 -12.42 -29.48 -31.15
C PRO B 772 -13.09 -30.68 -31.82
N ILE B 773 -12.62 -31.88 -31.49
CA ILE B 773 -13.20 -33.10 -32.04
C ILE B 773 -14.32 -33.50 -31.09
N THR B 774 -15.52 -33.07 -31.44
CA THR B 774 -16.72 -33.31 -30.65
C THR B 774 -17.45 -34.57 -31.08
N PRO B 775 -18.42 -35.03 -30.28
CA PRO B 775 -19.14 -36.25 -30.69
C PRO B 775 -19.86 -35.99 -32.01
N GLU B 776 -20.31 -34.76 -32.23
CA GLU B 776 -20.98 -34.41 -33.47
C GLU B 776 -20.04 -34.62 -34.65
N ARG B 777 -18.82 -34.09 -34.54
CA ARG B 777 -17.85 -34.22 -35.61
C ARG B 777 -17.42 -35.67 -35.86
N ILE B 778 -17.33 -36.46 -34.79
CA ILE B 778 -16.96 -37.86 -34.92
C ILE B 778 -18.12 -38.61 -35.58
N PHE B 779 -19.34 -38.29 -35.14
CA PHE B 779 -20.54 -38.91 -35.67
C PHE B 779 -20.63 -38.66 -37.18
N ARG B 780 -20.40 -37.40 -37.56
CA ARG B 780 -20.45 -36.98 -38.96
C ARG B 780 -19.35 -37.67 -39.78
N SER B 781 -18.13 -37.70 -39.25
CA SER B 781 -17.01 -38.31 -39.96
C SER B 781 -17.28 -39.77 -40.27
N ILE B 782 -17.79 -40.51 -39.29
CA ILE B 782 -18.08 -41.92 -39.45
C ILE B 782 -19.27 -42.19 -40.37
N GLN B 783 -20.27 -41.31 -40.34
CA GLN B 783 -21.46 -41.48 -41.18
C GLN B 783 -21.10 -41.30 -42.65
N GLU B 784 -20.14 -40.41 -42.91
CA GLU B 784 -19.71 -40.12 -44.27
C GLU B 784 -18.53 -40.98 -44.70
N ARG B 785 -18.25 -42.05 -43.96
CA ARG B 785 -17.14 -42.93 -44.30
C ARG B 785 -17.34 -43.57 -45.67
N PRO B 786 -16.24 -43.91 -46.35
CA PRO B 786 -16.32 -44.53 -47.69
C PRO B 786 -16.72 -46.00 -47.60
N MET C 1 -23.45 -8.77 -14.23
CA MET C 1 -23.57 -10.15 -13.69
C MET C 1 -24.01 -10.13 -12.23
N LYS C 2 -24.23 -8.94 -11.69
CA LYS C 2 -24.71 -8.81 -10.31
C LYS C 2 -26.24 -8.83 -10.41
N PHE C 3 -26.90 -9.46 -9.44
CA PHE C 3 -28.35 -9.54 -9.44
C PHE C 3 -28.99 -8.16 -9.45
N PRO C 4 -30.21 -8.04 -10.00
CA PRO C 4 -30.88 -6.75 -9.99
C PRO C 4 -31.39 -6.63 -8.56
N ALA C 5 -31.84 -5.46 -8.15
CA ALA C 5 -32.33 -5.27 -6.78
C ALA C 5 -33.69 -5.91 -6.49
N PHE C 6 -33.90 -6.30 -5.23
CA PHE C 6 -35.16 -6.90 -4.80
C PHE C 6 -35.22 -7.00 -3.27
N SER C 7 -36.42 -7.09 -2.72
CA SER C 7 -36.56 -7.22 -1.27
C SER C 7 -36.59 -8.72 -0.97
N TYR C 8 -36.57 -9.07 0.31
CA TYR C 8 -36.55 -10.47 0.71
C TYR C 8 -37.39 -10.78 1.94
N ARG C 9 -38.09 -11.91 1.89
CA ARG C 9 -38.92 -12.37 3.00
C ARG C 9 -38.82 -13.88 3.09
N ALA C 10 -38.82 -14.38 4.33
CA ALA C 10 -38.74 -15.82 4.57
C ALA C 10 -39.80 -16.17 5.62
N PRO C 11 -41.07 -16.15 5.23
CA PRO C 11 -42.19 -16.45 6.15
C PRO C 11 -42.13 -17.84 6.80
N ALA C 12 -42.65 -17.90 8.02
CA ALA C 12 -42.65 -19.13 8.79
C ALA C 12 -43.80 -20.07 8.45
N SER C 13 -44.69 -19.64 7.56
CA SER C 13 -45.83 -20.48 7.19
C SER C 13 -46.17 -20.38 5.71
N LEU C 14 -46.77 -21.44 5.19
CA LEU C 14 -47.17 -21.51 3.79
C LEU C 14 -48.19 -20.43 3.45
N GLN C 15 -49.19 -20.25 4.33
CA GLN C 15 -50.22 -19.26 4.07
C GLN C 15 -49.63 -17.85 3.90
N GLU C 16 -48.62 -17.52 4.69
CA GLU C 16 -48.01 -16.22 4.57
C GLU C 16 -47.28 -16.12 3.22
N VAL C 17 -46.62 -17.19 2.81
CA VAL C 17 -45.92 -17.21 1.52
C VAL C 17 -46.94 -16.92 0.42
N ILE C 18 -48.03 -17.67 0.44
CA ILE C 18 -49.10 -17.52 -0.54
C ILE C 18 -49.66 -16.09 -0.53
N GLN C 19 -49.80 -15.52 0.66
CA GLN C 19 -50.32 -14.17 0.80
C GLN C 19 -49.39 -13.14 0.17
N VAL C 20 -48.09 -13.29 0.42
CA VAL C 20 -47.12 -12.36 -0.13
C VAL C 20 -47.08 -12.43 -1.66
N LEU C 21 -47.01 -13.64 -2.21
CA LEU C 21 -46.98 -13.81 -3.66
C LEU C 21 -48.27 -13.26 -4.27
N ALA C 22 -49.37 -13.46 -3.57
CA ALA C 22 -50.66 -13.01 -4.04
C ALA C 22 -50.77 -11.48 -4.02
N ASP C 23 -50.23 -10.87 -2.97
CA ASP C 23 -50.27 -9.42 -2.81
C ASP C 23 -49.31 -8.68 -3.76
N ASP C 24 -48.24 -9.36 -4.17
CA ASP C 24 -47.25 -8.77 -5.08
C ASP C 24 -46.98 -9.70 -6.27
N PRO C 25 -47.61 -9.42 -7.42
CA PRO C 25 -47.48 -10.18 -8.66
C PRO C 25 -46.06 -10.31 -9.21
N ASP C 26 -45.19 -9.39 -8.83
CA ASP C 26 -43.81 -9.41 -9.30
C ASP C 26 -42.88 -10.17 -8.36
N ALA C 27 -43.43 -10.64 -7.25
CA ALA C 27 -42.63 -11.39 -6.28
C ALA C 27 -42.40 -12.78 -6.83
N ARG C 28 -41.26 -13.37 -6.51
CA ARG C 28 -40.95 -14.70 -6.97
C ARG C 28 -40.41 -15.53 -5.81
N ILE C 29 -40.69 -16.82 -5.87
CA ILE C 29 -40.24 -17.74 -4.83
C ILE C 29 -38.78 -18.12 -5.03
N ILE C 30 -38.07 -18.34 -3.93
CA ILE C 30 -36.70 -18.83 -4.02
C ILE C 30 -36.60 -20.00 -3.07
N ALA C 31 -36.03 -21.10 -3.56
CA ALA C 31 -35.83 -22.30 -2.77
C ALA C 31 -34.32 -22.48 -2.60
N GLY C 32 -33.72 -23.35 -3.41
CA GLY C 32 -32.28 -23.56 -3.32
C GLY C 32 -31.45 -22.50 -4.04
N GLY C 33 -32.10 -21.77 -4.95
CA GLY C 33 -31.45 -20.72 -5.70
C GLY C 33 -30.49 -21.13 -6.81
N GLN C 34 -30.31 -22.44 -7.02
CA GLN C 34 -29.37 -22.92 -8.03
C GLN C 34 -29.77 -22.72 -9.49
N SER C 35 -31.03 -22.35 -9.74
CA SER C 35 -31.49 -22.07 -11.09
C SER C 35 -31.92 -20.61 -11.21
N LEU C 36 -32.51 -20.09 -10.14
CA LEU C 36 -32.99 -18.71 -10.11
C LEU C 36 -31.88 -17.68 -10.05
N LEU C 37 -30.88 -17.89 -9.20
CA LEU C 37 -29.80 -16.92 -9.08
C LEU C 37 -29.00 -16.81 -10.38
N PRO C 38 -28.76 -17.94 -11.07
CA PRO C 38 -28.01 -17.78 -12.32
C PRO C 38 -28.81 -16.87 -13.26
N LEU C 39 -30.13 -17.04 -13.27
CA LEU C 39 -31.00 -16.21 -14.11
C LEU C 39 -30.91 -14.76 -13.70
N LEU C 40 -30.84 -14.52 -12.38
CA LEU C 40 -30.72 -13.17 -11.86
C LEU C 40 -29.37 -12.58 -12.22
N ALA C 41 -28.34 -13.42 -12.21
CA ALA C 41 -26.99 -12.98 -12.54
C ALA C 41 -26.94 -12.48 -13.98
N PHE C 42 -27.75 -13.09 -14.84
CA PHE C 42 -27.82 -12.68 -16.25
C PHE C 42 -28.91 -11.65 -16.44
N ARG C 43 -29.56 -11.28 -15.34
CA ARG C 43 -30.63 -10.30 -15.36
C ARG C 43 -31.69 -10.67 -16.39
N LEU C 44 -32.09 -11.93 -16.36
CA LEU C 44 -33.11 -12.47 -17.26
C LEU C 44 -34.49 -12.39 -16.60
N VAL C 45 -34.50 -12.09 -15.30
CA VAL C 45 -35.74 -11.93 -14.56
C VAL C 45 -35.54 -10.77 -13.60
N TYR C 46 -36.62 -10.05 -13.31
CA TYR C 46 -36.54 -8.89 -12.43
C TYR C 46 -37.61 -8.93 -11.34
N PRO C 47 -37.45 -9.81 -10.36
CA PRO C 47 -38.44 -9.89 -9.28
C PRO C 47 -38.39 -8.66 -8.38
N SER C 48 -39.52 -8.33 -7.77
CA SER C 48 -39.57 -7.18 -6.89
C SER C 48 -39.13 -7.66 -5.51
N CYS C 49 -39.44 -8.92 -5.23
CA CYS C 49 -39.13 -9.51 -3.94
C CYS C 49 -38.98 -11.02 -4.07
N LEU C 50 -38.05 -11.58 -3.31
CA LEU C 50 -37.86 -13.03 -3.34
C LEU C 50 -38.42 -13.58 -2.04
N VAL C 51 -39.30 -14.56 -2.16
CA VAL C 51 -39.93 -15.17 -1.01
C VAL C 51 -39.34 -16.56 -0.79
N ASP C 52 -38.50 -16.66 0.23
CA ASP C 52 -37.82 -17.90 0.59
C ASP C 52 -38.77 -18.85 1.29
N LEU C 53 -38.62 -20.15 1.01
CA LEU C 53 -39.47 -21.18 1.63
C LEU C 53 -38.70 -21.90 2.74
N ARG C 54 -37.51 -21.40 3.08
CA ARG C 54 -36.69 -22.04 4.10
C ARG C 54 -37.35 -22.25 5.46
N ASN C 55 -38.29 -21.39 5.83
CA ASN C 55 -38.94 -21.53 7.14
C ASN C 55 -40.29 -22.24 7.16
N VAL C 56 -40.65 -22.89 6.07
CA VAL C 56 -41.91 -23.62 6.00
C VAL C 56 -41.55 -25.09 6.18
N SER C 57 -41.42 -25.49 7.45
CA SER C 57 -41.01 -26.84 7.82
C SER C 57 -41.69 -28.00 7.11
N GLU C 58 -43.01 -27.93 6.94
CA GLU C 58 -43.72 -29.01 6.29
C GLU C 58 -43.18 -29.34 4.89
N LEU C 59 -42.61 -28.35 4.21
CA LEU C 59 -42.08 -28.57 2.87
C LEU C 59 -40.79 -29.38 2.87
N PHE C 60 -40.28 -29.68 4.06
CA PHE C 60 -39.05 -30.46 4.20
C PHE C 60 -39.30 -31.90 4.56
N GLU C 61 -40.57 -32.26 4.77
CA GLU C 61 -40.93 -33.61 5.17
C GLU C 61 -40.87 -34.69 4.10
N ILE C 62 -40.42 -35.87 4.52
CA ILE C 62 -40.35 -37.04 3.67
C ILE C 62 -41.09 -38.12 4.45
N SER C 63 -42.03 -38.80 3.81
CA SER C 63 -42.80 -39.84 4.48
C SER C 63 -43.36 -40.84 3.48
N GLN C 64 -43.86 -41.96 4.01
CA GLN C 64 -44.44 -42.99 3.17
C GLN C 64 -45.78 -43.42 3.78
N SER C 65 -46.72 -43.79 2.93
CA SER C 65 -48.04 -44.22 3.40
C SER C 65 -48.85 -44.87 2.30
N ALA C 66 -49.27 -46.10 2.56
CA ALA C 66 -50.09 -46.87 1.62
C ALA C 66 -49.51 -46.87 0.20
N GLY C 67 -48.36 -47.48 0.01
CA GLY C 67 -47.76 -47.56 -1.31
C GLY C 67 -47.31 -46.28 -1.99
N ILE C 68 -47.23 -45.17 -1.25
CA ILE C 68 -46.79 -43.93 -1.88
C ILE C 68 -45.80 -43.11 -1.05
N LEU C 69 -44.75 -42.64 -1.73
CA LEU C 69 -43.70 -41.86 -1.10
C LEU C 69 -44.03 -40.39 -1.26
N SER C 70 -44.06 -39.66 -0.15
CA SER C 70 -44.35 -38.23 -0.17
C SER C 70 -43.05 -37.45 0.08
N VAL C 71 -42.67 -36.62 -0.89
CA VAL C 71 -41.45 -35.81 -0.78
C VAL C 71 -41.81 -34.33 -0.85
N GLY C 72 -41.45 -33.59 0.18
CA GLY C 72 -41.74 -32.17 0.23
C GLY C 72 -40.95 -31.39 -0.80
N ALA C 73 -41.52 -30.27 -1.26
CA ALA C 73 -40.87 -29.44 -2.27
C ALA C 73 -39.49 -28.92 -1.90
N MET C 74 -39.25 -28.72 -0.60
CA MET C 74 -37.95 -28.20 -0.16
C MET C 74 -36.92 -29.26 0.20
N VAL C 75 -37.20 -30.51 -0.16
CA VAL C 75 -36.27 -31.60 0.10
C VAL C 75 -35.15 -31.46 -0.94
N THR C 76 -33.91 -31.35 -0.47
CA THR C 76 -32.76 -31.18 -1.36
C THR C 76 -32.42 -32.43 -2.15
N HIS C 77 -31.74 -32.25 -3.28
CA HIS C 77 -31.34 -33.40 -4.09
C HIS C 77 -30.51 -34.30 -3.18
N PHE C 78 -29.66 -33.67 -2.36
CA PHE C 78 -28.81 -34.42 -1.43
C PHE C 78 -29.60 -35.34 -0.51
N ARG C 79 -30.65 -34.81 0.13
CA ARG C 79 -31.45 -35.62 1.04
C ARG C 79 -32.16 -36.74 0.28
N ASN C 80 -32.71 -36.40 -0.89
CA ASN C 80 -33.40 -37.40 -1.70
C ASN C 80 -32.45 -38.52 -2.09
N LYS C 81 -31.19 -38.16 -2.35
CA LYS C 81 -30.18 -39.12 -2.77
C LYS C 81 -29.62 -39.95 -1.62
N THR C 82 -29.89 -39.53 -0.38
CA THR C 82 -29.35 -40.24 0.77
C THR C 82 -30.38 -40.67 1.83
N ASP C 83 -31.58 -40.12 1.80
CA ASP C 83 -32.60 -40.46 2.78
C ASP C 83 -33.00 -41.94 2.73
N PRO C 84 -33.04 -42.62 3.89
CA PRO C 84 -33.39 -44.03 4.05
C PRO C 84 -34.78 -44.37 3.50
N THR C 85 -35.78 -43.56 3.84
CA THR C 85 -37.13 -43.79 3.39
C THR C 85 -37.19 -43.81 1.87
N VAL C 86 -36.65 -42.76 1.24
CA VAL C 86 -36.65 -42.68 -0.21
C VAL C 86 -35.93 -43.89 -0.79
N ALA C 87 -34.78 -44.21 -0.22
CA ALA C 87 -33.97 -45.34 -0.69
C ALA C 87 -34.74 -46.66 -0.71
N LYS C 88 -35.57 -46.89 0.29
CA LYS C 88 -36.31 -48.15 0.35
C LYS C 88 -37.60 -48.15 -0.48
N CYS C 89 -38.23 -46.99 -0.60
CA CYS C 89 -39.47 -46.89 -1.36
C CYS C 89 -39.29 -46.68 -2.87
N VAL C 90 -38.41 -45.76 -3.24
CA VAL C 90 -38.18 -45.47 -4.66
C VAL C 90 -36.68 -45.40 -4.96
N PRO C 91 -36.00 -46.55 -4.91
CA PRO C 91 -34.55 -46.65 -5.16
C PRO C 91 -34.06 -46.05 -6.48
N ILE C 92 -34.95 -45.89 -7.45
CA ILE C 92 -34.54 -45.32 -8.73
C ILE C 92 -34.26 -43.83 -8.58
N LEU C 93 -34.93 -43.19 -7.61
CA LEU C 93 -34.74 -41.76 -7.39
C LEU C 93 -33.29 -41.39 -7.08
N PRO C 94 -32.70 -42.04 -6.05
CA PRO C 94 -31.30 -41.68 -5.77
C PRO C 94 -30.33 -42.06 -6.91
N LYS C 95 -30.66 -43.08 -7.68
CA LYS C 95 -29.77 -43.46 -8.78
C LYS C 95 -29.80 -42.41 -9.89
N VAL C 96 -30.95 -41.76 -10.05
CA VAL C 96 -31.09 -40.72 -11.06
C VAL C 96 -30.40 -39.44 -10.60
N LEU C 97 -30.54 -39.15 -9.31
CA LEU C 97 -29.95 -37.95 -8.72
C LEU C 97 -28.43 -37.92 -8.78
N ALA C 98 -27.80 -39.07 -8.97
CA ALA C 98 -26.35 -39.15 -9.07
C ALA C 98 -25.88 -38.41 -10.32
N HIS C 99 -26.77 -38.29 -11.30
CA HIS C 99 -26.47 -37.62 -12.56
C HIS C 99 -26.74 -36.11 -12.50
N VAL C 100 -27.46 -35.66 -11.48
CA VAL C 100 -27.78 -34.25 -11.36
C VAL C 100 -26.65 -33.39 -10.80
N ALA C 101 -26.13 -32.50 -11.66
CA ALA C 101 -25.07 -31.57 -11.30
C ALA C 101 -23.95 -32.21 -10.48
N HIS C 102 -23.48 -31.49 -9.47
CA HIS C 102 -22.43 -31.97 -8.61
C HIS C 102 -22.83 -31.80 -7.17
N GLN C 103 -21.99 -32.31 -6.28
CA GLN C 103 -22.20 -32.26 -4.84
C GLN C 103 -22.72 -30.93 -4.29
N ALA C 104 -21.95 -29.87 -4.50
CA ALA C 104 -22.30 -28.54 -4.01
C ALA C 104 -23.69 -28.07 -4.44
N VAL C 105 -24.00 -28.22 -5.72
CA VAL C 105 -25.31 -27.82 -6.23
C VAL C 105 -26.39 -28.70 -5.61
N ARG C 106 -26.13 -30.00 -5.51
CA ARG C 106 -27.10 -30.93 -4.93
C ARG C 106 -27.38 -30.64 -3.45
N ASN C 107 -26.46 -29.95 -2.79
CA ASN C 107 -26.65 -29.64 -1.38
C ASN C 107 -27.66 -28.50 -1.19
N ARG C 108 -27.98 -27.79 -2.28
CA ARG C 108 -28.92 -26.67 -2.20
C ARG C 108 -30.17 -26.88 -3.06
N GLY C 109 -29.99 -27.48 -4.22
CA GLY C 109 -31.11 -27.71 -5.12
C GLY C 109 -32.19 -28.58 -4.50
N THR C 110 -33.45 -28.29 -4.82
CA THR C 110 -34.56 -29.04 -4.26
C THR C 110 -35.44 -29.67 -5.34
N LEU C 111 -36.22 -30.66 -4.95
CA LEU C 111 -37.12 -31.34 -5.88
C LEU C 111 -38.15 -30.33 -6.40
N GLY C 112 -38.75 -29.57 -5.48
CA GLY C 112 -39.74 -28.59 -5.85
C GLY C 112 -39.19 -27.52 -6.79
N GLY C 113 -37.98 -27.05 -6.50
CA GLY C 113 -37.36 -26.03 -7.33
C GLY C 113 -37.06 -26.56 -8.72
N SER C 114 -36.57 -27.80 -8.79
CA SER C 114 -36.25 -28.41 -10.07
C SER C 114 -37.53 -28.56 -10.91
N LEU C 115 -38.61 -29.00 -10.28
CA LEU C 115 -39.87 -29.19 -10.99
C LEU C 115 -40.48 -27.87 -11.46
N ALA C 116 -40.42 -26.85 -10.62
CA ALA C 116 -40.97 -25.55 -10.97
C ALA C 116 -40.13 -24.87 -12.05
N HIS C 117 -38.81 -25.02 -11.98
CA HIS C 117 -37.93 -24.41 -12.99
C HIS C 117 -38.28 -25.03 -14.34
N ALA C 118 -38.55 -26.33 -14.30
CA ALA C 118 -38.96 -27.09 -15.48
C ALA C 118 -38.03 -27.07 -16.70
N ASP C 119 -36.73 -27.24 -16.47
CA ASP C 119 -35.81 -27.27 -17.60
C ASP C 119 -36.15 -28.58 -18.33
N ALA C 120 -36.34 -28.51 -19.65
CA ALA C 120 -36.66 -29.70 -20.42
C ALA C 120 -35.50 -30.69 -20.41
N GLY C 121 -34.34 -30.25 -19.94
CA GLY C 121 -33.19 -31.12 -19.89
C GLY C 121 -32.93 -31.66 -18.50
N ALA C 122 -33.77 -31.29 -17.53
CA ALA C 122 -33.60 -31.71 -16.15
C ALA C 122 -34.11 -33.13 -15.88
N GLU C 123 -33.47 -33.81 -14.94
CA GLU C 123 -33.84 -35.18 -14.59
C GLU C 123 -35.17 -35.32 -13.84
N MET C 124 -35.39 -34.49 -12.83
CA MET C 124 -36.62 -34.60 -12.03
C MET C 124 -37.94 -34.44 -12.79
N PRO C 125 -38.06 -33.43 -13.66
CA PRO C 125 -39.34 -33.31 -14.38
C PRO C 125 -39.60 -34.57 -15.20
N PHE C 126 -38.54 -35.08 -15.82
CA PHE C 126 -38.64 -36.28 -16.63
C PHE C 126 -38.99 -37.50 -15.80
N LEU C 127 -38.30 -37.67 -14.68
CA LEU C 127 -38.53 -38.83 -13.81
C LEU C 127 -39.89 -38.85 -13.15
N MET C 128 -40.29 -37.73 -12.56
CA MET C 128 -41.59 -37.67 -11.89
C MET C 128 -42.72 -38.03 -12.85
N ALA C 129 -42.66 -37.50 -14.07
CA ALA C 129 -43.70 -37.78 -15.06
C ALA C 129 -43.69 -39.27 -15.39
N THR C 130 -42.50 -39.80 -15.61
CA THR C 130 -42.32 -41.21 -15.94
C THR C 130 -42.79 -42.15 -14.84
N LEU C 131 -42.59 -41.75 -13.58
CA LEU C 131 -43.00 -42.57 -12.46
C LEU C 131 -44.46 -42.34 -12.10
N GLY C 132 -45.14 -41.52 -12.88
CA GLY C 132 -46.54 -41.24 -12.62
C GLY C 132 -46.81 -40.58 -11.28
N ALA C 133 -45.98 -39.61 -10.92
CA ALA C 133 -46.16 -38.93 -9.64
C ALA C 133 -47.27 -37.88 -9.73
N THR C 134 -47.70 -37.42 -8.57
CA THR C 134 -48.74 -36.40 -8.48
C THR C 134 -48.19 -35.19 -7.73
N MET C 135 -48.43 -33.99 -8.25
CA MET C 135 -47.99 -32.77 -7.59
C MET C 135 -49.15 -32.15 -6.83
N TYR C 136 -48.87 -31.67 -5.64
CA TYR C 136 -49.89 -31.01 -4.83
C TYR C 136 -49.48 -29.55 -4.76
N ILE C 137 -50.36 -28.70 -5.29
CA ILE C 137 -50.11 -27.27 -5.38
C ILE C 137 -51.05 -26.44 -4.50
N ALA C 138 -50.46 -25.55 -3.69
CA ALA C 138 -51.25 -24.71 -2.81
C ALA C 138 -51.45 -23.31 -3.36
N SER C 139 -52.62 -22.75 -3.05
CA SER C 139 -52.97 -21.40 -3.47
C SER C 139 -53.88 -20.86 -2.37
N SER C 140 -54.31 -19.62 -2.52
CA SER C 140 -55.18 -19.02 -1.52
C SER C 140 -56.44 -19.86 -1.33
N ALA C 141 -56.93 -20.43 -2.43
CA ALA C 141 -58.14 -21.24 -2.42
C ALA C 141 -58.01 -22.63 -1.83
N GLY C 142 -56.78 -23.11 -1.68
CA GLY C 142 -56.59 -24.44 -1.13
C GLY C 142 -55.53 -25.23 -1.87
N VAL C 143 -55.60 -26.56 -1.77
CA VAL C 143 -54.64 -27.44 -2.42
C VAL C 143 -55.25 -28.28 -3.54
N ARG C 144 -54.62 -28.25 -4.71
CA ARG C 144 -55.08 -29.02 -5.86
C ARG C 144 -53.98 -29.98 -6.28
N SER C 145 -54.35 -31.02 -7.02
CA SER C 145 -53.36 -31.99 -7.47
C SER C 145 -53.38 -32.08 -8.98
N VAL C 146 -52.23 -32.45 -9.55
CA VAL C 146 -52.10 -32.58 -10.99
C VAL C 146 -51.02 -33.63 -11.21
N SER C 147 -51.16 -34.43 -12.27
CA SER C 147 -50.16 -35.44 -12.55
C SER C 147 -48.86 -34.78 -12.96
N ALA C 148 -47.75 -35.48 -12.74
CA ALA C 148 -46.44 -34.97 -13.09
C ALA C 148 -46.38 -34.68 -14.60
N THR C 149 -47.06 -35.52 -15.38
CA THR C 149 -47.08 -35.34 -16.83
C THR C 149 -47.77 -34.03 -17.22
N ASP C 150 -48.89 -33.71 -16.58
CA ASP C 150 -49.59 -32.48 -16.88
C ASP C 150 -48.87 -31.27 -16.31
N PHE C 151 -48.16 -31.48 -15.20
CA PHE C 151 -47.42 -30.39 -14.55
C PHE C 151 -46.35 -29.82 -15.48
N MET C 152 -45.57 -30.71 -16.09
CA MET C 152 -44.49 -30.32 -16.99
C MET C 152 -45.05 -30.16 -18.40
N LYS C 153 -45.35 -28.93 -18.78
CA LYS C 153 -45.92 -28.65 -20.09
C LYS C 153 -44.92 -28.36 -21.19
N GLY C 154 -43.68 -28.05 -20.80
CA GLY C 154 -42.65 -27.75 -21.77
C GLY C 154 -41.44 -27.10 -21.13
N HIS C 155 -40.49 -26.68 -21.94
CA HIS C 155 -39.28 -26.05 -21.44
C HIS C 155 -39.65 -24.77 -20.69
N TYR C 156 -39.38 -24.75 -19.38
CA TYR C 156 -39.69 -23.61 -18.51
C TYR C 156 -41.19 -23.32 -18.56
N PHE C 157 -41.98 -24.37 -18.68
CA PHE C 157 -43.43 -24.23 -18.77
C PHE C 157 -44.13 -25.27 -17.90
N THR C 158 -44.79 -24.81 -16.84
CA THR C 158 -45.51 -25.72 -15.94
C THR C 158 -46.96 -25.32 -15.78
N ASP C 159 -47.72 -26.17 -15.11
CA ASP C 159 -49.15 -25.94 -14.85
C ASP C 159 -49.33 -24.95 -13.71
N LEU C 160 -48.22 -24.56 -13.10
CA LEU C 160 -48.23 -23.62 -11.98
C LEU C 160 -48.83 -22.27 -12.38
N GLU C 161 -49.80 -21.79 -11.61
CA GLU C 161 -50.41 -20.50 -11.90
C GLU C 161 -49.82 -19.43 -10.99
N ALA C 162 -50.06 -18.17 -11.32
CA ALA C 162 -49.54 -17.06 -10.54
C ALA C 162 -49.91 -17.20 -9.06
N GLY C 163 -48.91 -17.05 -8.19
CA GLY C 163 -49.15 -17.14 -6.76
C GLY C 163 -49.22 -18.53 -6.16
N GLU C 164 -49.09 -19.57 -6.97
CA GLU C 164 -49.15 -20.93 -6.45
C GLU C 164 -47.83 -21.45 -5.94
N VAL C 165 -47.90 -22.39 -5.00
CA VAL C 165 -46.71 -22.99 -4.40
C VAL C 165 -46.78 -24.51 -4.46
N LEU C 166 -45.78 -25.14 -5.08
CA LEU C 166 -45.71 -26.59 -5.16
C LEU C 166 -45.38 -26.98 -3.73
N VAL C 167 -46.20 -27.83 -3.12
CA VAL C 167 -45.97 -28.21 -1.74
C VAL C 167 -45.24 -29.54 -1.58
N ARG C 168 -45.67 -30.54 -2.33
CA ARG C 168 -45.04 -31.84 -2.24
C ARG C 168 -45.33 -32.66 -3.48
N VAL C 169 -44.59 -33.75 -3.62
CA VAL C 169 -44.75 -34.65 -4.73
C VAL C 169 -44.99 -36.02 -4.14
N GLU C 170 -46.00 -36.71 -4.65
CA GLU C 170 -46.30 -38.03 -4.16
C GLU C 170 -45.99 -39.02 -5.27
N ILE C 171 -45.05 -39.92 -5.00
CA ILE C 171 -44.61 -40.91 -5.96
C ILE C 171 -45.11 -42.30 -5.60
N PRO C 172 -45.89 -42.93 -6.49
CA PRO C 172 -46.40 -44.27 -6.22
C PRO C 172 -45.22 -45.24 -6.19
N ILE C 173 -45.14 -46.07 -5.16
CA ILE C 173 -44.04 -47.03 -5.09
C ILE C 173 -44.17 -47.92 -6.34
N PRO C 174 -43.18 -47.85 -7.24
CA PRO C 174 -43.21 -48.64 -8.47
C PRO C 174 -43.23 -50.16 -8.33
N ALA C 175 -43.96 -50.81 -9.22
CA ALA C 175 -44.05 -52.26 -9.24
C ALA C 175 -43.00 -52.72 -10.25
N LEU C 176 -42.81 -51.90 -11.28
CA LEU C 176 -41.83 -52.18 -12.32
C LEU C 176 -40.43 -51.97 -11.76
N HIS C 177 -39.45 -52.66 -12.35
CA HIS C 177 -38.07 -52.49 -11.93
C HIS C 177 -37.45 -51.47 -12.89
N TRP C 178 -37.00 -50.35 -12.31
CA TRP C 178 -36.43 -49.26 -13.10
C TRP C 178 -34.91 -49.13 -13.16
N GLU C 179 -34.44 -48.65 -14.30
CA GLU C 179 -33.03 -48.39 -14.53
C GLU C 179 -33.01 -47.11 -15.36
N PHE C 180 -32.00 -46.28 -15.13
CA PHE C 180 -31.90 -45.00 -15.82
C PHE C 180 -30.48 -44.75 -16.31
N ASP C 181 -30.36 -43.96 -17.36
CA ASP C 181 -29.06 -43.62 -17.92
C ASP C 181 -29.24 -42.40 -18.81
N GLU C 182 -28.13 -41.74 -19.15
CA GLU C 182 -28.19 -40.57 -20.00
C GLU C 182 -26.84 -40.33 -20.66
N TYR C 183 -26.81 -39.44 -21.63
CA TYR C 183 -25.57 -39.10 -22.33
C TYR C 183 -25.27 -37.64 -22.07
N ALA C 184 -24.14 -37.38 -21.42
CA ALA C 184 -23.70 -36.02 -21.11
C ALA C 184 -22.20 -35.96 -21.41
N ARG C 185 -21.72 -34.82 -21.90
CA ARG C 185 -20.29 -34.66 -22.20
C ARG C 185 -19.43 -35.26 -21.10
N ARG C 186 -19.72 -34.90 -19.86
CA ARG C 186 -19.04 -35.42 -18.67
C ARG C 186 -20.16 -35.70 -17.66
N LYS C 187 -20.04 -36.78 -16.89
CA LYS C 187 -21.08 -37.08 -15.92
C LYS C 187 -21.32 -35.85 -15.04
N GLY C 188 -22.58 -35.44 -14.96
CA GLY C 188 -22.94 -34.26 -14.17
C GLY C 188 -23.38 -33.17 -15.12
N ASP C 189 -22.93 -33.26 -16.37
CA ASP C 189 -23.27 -32.31 -17.42
C ASP C 189 -24.74 -32.47 -17.84
N TYR C 190 -25.35 -31.38 -18.32
CA TYR C 190 -26.73 -31.47 -18.79
C TYR C 190 -26.74 -32.50 -19.91
N ALA C 191 -27.62 -33.48 -19.78
CA ALA C 191 -27.71 -34.56 -20.76
C ALA C 191 -28.25 -34.15 -22.11
N LEU C 192 -27.70 -34.74 -23.16
CA LEU C 192 -28.19 -34.47 -24.50
C LEU C 192 -29.45 -35.32 -24.63
N VAL C 193 -29.42 -36.49 -23.99
CA VAL C 193 -30.54 -37.42 -24.00
C VAL C 193 -30.52 -38.31 -22.75
N MET C 194 -31.70 -38.60 -22.22
CA MET C 194 -31.80 -39.48 -21.07
C MET C 194 -32.92 -40.46 -21.33
N ALA C 195 -32.86 -41.62 -20.68
CA ALA C 195 -33.88 -42.64 -20.88
C ALA C 195 -34.06 -43.48 -19.62
N ALA C 196 -35.27 -43.97 -19.44
CA ALA C 196 -35.61 -44.80 -18.29
C ALA C 196 -36.37 -46.00 -18.81
N ALA C 197 -36.17 -47.14 -18.18
CA ALA C 197 -36.84 -48.35 -18.59
C ALA C 197 -37.36 -49.07 -17.35
N GLY C 198 -38.68 -49.23 -17.30
CA GLY C 198 -39.31 -49.92 -16.18
C GLY C 198 -39.85 -51.22 -16.72
N LEU C 199 -39.38 -52.34 -16.17
CA LEU C 199 -39.82 -53.64 -16.66
C LEU C 199 -40.36 -54.58 -15.59
N SER C 200 -41.26 -55.45 -16.03
CA SER C 200 -41.85 -56.46 -15.18
C SER C 200 -41.50 -57.75 -15.92
N MET C 201 -40.74 -58.63 -15.27
CA MET C 201 -40.34 -59.87 -15.90
C MET C 201 -40.92 -61.07 -15.17
N GLN C 202 -41.55 -61.96 -15.92
CA GLN C 202 -42.14 -63.18 -15.38
C GLN C 202 -41.34 -64.26 -16.07
N GLY C 203 -40.29 -64.73 -15.42
CA GLY C 203 -39.42 -65.72 -16.00
C GLY C 203 -38.38 -64.87 -16.71
N GLY C 204 -38.00 -65.24 -17.92
CA GLY C 204 -37.02 -64.44 -18.64
C GLY C 204 -37.77 -63.69 -19.72
N ARG C 205 -39.07 -63.50 -19.50
CA ARG C 205 -39.91 -62.83 -20.47
C ARG C 205 -40.56 -61.55 -19.92
N CYS C 206 -40.58 -60.51 -20.73
CA CYS C 206 -41.17 -59.23 -20.34
C CYS C 206 -42.69 -59.31 -20.39
N VAL C 207 -43.34 -58.89 -19.32
CA VAL C 207 -44.80 -58.91 -19.26
C VAL C 207 -45.36 -57.49 -19.27
N ALA C 208 -44.54 -56.54 -18.84
CA ALA C 208 -44.94 -55.13 -18.80
C ALA C 208 -43.70 -54.27 -18.97
N ALA C 209 -43.85 -53.19 -19.74
CA ALA C 209 -42.72 -52.30 -19.98
C ALA C 209 -43.16 -50.84 -20.11
N ARG C 210 -42.33 -49.95 -19.58
CA ARG C 210 -42.56 -48.51 -19.66
C ARG C 210 -41.20 -47.91 -20.03
N ILE C 211 -41.08 -47.48 -21.28
CA ILE C 211 -39.86 -46.88 -21.79
C ILE C 211 -40.11 -45.40 -21.97
N ALA C 212 -39.21 -44.57 -21.45
CA ALA C 212 -39.35 -43.12 -21.56
C ALA C 212 -38.05 -42.43 -21.90
N LEU C 213 -38.14 -41.40 -22.74
CA LEU C 213 -36.97 -40.63 -23.14
C LEU C 213 -37.16 -39.17 -22.72
N GLY C 214 -36.10 -38.57 -22.20
CA GLY C 214 -36.17 -37.19 -21.78
C GLY C 214 -35.07 -36.36 -22.42
N ALA C 215 -35.21 -35.04 -22.36
CA ALA C 215 -34.22 -34.11 -22.92
C ALA C 215 -34.15 -34.15 -24.44
N VAL C 216 -34.93 -35.02 -25.06
CA VAL C 216 -34.92 -35.10 -26.53
C VAL C 216 -35.93 -34.08 -27.01
N GLU C 217 -37.08 -34.04 -26.33
CA GLU C 217 -38.12 -33.08 -26.66
C GLU C 217 -38.45 -32.27 -25.42
N GLU C 218 -39.29 -31.25 -25.56
CA GLU C 218 -39.63 -30.39 -24.43
C GLU C 218 -40.30 -31.07 -23.24
N ARG C 219 -40.83 -32.27 -23.46
CA ARG C 219 -41.49 -33.01 -22.38
C ARG C 219 -41.04 -34.46 -22.48
N ALA C 220 -41.22 -35.21 -21.40
CA ALA C 220 -40.86 -36.61 -21.40
C ALA C 220 -41.63 -37.33 -22.50
N HIS C 221 -40.99 -38.28 -23.14
CA HIS C 221 -41.64 -39.04 -24.20
C HIS C 221 -41.87 -40.47 -23.74
N GLN C 222 -43.14 -40.82 -23.56
CA GLN C 222 -43.48 -42.18 -23.15
C GLN C 222 -43.59 -42.94 -24.47
N ALA C 223 -42.61 -43.79 -24.72
CA ALA C 223 -42.54 -44.57 -25.96
C ALA C 223 -43.50 -45.75 -25.98
N ILE C 224 -44.77 -45.45 -26.20
CA ILE C 224 -45.81 -46.47 -26.24
C ILE C 224 -45.51 -47.57 -27.25
N ARG C 225 -45.01 -47.19 -28.42
CA ARG C 225 -44.68 -48.17 -29.46
C ARG C 225 -43.69 -49.20 -28.95
N ALA C 226 -42.70 -48.74 -28.19
CA ALA C 226 -41.69 -49.63 -27.63
C ALA C 226 -42.29 -50.48 -26.51
N ASN C 227 -43.12 -49.86 -25.67
CA ASN C 227 -43.76 -50.57 -24.57
C ASN C 227 -44.52 -51.77 -25.12
N ASP C 228 -45.41 -51.51 -26.07
CA ASP C 228 -46.24 -52.54 -26.68
C ASP C 228 -45.40 -53.64 -27.34
N PHE C 229 -44.33 -53.25 -28.01
CA PHE C 229 -43.44 -54.21 -28.68
C PHE C 229 -42.76 -55.17 -27.70
N LEU C 230 -42.32 -54.65 -26.57
CA LEU C 230 -41.62 -55.46 -25.58
C LEU C 230 -42.48 -56.49 -24.84
N VAL C 231 -43.78 -56.27 -24.78
CA VAL C 231 -44.67 -57.19 -24.09
C VAL C 231 -44.63 -58.60 -24.65
N GLY C 232 -44.22 -59.55 -23.81
CA GLY C 232 -44.13 -60.95 -24.19
C GLY C 232 -42.83 -61.38 -24.83
N LYS C 233 -41.85 -60.47 -24.88
CA LYS C 233 -40.58 -60.83 -25.50
C LYS C 233 -39.43 -61.09 -24.55
N VAL C 234 -38.53 -61.97 -24.96
CA VAL C 234 -37.34 -62.28 -24.19
C VAL C 234 -36.45 -61.13 -24.63
N ILE C 235 -36.05 -60.29 -23.68
CA ILE C 235 -35.22 -59.14 -23.99
C ILE C 235 -33.74 -59.44 -24.18
N ASP C 236 -33.30 -59.36 -25.43
CA ASP C 236 -31.89 -59.57 -25.75
C ASP C 236 -31.44 -58.38 -26.58
N GLU C 237 -30.18 -58.39 -27.02
CA GLU C 237 -29.63 -57.29 -27.81
C GLU C 237 -30.49 -56.84 -28.98
N SER C 238 -30.88 -57.77 -29.84
CA SER C 238 -31.69 -57.42 -31.01
C SER C 238 -33.06 -56.86 -30.64
N THR C 239 -33.66 -57.40 -29.58
CA THR C 239 -34.98 -56.95 -29.14
C THR C 239 -34.87 -55.55 -28.52
N ALA C 240 -33.86 -55.35 -27.70
CA ALA C 240 -33.67 -54.05 -27.07
C ALA C 240 -33.36 -53.03 -28.16
N ALA C 241 -32.65 -53.47 -29.20
CA ALA C 241 -32.31 -52.58 -30.32
C ALA C 241 -33.57 -52.16 -31.08
N THR C 242 -34.44 -53.12 -31.36
CA THR C 242 -35.68 -52.83 -32.07
C THR C 242 -36.57 -51.89 -31.26
N ALA C 243 -36.65 -52.15 -29.95
CA ALA C 243 -37.46 -51.31 -29.09
C ALA C 243 -36.91 -49.88 -29.05
N ALA C 244 -35.58 -49.77 -29.08
CA ALA C 244 -34.92 -48.46 -29.06
C ALA C 244 -35.28 -47.65 -30.31
N GLU C 245 -35.39 -48.33 -31.45
CA GLU C 245 -35.75 -47.69 -32.70
C GLU C 245 -37.18 -47.18 -32.62
N LEU C 246 -38.07 -48.04 -32.12
CA LEU C 246 -39.48 -47.69 -31.98
C LEU C 246 -39.66 -46.53 -31.01
N ALA C 247 -38.86 -46.51 -29.95
CA ALA C 247 -38.94 -45.46 -28.94
C ALA C 247 -38.46 -44.09 -29.42
N THR C 248 -37.58 -44.09 -30.42
CA THR C 248 -37.04 -42.82 -30.92
C THR C 248 -37.64 -42.33 -32.22
N GLU C 249 -38.38 -43.19 -32.92
CA GLU C 249 -38.97 -42.78 -34.18
C GLU C 249 -40.06 -41.74 -33.94
N GLY C 250 -40.04 -40.69 -34.74
CA GLY C 250 -41.03 -39.63 -34.59
C GLY C 250 -40.51 -38.48 -33.73
N LEU C 251 -39.44 -38.73 -32.99
CA LEU C 251 -38.87 -37.69 -32.13
C LEU C 251 -38.18 -36.63 -32.97
N GLU C 252 -38.24 -35.39 -32.51
CA GLU C 252 -37.62 -34.29 -33.23
C GLU C 252 -36.78 -33.41 -32.30
N PRO C 253 -35.51 -33.80 -32.07
CA PRO C 253 -34.63 -33.03 -31.19
C PRO C 253 -34.19 -31.74 -31.87
N ARG C 254 -33.82 -30.74 -31.08
CA ARG C 254 -33.37 -29.46 -31.61
C ARG C 254 -31.85 -29.47 -31.82
N SER C 255 -31.42 -29.05 -33.01
CA SER C 255 -29.99 -28.98 -33.31
C SER C 255 -29.39 -27.71 -32.72
N ASP C 256 -28.29 -27.85 -31.99
CA ASP C 256 -27.60 -26.70 -31.41
C ASP C 256 -26.10 -26.97 -31.38
N ILE C 257 -25.33 -26.07 -30.78
CA ILE C 257 -23.89 -26.23 -30.73
C ILE C 257 -23.39 -27.51 -30.07
N HIS C 258 -24.21 -28.11 -29.19
CA HIS C 258 -23.79 -29.32 -28.53
C HIS C 258 -24.23 -30.61 -29.22
N GLY C 259 -24.92 -30.48 -30.34
CA GLY C 259 -25.35 -31.67 -31.05
C GLY C 259 -26.48 -31.45 -32.03
N SER C 260 -26.35 -32.06 -33.20
CA SER C 260 -27.37 -31.96 -34.24
C SER C 260 -28.52 -32.90 -33.92
N ARG C 261 -29.62 -32.74 -34.65
CA ARG C 261 -30.79 -33.56 -34.50
C ARG C 261 -30.42 -35.03 -34.68
N ASP C 262 -29.70 -35.30 -35.78
CA ASP C 262 -29.28 -36.65 -36.10
C ASP C 262 -28.42 -37.29 -35.01
N LEU C 263 -27.50 -36.51 -34.44
CA LEU C 263 -26.65 -37.03 -33.36
C LEU C 263 -27.56 -37.38 -32.18
N ARG C 264 -28.44 -36.45 -31.84
CA ARG C 264 -29.38 -36.62 -30.73
C ARG C 264 -30.14 -37.93 -30.86
N LEU C 265 -30.71 -38.17 -32.05
CA LEU C 265 -31.47 -39.38 -32.30
C LEU C 265 -30.61 -40.62 -32.17
N SER C 266 -29.43 -40.58 -32.77
CA SER C 266 -28.51 -41.72 -32.71
C SER C 266 -28.20 -42.03 -31.25
N LEU C 267 -27.91 -40.99 -30.48
CA LEU C 267 -27.59 -41.15 -29.07
C LEU C 267 -28.80 -41.65 -28.27
N ALA C 268 -29.98 -41.11 -28.58
CA ALA C 268 -31.20 -41.50 -27.88
C ALA C 268 -31.45 -42.99 -28.09
N LYS C 269 -31.18 -43.47 -29.29
CA LYS C 269 -31.37 -44.87 -29.64
C LYS C 269 -30.35 -45.75 -28.89
N ALA C 270 -29.10 -45.30 -28.86
CA ALA C 270 -28.04 -46.05 -28.19
C ALA C 270 -28.27 -46.14 -26.68
N ILE C 271 -28.67 -45.02 -26.09
CA ILE C 271 -28.93 -44.97 -24.65
C ILE C 271 -30.16 -45.79 -24.26
N THR C 272 -31.20 -45.71 -25.08
CA THR C 272 -32.44 -46.44 -24.81
C THR C 272 -32.19 -47.94 -24.84
N GLN C 273 -31.45 -48.40 -25.85
CA GLN C 273 -31.13 -49.80 -25.97
C GLN C 273 -30.34 -50.26 -24.74
N ARG C 274 -29.40 -49.43 -24.32
CA ARG C 274 -28.57 -49.73 -23.17
C ARG C 274 -29.37 -49.87 -21.88
N VAL C 275 -30.27 -48.91 -21.63
CA VAL C 275 -31.08 -48.93 -20.42
C VAL C 275 -32.09 -50.10 -20.40
N ILE C 276 -32.62 -50.45 -21.56
CA ILE C 276 -33.57 -51.55 -21.62
C ILE C 276 -32.86 -52.84 -21.20
N LEU C 277 -31.69 -53.09 -21.78
CA LEU C 277 -30.93 -54.29 -21.44
C LEU C 277 -30.57 -54.28 -19.95
N LYS C 278 -30.23 -53.11 -19.43
CA LYS C 278 -29.86 -52.98 -18.03
C LYS C 278 -31.06 -53.26 -17.13
N ALA C 279 -32.22 -52.74 -17.50
CA ALA C 279 -33.44 -52.96 -16.71
C ALA C 279 -33.84 -54.43 -16.73
N ALA C 280 -33.66 -55.09 -17.87
CA ALA C 280 -34.00 -56.50 -18.00
C ALA C 280 -33.07 -57.32 -17.10
N GLN C 281 -31.81 -56.93 -17.07
CA GLN C 281 -30.79 -57.59 -16.26
C GLN C 281 -31.14 -57.46 -14.78
N GLY C 282 -31.41 -56.23 -14.35
CA GLY C 282 -31.75 -55.99 -12.96
C GLY C 282 -33.08 -56.57 -12.52
N ALA C 283 -34.07 -56.50 -13.40
CA ALA C 283 -35.41 -57.02 -13.10
C ALA C 283 -35.40 -58.51 -12.77
N MET C 284 -34.68 -59.29 -13.57
CA MET C 284 -34.60 -60.73 -13.34
C MET C 284 -33.71 -61.05 -12.15
N TYR C 285 -32.94 -60.07 -11.70
CA TYR C 285 -32.04 -60.27 -10.57
C TYR C 285 -32.80 -60.28 -9.24
N SER D 7 -26.64 1.43 23.30
CA SER D 7 -25.42 1.53 22.46
C SER D 7 -24.44 2.56 23.04
N GLN D 8 -23.16 2.37 22.76
CA GLN D 8 -22.14 3.29 23.26
C GLN D 8 -21.89 4.41 22.26
N LEU D 9 -22.32 4.20 21.02
CA LEU D 9 -22.15 5.18 19.96
C LEU D 9 -23.37 6.08 19.84
N MET D 10 -23.15 7.35 19.50
CA MET D 10 -24.21 8.34 19.35
C MET D 10 -24.28 8.87 17.92
N ARG D 11 -25.49 8.98 17.39
CA ARG D 11 -25.71 9.49 16.04
C ARG D 11 -25.50 10.99 16.01
N ILE D 12 -24.50 11.45 15.27
CA ILE D 12 -24.22 12.87 15.19
C ILE D 12 -24.43 13.40 13.77
N SER D 13 -25.19 14.49 13.68
CA SER D 13 -25.49 15.12 12.41
C SER D 13 -24.83 16.49 12.33
N ALA D 14 -23.96 16.66 11.34
CA ALA D 14 -23.26 17.92 11.14
C ALA D 14 -22.91 18.10 9.68
N THR D 15 -22.68 19.34 9.27
CA THR D 15 -22.31 19.61 7.89
C THR D 15 -20.79 19.74 7.87
N ILE D 16 -20.15 18.96 7.01
CA ILE D 16 -18.70 18.99 6.89
C ILE D 16 -18.31 19.39 5.48
N ASN D 17 -17.56 20.48 5.39
CA ASN D 17 -17.11 21.02 4.10
C ASN D 17 -18.27 21.14 3.11
N GLY D 18 -19.37 21.72 3.58
CA GLY D 18 -20.53 21.93 2.74
C GLY D 18 -21.47 20.76 2.52
N LYS D 19 -21.12 19.59 3.02
CA LYS D 19 -21.96 18.41 2.83
C LYS D 19 -22.51 17.86 4.15
N PRO D 20 -23.84 17.68 4.22
CA PRO D 20 -24.47 17.14 5.44
C PRO D 20 -23.94 15.73 5.67
N ARG D 21 -23.47 15.47 6.88
CA ARG D 21 -22.94 14.15 7.20
C ARG D 21 -23.53 13.58 8.47
N VAL D 22 -23.50 12.26 8.57
CA VAL D 22 -24.00 11.56 9.75
C VAL D 22 -22.93 10.56 10.14
N PHE D 23 -22.46 10.65 11.38
CA PHE D 23 -21.45 9.73 11.86
C PHE D 23 -21.74 9.28 13.29
N TYR D 24 -21.21 8.12 13.66
CA TYR D 24 -21.42 7.59 14.99
C TYR D 24 -20.14 7.61 15.81
N VAL D 25 -20.23 8.20 16.99
CA VAL D 25 -19.08 8.33 17.87
C VAL D 25 -19.45 8.15 19.34
N GLU D 26 -18.48 7.75 20.15
CA GLU D 26 -18.71 7.61 21.58
C GLU D 26 -18.40 9.00 22.13
N PRO D 27 -19.01 9.37 23.25
CA PRO D 27 -18.74 10.70 23.82
C PRO D 27 -17.27 10.95 24.16
N ARG D 28 -16.54 9.89 24.52
CA ARG D 28 -15.13 10.00 24.91
C ARG D 28 -14.15 10.40 23.79
N MET D 29 -14.63 10.47 22.57
CA MET D 29 -13.77 10.83 21.43
C MET D 29 -13.86 12.31 21.08
N HIS D 30 -12.72 12.98 20.96
CA HIS D 30 -12.78 14.39 20.60
C HIS D 30 -13.01 14.53 19.09
N LEU D 31 -13.40 15.72 18.66
CA LEU D 31 -13.71 15.98 17.27
C LEU D 31 -12.55 15.70 16.31
N ALA D 32 -11.33 16.02 16.73
CA ALA D 32 -10.16 15.78 15.89
C ALA D 32 -10.09 14.30 15.51
N ASP D 33 -10.17 13.43 16.51
CA ASP D 33 -10.12 11.99 16.27
C ASP D 33 -11.31 11.52 15.44
N ALA D 34 -12.48 12.10 15.67
CA ALA D 34 -13.67 11.72 14.93
C ALA D 34 -13.51 12.05 13.46
N LEU D 35 -13.05 13.26 13.16
CA LEU D 35 -12.85 13.67 11.78
C LEU D 35 -11.83 12.75 11.10
N ARG D 36 -10.73 12.50 11.80
CA ARG D 36 -9.66 11.65 11.27
C ARG D 36 -10.01 10.17 11.11
N GLU D 37 -10.47 9.56 12.20
CA GLU D 37 -10.76 8.14 12.23
C GLU D 37 -12.16 7.64 11.89
N VAL D 38 -13.17 8.45 12.12
CA VAL D 38 -14.53 8.04 11.81
C VAL D 38 -14.98 8.58 10.45
N VAL D 39 -14.80 9.88 10.24
CA VAL D 39 -15.19 10.48 8.98
C VAL D 39 -14.13 10.22 7.90
N GLY D 40 -12.88 9.98 8.33
CA GLY D 40 -11.82 9.69 7.39
C GLY D 40 -11.12 10.88 6.75
N LEU D 41 -11.15 12.02 7.41
CA LEU D 41 -10.51 13.24 6.91
C LEU D 41 -9.28 13.49 7.79
N THR D 42 -8.16 12.87 7.41
CA THR D 42 -6.93 12.99 8.18
C THR D 42 -6.16 14.31 8.05
N GLY D 43 -6.69 15.24 7.28
CA GLY D 43 -6.03 16.53 7.10
C GLY D 43 -5.85 17.27 8.42
N THR D 44 -6.80 17.10 9.33
CA THR D 44 -6.74 17.73 10.63
C THR D 44 -5.70 16.96 11.45
N LYS D 45 -4.67 17.66 11.90
CA LYS D 45 -3.58 17.03 12.66
C LYS D 45 -3.64 17.25 14.17
N ILE D 46 -3.02 16.33 14.89
CA ILE D 46 -2.98 16.36 16.35
C ILE D 46 -1.54 16.44 16.85
N GLY D 47 -1.20 17.55 17.48
CA GLY D 47 0.16 17.71 17.98
C GLY D 47 0.31 17.78 19.50
N CYS D 48 -0.80 17.92 20.23
CA CYS D 48 -0.70 18.01 21.69
C CYS D 48 -1.94 17.58 22.46
N GLU D 49 -3.11 17.73 21.85
CA GLU D 49 -4.36 17.36 22.51
C GLU D 49 -4.54 18.12 23.83
N GLN D 50 -3.96 19.31 23.91
CA GLN D 50 -4.06 20.16 25.08
C GLN D 50 -4.54 21.56 24.71
N GLY D 51 -4.80 21.76 23.41
CA GLY D 51 -5.27 23.04 22.94
C GLY D 51 -4.21 24.09 22.72
N VAL D 52 -2.94 23.72 22.89
CA VAL D 52 -1.83 24.67 22.73
C VAL D 52 -1.21 24.85 21.34
N CYS D 53 -0.89 23.75 20.67
CA CYS D 53 -0.22 23.82 19.37
C CYS D 53 -1.03 24.37 18.19
N GLY D 54 -2.35 24.23 18.25
CA GLY D 54 -3.20 24.71 17.18
C GLY D 54 -3.23 23.89 15.91
N SER D 55 -2.51 22.78 15.87
CA SER D 55 -2.45 21.93 14.67
C SER D 55 -3.80 21.35 14.26
N CYS D 56 -4.71 21.24 15.23
CA CYS D 56 -6.05 20.68 15.01
C CYS D 56 -7.10 21.75 14.75
N THR D 57 -6.68 23.00 14.65
CA THR D 57 -7.62 24.08 14.44
C THR D 57 -8.46 23.90 13.17
N ILE D 58 -9.77 24.06 13.33
CA ILE D 58 -10.70 23.95 12.23
C ILE D 58 -11.73 25.05 12.43
N LEU D 59 -12.60 25.25 11.46
CA LEU D 59 -13.63 26.27 11.56
C LEU D 59 -14.96 25.61 11.89
N ILE D 60 -15.61 26.08 12.96
CA ILE D 60 -16.92 25.55 13.33
C ILE D 60 -17.86 26.75 13.22
N ASP D 61 -18.82 26.64 12.30
CA ASP D 61 -19.76 27.71 12.04
C ASP D 61 -18.99 29.00 11.75
N GLY D 62 -17.92 28.84 10.97
CA GLY D 62 -17.10 29.97 10.58
C GLY D 62 -16.07 30.46 11.58
N ALA D 63 -16.07 29.87 12.78
CA ALA D 63 -15.13 30.29 13.81
C ALA D 63 -14.06 29.25 14.11
N PRO D 64 -12.79 29.69 14.20
CA PRO D 64 -11.70 28.76 14.49
C PRO D 64 -11.80 28.23 15.92
N MET D 65 -11.67 26.92 16.06
CA MET D 65 -11.76 26.25 17.36
C MET D 65 -10.79 25.08 17.37
N ARG D 66 -10.40 24.64 18.55
CA ARG D 66 -9.50 23.50 18.70
C ARG D 66 -10.36 22.25 18.66
N SER D 67 -10.19 21.42 17.63
CA SER D 67 -11.00 20.20 17.54
C SER D 67 -10.59 19.16 18.57
N CYS D 68 -9.41 19.30 19.18
CA CYS D 68 -8.99 18.33 20.19
C CYS D 68 -9.65 18.65 21.52
N LEU D 69 -10.18 19.86 21.64
CA LEU D 69 -10.85 20.29 22.85
C LEU D 69 -12.36 20.48 22.61
N THR D 70 -12.85 19.73 21.63
CA THR D 70 -14.25 19.75 21.28
C THR D 70 -14.68 18.30 21.19
N LEU D 71 -15.70 17.91 21.94
CA LEU D 71 -16.17 16.54 21.88
C LEU D 71 -16.78 16.32 20.52
N ALA D 72 -16.59 15.13 19.95
CA ALA D 72 -17.16 14.83 18.65
C ALA D 72 -18.68 15.06 18.71
N VAL D 73 -19.29 14.63 19.82
CA VAL D 73 -20.74 14.79 19.98
C VAL D 73 -21.18 16.25 19.97
N GLN D 74 -20.26 17.15 20.31
CA GLN D 74 -20.59 18.57 20.32
C GLN D 74 -20.62 19.19 18.93
N ALA D 75 -20.34 18.38 17.91
CA ALA D 75 -20.39 18.85 16.53
C ALA D 75 -21.83 18.83 16.04
N GLU D 76 -22.71 18.20 16.81
CA GLU D 76 -24.12 18.10 16.43
C GLU D 76 -24.69 19.46 16.03
N GLY D 77 -25.30 19.50 14.84
CA GLY D 77 -25.89 20.73 14.35
C GLY D 77 -24.95 21.84 13.94
N CYS D 78 -23.67 21.53 13.75
CA CYS D 78 -22.69 22.53 13.37
C CYS D 78 -22.19 22.35 11.95
N SER D 79 -21.61 23.41 11.40
CA SER D 79 -21.05 23.38 10.06
C SER D 79 -19.54 23.43 10.24
N ILE D 80 -18.88 22.33 9.90
CA ILE D 80 -17.44 22.21 10.03
C ILE D 80 -16.71 22.37 8.71
N GLU D 81 -15.55 23.01 8.77
CA GLU D 81 -14.70 23.19 7.60
C GLU D 81 -13.30 22.73 7.97
N THR D 82 -12.78 21.74 7.24
CA THR D 82 -11.43 21.23 7.47
C THR D 82 -10.58 21.63 6.27
N VAL D 83 -9.28 21.40 6.35
CA VAL D 83 -8.39 21.77 5.26
C VAL D 83 -8.80 21.15 3.92
N GLU D 84 -9.34 19.94 3.96
CA GLU D 84 -9.76 19.26 2.73
C GLU D 84 -10.78 20.03 1.91
N GLY D 85 -11.55 20.90 2.56
CA GLY D 85 -12.57 21.65 1.85
C GLY D 85 -12.11 22.95 1.22
N LEU D 86 -10.86 23.33 1.43
CA LEU D 86 -10.35 24.57 0.87
C LEU D 86 -10.24 24.62 -0.65
N SER D 87 -9.46 23.72 -1.22
CA SER D 87 -9.27 23.71 -2.67
C SER D 87 -10.57 23.56 -3.43
N GLN D 88 -10.75 24.41 -4.45
CA GLN D 88 -11.95 24.35 -5.27
C GLN D 88 -11.52 23.66 -6.55
N GLY D 89 -12.14 22.51 -6.82
CA GLY D 89 -11.76 21.76 -7.99
C GLY D 89 -10.40 21.20 -7.62
N GLU D 90 -9.56 20.97 -8.61
CA GLU D 90 -8.24 20.45 -8.33
C GLU D 90 -7.18 21.51 -8.51
N LYS D 91 -7.36 22.61 -7.78
CA LYS D 91 -6.44 23.74 -7.80
C LYS D 91 -6.33 24.32 -6.39
N LEU D 92 -5.13 24.73 -6.01
CA LEU D 92 -4.94 25.34 -4.70
C LEU D 92 -5.65 26.70 -4.78
N ASN D 93 -6.31 27.11 -3.70
CA ASN D 93 -6.96 28.42 -3.74
C ASN D 93 -5.89 29.48 -3.52
N ALA D 94 -6.27 30.76 -3.57
CA ALA D 94 -5.32 31.86 -3.41
C ALA D 94 -4.41 31.75 -2.20
N LEU D 95 -5.00 31.49 -1.04
CA LEU D 95 -4.22 31.38 0.19
C LEU D 95 -3.23 30.21 0.15
N GLN D 96 -3.70 29.05 -0.29
CA GLN D 96 -2.84 27.87 -0.38
C GLN D 96 -1.69 28.12 -1.36
N ASP D 97 -2.01 28.69 -2.51
CA ASP D 97 -1.00 28.96 -3.52
C ASP D 97 0.05 29.93 -3.00
N SER D 98 -0.40 30.89 -2.18
CA SER D 98 0.51 31.87 -1.60
C SER D 98 1.47 31.18 -0.63
N PHE D 99 0.97 30.20 0.12
CA PHE D 99 1.81 29.46 1.08
C PHE D 99 2.93 28.77 0.31
N ARG D 100 2.57 28.23 -0.85
CA ARG D 100 3.54 27.53 -1.69
C ARG D 100 4.55 28.49 -2.29
N ARG D 101 4.07 29.60 -2.85
CA ARG D 101 4.96 30.60 -3.45
C ARG D 101 5.93 31.21 -2.45
N HIS D 102 5.48 31.41 -1.22
CA HIS D 102 6.33 32.00 -0.19
C HIS D 102 7.08 30.98 0.65
N HIS D 103 6.90 29.69 0.35
CA HIS D 103 7.56 28.63 1.11
C HIS D 103 7.18 28.79 2.59
N ALA D 104 5.86 28.80 2.85
CA ALA D 104 5.33 28.94 4.20
C ALA D 104 5.16 27.61 4.94
N LEU D 105 5.73 26.54 4.37
CA LEU D 105 5.65 25.22 5.00
C LEU D 105 6.85 24.35 4.61
N GLN D 106 7.25 23.47 5.53
CA GLN D 106 8.34 22.54 5.30
C GLN D 106 7.83 21.11 5.53
N CYS D 107 7.70 20.70 6.79
CA CYS D 107 7.20 19.36 7.08
C CYS D 107 5.70 19.33 6.81
N GLY D 108 5.07 20.50 6.89
CA GLY D 108 3.64 20.62 6.63
C GLY D 108 2.65 20.20 7.72
N PHE D 109 3.15 19.77 8.88
CA PHE D 109 2.26 19.32 9.94
C PHE D 109 1.36 20.38 10.56
N CYS D 110 1.86 21.61 10.66
CA CYS D 110 1.11 22.71 11.26
C CYS D 110 0.23 23.43 10.24
N THR D 111 0.46 23.15 8.97
CA THR D 111 -0.25 23.83 7.88
C THR D 111 -1.78 23.87 7.91
N ALA D 112 -2.42 22.74 8.22
CA ALA D 112 -3.88 22.71 8.27
C ALA D 112 -4.39 23.72 9.29
N GLY D 113 -3.77 23.75 10.47
CA GLY D 113 -4.17 24.68 11.50
C GLY D 113 -3.88 26.13 11.12
N MET D 114 -2.75 26.35 10.46
CA MET D 114 -2.34 27.67 10.02
C MET D 114 -3.36 28.24 9.08
N LEU D 115 -3.78 27.43 8.12
CA LEU D 115 -4.77 27.85 7.13
C LEU D 115 -6.10 28.21 7.78
N ALA D 116 -6.51 27.44 8.79
CA ALA D 116 -7.77 27.71 9.47
C ALA D 116 -7.75 29.08 10.12
N THR D 117 -6.72 29.35 10.90
CA THR D 117 -6.61 30.63 11.58
C THR D 117 -6.48 31.76 10.56
N ALA D 118 -5.67 31.54 9.54
CA ALA D 118 -5.46 32.54 8.50
C ALA D 118 -6.76 32.92 7.79
N ARG D 119 -7.58 31.93 7.45
CA ARG D 119 -8.85 32.22 6.77
C ARG D 119 -9.75 33.06 7.66
N SER D 120 -9.67 32.81 8.96
CA SER D 120 -10.48 33.54 9.94
C SER D 120 -10.08 35.01 9.92
N ILE D 121 -8.78 35.26 9.86
CA ILE D 121 -8.25 36.61 9.83
C ILE D 121 -8.72 37.34 8.57
N LEU D 122 -8.44 36.74 7.42
CA LEU D 122 -8.78 37.31 6.13
C LEU D 122 -10.28 37.53 5.93
N ALA D 123 -11.10 36.72 6.61
CA ALA D 123 -12.54 36.86 6.50
C ALA D 123 -12.99 38.18 7.12
N GLU D 124 -12.29 38.61 8.16
CA GLU D 124 -12.61 39.85 8.85
C GLU D 124 -11.87 41.04 8.25
N ASN D 125 -10.66 40.80 7.77
CA ASN D 125 -9.83 41.85 7.20
C ASN D 125 -8.98 41.32 6.04
N PRO D 126 -9.35 41.66 4.80
CA PRO D 126 -8.66 41.24 3.58
C PRO D 126 -7.17 41.53 3.53
N ALA D 127 -6.76 42.65 4.12
CA ALA D 127 -5.35 43.05 4.11
C ALA D 127 -4.84 43.46 5.48
N PRO D 128 -4.65 42.49 6.38
CA PRO D 128 -4.17 42.80 7.72
C PRO D 128 -2.69 43.16 7.70
N SER D 129 -2.23 43.89 8.71
CA SER D 129 -0.82 44.26 8.80
C SER D 129 -0.03 43.03 9.26
N ARG D 130 1.28 43.05 9.04
CA ARG D 130 2.11 41.93 9.46
C ARG D 130 1.97 41.74 10.98
N ASP D 131 1.92 42.85 11.71
CA ASP D 131 1.77 42.80 13.17
C ASP D 131 0.46 42.16 13.59
N GLU D 132 -0.62 42.51 12.90
CA GLU D 132 -1.92 41.94 13.23
C GLU D 132 -1.89 40.45 12.93
N VAL D 133 -1.23 40.06 11.85
CA VAL D 133 -1.15 38.64 11.51
C VAL D 133 -0.31 37.88 12.54
N ARG D 134 0.83 38.44 12.91
CA ARG D 134 1.68 37.76 13.90
C ARG D 134 0.93 37.59 15.22
N GLU D 135 0.07 38.55 15.53
CA GLU D 135 -0.70 38.50 16.77
C GLU D 135 -1.75 37.39 16.76
N VAL D 136 -2.58 37.37 15.72
CA VAL D 136 -3.63 36.37 15.62
C VAL D 136 -3.09 34.96 15.38
N MET D 137 -1.95 34.87 14.69
CA MET D 137 -1.35 33.56 14.40
C MET D 137 -0.50 33.02 15.55
N SER D 138 -0.38 33.79 16.64
CA SER D 138 0.44 33.38 17.77
C SER D 138 -0.03 32.13 18.50
N GLY D 139 -1.24 31.65 18.15
CA GLY D 139 -1.77 30.47 18.77
C GLY D 139 -1.55 29.22 17.95
N ASN D 140 -0.80 29.35 16.85
CA ASN D 140 -0.48 28.24 15.97
C ASN D 140 1.03 28.07 15.97
N LEU D 141 1.49 26.93 16.43
CA LEU D 141 2.93 26.66 16.50
C LEU D 141 3.48 25.95 15.27
N CYS D 142 4.67 26.37 14.85
CA CYS D 142 5.36 25.75 13.72
C CYS D 142 6.80 25.57 14.18
N ARG D 143 7.34 24.37 13.98
CA ARG D 143 8.70 24.08 14.41
C ARG D 143 9.72 24.07 13.28
N CYS D 144 9.26 24.27 12.04
CA CYS D 144 10.15 24.24 10.88
C CYS D 144 10.52 25.55 10.19
N THR D 145 9.55 26.45 10.04
CA THR D 145 9.73 27.68 9.25
C THR D 145 10.28 28.98 9.81
N GLY D 146 10.14 29.22 11.10
CA GLY D 146 10.63 30.48 11.63
C GLY D 146 9.53 31.54 11.48
N TYR D 147 8.37 31.10 10.98
CA TYR D 147 7.17 31.95 10.82
C TYR D 147 7.14 33.08 9.79
N GLU D 148 8.26 33.74 9.53
CA GLU D 148 8.25 34.86 8.58
C GLU D 148 7.52 34.65 7.25
N THR D 149 7.79 33.53 6.58
CA THR D 149 7.18 33.25 5.30
C THR D 149 5.67 32.98 5.39
N ILE D 150 5.21 32.57 6.57
CA ILE D 150 3.78 32.34 6.77
C ILE D 150 3.14 33.73 6.79
N ILE D 151 3.80 34.68 7.45
CA ILE D 151 3.31 36.05 7.52
C ILE D 151 3.30 36.62 6.11
N ASP D 152 4.36 36.33 5.34
CA ASP D 152 4.46 36.79 3.96
C ASP D 152 3.31 36.28 3.11
N ALA D 153 3.03 34.99 3.24
CA ALA D 153 1.97 34.35 2.46
C ALA D 153 0.59 34.95 2.74
N ILE D 154 0.29 35.14 4.02
CA ILE D 154 -1.01 35.68 4.41
C ILE D 154 -1.23 37.12 3.93
N THR D 155 -0.16 37.91 3.87
CA THR D 155 -0.27 39.30 3.44
C THR D 155 -0.01 39.52 1.96
N ASP D 156 0.14 38.44 1.20
CA ASP D 156 0.37 38.52 -0.23
C ASP D 156 -0.82 39.22 -0.90
N PRO D 157 -0.56 40.10 -1.87
CA PRO D 157 -1.64 40.82 -2.57
C PRO D 157 -2.70 39.96 -3.25
N ALA D 158 -2.31 38.77 -3.72
CA ALA D 158 -3.26 37.89 -4.39
C ALA D 158 -4.23 37.31 -3.36
N VAL D 159 -3.76 37.17 -2.12
CA VAL D 159 -4.58 36.64 -1.04
C VAL D 159 -5.60 37.70 -0.63
N ALA D 160 -5.13 38.95 -0.56
CA ALA D 160 -6.00 40.05 -0.19
C ALA D 160 -7.10 40.22 -1.23
N GLU D 161 -6.74 40.15 -2.51
CA GLU D 161 -7.72 40.29 -3.57
C GLU D 161 -8.76 39.17 -3.52
N ALA D 162 -8.31 37.95 -3.30
CA ALA D 162 -9.22 36.83 -3.23
C ALA D 162 -10.14 37.00 -2.02
N ALA D 163 -9.59 37.46 -0.91
CA ALA D 163 -10.37 37.66 0.30
C ALA D 163 -11.48 38.68 0.05
N ARG D 164 -11.13 39.78 -0.63
CA ARG D 164 -12.11 40.81 -0.94
C ARG D 164 -13.26 40.26 -1.78
N ARG D 165 -12.94 39.33 -2.67
CA ARG D 165 -13.96 38.71 -3.52
C ARG D 165 -14.62 37.54 -2.80
N GLY D 166 -14.22 37.33 -1.55
CA GLY D 166 -14.80 36.24 -0.77
C GLY D 166 -14.45 34.88 -1.37
N GLU D 167 -13.17 34.67 -1.65
CA GLU D 167 -12.72 33.41 -2.23
C GLU D 167 -11.47 32.87 -1.56
N VAL D 168 -11.33 33.10 -0.25
CA VAL D 168 -10.19 32.62 0.51
C VAL D 168 -10.54 31.44 1.40
N MET E 1 39.04 5.34 -4.25
CA MET E 1 37.74 4.62 -4.11
C MET E 1 36.69 5.23 -5.04
N MET E 2 35.93 4.37 -5.72
CA MET E 2 34.91 4.86 -6.64
C MET E 2 33.85 5.69 -5.94
N LYS E 3 33.60 5.40 -4.67
CA LYS E 3 32.58 6.14 -3.92
C LYS E 3 32.95 7.61 -3.72
N HIS E 4 34.21 7.95 -3.94
CA HIS E 4 34.69 9.33 -3.79
C HIS E 4 34.44 10.13 -5.04
N GLU E 5 34.12 9.44 -6.14
CA GLU E 5 33.89 10.08 -7.43
C GLU E 5 33.01 11.31 -7.38
N VAL E 6 33.44 12.36 -8.08
CA VAL E 6 32.69 13.61 -8.16
C VAL E 6 32.33 13.82 -9.62
N VAL E 7 31.08 13.52 -9.97
CA VAL E 7 30.65 13.68 -11.35
C VAL E 7 30.46 15.13 -11.72
N ALA E 8 30.71 15.45 -12.98
CA ALA E 8 30.59 16.80 -13.50
C ALA E 8 29.17 17.06 -13.96
N LEU E 9 28.74 18.31 -13.91
CA LEU E 9 27.41 18.68 -14.33
C LEU E 9 27.35 20.17 -14.64
N LYS E 10 26.42 20.55 -15.50
CA LYS E 10 26.25 21.96 -15.84
C LYS E 10 25.01 22.43 -15.09
N LYS E 11 25.20 23.35 -14.16
CA LYS E 11 24.09 23.87 -13.36
C LYS E 11 23.05 24.59 -14.21
N LYS E 12 21.79 24.23 -14.01
CA LYS E 12 20.70 24.87 -14.73
C LYS E 12 19.52 24.97 -13.75
N SER E 13 19.07 23.83 -13.26
CA SER E 13 17.98 23.80 -12.29
C SER E 13 18.61 24.13 -10.94
N ILE E 14 19.80 23.57 -10.70
CA ILE E 14 20.52 23.83 -9.47
C ILE E 14 20.79 25.32 -9.39
N GLY E 15 20.43 25.94 -8.26
CA GLY E 15 20.64 27.36 -8.09
C GLY E 15 19.36 28.16 -8.22
N THR E 16 18.30 27.54 -8.71
CA THR E 16 17.03 28.24 -8.85
C THR E 16 16.03 27.82 -7.77
N SER E 17 15.14 28.73 -7.41
CA SER E 17 14.15 28.48 -6.37
C SER E 17 12.88 27.82 -6.88
N VAL E 18 13.02 26.56 -7.29
CA VAL E 18 11.91 25.76 -7.78
C VAL E 18 10.92 25.60 -6.62
N LEU E 19 9.64 25.81 -6.88
CA LEU E 19 8.62 25.66 -5.84
C LEU E 19 8.53 24.17 -5.51
N ARG E 20 8.29 23.87 -4.24
CA ARG E 20 8.23 22.48 -3.79
C ARG E 20 7.07 21.66 -4.33
N ARG E 21 7.39 20.47 -4.83
CA ARG E 21 6.36 19.60 -5.37
C ARG E 21 5.55 18.94 -4.26
N GLU E 22 6.12 18.86 -3.05
CA GLU E 22 5.40 18.24 -1.94
C GLU E 22 4.32 19.16 -1.36
N ASP E 23 4.48 20.45 -1.56
CA ASP E 23 3.52 21.43 -1.03
C ASP E 23 2.04 21.20 -1.34
N THR E 24 1.73 20.89 -2.59
CA THR E 24 0.33 20.68 -2.96
C THR E 24 -0.43 19.67 -2.09
N ARG E 25 0.15 18.50 -1.86
CA ARG E 25 -0.55 17.52 -1.03
C ARG E 25 -0.51 17.96 0.43
N LEU E 26 0.55 18.64 0.84
CA LEU E 26 0.68 19.08 2.22
C LEU E 26 -0.21 20.27 2.56
N LEU E 27 -0.76 20.92 1.54
CA LEU E 27 -1.63 22.08 1.72
C LEU E 27 -3.12 21.78 1.60
N THR E 28 -3.43 20.56 1.14
CA THR E 28 -4.81 20.15 0.93
C THR E 28 -5.27 19.02 1.86
N GLY E 29 -4.48 18.76 2.90
CA GLY E 29 -4.81 17.70 3.83
C GLY E 29 -4.54 16.32 3.28
N ARG E 30 -3.80 16.24 2.18
CA ARG E 30 -3.51 14.95 1.56
C ARG E 30 -2.11 14.41 1.83
N GLY E 31 -1.44 14.96 2.82
CA GLY E 31 -0.13 14.45 3.17
C GLY E 31 -0.45 13.16 3.89
N ARG E 32 0.45 12.18 3.85
CA ARG E 32 0.19 10.92 4.54
C ARG E 32 1.25 10.69 5.61
N TYR E 33 0.93 11.06 6.85
CA TYR E 33 1.89 10.88 7.94
C TYR E 33 1.64 9.55 8.63
N ILE E 34 2.52 9.17 9.56
CA ILE E 34 2.40 7.89 10.23
C ILE E 34 1.06 7.64 10.92
N ALA E 35 0.50 8.66 11.55
CA ALA E 35 -0.78 8.51 12.24
C ALA E 35 -1.97 8.40 11.28
N ASP E 36 -1.77 8.81 10.03
CA ASP E 36 -2.83 8.77 9.03
C ASP E 36 -3.01 7.40 8.37
N LEU E 37 -2.01 6.54 8.53
CA LEU E 37 -2.06 5.21 7.92
C LEU E 37 -3.13 4.31 8.54
N VAL E 38 -3.89 3.64 7.69
CA VAL E 38 -4.92 2.73 8.16
C VAL E 38 -4.70 1.36 7.55
N LEU E 39 -4.59 0.35 8.41
CA LEU E 39 -4.41 -1.02 7.96
C LEU E 39 -5.54 -1.85 8.54
N SER E 40 -6.06 -2.77 7.72
CA SER E 40 -7.15 -3.63 8.15
C SER E 40 -6.75 -4.42 9.41
N GLY E 41 -7.65 -4.47 10.39
CA GLY E 41 -7.39 -5.22 11.62
C GLY E 41 -6.37 -4.61 12.56
N MET E 42 -5.96 -3.39 12.26
CA MET E 42 -4.97 -2.66 13.06
C MET E 42 -5.30 -2.59 14.55
N LEU E 43 -4.32 -2.91 15.40
CA LEU E 43 -4.48 -2.85 16.86
C LEU E 43 -3.65 -1.67 17.38
N HIS E 44 -3.89 -1.28 18.63
CA HIS E 44 -3.21 -0.12 19.21
C HIS E 44 -2.45 -0.39 20.51
N VAL E 45 -1.28 0.21 20.63
CA VAL E 45 -0.47 0.04 21.83
C VAL E 45 -0.46 1.27 22.73
N ALA E 46 -0.46 1.02 24.04
CA ALA E 46 -0.41 2.07 25.04
C ALA E 46 0.63 1.56 26.05
N SER E 47 1.33 2.48 26.72
CA SER E 47 2.35 2.08 27.66
C SER E 47 2.13 2.58 29.08
N LEU E 48 2.69 1.83 30.03
CA LEU E 48 2.66 2.20 31.44
C LEU E 48 4.13 2.50 31.70
N ARG E 49 4.43 3.68 32.23
CA ARG E 49 5.82 4.06 32.47
C ARG E 49 6.18 4.22 33.93
N SER E 50 7.49 4.24 34.19
CA SER E 50 7.99 4.39 35.55
C SER E 50 7.69 5.79 36.08
N PRO E 51 7.21 5.87 37.32
CA PRO E 51 6.92 7.18 37.90
C PRO E 51 8.12 7.60 38.76
N PHE E 52 9.14 6.76 38.78
CA PHE E 52 10.34 7.03 39.58
C PHE E 52 11.62 7.05 38.74
N ALA E 53 12.57 7.89 39.14
CA ALA E 53 13.83 8.03 38.42
C ALA E 53 14.67 6.75 38.47
N HIS E 54 14.65 6.07 39.61
CA HIS E 54 15.40 4.84 39.78
C HIS E 54 14.67 3.98 40.80
N ALA E 55 14.21 2.81 40.39
CA ALA E 55 13.48 1.95 41.31
C ALA E 55 13.51 0.49 40.93
N ARG E 56 13.42 -0.36 41.95
CA ARG E 56 13.41 -1.79 41.73
C ARG E 56 11.95 -2.14 41.51
N ILE E 57 11.68 -2.98 40.53
CA ILE E 57 10.31 -3.40 40.28
C ILE E 57 10.10 -4.65 41.13
N VAL E 58 9.31 -4.51 42.20
CA VAL E 58 9.06 -5.62 43.10
C VAL E 58 8.08 -6.63 42.51
N SER E 59 6.99 -6.13 41.93
CA SER E 59 5.98 -7.00 41.34
C SER E 59 5.12 -6.25 40.34
N ILE E 60 4.55 -7.00 39.40
CA ILE E 60 3.67 -6.44 38.38
C ILE E 60 2.47 -7.36 38.20
N ASP E 61 1.27 -6.79 38.23
CA ASP E 61 0.05 -7.57 38.08
C ASP E 61 -0.72 -6.99 36.89
N VAL E 62 -0.89 -7.81 35.85
CA VAL E 62 -1.58 -7.39 34.63
C VAL E 62 -2.85 -8.20 34.34
N ALA E 63 -3.30 -8.99 35.32
CA ALA E 63 -4.49 -9.81 35.13
C ALA E 63 -5.74 -9.02 34.75
N ASP E 64 -6.07 -7.99 35.52
CA ASP E 64 -7.25 -7.18 35.23
C ASP E 64 -7.14 -6.52 33.87
N ALA E 65 -5.94 -6.02 33.55
CA ALA E 65 -5.69 -5.37 32.27
C ALA E 65 -5.91 -6.36 31.13
N GLN E 66 -5.41 -7.58 31.30
CA GLN E 66 -5.57 -8.61 30.27
C GLN E 66 -7.02 -9.01 30.03
N ALA E 67 -7.84 -8.95 31.08
CA ALA E 67 -9.24 -9.34 30.99
C ALA E 67 -10.19 -8.26 30.46
N LEU E 68 -9.75 -7.01 30.44
CA LEU E 68 -10.60 -5.94 29.96
C LEU E 68 -10.98 -6.21 28.51
N PRO E 69 -12.27 -6.08 28.16
CA PRO E 69 -12.67 -6.33 26.78
C PRO E 69 -11.96 -5.39 25.81
N GLY E 70 -11.55 -5.93 24.67
CA GLY E 70 -10.85 -5.13 23.67
C GLY E 70 -9.35 -5.31 23.76
N VAL E 71 -8.85 -5.72 24.91
CA VAL E 71 -7.42 -5.93 25.11
C VAL E 71 -7.02 -7.28 24.53
N GLU E 72 -5.95 -7.29 23.73
CA GLU E 72 -5.46 -8.50 23.09
C GLU E 72 -4.19 -9.04 23.71
N LEU E 73 -3.42 -8.18 24.36
CA LEU E 73 -2.16 -8.57 24.95
C LEU E 73 -1.59 -7.53 25.90
N VAL E 74 -0.89 -8.01 26.93
CA VAL E 74 -0.23 -7.13 27.89
C VAL E 74 1.13 -7.74 28.20
N TRP E 75 2.20 -7.00 27.92
CA TRP E 75 3.55 -7.50 28.16
C TRP E 75 4.30 -6.70 29.21
N CYS E 76 5.17 -7.39 29.94
CA CYS E 76 6.00 -6.75 30.94
C CYS E 76 7.45 -7.00 30.47
N GLY E 77 8.42 -6.51 31.24
CA GLY E 77 9.81 -6.68 30.85
C GLY E 77 10.24 -8.11 30.58
N ALA E 78 9.78 -9.03 31.42
CA ALA E 78 10.14 -10.44 31.27
C ALA E 78 9.66 -11.04 29.94
N ASP E 79 8.46 -10.64 29.52
CA ASP E 79 7.91 -11.13 28.25
C ASP E 79 8.78 -10.70 27.09
N VAL E 80 9.19 -9.44 27.10
CA VAL E 80 10.01 -8.89 26.03
C VAL E 80 11.44 -9.42 26.02
N ALA E 81 12.04 -9.52 27.20
CA ALA E 81 13.42 -10.01 27.32
C ALA E 81 13.59 -11.36 26.62
N GLU E 82 12.51 -12.12 26.57
CA GLU E 82 12.50 -13.43 25.94
C GLU E 82 12.66 -13.31 24.42
N LEU E 83 12.26 -12.17 23.87
CA LEU E 83 12.34 -11.95 22.43
C LEU E 83 13.49 -11.05 21.99
N SER E 84 13.94 -10.17 22.89
CA SER E 84 15.02 -9.26 22.55
C SER E 84 15.63 -8.69 23.82
N GLN E 85 16.96 -8.64 23.86
CA GLN E 85 17.68 -8.11 25.01
C GLN E 85 17.64 -6.58 24.97
N GLY E 86 17.27 -6.03 23.82
CA GLY E 86 17.20 -4.58 23.72
C GLY E 86 18.14 -3.95 22.71
N ILE E 87 18.35 -2.64 22.87
CA ILE E 87 19.20 -1.86 21.98
C ILE E 87 20.64 -1.80 22.45
N VAL E 88 21.54 -2.39 21.66
CA VAL E 88 22.96 -2.37 21.98
C VAL E 88 23.58 -1.15 21.30
N ALA E 89 24.20 -0.28 22.10
CA ALA E 89 24.81 0.93 21.56
C ALA E 89 26.29 0.96 21.93
N THR E 90 27.15 0.99 20.91
CA THR E 90 28.59 1.02 21.12
C THR E 90 29.28 2.07 20.26
N MET E 91 30.55 2.31 20.56
CA MET E 91 31.38 3.26 19.83
C MET E 91 32.81 2.73 19.86
N GLN E 92 33.52 2.85 18.74
CA GLN E 92 34.90 2.39 18.68
C GLN E 92 35.76 3.51 19.24
N VAL E 93 35.62 3.73 20.54
CA VAL E 93 36.35 4.77 21.26
C VAL E 93 36.91 4.15 22.53
N GLU E 94 38.21 4.33 22.74
CA GLU E 94 38.88 3.77 23.92
C GLU E 94 38.16 4.18 25.20
N GLY E 95 37.88 3.19 26.04
CA GLY E 95 37.23 3.44 27.32
C GLY E 95 35.73 3.63 27.29
N PHE E 96 35.14 3.66 26.09
CA PHE E 96 33.69 3.86 25.97
C PHE E 96 32.91 2.70 26.61
N GLN E 97 31.89 3.03 27.39
CA GLN E 97 31.08 2.01 28.02
C GLN E 97 29.81 1.69 27.24
N THR E 98 29.77 0.49 26.68
CA THR E 98 28.63 0.02 25.93
C THR E 98 27.41 -0.14 26.85
N THR E 99 26.23 0.18 26.35
CA THR E 99 25.02 0.01 27.14
C THR E 99 24.05 -0.83 26.30
N ILE E 100 23.18 -1.54 27.00
CA ILE E 100 22.15 -2.35 26.36
C ILE E 100 20.86 -1.86 27.01
N GLN E 101 20.06 -1.11 26.25
CA GLN E 101 18.81 -0.59 26.78
C GLN E 101 17.69 -1.58 26.55
N PRO E 102 17.13 -2.14 27.64
CA PRO E 102 16.03 -3.11 27.47
C PRO E 102 14.84 -2.36 26.89
N LEU E 103 14.06 -3.02 26.05
CA LEU E 103 12.90 -2.38 25.43
C LEU E 103 11.92 -1.97 26.52
N LEU E 104 11.80 -2.80 27.55
CA LEU E 104 10.95 -2.52 28.69
C LEU E 104 11.80 -2.79 29.93
N ALA E 105 11.60 -1.98 30.97
CA ALA E 105 12.36 -2.19 32.20
C ALA E 105 12.05 -3.62 32.65
N ASN E 106 13.03 -4.26 33.25
CA ASN E 106 12.85 -5.63 33.73
C ASN E 106 13.44 -5.76 35.12
N GLY E 107 12.62 -5.56 36.15
CA GLY E 107 13.11 -5.67 37.51
C GLY E 107 13.67 -4.37 38.07
N VAL E 108 13.97 -3.41 37.19
CA VAL E 108 14.51 -2.13 37.62
C VAL E 108 14.31 -1.04 36.56
N THR E 109 13.80 0.12 36.97
CA THR E 109 13.61 1.23 36.03
C THR E 109 14.74 2.21 36.30
N ARG E 110 15.22 2.87 35.24
CA ARG E 110 16.33 3.79 35.38
C ARG E 110 16.05 5.26 35.05
N PHE E 111 14.79 5.58 34.82
CA PHE E 111 14.39 6.96 34.57
C PHE E 111 12.88 7.09 34.49
N VAL E 112 12.38 8.21 34.97
CA VAL E 112 10.94 8.46 34.92
C VAL E 112 10.52 8.48 33.47
N GLY E 113 9.57 7.62 33.11
CA GLY E 113 9.12 7.57 31.73
C GLY E 113 9.52 6.29 31.02
N GLU E 114 10.44 5.53 31.61
CA GLU E 114 10.86 4.27 30.98
C GLU E 114 9.65 3.34 30.95
N ILE E 115 9.50 2.57 29.88
CA ILE E 115 8.36 1.67 29.76
C ILE E 115 8.46 0.45 30.65
N VAL E 116 7.41 0.20 31.44
CA VAL E 116 7.41 -0.96 32.32
C VAL E 116 6.45 -2.03 31.80
N ALA E 117 5.45 -1.60 31.03
CA ALA E 117 4.47 -2.52 30.45
C ALA E 117 3.83 -1.91 29.23
N VAL E 118 3.37 -2.77 28.31
CA VAL E 118 2.71 -2.32 27.10
C VAL E 118 1.41 -3.10 26.92
N VAL E 119 0.40 -2.41 26.43
CA VAL E 119 -0.90 -3.01 26.20
C VAL E 119 -1.28 -2.83 24.74
N VAL E 120 -1.82 -3.88 24.14
CA VAL E 120 -2.29 -3.78 22.77
C VAL E 120 -3.78 -4.05 22.82
N ALA E 121 -4.56 -3.11 22.28
CA ALA E 121 -6.01 -3.24 22.31
C ALA E 121 -6.67 -2.76 21.01
N SER E 122 -7.99 -2.89 20.97
CA SER E 122 -8.78 -2.51 19.79
C SER E 122 -8.73 -1.03 19.49
N SER E 123 -8.37 -0.21 20.48
CA SER E 123 -8.26 1.23 20.28
C SER E 123 -7.23 1.77 21.27
N ARG E 124 -6.71 2.95 20.97
CA ARG E 124 -5.72 3.57 21.84
C ARG E 124 -6.35 3.90 23.21
N ALA E 125 -7.60 4.37 23.20
CA ALA E 125 -8.28 4.73 24.43
C ALA E 125 -8.44 3.51 25.35
N ILE E 126 -8.89 2.39 24.79
CA ILE E 126 -9.06 1.18 25.57
C ILE E 126 -7.71 0.64 26.03
N ALA E 127 -6.68 0.80 25.22
CA ALA E 127 -5.35 0.34 25.60
C ALA E 127 -4.93 1.13 26.85
N GLU E 128 -5.26 2.42 26.87
CA GLU E 128 -4.93 3.26 28.01
C GLU E 128 -5.78 2.86 29.23
N ASP E 129 -7.05 2.50 28.99
CA ASP E 129 -7.94 2.06 30.08
C ASP E 129 -7.31 0.87 30.79
N ALA E 130 -6.80 -0.08 30.00
CA ALA E 130 -6.18 -1.29 30.56
C ALA E 130 -4.88 -0.97 31.29
N ALA E 131 -4.08 -0.08 30.73
CA ALA E 131 -2.81 0.29 31.34
C ALA E 131 -3.01 0.80 32.76
N GLN E 132 -4.11 1.51 33.00
CA GLN E 132 -4.40 2.04 34.33
C GLN E 132 -4.84 0.95 35.30
N LEU E 133 -5.09 -0.25 34.78
CA LEU E 133 -5.51 -1.37 35.62
C LEU E 133 -4.30 -2.16 36.07
N ILE E 134 -3.15 -1.92 35.43
CA ILE E 134 -1.92 -2.62 35.77
C ILE E 134 -1.40 -2.13 37.13
N GLN E 135 -1.04 -3.06 37.99
CA GLN E 135 -0.53 -2.73 39.32
C GLN E 135 0.95 -3.07 39.41
N VAL E 136 1.76 -2.07 39.79
CA VAL E 136 3.19 -2.25 39.91
C VAL E 136 3.65 -1.79 41.28
N GLU E 137 4.48 -2.60 41.94
CA GLU E 137 5.01 -2.20 43.23
C GLU E 137 6.49 -1.88 43.01
N TYR E 138 6.88 -0.68 43.41
CA TYR E 138 8.27 -0.24 43.26
C TYR E 138 8.95 -0.06 44.60
N GLU E 139 10.28 -0.06 44.56
CA GLU E 139 11.10 0.18 45.73
C GLU E 139 12.09 1.23 45.24
N GLU E 140 11.79 2.50 45.51
CA GLU E 140 12.68 3.57 45.06
C GLU E 140 14.11 3.39 45.55
N LEU E 141 15.04 3.71 44.65
CA LEU E 141 16.47 3.61 44.95
C LEU E 141 17.07 4.99 44.74
N PRO E 142 18.23 5.26 45.35
CA PRO E 142 18.82 6.58 45.15
C PRO E 142 19.14 6.77 43.66
N ALA E 143 18.79 7.93 43.13
CA ALA E 143 19.01 8.21 41.72
C ALA E 143 20.10 9.24 41.48
N VAL E 144 20.75 9.14 40.34
CA VAL E 144 21.79 10.09 39.96
C VAL E 144 21.00 11.17 39.25
N THR E 145 20.83 12.31 39.91
CA THR E 145 20.04 13.41 39.37
C THR E 145 20.78 14.44 38.54
N GLY E 146 22.09 14.30 38.42
CA GLY E 146 22.85 15.26 37.63
C GLY E 146 24.33 14.95 37.50
N ILE E 147 25.02 15.79 36.74
CA ILE E 147 26.45 15.66 36.49
C ILE E 147 27.29 15.63 37.76
N GLU E 148 27.04 16.58 38.66
CA GLU E 148 27.79 16.67 39.90
C GLU E 148 27.63 15.36 40.68
N ALA E 149 26.39 14.93 40.86
CA ALA E 149 26.12 13.69 41.58
C ALA E 149 26.75 12.50 40.87
N ALA E 150 26.64 12.49 39.54
CA ALA E 150 27.18 11.40 38.74
C ALA E 150 28.69 11.27 38.97
N LEU E 151 29.35 12.41 39.02
CA LEU E 151 30.80 12.47 39.20
C LEU E 151 31.25 12.39 40.66
N GLU E 152 30.46 12.94 41.57
CA GLU E 152 30.83 12.97 42.98
C GLU E 152 30.00 12.09 43.93
N GLY E 153 28.92 11.50 43.44
CA GLY E 153 28.08 10.69 44.30
C GLY E 153 28.41 9.20 44.33
N GLU E 154 27.77 8.49 45.25
CA GLU E 154 27.98 7.05 45.40
C GLU E 154 27.03 6.25 44.51
N ALA E 155 25.84 6.79 44.28
CA ALA E 155 24.84 6.13 43.46
C ALA E 155 25.29 5.90 42.02
N ARG E 156 24.90 4.76 41.46
CA ARG E 156 25.24 4.44 40.09
C ARG E 156 23.92 4.46 39.30
N ALA E 157 23.86 5.30 38.28
CA ALA E 157 22.66 5.44 37.47
C ALA E 157 22.26 4.13 36.80
N ASN E 158 23.21 3.52 36.09
CA ASN E 158 22.96 2.28 35.36
C ASN E 158 23.83 1.17 35.95
N ASP E 159 23.20 0.25 36.69
CA ASP E 159 23.93 -0.84 37.32
C ASP E 159 24.57 -1.89 36.43
N THR E 160 24.45 -1.74 35.11
CA THR E 160 25.10 -2.70 34.23
C THR E 160 26.47 -2.14 33.86
N LEU E 161 26.71 -0.91 34.28
CA LEU E 161 27.97 -0.23 34.00
C LEU E 161 28.91 -0.19 35.19
N ALA E 162 30.16 0.18 34.92
CA ALA E 162 31.16 0.30 35.97
C ALA E 162 31.29 1.80 36.23
N GLY E 163 30.49 2.31 37.15
CA GLY E 163 30.54 3.73 37.44
C GLY E 163 29.62 4.51 36.52
N ASN E 164 29.64 5.83 36.64
CA ASN E 164 28.78 6.68 35.81
C ASN E 164 29.48 7.34 34.62
N VAL E 165 30.77 7.15 34.49
CA VAL E 165 31.48 7.75 33.37
C VAL E 165 31.39 6.83 32.16
N VAL E 166 30.51 7.18 31.23
CA VAL E 166 30.31 6.40 30.02
C VAL E 166 31.51 6.56 29.09
N SER E 167 32.05 7.76 29.03
CA SER E 167 33.20 8.02 28.17
C SER E 167 33.98 9.26 28.62
N ARG E 168 35.30 9.16 28.56
CA ARG E 168 36.19 10.26 28.93
C ARG E 168 37.28 10.30 27.86
N THR E 169 37.40 11.43 27.18
CA THR E 169 38.38 11.56 26.12
C THR E 169 39.03 12.94 26.07
N SER E 170 40.30 12.95 25.68
CA SER E 170 41.05 14.19 25.54
C SER E 170 41.93 14.02 24.31
N ARG E 171 41.74 14.89 23.33
CA ARG E 171 42.51 14.81 22.10
C ARG E 171 43.66 15.81 22.06
N ALA E 172 43.64 16.78 22.98
CA ALA E 172 44.70 17.78 23.07
C ALA E 172 44.93 18.08 24.55
N ARG E 173 46.18 17.99 24.98
CA ARG E 173 46.53 18.24 26.37
C ARG E 173 47.75 19.15 26.55
N ASP E 174 47.82 20.24 25.78
CA ASP E 174 48.94 21.18 25.89
C ASP E 174 48.95 21.81 27.28
N GLU E 175 50.15 22.06 27.81
CA GLU E 175 50.27 22.70 29.12
C GLU E 175 49.99 24.17 28.87
N LEU E 176 48.98 24.72 29.54
CA LEU E 176 48.60 26.11 29.34
C LEU E 176 48.85 27.03 30.52
N ALA E 177 49.08 26.46 31.70
CA ALA E 177 49.32 27.26 32.90
C ALA E 177 50.23 28.46 32.66
N PRO E 178 51.43 28.25 32.10
CA PRO E 178 52.33 29.37 31.84
C PRO E 178 51.78 30.41 30.88
N ILE E 179 51.01 29.96 29.90
CA ILE E 179 50.42 30.87 28.92
C ILE E 179 49.38 31.79 29.56
N PHE E 180 48.54 31.22 30.42
CA PHE E 180 47.50 32.01 31.08
C PHE E 180 48.07 32.94 32.13
N ALA E 181 49.12 32.49 32.80
CA ALA E 181 49.76 33.28 33.85
C ALA E 181 50.53 34.48 33.33
N SER E 182 50.87 34.47 32.04
CA SER E 182 51.62 35.56 31.45
C SER E 182 50.89 36.36 30.37
N SER E 183 49.79 35.82 29.85
CA SER E 183 49.04 36.50 28.80
C SER E 183 48.46 37.85 29.23
N ALA E 184 48.37 38.76 28.28
CA ALA E 184 47.85 40.09 28.54
C ALA E 184 46.41 40.02 29.06
N GLY E 185 45.63 39.11 28.49
CA GLY E 185 44.25 38.99 28.92
C GLY E 185 43.77 37.55 29.06
N VAL E 186 42.76 37.37 29.90
CA VAL E 186 42.20 36.04 30.12
C VAL E 186 40.71 36.15 30.44
N VAL E 187 39.90 35.40 29.69
CA VAL E 187 38.46 35.36 29.92
C VAL E 187 38.09 33.91 30.19
N ARG E 188 37.28 33.69 31.20
CA ARG E 188 36.85 32.35 31.58
C ARG E 188 35.35 32.33 31.85
N GLY E 189 34.75 31.17 31.63
CA GLY E 189 33.33 31.03 31.86
C GLY E 189 32.94 29.60 32.16
N GLN E 190 31.92 29.43 32.99
CA GLN E 190 31.42 28.10 33.32
C GLN E 190 30.03 28.06 32.69
N PHE E 191 30.01 27.72 31.41
CA PHE E 191 28.79 27.66 30.64
C PHE E 191 28.03 26.36 30.88
N SER E 192 26.71 26.45 30.78
CA SER E 192 25.84 25.32 30.98
C SER E 192 24.59 25.47 30.12
N CYS E 193 24.12 24.36 29.57
CA CYS E 193 22.91 24.36 28.77
C CYS E 193 21.98 23.35 29.38
N GLY E 194 20.72 23.70 29.53
CA GLY E 194 19.77 22.76 30.10
C GLY E 194 19.31 21.81 29.00
N ARG E 195 18.53 20.81 29.36
CA ARG E 195 18.01 19.88 28.37
C ARG E 195 16.90 20.55 27.57
N VAL E 196 16.78 20.16 26.31
CA VAL E 196 15.71 20.67 25.46
C VAL E 196 15.17 19.48 24.70
N SER E 197 14.02 19.66 24.05
CA SER E 197 13.43 18.59 23.26
C SER E 197 13.33 19.10 21.83
N ALA E 198 13.55 18.20 20.87
CA ALA E 198 13.44 18.59 19.46
C ALA E 198 12.02 19.09 19.25
N CYS E 199 11.11 18.63 20.12
CA CYS E 199 9.71 19.01 20.09
C CYS E 199 9.09 19.19 18.70
N PRO E 200 9.18 18.16 17.84
CA PRO E 200 8.59 18.29 16.50
C PRO E 200 7.07 18.36 16.69
N MET E 201 6.36 19.01 15.77
CA MET E 201 4.91 19.11 15.92
C MET E 201 4.24 17.74 15.81
N GLU E 202 4.86 16.84 15.05
CA GLU E 202 4.34 15.49 14.93
C GLU E 202 5.22 14.65 15.87
N THR E 203 4.59 13.96 16.81
CA THR E 203 5.34 13.12 17.73
C THR E 203 5.82 11.89 16.97
N ARG E 204 6.48 10.98 17.69
CA ARG E 204 7.00 9.75 17.09
C ARG E 204 5.90 8.72 16.86
N GLY E 205 6.07 7.90 15.84
CA GLY E 205 5.08 6.88 15.57
C GLY E 205 5.60 5.78 14.66
N ALA E 206 5.01 4.61 14.79
CA ALA E 206 5.39 3.47 13.98
C ALA E 206 4.22 2.47 13.90
N VAL E 207 4.14 1.78 12.77
CA VAL E 207 3.10 0.78 12.56
C VAL E 207 3.78 -0.45 11.96
N ALA E 208 3.60 -1.60 12.58
CA ALA E 208 4.19 -2.82 12.07
C ALA E 208 3.13 -3.81 11.61
N GLN E 209 3.46 -4.55 10.55
CA GLN E 209 2.57 -5.54 9.99
C GLN E 209 3.38 -6.79 9.64
N TYR E 210 3.21 -7.84 10.44
CA TYR E 210 3.92 -9.08 10.20
C TYR E 210 2.94 -10.08 9.59
N GLU E 211 3.37 -10.73 8.51
CA GLU E 211 2.55 -11.71 7.81
C GLU E 211 3.19 -13.10 7.92
N TRP E 212 2.59 -13.97 8.73
CA TRP E 212 3.17 -15.29 8.90
C TRP E 212 3.22 -16.15 7.65
N THR E 213 2.27 -15.99 6.74
CA THR E 213 2.26 -16.82 5.54
C THR E 213 3.41 -16.55 4.57
N THR E 214 4.13 -15.44 4.77
CA THR E 214 5.26 -15.09 3.92
C THR E 214 6.49 -14.80 4.79
N GLN E 215 6.27 -14.70 6.09
CA GLN E 215 7.33 -14.41 7.06
C GLN E 215 7.92 -13.01 6.81
N GLN E 216 7.16 -12.17 6.11
CA GLN E 216 7.62 -10.83 5.81
C GLN E 216 7.05 -9.79 6.77
N LEU E 217 7.89 -8.79 7.07
CA LEU E 217 7.54 -7.73 7.98
C LEU E 217 7.64 -6.37 7.32
N ILE E 218 6.60 -5.55 7.46
CA ILE E 218 6.67 -4.20 6.93
C ILE E 218 6.56 -3.29 8.14
N LEU E 219 7.52 -2.39 8.29
CA LEU E 219 7.49 -1.45 9.40
C LEU E 219 7.41 -0.04 8.85
N TRP E 220 6.28 0.62 9.11
CA TRP E 220 6.11 2.01 8.70
C TRP E 220 6.59 2.78 9.92
N THR E 221 7.47 3.74 9.72
CA THR E 221 7.96 4.51 10.85
C THR E 221 8.40 5.90 10.41
N ALA E 222 8.10 6.90 11.25
CA ALA E 222 8.48 8.27 10.95
C ALA E 222 9.94 8.41 11.36
N THR E 223 10.82 7.93 10.48
CA THR E 223 12.25 7.95 10.74
C THR E 223 13.06 8.71 9.70
N GLN E 224 14.22 9.21 10.12
CA GLN E 224 15.11 9.93 9.22
C GLN E 224 16.15 8.94 8.68
N MET E 225 16.17 7.73 9.24
CA MET E 225 17.16 6.71 8.82
C MET E 225 16.52 5.33 8.57
N PRO E 226 15.73 5.19 7.50
CA PRO E 226 15.07 3.91 7.19
C PRO E 226 15.95 2.65 7.06
N SER E 227 17.03 2.72 6.29
CA SER E 227 17.89 1.54 6.12
C SER E 227 18.48 1.08 7.45
N PHE E 228 18.87 2.06 8.28
CA PHE E 228 19.43 1.81 9.59
C PHE E 228 18.42 1.05 10.46
N VAL E 229 17.18 1.53 10.49
CA VAL E 229 16.14 0.89 11.27
C VAL E 229 15.93 -0.55 10.78
N ARG E 230 15.87 -0.73 9.47
CA ARG E 230 15.68 -2.07 8.93
C ARG E 230 16.78 -3.03 9.41
N THR E 231 18.03 -2.60 9.32
CA THR E 231 19.13 -3.45 9.73
C THR E 231 19.09 -3.74 11.24
N MET E 232 18.71 -2.73 12.03
CA MET E 232 18.66 -2.89 13.47
C MET E 232 17.49 -3.77 13.94
N VAL E 233 16.36 -3.71 13.23
CA VAL E 233 15.23 -4.55 13.61
C VAL E 233 15.66 -6.01 13.39
N ALA E 234 16.31 -6.27 12.26
CA ALA E 234 16.79 -7.60 11.93
C ALA E 234 17.75 -8.12 13.00
N MET E 235 18.65 -7.24 13.44
CA MET E 235 19.64 -7.60 14.44
C MET E 235 19.06 -7.83 15.84
N PHE E 236 18.34 -6.83 16.34
CA PHE E 236 17.77 -6.90 17.68
C PHE E 236 16.54 -7.80 17.85
N CYS E 237 15.89 -8.17 16.76
CA CYS E 237 14.72 -9.03 16.82
C CYS E 237 14.98 -10.40 16.19
N ALA E 238 16.20 -10.60 15.73
CA ALA E 238 16.59 -11.86 15.09
C ALA E 238 15.61 -12.25 13.99
N ILE E 239 15.36 -11.31 13.09
CA ILE E 239 14.48 -11.53 11.96
C ILE E 239 15.35 -11.33 10.72
N PRO E 240 15.32 -12.30 9.79
CA PRO E 240 16.13 -12.15 8.58
C PRO E 240 15.86 -10.82 7.88
N GLU E 241 16.95 -10.08 7.63
CA GLU E 241 16.86 -8.75 7.01
C GLU E 241 16.14 -8.62 5.68
N HIS E 242 16.31 -9.59 4.79
CA HIS E 242 15.67 -9.51 3.48
C HIS E 242 14.15 -9.66 3.56
N LEU E 243 13.65 -10.07 4.71
CA LEU E 243 12.21 -10.24 4.90
C LEU E 243 11.60 -9.02 5.59
N ILE E 244 12.40 -7.96 5.73
CA ILE E 244 11.94 -6.74 6.37
C ILE E 244 11.96 -5.56 5.41
N GLU E 245 10.91 -4.77 5.45
CA GLU E 245 10.84 -3.56 4.64
C GLU E 245 10.42 -2.42 5.55
N VAL E 246 11.19 -1.33 5.52
CA VAL E 246 10.84 -0.16 6.31
C VAL E 246 10.28 0.85 5.32
N ARG E 247 9.18 1.49 5.70
CA ARG E 247 8.56 2.50 4.86
C ARG E 247 8.48 3.79 5.64
N VAL E 248 8.74 4.90 4.95
CA VAL E 248 8.69 6.19 5.62
C VAL E 248 7.63 7.04 4.95
N PRO E 249 6.60 7.43 5.70
CA PRO E 249 5.54 8.27 5.13
C PRO E 249 6.01 9.71 5.25
N ASP E 250 5.13 10.68 5.00
CA ASP E 250 5.56 12.07 5.17
C ASP E 250 5.84 12.18 6.66
N VAL E 251 6.87 12.91 7.03
CA VAL E 251 7.21 13.05 8.44
C VAL E 251 7.08 14.51 8.88
N GLY E 252 6.35 14.73 9.98
CA GLY E 252 6.14 16.07 10.48
C GLY E 252 7.25 16.63 11.34
N GLY E 253 8.45 16.72 10.79
CA GLY E 253 9.57 17.26 11.54
C GLY E 253 10.34 16.18 12.30
N GLY E 254 11.66 16.27 12.29
CA GLY E 254 12.49 15.28 12.98
C GLY E 254 13.53 16.00 13.80
N PHE E 255 14.34 16.81 13.13
CA PHE E 255 15.38 17.60 13.79
C PHE E 255 16.37 16.76 14.58
N GLY E 256 16.51 15.50 14.21
CA GLY E 256 17.44 14.63 14.91
C GLY E 256 16.72 13.67 15.85
N GLN E 257 15.58 14.08 16.38
CA GLN E 257 14.83 13.23 17.29
C GLN E 257 14.43 11.94 16.61
N LYS E 258 14.06 12.04 15.33
CA LYS E 258 13.65 10.85 14.61
C LYS E 258 14.83 10.21 13.88
N ALA E 259 16.04 10.48 14.37
CA ALA E 259 17.25 9.90 13.80
C ALA E 259 17.85 8.97 14.85
N HIS E 260 16.97 8.25 15.55
CA HIS E 260 17.37 7.29 16.57
C HIS E 260 16.49 6.05 16.42
N LEU E 261 16.97 4.93 16.95
CA LEU E 261 16.18 3.70 16.92
C LEU E 261 15.41 3.75 18.24
N HIS E 262 14.09 3.71 18.17
CA HIS E 262 13.28 3.77 19.37
C HIS E 262 12.86 2.39 19.85
N PRO E 263 12.82 2.18 21.16
CA PRO E 263 12.42 0.87 21.67
C PRO E 263 11.06 0.48 21.08
N GLU E 264 10.15 1.45 20.97
CA GLU E 264 8.82 1.20 20.44
C GLU E 264 8.82 0.69 19.00
N GLU E 265 9.82 1.10 18.21
CA GLU E 265 9.90 0.63 16.83
C GLU E 265 10.10 -0.88 16.85
N LEU E 266 10.98 -1.35 17.72
CA LEU E 266 11.21 -2.79 17.83
C LEU E 266 9.98 -3.46 18.45
N LEU E 267 9.38 -2.81 19.44
CA LEU E 267 8.21 -3.37 20.10
C LEU E 267 7.04 -3.66 19.17
N VAL E 268 6.66 -2.70 18.31
CA VAL E 268 5.54 -2.96 17.41
C VAL E 268 5.81 -4.15 16.48
N CYS E 269 7.07 -4.34 16.08
CA CYS E 269 7.39 -5.46 15.21
C CYS E 269 7.17 -6.78 15.96
N LEU E 270 7.68 -6.82 17.19
CA LEU E 270 7.54 -8.01 18.03
C LEU E 270 6.08 -8.28 18.33
N LEU E 271 5.34 -7.21 18.64
CA LEU E 271 3.93 -7.33 18.96
C LEU E 271 3.12 -7.81 17.75
N SER E 272 3.40 -7.24 16.58
CA SER E 272 2.66 -7.65 15.39
C SER E 272 2.92 -9.12 15.05
N ARG E 273 4.17 -9.56 15.17
CA ARG E 273 4.49 -10.95 14.85
C ARG E 273 3.76 -11.87 15.84
N ALA E 274 3.77 -11.49 17.12
CA ALA E 274 3.11 -12.28 18.15
C ALA E 274 1.60 -12.37 17.97
N LEU E 275 0.98 -11.26 17.57
CA LEU E 275 -0.47 -11.20 17.39
C LEU E 275 -1.00 -11.55 16.00
N GLY E 276 -0.14 -11.50 14.99
CA GLY E 276 -0.61 -11.81 13.65
C GLY E 276 -1.52 -10.72 13.12
N ARG E 277 -1.37 -9.51 13.64
CA ARG E 277 -2.16 -8.37 13.23
C ARG E 277 -1.30 -7.11 13.29
N PRO E 278 -1.64 -6.08 12.51
CA PRO E 278 -0.85 -4.85 12.52
C PRO E 278 -0.95 -4.17 13.87
N VAL E 279 0.15 -3.61 14.34
CA VAL E 279 0.17 -2.91 15.63
C VAL E 279 0.65 -1.48 15.43
N ARG E 280 -0.16 -0.56 15.91
CA ARG E 280 0.09 0.86 15.77
C ARG E 280 0.51 1.56 17.06
N TRP E 281 1.61 2.29 16.97
CA TRP E 281 2.13 3.08 18.09
C TRP E 281 2.23 4.53 17.67
N ILE E 282 1.37 5.36 18.26
CA ILE E 282 1.39 6.80 17.99
C ILE E 282 1.44 7.40 19.39
N GLU E 283 2.59 7.97 19.74
CA GLU E 283 2.74 8.54 21.07
C GLU E 283 2.08 9.89 21.17
N ASP E 284 1.75 10.29 22.39
CA ASP E 284 1.14 11.59 22.61
C ASP E 284 2.26 12.54 23.01
N ARG E 285 1.94 13.82 23.17
CA ARG E 285 2.94 14.84 23.50
C ARG E 285 3.70 14.57 24.79
N GLN E 286 2.99 14.19 25.84
CA GLN E 286 3.65 13.90 27.10
C GLN E 286 4.69 12.79 26.93
N GLU E 287 4.35 11.76 26.16
CA GLU E 287 5.28 10.66 25.93
C GLU E 287 6.53 11.12 25.18
N ASN E 288 6.37 12.12 24.30
CA ASN E 288 7.52 12.61 23.55
C ASN E 288 8.52 13.23 24.52
N PHE E 289 8.01 13.91 25.55
CA PHE E 289 8.88 14.55 26.54
C PHE E 289 9.47 13.52 27.50
N LEU E 290 8.69 12.51 27.85
CA LEU E 290 9.10 11.46 28.78
C LEU E 290 10.00 10.35 28.22
N GLY E 291 9.68 9.86 27.02
CA GLY E 291 10.45 8.75 26.49
C GLY E 291 11.22 8.84 25.20
N ALA E 292 11.33 10.02 24.62
CA ALA E 292 12.10 10.14 23.38
C ALA E 292 13.54 10.32 23.84
N THR E 293 14.12 11.48 23.54
CA THR E 293 15.46 11.80 23.98
C THR E 293 15.46 13.30 24.19
N HIS E 294 16.41 13.79 24.98
CA HIS E 294 16.56 15.22 25.21
C HIS E 294 17.93 15.52 24.62
N ALA E 295 18.28 16.80 24.54
CA ALA E 295 19.57 17.16 23.96
C ALA E 295 20.13 18.45 24.54
N LYS E 296 21.37 18.75 24.13
CA LYS E 296 22.08 19.97 24.51
C LYS E 296 22.58 20.13 25.94
N GLN E 297 22.28 19.19 26.83
CA GLN E 297 22.72 19.38 28.21
C GLN E 297 24.17 19.07 28.52
N GLN E 298 25.04 20.04 28.29
CA GLN E 298 26.44 19.87 28.62
C GLN E 298 26.94 21.14 29.31
N ARG E 299 28.00 20.98 30.09
CA ARG E 299 28.60 22.08 30.79
C ARG E 299 29.99 22.24 30.23
N ASN E 300 30.39 23.50 30.00
CA ASN E 300 31.71 23.76 29.46
C ASN E 300 32.47 24.82 30.25
N GLU E 301 33.50 24.37 30.95
CA GLU E 301 34.35 25.27 31.73
C GLU E 301 35.43 25.65 30.72
N MET E 302 35.27 26.81 30.10
CA MET E 302 36.19 27.25 29.06
C MET E 302 37.06 28.43 29.47
N GLY E 303 38.30 28.43 28.99
CA GLY E 303 39.22 29.50 29.27
C GLY E 303 39.90 29.94 27.98
N LEU E 304 40.04 31.25 27.81
CA LEU E 304 40.67 31.79 26.61
C LEU E 304 41.75 32.80 26.97
N ALA E 305 42.97 32.55 26.51
CA ALA E 305 44.10 33.45 26.76
C ALA E 305 44.39 34.20 25.47
N PHE E 306 44.68 35.49 25.58
CA PHE E 306 44.97 36.30 24.41
C PHE E 306 45.96 37.41 24.73
N ASP E 307 46.59 37.96 23.69
CA ASP E 307 47.57 39.01 23.88
C ASP E 307 46.95 40.40 23.73
N GLY E 308 47.75 41.42 23.98
CA GLY E 308 47.28 42.80 23.90
C GLY E 308 46.54 43.19 22.63
N ASP E 309 46.81 42.50 21.53
CA ASP E 309 46.15 42.80 20.26
C ASP E 309 44.92 41.94 20.01
N GLY E 310 44.58 41.08 20.96
CA GLY E 310 43.41 40.22 20.81
C GLY E 310 43.68 38.90 20.14
N ARG E 311 44.96 38.58 19.90
CA ARG E 311 45.30 37.32 19.25
C ARG E 311 45.19 36.20 20.29
N PHE E 312 44.49 35.13 19.94
CA PHE E 312 44.30 34.01 20.86
C PHE E 312 45.60 33.22 21.03
N LEU E 313 45.96 32.96 22.28
CA LEU E 313 47.18 32.23 22.59
C LEU E 313 46.89 30.80 23.00
N ALA E 314 45.80 30.61 23.74
CA ALA E 314 45.42 29.28 24.20
C ALA E 314 43.94 29.16 24.51
N LEU E 315 43.41 27.96 24.36
CA LEU E 315 42.02 27.69 24.66
C LEU E 315 41.95 26.41 25.48
N GLU E 316 41.21 26.48 26.58
CA GLU E 316 41.06 25.36 27.49
C GLU E 316 39.56 25.10 27.64
N ASN E 317 39.16 23.83 27.64
CA ASN E 317 37.75 23.50 27.78
C ASN E 317 37.50 22.11 28.37
N ARG E 318 36.76 22.09 29.47
CA ARG E 318 36.36 20.87 30.16
C ARG E 318 34.87 20.76 29.85
N SER E 319 34.52 19.80 29.00
CA SER E 319 33.13 19.61 28.59
C SER E 319 32.52 18.35 29.19
N ILE E 320 31.36 18.51 29.84
CA ILE E 320 30.69 17.37 30.47
C ILE E 320 29.24 17.25 29.98
N THR E 321 28.85 16.04 29.61
CA THR E 321 27.51 15.78 29.12
C THR E 321 26.62 14.99 30.10
N ASP E 322 25.40 15.47 30.31
CA ASP E 322 24.46 14.74 31.17
C ASP E 322 23.83 13.76 30.18
N GLY E 323 24.35 12.54 30.13
CA GLY E 323 23.88 11.56 29.16
C GLY E 323 22.62 10.73 29.35
N GLY E 324 22.04 10.73 30.55
CA GLY E 324 20.86 9.92 30.73
C GLY E 324 21.24 8.50 31.12
N ALA E 325 20.24 7.62 31.23
CA ALA E 325 20.46 6.23 31.65
C ALA E 325 21.15 5.30 30.69
N TYR E 326 21.02 5.55 29.39
CA TYR E 326 21.63 4.69 28.38
C TYR E 326 22.17 5.52 27.25
N ASN E 327 22.91 4.86 26.35
CA ASN E 327 23.42 5.50 25.16
C ASN E 327 22.32 5.34 24.12
N ASN E 328 21.99 6.42 23.41
CA ASN E 328 20.99 6.32 22.37
C ASN E 328 21.72 5.61 21.22
N LEU E 329 20.96 5.06 20.27
CA LEU E 329 21.56 4.40 19.11
C LEU E 329 21.09 5.29 17.96
N PRO E 330 21.99 5.61 17.00
CA PRO E 330 23.40 5.22 16.89
C PRO E 330 24.43 6.22 17.43
N TRP E 331 23.98 7.43 17.78
CA TRP E 331 24.88 8.49 18.23
C TRP E 331 25.54 8.35 19.60
N THR E 332 24.84 7.70 20.53
CA THR E 332 25.32 7.51 21.90
C THR E 332 25.54 8.85 22.60
N GLN E 333 25.94 8.81 23.86
CA GLN E 333 26.17 10.01 24.64
C GLN E 333 27.32 10.86 24.09
N LEU E 334 28.02 10.35 23.08
CA LEU E 334 29.13 11.09 22.48
C LEU E 334 28.61 12.19 21.55
N VAL E 335 27.29 12.20 21.32
CA VAL E 335 26.67 13.16 20.44
C VAL E 335 26.77 14.61 20.93
N GLU E 336 27.12 14.80 22.19
CA GLU E 336 27.26 16.14 22.73
C GLU E 336 28.71 16.60 22.90
N SER E 337 29.25 16.46 24.10
CA SER E 337 30.63 16.89 24.39
C SER E 337 31.72 16.31 23.51
N HIS E 338 31.65 15.00 23.25
CA HIS E 338 32.67 14.33 22.44
C HIS E 338 32.85 14.95 21.06
N VAL E 339 31.79 15.00 20.26
CA VAL E 339 31.89 15.58 18.93
C VAL E 339 32.05 17.10 19.00
N GLY E 340 31.52 17.69 20.07
CA GLY E 340 31.62 19.13 20.25
C GLY E 340 33.04 19.62 20.41
N ASN E 341 33.81 18.97 21.28
CA ASN E 341 35.20 19.37 21.50
C ASN E 341 36.08 19.16 20.26
N ALA E 342 35.64 18.29 19.36
CA ALA E 342 36.42 18.01 18.15
C ALA E 342 36.50 19.25 17.27
N VAL E 343 35.48 20.10 17.33
CA VAL E 343 35.44 21.31 16.51
C VAL E 343 35.43 22.57 17.38
N ILE E 344 35.90 22.43 18.62
CA ILE E 344 35.91 23.53 19.57
C ILE E 344 36.67 24.80 19.14
N LEU E 345 37.65 24.65 18.26
CA LEU E 345 38.41 25.84 17.81
C LEU E 345 37.63 26.54 16.71
N GLY E 346 36.69 25.82 16.13
CA GLY E 346 35.88 26.38 15.09
C GLY E 346 36.65 26.96 13.92
N VAL E 347 36.42 28.25 13.69
CA VAL E 347 36.99 28.99 12.59
C VAL E 347 38.30 29.74 12.92
N TYR E 348 38.73 29.62 14.17
CA TYR E 348 39.90 30.35 14.64
C TYR E 348 41.23 29.59 14.75
N LYS E 349 42.31 30.36 14.73
CA LYS E 349 43.65 29.80 14.85
C LYS E 349 44.09 29.93 16.30
N VAL E 350 44.16 28.80 16.99
CA VAL E 350 44.58 28.76 18.39
C VAL E 350 45.71 27.75 18.47
N PRO E 351 46.94 28.22 18.71
CA PRO E 351 48.14 27.37 18.81
C PRO E 351 48.20 26.35 19.95
N ALA E 352 47.71 26.71 21.12
CA ALA E 352 47.74 25.80 22.26
C ALA E 352 46.33 25.45 22.72
N VAL E 353 46.07 24.16 22.91
CA VAL E 353 44.75 23.71 23.33
C VAL E 353 44.81 22.56 24.32
N SER E 354 43.93 22.61 25.32
CA SER E 354 43.83 21.55 26.32
C SER E 354 42.35 21.34 26.57
N GLU E 355 41.85 20.15 26.22
CA GLU E 355 40.43 19.87 26.40
C GLU E 355 40.12 18.43 26.77
N GLU E 356 38.97 18.24 27.39
CA GLU E 356 38.51 16.92 27.79
C GLU E 356 37.00 16.88 27.67
N SER E 357 36.48 15.76 27.20
CA SER E 357 35.04 15.58 27.06
C SER E 357 34.65 14.41 27.95
N ILE E 358 33.64 14.62 28.79
CA ILE E 358 33.19 13.59 29.71
C ILE E 358 31.68 13.35 29.59
N ALA E 359 31.30 12.09 29.42
CA ALA E 359 29.88 11.74 29.33
C ALA E 359 29.55 10.91 30.55
N VAL E 360 28.56 11.35 31.32
CA VAL E 360 28.16 10.60 32.52
C VAL E 360 26.71 10.15 32.43
N ALA E 361 26.45 8.97 32.99
CA ALA E 361 25.10 8.42 33.01
C ALA E 361 24.35 9.04 34.18
N THR E 362 23.08 9.36 33.95
CA THR E 362 22.22 9.92 34.98
C THR E 362 20.87 9.21 34.84
N ASN E 363 20.06 9.25 35.88
CA ASN E 363 18.76 8.59 35.79
C ASN E 363 17.73 9.51 35.15
N LYS E 364 17.92 9.71 33.85
CA LYS E 364 17.06 10.56 33.04
C LYS E 364 16.95 9.90 31.68
N CYS E 365 16.06 10.41 30.84
CA CYS E 365 15.91 9.85 29.50
C CYS E 365 17.28 9.97 28.83
N PRO E 366 17.62 9.03 27.93
CA PRO E 366 18.93 9.18 27.31
C PRO E 366 19.08 10.44 26.47
N ILE E 367 20.26 11.05 26.51
CA ILE E 367 20.52 12.25 25.74
C ILE E 367 20.58 11.78 24.27
N GLY E 368 20.23 12.66 23.34
CA GLY E 368 20.23 12.27 21.95
C GLY E 368 20.50 13.42 21.00
N ALA E 369 20.46 13.14 19.71
CA ALA E 369 20.73 14.14 18.70
C ALA E 369 19.59 15.13 18.47
N TYR E 370 19.95 16.41 18.41
CA TYR E 370 19.01 17.47 18.11
C TYR E 370 19.80 18.54 17.34
N ARG E 371 19.28 18.89 16.18
CA ARG E 371 19.85 19.89 15.27
C ARG E 371 21.04 20.66 15.83
N GLY E 372 22.22 20.37 15.28
CA GLY E 372 23.43 21.06 15.72
C GLY E 372 24.18 20.24 16.76
N VAL E 373 23.51 19.21 17.27
CA VAL E 373 24.06 18.32 18.28
C VAL E 373 24.98 19.00 19.28
N GLY E 374 26.11 18.37 19.58
CA GLY E 374 27.04 18.93 20.55
C GLY E 374 27.86 20.14 20.14
N PHE E 375 27.71 20.59 18.91
CA PHE E 375 28.47 21.74 18.43
C PHE E 375 27.96 23.06 19.02
N THR E 376 26.67 23.12 19.29
CA THR E 376 26.04 24.33 19.83
C THR E 376 26.64 24.84 21.13
N ALA E 377 26.76 23.97 22.13
CA ALA E 377 27.27 24.36 23.44
C ALA E 377 28.62 25.06 23.40
N GLY E 378 29.58 24.48 22.69
CA GLY E 378 30.89 25.08 22.60
C GLY E 378 30.87 26.38 21.82
N GLN E 379 29.99 26.46 20.83
CA GLN E 379 29.85 27.66 20.01
C GLN E 379 29.38 28.82 20.90
N ILE E 380 28.42 28.52 21.77
CA ILE E 380 27.89 29.54 22.69
C ILE E 380 29.00 30.06 23.60
N ALA E 381 29.68 29.14 24.28
CA ALA E 381 30.75 29.48 25.21
C ALA E 381 31.87 30.30 24.56
N ARG E 382 32.44 29.77 23.48
CA ARG E 382 33.53 30.45 22.80
C ARG E 382 33.17 31.83 22.28
N GLU E 383 32.08 31.93 21.51
CA GLU E 383 31.68 33.23 20.96
C GLU E 383 31.39 34.25 22.05
N THR E 384 30.83 33.79 23.16
CA THR E 384 30.54 34.71 24.26
C THR E 384 31.85 35.18 24.86
N LEU E 385 32.82 34.27 24.98
CA LEU E 385 34.12 34.65 25.54
C LEU E 385 34.88 35.55 24.57
N ILE E 386 34.74 35.30 23.27
CA ILE E 386 35.42 36.15 22.29
C ILE E 386 34.90 37.58 22.38
N ASP E 387 33.58 37.73 22.53
CA ASP E 387 32.99 39.06 22.65
C ASP E 387 33.50 39.77 23.90
N ARG E 388 33.66 39.01 24.98
CA ARG E 388 34.12 39.54 26.25
C ARG E 388 35.56 40.05 26.15
N ALA E 389 36.39 39.32 25.39
CA ALA E 389 37.78 39.72 25.20
C ALA E 389 37.81 41.01 24.40
N ALA E 390 36.98 41.08 23.36
CA ALA E 390 36.92 42.26 22.53
C ALA E 390 36.55 43.48 23.37
N ARG E 391 35.51 43.35 24.20
CA ARG E 391 35.07 44.44 25.06
C ARG E 391 36.18 44.92 26.00
N GLN E 392 36.95 43.97 26.54
CA GLN E 392 38.03 44.31 27.45
C GLN E 392 39.18 45.04 26.76
N LEU E 393 39.38 44.76 25.48
CA LEU E 393 40.45 45.38 24.71
C LEU E 393 40.02 46.61 23.91
N GLY E 394 38.72 46.90 23.91
CA GLY E 394 38.24 48.05 23.16
C GLY E 394 38.16 47.75 21.68
N LEU E 395 37.99 46.48 21.34
CA LEU E 395 37.89 46.07 19.95
C LEU E 395 36.44 45.66 19.66
N SER E 396 35.98 45.86 18.42
CA SER E 396 34.63 45.48 18.06
C SER E 396 34.61 43.96 17.96
N PRO E 397 33.45 43.34 18.20
CA PRO E 397 33.40 41.88 18.09
C PRO E 397 33.82 41.39 16.72
N PHE E 398 33.63 42.23 15.70
CA PHE E 398 34.02 41.85 14.34
C PHE E 398 35.53 41.90 14.15
N GLU E 399 36.17 42.91 14.72
CA GLU E 399 37.61 43.08 14.59
C GLU E 399 38.43 41.99 15.26
N ILE E 400 38.11 41.65 16.50
CA ILE E 400 38.88 40.61 17.18
C ILE E 400 38.79 39.28 16.45
N ARG E 401 37.68 39.04 15.75
CA ARG E 401 37.54 37.81 15.01
C ARG E 401 38.38 37.85 13.74
N ARG E 402 38.50 39.03 13.13
CA ARG E 402 39.32 39.17 11.92
C ARG E 402 40.76 38.80 12.22
N ARG E 403 41.19 39.13 13.43
CA ARG E 403 42.56 38.89 13.86
C ARG E 403 42.86 37.46 14.29
N ASN E 404 41.88 36.57 14.23
CA ASN E 404 42.10 35.19 14.65
C ASN E 404 41.55 34.13 13.71
N VAL E 405 40.73 34.54 12.75
CA VAL E 405 40.16 33.58 11.83
C VAL E 405 41.16 33.11 10.78
N VAL E 406 40.96 31.89 10.28
CA VAL E 406 41.82 31.36 9.23
C VAL E 406 41.61 32.33 8.08
N MET E 407 42.69 32.96 7.64
CA MET E 407 42.64 33.94 6.56
C MET E 407 42.64 33.34 5.17
N PRO E 408 42.12 34.08 4.18
CA PRO E 408 42.05 33.61 2.80
C PRO E 408 43.41 33.09 2.31
N GLU E 409 44.49 33.74 2.76
CA GLU E 409 45.82 33.34 2.35
C GLU E 409 46.34 32.14 3.13
N ASP E 410 45.63 31.76 4.19
CA ASP E 410 46.03 30.62 5.02
C ASP E 410 45.63 29.25 4.47
N PHE E 411 44.60 29.19 3.64
CA PHE E 411 44.15 27.92 3.09
C PHE E 411 45.18 27.30 2.16
N PRO E 412 45.50 26.01 2.35
CA PRO E 412 44.94 25.12 3.37
C PRO E 412 45.62 25.26 4.73
N PHE E 413 44.83 25.25 5.79
CA PHE E 413 45.35 25.40 7.14
C PHE E 413 44.81 24.31 8.07
N THR E 414 45.70 23.65 8.79
CA THR E 414 45.31 22.61 9.73
C THR E 414 45.47 23.15 11.15
N ASN E 415 44.39 23.18 11.92
CA ASN E 415 44.48 23.70 13.29
C ASN E 415 45.04 22.68 14.28
N ARG E 416 45.20 23.11 15.52
CA ARG E 416 45.74 22.26 16.58
C ARG E 416 44.99 20.95 16.76
N LEU E 417 43.69 20.96 16.47
CA LEU E 417 42.89 19.76 16.64
C LEU E 417 42.78 18.88 15.40
N GLY E 418 43.61 19.15 14.41
CA GLY E 418 43.60 18.34 13.20
C GLY E 418 42.60 18.66 12.11
N GLN E 419 41.83 19.74 12.26
CA GLN E 419 40.87 20.07 11.23
C GLN E 419 41.57 20.90 10.15
N THR E 420 41.49 20.46 8.91
CA THR E 420 42.11 21.18 7.82
C THR E 420 41.07 22.00 7.06
N HIS E 421 41.27 23.32 7.06
CA HIS E 421 40.37 24.23 6.36
C HIS E 421 40.89 24.35 4.93
N ARG E 422 40.05 24.04 3.95
CA ARG E 422 40.50 24.12 2.57
C ARG E 422 39.88 25.22 1.73
N GLU E 423 38.60 25.49 1.92
CA GLU E 423 37.94 26.56 1.17
C GLU E 423 36.69 27.05 1.91
N GLY E 424 36.65 28.35 2.18
CA GLY E 424 35.52 28.93 2.89
C GLY E 424 35.67 30.45 2.91
N THR E 425 34.67 31.13 3.44
CA THR E 425 34.66 32.59 3.48
C THR E 425 34.55 33.16 4.90
N TYR E 426 35.41 32.70 5.79
CA TYR E 426 35.38 33.18 7.17
C TYR E 426 35.52 34.70 7.30
N LEU E 427 36.58 35.24 6.71
CA LEU E 427 36.82 36.67 6.77
C LEU E 427 35.72 37.48 6.09
N GLN E 428 35.37 37.09 4.87
CA GLN E 428 34.33 37.80 4.14
C GLN E 428 32.99 37.76 4.88
N THR E 429 32.76 36.68 5.62
CA THR E 429 31.51 36.55 6.37
C THR E 429 31.46 37.61 7.46
N ILE E 430 32.58 37.79 8.15
CA ILE E 430 32.68 38.79 9.22
C ILE E 430 32.36 40.18 8.68
N ASN E 431 33.03 40.54 7.59
CA ASN E 431 32.84 41.84 6.95
C ASN E 431 31.42 42.08 6.49
N LEU E 432 30.83 41.07 5.87
CA LEU E 432 29.47 41.17 5.34
C LEU E 432 28.47 41.29 6.48
N LEU E 433 28.69 40.48 7.51
CA LEU E 433 27.82 40.49 8.68
C LEU E 433 27.85 41.87 9.31
N GLU E 434 29.03 42.47 9.39
CA GLU E 434 29.17 43.80 9.97
C GLU E 434 28.37 44.80 9.16
N GLU E 435 28.49 44.74 7.83
CA GLU E 435 27.76 45.62 6.94
C GLU E 435 26.26 45.51 7.18
N MET E 436 25.79 44.27 7.35
CA MET E 436 24.36 44.03 7.55
C MET E 436 23.88 44.65 8.86
N VAL E 437 24.70 44.52 9.90
CA VAL E 437 24.35 45.05 11.21
C VAL E 437 24.41 46.58 11.33
N ASN E 438 25.44 47.18 10.73
CA ASN E 438 25.65 48.62 10.82
C ASN E 438 25.76 48.93 12.31
N PRO E 439 26.79 48.37 12.96
CA PRO E 439 27.05 48.55 14.40
C PRO E 439 27.19 49.98 14.91
N GLU E 440 27.68 50.89 14.08
CA GLU E 440 27.82 52.27 14.51
C GLU E 440 26.45 52.80 14.95
N ALA E 441 25.45 52.59 14.10
CA ALA E 441 24.09 53.04 14.38
C ALA E 441 23.52 52.30 15.59
N PHE E 442 23.76 50.99 15.68
CA PHE E 442 23.26 50.22 16.81
C PHE E 442 23.83 50.73 18.13
N ARG E 443 25.15 50.90 18.18
CA ARG E 443 25.81 51.36 19.39
C ARG E 443 25.22 52.68 19.89
N GLN E 444 24.78 53.53 18.96
CA GLN E 444 24.17 54.79 19.32
C GLN E 444 22.81 54.49 19.98
N ARG E 445 22.03 53.62 19.35
CA ARG E 445 20.73 53.22 19.90
C ARG E 445 20.90 52.57 21.27
N GLN E 446 21.95 51.76 21.39
CA GLN E 446 22.24 51.07 22.64
C GLN E 446 22.49 52.05 23.77
N ALA E 447 23.28 53.08 23.48
CA ALA E 447 23.61 54.09 24.48
C ALA E 447 22.39 54.87 24.94
N GLU E 448 21.59 55.34 23.98
CA GLU E 448 20.42 56.13 24.31
C GLU E 448 19.31 55.37 25.01
N ALA E 449 19.12 54.11 24.66
CA ALA E 449 18.05 53.31 25.25
C ALA E 449 18.16 53.01 26.75
N ARG E 450 19.36 53.15 27.31
CA ARG E 450 19.53 52.87 28.72
C ARG E 450 18.82 53.78 29.71
N ALA E 451 18.51 55.02 29.32
CA ALA E 451 17.82 55.93 30.21
C ALA E 451 16.32 55.66 30.08
N ARG E 452 15.97 54.75 29.18
CA ARG E 452 14.59 54.35 28.93
C ARG E 452 14.29 53.03 29.63
N GLY E 453 15.28 52.52 30.35
CA GLY E 453 15.12 51.26 31.05
C GLY E 453 15.14 50.07 30.11
N LYS E 454 15.85 50.22 28.99
CA LYS E 454 15.96 49.16 27.99
C LYS E 454 17.43 48.85 27.74
N TYR E 455 17.79 47.59 27.89
CA TYR E 455 19.16 47.14 27.67
C TYR E 455 19.25 46.46 26.32
N LEU E 456 19.80 47.17 25.34
CA LEU E 456 19.97 46.64 23.99
C LEU E 456 21.30 45.93 23.90
N GLY E 457 21.35 44.85 23.14
CA GLY E 457 22.60 44.11 23.00
C GLY E 457 22.80 43.49 21.63
N LEU E 458 24.05 43.50 21.17
CA LEU E 458 24.40 42.91 19.88
C LEU E 458 25.27 41.69 20.15
N GLY E 459 24.90 40.55 19.57
CA GLY E 459 25.67 39.34 19.75
C GLY E 459 26.18 38.85 18.41
N VAL E 460 27.41 38.37 18.38
CA VAL E 460 28.01 37.90 17.13
C VAL E 460 28.51 36.47 17.22
N SER E 461 28.26 35.70 16.17
CA SER E 461 28.70 34.31 16.10
C SER E 461 29.16 33.98 14.69
N VAL E 462 30.40 33.52 14.57
CA VAL E 462 30.95 33.14 13.27
C VAL E 462 31.25 31.65 13.40
N PHE E 463 30.87 30.88 12.40
CA PHE E 463 31.06 29.44 12.47
C PHE E 463 31.51 28.78 11.17
N ASN E 464 31.89 27.51 11.31
CA ASN E 464 32.25 26.68 10.18
C ASN E 464 31.49 25.41 10.60
N GLU E 465 31.20 24.54 9.64
CA GLU E 465 30.42 23.35 9.98
C GLU E 465 30.76 22.16 9.10
N VAL E 466 30.86 20.99 9.71
CA VAL E 466 31.13 19.78 8.95
C VAL E 466 29.80 19.35 8.32
N THR E 467 29.80 19.12 7.01
CA THR E 467 28.58 18.71 6.31
C THR E 467 28.89 17.50 5.43
N GLY E 468 27.85 16.94 4.80
CA GLY E 468 28.03 15.78 3.95
C GLY E 468 28.65 14.65 4.75
N THR E 469 28.38 14.68 6.04
CA THR E 469 28.91 13.71 6.99
C THR E 469 28.96 12.25 6.57
N GLY E 470 30.17 11.79 6.28
CA GLY E 470 30.40 10.42 5.87
C GLY E 470 31.56 9.87 6.68
N THR E 471 32.15 8.77 6.22
CA THR E 471 33.25 8.12 6.91
C THR E 471 34.37 9.04 7.39
N ARG E 472 34.85 9.90 6.51
CA ARG E 472 35.94 10.82 6.84
C ARG E 472 35.62 11.78 7.98
N THR E 473 34.43 12.37 7.94
CA THR E 473 34.03 13.29 8.99
C THR E 473 33.86 12.55 10.32
N LEU E 474 33.29 11.36 10.27
CA LEU E 474 33.08 10.59 11.49
C LEU E 474 34.41 10.21 12.12
N SER E 475 35.44 10.02 11.30
CA SER E 475 36.77 9.70 11.83
C SER E 475 37.30 10.97 12.49
N PHE E 476 37.15 12.10 11.80
CA PHE E 476 37.61 13.38 12.32
C PHE E 476 36.95 13.71 13.66
N LEU E 477 35.66 13.41 13.79
CA LEU E 477 34.92 13.69 15.02
C LEU E 477 35.26 12.74 16.15
N GLY E 478 36.04 11.69 15.86
CA GLY E 478 36.42 10.75 16.90
C GLY E 478 35.40 9.66 17.17
N THR E 479 34.50 9.44 16.21
CA THR E 479 33.48 8.42 16.32
C THR E 479 33.54 7.61 15.02
N PRO E 480 34.65 6.89 14.81
CA PRO E 480 34.87 6.08 13.61
C PRO E 480 33.72 5.16 13.21
N THR E 481 33.30 5.31 11.96
CA THR E 481 32.22 4.51 11.38
C THR E 481 32.20 4.72 9.86
N THR E 482 32.06 3.62 9.14
CA THR E 482 31.99 3.68 7.68
C THR E 482 30.54 3.86 7.25
N THR E 483 30.29 4.83 6.38
CA THR E 483 28.95 5.08 5.90
C THR E 483 28.76 4.45 4.51
N HIS E 484 27.51 4.20 4.18
CA HIS E 484 27.13 3.63 2.88
C HIS E 484 25.86 4.35 2.47
N ASP E 485 25.87 4.94 1.28
CA ASP E 485 24.72 5.69 0.80
C ASP E 485 24.58 5.58 -0.70
N SER E 486 23.74 4.66 -1.15
CA SER E 486 23.56 4.48 -2.58
C SER E 486 22.30 5.16 -3.08
N ALA E 487 22.28 5.39 -4.39
CA ALA E 487 21.15 5.99 -5.07
C ALA E 487 21.00 5.21 -6.36
N THR E 488 19.79 5.15 -6.89
CA THR E 488 19.54 4.45 -8.13
C THR E 488 18.91 5.44 -9.11
N VAL E 489 19.36 5.40 -10.36
CA VAL E 489 18.81 6.28 -11.36
C VAL E 489 18.44 5.46 -12.58
N ARG E 490 17.20 5.62 -13.03
CA ARG E 490 16.73 4.92 -14.21
C ARG E 490 16.19 5.92 -15.21
N ILE E 491 16.65 5.80 -16.45
CA ILE E 491 16.14 6.68 -17.50
C ILE E 491 15.03 5.85 -18.13
N ASP E 492 13.81 6.33 -18.00
CA ASP E 492 12.66 5.64 -18.56
C ASP E 492 12.67 5.73 -20.07
N PRO E 493 12.11 4.72 -20.75
CA PRO E 493 12.04 4.63 -22.22
C PRO E 493 11.66 5.91 -22.95
N THR E 494 10.70 6.65 -22.42
CA THR E 494 10.24 7.89 -23.04
C THR E 494 11.14 9.10 -22.76
N GLY E 495 12.20 8.89 -21.99
CA GLY E 495 13.09 9.98 -21.69
C GLY E 495 12.92 10.61 -20.31
N LYS E 496 11.95 10.11 -19.54
CA LYS E 496 11.74 10.65 -18.21
C LYS E 496 12.77 9.99 -17.29
N VAL E 497 12.87 10.48 -16.05
CA VAL E 497 13.86 9.95 -15.12
C VAL E 497 13.29 9.57 -13.76
N THR E 498 13.64 8.37 -13.30
CA THR E 498 13.19 7.88 -12.00
C THR E 498 14.39 7.72 -11.09
N VAL E 499 14.36 8.45 -9.97
CA VAL E 499 15.44 8.38 -9.01
C VAL E 499 14.99 7.75 -7.69
N THR E 500 15.78 6.82 -7.16
CA THR E 500 15.47 6.19 -5.89
C THR E 500 16.61 6.51 -4.93
N THR E 501 16.26 6.92 -3.71
CA THR E 501 17.25 7.29 -2.69
C THR E 501 16.84 6.70 -1.34
N SER E 502 17.82 6.55 -0.44
CA SER E 502 17.52 6.04 0.89
C SER E 502 17.51 7.19 1.87
N LEU E 503 17.62 8.41 1.33
CA LEU E 503 17.56 9.61 2.14
C LEU E 503 16.08 9.76 2.48
N ALA E 504 15.76 10.05 3.73
CA ALA E 504 14.37 10.22 4.14
C ALA E 504 14.14 11.69 4.51
N SER E 505 13.03 12.26 4.04
CA SER E 505 12.74 13.64 4.33
C SER E 505 11.78 13.85 5.49
N SER E 506 11.99 14.93 6.23
CA SER E 506 11.12 15.27 7.35
C SER E 506 10.78 16.76 7.22
N GLY E 507 10.74 17.22 5.97
CA GLY E 507 10.40 18.61 5.70
C GLY E 507 11.45 19.47 5.03
N GLN E 508 12.66 18.94 4.84
CA GLN E 508 13.73 19.74 4.25
C GLN E 508 13.78 19.84 2.73
N GLY E 509 12.75 19.34 2.05
CA GLY E 509 12.66 19.47 0.60
C GLY E 509 13.38 18.56 -0.38
N HIS E 510 13.82 17.39 0.06
CA HIS E 510 14.52 16.43 -0.81
C HIS E 510 13.76 16.11 -2.09
N GLU E 511 12.46 15.87 -1.95
CA GLU E 511 11.59 15.52 -3.07
C GLU E 511 11.74 16.52 -4.23
N THR E 512 12.10 17.75 -3.89
CA THR E 512 12.29 18.79 -4.90
C THR E 512 13.75 19.01 -5.27
N THR E 513 14.60 19.26 -4.28
CA THR E 513 16.01 19.51 -4.55
C THR E 513 16.78 18.35 -5.17
N LEU E 514 16.45 17.12 -4.80
CA LEU E 514 17.15 15.99 -5.39
C LEU E 514 16.80 15.87 -6.87
N ALA E 515 15.61 16.31 -7.23
CA ALA E 515 15.17 16.27 -8.62
C ALA E 515 15.98 17.31 -9.41
N GLN E 516 16.24 18.45 -8.79
CA GLN E 516 17.01 19.51 -9.44
C GLN E 516 18.40 18.99 -9.81
N ILE E 517 19.01 18.26 -8.88
CA ILE E 517 20.34 17.69 -9.10
C ILE E 517 20.34 16.69 -10.25
N ALA E 518 19.49 15.68 -10.17
CA ALA E 518 19.41 14.65 -11.20
C ALA E 518 19.16 15.26 -12.58
N ALA E 519 18.27 16.25 -12.61
CA ALA E 519 17.94 16.91 -13.87
C ALA E 519 19.16 17.55 -14.53
N ASP E 520 19.99 18.21 -13.72
CA ASP E 520 21.19 18.85 -14.24
C ASP E 520 22.25 17.86 -14.69
N VAL E 521 22.41 16.77 -13.94
CA VAL E 521 23.40 15.76 -14.31
C VAL E 521 23.06 15.15 -15.67
N LEU E 522 21.78 14.87 -15.91
CA LEU E 522 21.35 14.27 -17.17
C LEU E 522 20.98 15.29 -18.25
N GLY E 523 20.97 16.57 -17.89
CA GLY E 523 20.64 17.60 -18.86
C GLY E 523 19.20 17.61 -19.33
N VAL E 524 18.28 17.37 -18.40
CA VAL E 524 16.85 17.34 -18.71
C VAL E 524 16.08 18.24 -17.74
N PRO E 525 14.83 18.58 -18.08
CA PRO E 525 14.01 19.43 -17.20
C PRO E 525 13.74 18.73 -15.88
N ALA E 526 13.76 19.48 -14.79
CA ALA E 526 13.49 18.89 -13.47
C ALA E 526 12.09 18.28 -13.43
N SER E 527 11.19 18.82 -14.24
CA SER E 527 9.82 18.32 -14.29
C SER E 527 9.75 16.90 -14.88
N ASP E 528 10.82 16.48 -15.56
CA ASP E 528 10.88 15.14 -16.15
C ASP E 528 11.53 14.13 -15.19
N VAL E 529 11.76 14.56 -13.96
CA VAL E 529 12.40 13.70 -12.96
C VAL E 529 11.51 13.52 -11.74
N VAL E 530 11.55 12.33 -11.15
CA VAL E 530 10.78 12.07 -9.94
C VAL E 530 11.69 11.38 -8.93
N ILE E 531 11.56 11.78 -7.67
CA ILE E 531 12.35 11.21 -6.59
C ILE E 531 11.52 10.20 -5.80
N GLN E 532 12.04 8.98 -5.69
CA GLN E 532 11.38 7.91 -4.94
C GLN E 532 12.14 7.67 -3.66
N ALA E 533 11.48 7.81 -2.53
CA ALA E 533 12.12 7.59 -1.24
C ALA E 533 11.09 6.95 -0.32
N GLY E 534 11.48 6.66 0.91
CA GLY E 534 10.54 6.06 1.84
C GLY E 534 10.31 4.56 1.75
N SER E 535 11.26 3.84 1.15
CA SER E 535 11.15 2.39 1.04
C SER E 535 12.52 1.76 0.94
N THR E 536 12.75 0.71 1.73
CA THR E 536 14.04 0.03 1.72
C THR E 536 14.12 -1.09 0.68
N LYS E 537 13.14 -1.15 -0.22
CA LYS E 537 13.15 -2.18 -1.25
C LYS E 537 14.36 -2.07 -2.18
N ASN E 538 14.83 -0.84 -2.39
CA ASN E 538 15.97 -0.59 -3.25
C ASN E 538 16.81 0.57 -2.70
N THR E 539 18.14 0.44 -2.85
CA THR E 539 19.16 1.38 -2.37
C THR E 539 19.37 1.13 -0.88
N TYR E 540 20.40 1.74 -0.32
CA TYR E 540 20.71 1.58 1.10
C TYR E 540 21.54 2.78 1.53
N GLY E 541 21.13 3.44 2.60
CA GLY E 541 21.85 4.60 3.06
C GLY E 541 21.62 4.90 4.52
N PHE E 542 22.49 5.72 5.10
CA PHE E 542 22.37 6.09 6.50
C PHE E 542 21.25 7.10 6.75
N GLY E 543 20.74 7.70 5.69
CA GLY E 543 19.65 8.65 5.84
C GLY E 543 20.03 10.11 5.97
N ALA E 544 19.08 10.92 6.41
CA ALA E 544 19.30 12.35 6.56
C ALA E 544 19.63 12.74 8.00
N TYR E 545 20.82 13.28 8.19
CA TYR E 545 21.30 13.74 9.50
C TYR E 545 22.62 14.47 9.25
N ALA E 546 23.13 15.15 10.26
CA ALA E 546 24.39 15.90 10.18
C ALA E 546 24.58 16.68 8.88
N SER E 547 23.55 17.42 8.47
CA SER E 547 23.60 18.24 7.25
C SER E 547 24.29 17.51 6.11
N ARG E 548 23.80 16.30 5.79
CA ARG E 548 24.40 15.48 4.75
C ARG E 548 23.53 15.18 3.54
N GLY E 549 22.24 15.46 3.64
CA GLY E 549 21.32 15.19 2.55
C GLY E 549 21.68 15.73 1.18
N ALA E 550 21.83 17.04 1.09
CA ALA E 550 22.17 17.67 -0.19
C ALA E 550 23.47 17.11 -0.78
N VAL E 551 24.47 16.95 0.07
CA VAL E 551 25.78 16.44 -0.35
C VAL E 551 25.75 14.96 -0.73
N ILE E 552 25.25 14.13 0.18
CA ILE E 552 25.18 12.71 -0.09
C ILE E 552 24.25 12.45 -1.26
N GLY E 553 23.16 13.20 -1.33
CA GLY E 553 22.23 13.03 -2.43
C GLY E 553 22.89 13.41 -3.74
N ALA E 554 23.57 14.54 -3.76
CA ALA E 554 24.24 15.00 -4.97
C ALA E 554 25.30 13.99 -5.43
N GLY E 555 26.10 13.53 -4.49
CA GLY E 555 27.14 12.56 -4.82
C GLY E 555 26.66 11.22 -5.31
N SER E 556 25.71 10.63 -4.59
CA SER E 556 25.17 9.31 -4.96
C SER E 556 24.33 9.38 -6.22
N ILE E 557 23.41 10.33 -6.27
CA ILE E 557 22.58 10.47 -7.46
C ILE E 557 23.49 10.81 -8.64
N GLY E 558 24.51 11.63 -8.37
CA GLY E 558 25.44 12.00 -9.41
C GLY E 558 26.16 10.79 -9.97
N ARG E 559 26.68 9.92 -9.09
CA ARG E 559 27.39 8.73 -9.55
C ARG E 559 26.48 7.81 -10.36
N ALA E 560 25.26 7.61 -9.86
CA ALA E 560 24.30 6.74 -10.53
C ALA E 560 23.87 7.29 -11.89
N ALA E 561 23.50 8.56 -11.92
CA ALA E 561 23.08 9.20 -13.16
C ALA E 561 24.21 9.20 -14.19
N SER E 562 25.44 9.34 -13.71
CA SER E 562 26.60 9.36 -14.59
C SER E 562 26.81 8.03 -15.32
N ILE E 563 26.56 6.92 -14.62
CA ILE E 563 26.72 5.61 -15.23
C ILE E 563 25.78 5.47 -16.43
N VAL E 564 24.52 5.85 -16.24
CA VAL E 564 23.57 5.76 -17.35
C VAL E 564 23.80 6.89 -18.35
N ARG E 565 24.27 8.04 -17.87
CA ARG E 565 24.53 9.15 -18.78
C ARG E 565 25.61 8.76 -19.79
N GLU E 566 26.63 8.05 -19.31
CA GLU E 566 27.70 7.63 -20.21
C GLU E 566 27.21 6.67 -21.29
N ARG E 567 26.32 5.75 -20.92
CA ARG E 567 25.79 4.80 -21.89
C ARG E 567 24.99 5.55 -22.95
N VAL E 568 24.29 6.61 -22.54
CA VAL E 568 23.53 7.41 -23.50
C VAL E 568 24.50 8.09 -24.47
N LYS E 569 25.60 8.62 -23.93
CA LYS E 569 26.61 9.30 -24.75
C LYS E 569 27.29 8.31 -25.70
N GLN E 570 27.51 7.09 -25.22
CA GLN E 570 28.15 6.06 -26.04
C GLN E 570 27.26 5.76 -27.24
N LEU E 571 25.95 5.68 -27.00
CA LEU E 571 25.01 5.41 -28.06
C LEU E 571 24.90 6.61 -29.01
N ALA E 572 24.83 7.80 -28.43
CA ALA E 572 24.74 9.02 -29.21
C ALA E 572 25.99 9.20 -30.08
N GLY E 573 27.14 8.86 -29.50
CA GLY E 573 28.40 8.97 -30.21
C GLY E 573 28.39 8.08 -31.44
N HIS E 574 27.93 6.85 -31.24
CA HIS E 574 27.86 5.87 -32.32
C HIS E 574 26.94 6.38 -33.43
N LEU E 575 25.78 6.89 -33.04
CA LEU E 575 24.79 7.39 -34.01
C LEU E 575 25.23 8.69 -34.68
N LEU E 576 26.03 9.49 -34.00
CA LEU E 576 26.47 10.77 -34.55
C LEU E 576 27.90 10.70 -35.07
N GLU E 577 28.49 9.51 -34.99
CA GLU E 577 29.85 9.28 -35.44
C GLU E 577 30.80 10.25 -34.75
N ALA E 578 30.88 10.14 -33.43
CA ALA E 578 31.74 11.00 -32.62
C ALA E 578 32.11 10.25 -31.34
N ALA E 579 33.17 10.72 -30.68
CA ALA E 579 33.61 10.09 -29.44
C ALA E 579 32.60 10.41 -28.33
N SER E 580 32.37 9.45 -27.45
CA SER E 580 31.42 9.65 -26.36
C SER E 580 31.81 10.85 -25.51
N GLU E 581 33.10 11.00 -25.24
CA GLU E 581 33.60 12.11 -24.42
C GLU E 581 33.30 13.49 -25.01
N ASP E 582 32.85 13.53 -26.26
CA ASP E 582 32.54 14.80 -26.90
C ASP E 582 31.04 15.05 -27.00
N ILE E 583 30.25 14.15 -26.42
CA ILE E 583 28.81 14.29 -26.45
C ILE E 583 28.33 15.02 -25.21
N VAL E 584 27.37 15.92 -25.38
CA VAL E 584 26.82 16.67 -24.26
C VAL E 584 25.31 16.62 -24.31
N ILE E 585 24.69 16.60 -23.13
CA ILE E 585 23.23 16.59 -23.04
C ILE E 585 22.84 17.85 -22.30
N GLU E 586 22.12 18.72 -23.01
CA GLU E 586 21.67 19.98 -22.43
C GLU E 586 20.33 20.36 -23.04
N ASP E 587 19.40 20.78 -22.19
CA ASP E 587 18.07 21.17 -22.66
C ASP E 587 17.38 20.02 -23.39
N GLY E 588 17.63 18.79 -22.94
CA GLY E 588 17.02 17.64 -23.57
C GLY E 588 17.54 17.37 -24.97
N LEU E 589 18.72 17.90 -25.28
CA LEU E 589 19.32 17.70 -26.59
C LEU E 589 20.67 16.98 -26.45
N VAL E 590 20.81 15.87 -27.17
CA VAL E 590 22.05 15.11 -27.15
C VAL E 590 22.79 15.43 -28.44
N HIS E 591 23.88 16.17 -28.31
CA HIS E 591 24.65 16.57 -29.49
C HIS E 591 26.14 16.67 -29.23
N VAL E 592 26.91 16.76 -30.31
CA VAL E 592 28.36 16.87 -30.22
C VAL E 592 28.67 18.27 -29.68
N ALA E 593 29.54 18.33 -28.68
CA ALA E 593 29.92 19.61 -28.07
C ALA E 593 30.22 20.66 -29.12
N GLY E 594 29.50 21.78 -29.05
CA GLY E 594 29.72 22.86 -30.00
C GLY E 594 28.96 22.73 -31.31
N VAL E 595 28.33 21.57 -31.53
CA VAL E 595 27.57 21.35 -32.76
C VAL E 595 26.16 20.86 -32.48
N PRO E 596 25.30 21.75 -31.93
CA PRO E 596 23.91 21.37 -31.64
C PRO E 596 23.13 21.10 -32.92
N ALA E 597 23.82 21.19 -34.06
CA ALA E 597 23.20 20.95 -35.36
C ALA E 597 23.06 19.45 -35.63
N LYS E 598 24.04 18.68 -35.17
CA LYS E 598 24.00 17.24 -35.36
C LYS E 598 23.54 16.58 -34.06
N GLY E 599 22.53 17.17 -33.44
CA GLY E 599 22.02 16.62 -32.20
C GLY E 599 20.76 15.79 -32.37
N MET E 600 20.39 15.11 -31.30
CA MET E 600 19.19 14.28 -31.28
C MET E 600 18.51 14.53 -29.96
N PRO E 601 17.17 14.59 -29.95
CA PRO E 601 16.53 14.81 -28.66
C PRO E 601 16.82 13.64 -27.72
N PHE E 602 16.95 13.94 -26.45
CA PHE E 602 17.22 12.94 -25.42
C PHE E 602 16.35 11.70 -25.59
N ALA E 603 15.04 11.92 -25.71
CA ALA E 603 14.07 10.85 -25.85
C ALA E 603 14.33 9.91 -27.02
N GLU E 604 14.85 10.45 -28.12
CA GLU E 604 15.13 9.62 -29.29
C GLU E 604 16.28 8.66 -29.05
N VAL E 605 17.33 9.15 -28.38
CA VAL E 605 18.49 8.31 -28.09
C VAL E 605 18.12 7.23 -27.07
N VAL E 606 17.37 7.63 -26.05
CA VAL E 606 16.93 6.68 -25.02
C VAL E 606 16.02 5.61 -25.62
N GLY E 607 15.12 6.04 -26.49
CA GLY E 607 14.22 5.11 -27.13
C GLY E 607 14.99 4.05 -27.91
N ALA E 608 16.06 4.47 -28.57
CA ALA E 608 16.88 3.55 -29.34
C ALA E 608 17.63 2.62 -28.40
N ALA E 609 18.08 3.16 -27.28
CA ALA E 609 18.81 2.36 -26.29
C ALA E 609 17.92 1.20 -25.85
N TYR E 610 16.66 1.48 -25.61
CA TYR E 610 15.71 0.46 -25.17
C TYR E 610 15.17 -0.44 -26.28
N PHE E 611 14.75 0.16 -27.38
CA PHE E 611 14.11 -0.60 -28.45
C PHE E 611 14.73 -0.67 -29.84
N ALA E 612 15.94 -0.17 -30.03
CA ALA E 612 16.58 -0.23 -31.35
C ALA E 612 17.95 -0.87 -31.30
N ASP E 613 17.92 -2.19 -31.06
CA ASP E 613 19.07 -3.06 -30.95
C ASP E 613 20.12 -2.89 -32.07
N ALA E 614 19.67 -2.57 -33.28
CA ALA E 614 20.57 -2.40 -34.40
C ALA E 614 21.44 -1.14 -34.33
N THR E 615 21.02 -0.17 -33.53
CA THR E 615 21.76 1.09 -33.40
C THR E 615 22.85 1.02 -32.32
N HIS E 616 22.87 -0.08 -31.56
CA HIS E 616 23.84 -0.22 -30.48
C HIS E 616 25.27 -0.48 -30.97
N PRO E 617 26.26 0.19 -30.36
CA PRO E 617 27.66 0.02 -30.72
C PRO E 617 28.17 -1.29 -30.12
N PRO E 618 29.22 -1.88 -30.72
CA PRO E 618 29.75 -3.14 -30.19
C PRO E 618 30.17 -3.07 -28.71
N GLY E 619 29.83 -4.11 -27.96
CA GLY E 619 30.17 -4.16 -26.55
C GLY E 619 29.32 -3.30 -25.64
N PHE E 620 28.29 -2.69 -26.21
CA PHE E 620 27.38 -1.82 -25.48
C PHE E 620 26.60 -2.53 -24.38
N ASP E 621 26.35 -1.82 -23.28
CA ASP E 621 25.54 -2.38 -22.19
C ASP E 621 24.32 -1.46 -22.20
N ALA E 622 23.21 -1.97 -22.71
CA ALA E 622 21.99 -1.19 -22.85
C ALA E 622 21.20 -0.91 -21.57
N THR E 623 21.75 -1.35 -20.44
CA THR E 623 21.07 -1.13 -19.16
C THR E 623 21.04 0.35 -18.81
N LEU E 624 19.86 0.96 -18.74
CA LEU E 624 19.75 2.37 -18.41
C LEU E 624 19.22 2.64 -16.99
N GLU E 625 19.65 1.81 -16.06
CA GLU E 625 19.30 1.94 -14.66
C GLU E 625 20.54 1.48 -13.92
N ALA E 626 21.07 2.32 -13.03
CA ALA E 626 22.27 1.98 -12.30
C ALA E 626 22.22 2.47 -10.86
N THR E 627 23.04 1.85 -10.01
CA THR E 627 23.12 2.18 -8.60
C THR E 627 24.56 2.42 -8.17
N ALA E 628 24.76 3.41 -7.30
CA ALA E 628 26.10 3.72 -6.82
C ALA E 628 26.07 4.37 -5.45
N THR E 629 27.05 4.01 -4.62
CA THR E 629 27.17 4.59 -3.30
C THR E 629 28.18 5.73 -3.40
N TYR E 630 28.03 6.73 -2.53
CA TYR E 630 28.92 7.88 -2.52
C TYR E 630 29.32 8.26 -1.10
N ASP E 631 30.57 8.68 -0.96
CA ASP E 631 31.11 9.07 0.34
C ASP E 631 32.18 10.10 0.05
N PRO E 632 32.01 11.34 0.54
CA PRO E 632 33.04 12.35 0.27
C PRO E 632 34.45 11.91 0.69
N SER E 633 35.43 12.26 -0.12
CA SER E 633 36.82 11.89 0.14
C SER E 633 37.47 12.68 1.27
N ASP E 634 36.81 13.72 1.74
CA ASP E 634 37.35 14.56 2.81
C ASP E 634 36.20 15.33 3.45
N LEU E 635 36.52 16.16 4.44
CA LEU E 635 35.51 16.96 5.10
C LEU E 635 34.96 17.94 4.07
N VAL E 636 33.74 18.42 4.30
CA VAL E 636 33.13 19.40 3.41
C VAL E 636 32.59 20.42 4.39
N LEU E 637 33.41 21.43 4.65
CA LEU E 637 33.07 22.47 5.61
C LEU E 637 32.33 23.66 5.02
N ALA E 638 31.18 23.96 5.62
CA ALA E 638 30.37 25.11 5.21
C ALA E 638 30.67 26.13 6.28
N ASN E 639 30.25 27.38 6.08
CA ASN E 639 30.52 28.39 7.08
C ASN E 639 29.52 29.54 6.97
N GLY E 640 29.61 30.45 7.93
CA GLY E 640 28.72 31.60 7.92
C GLY E 640 28.79 32.32 9.25
N GLY E 641 27.79 33.15 9.52
CA GLY E 641 27.77 33.88 10.76
C GLY E 641 26.38 34.40 11.04
N HIS E 642 26.15 34.74 12.30
CA HIS E 642 24.86 35.27 12.72
C HIS E 642 25.11 36.40 13.68
N ALA E 643 24.19 37.36 13.67
CA ALA E 643 24.26 38.49 14.58
C ALA E 643 22.83 38.68 15.06
N ALA E 644 22.68 38.83 16.37
CA ALA E 644 21.36 39.01 16.95
C ALA E 644 21.35 40.28 17.78
N ILE E 645 20.20 40.95 17.79
CA ILE E 645 20.05 42.14 18.59
C ILE E 645 18.87 41.88 19.50
N VAL E 646 19.09 42.05 20.79
CA VAL E 646 18.04 41.82 21.77
C VAL E 646 17.78 43.07 22.59
N GLU E 647 16.60 43.12 23.18
CA GLU E 647 16.23 44.24 24.03
C GLU E 647 15.70 43.64 25.32
N ILE E 648 16.33 43.98 26.44
CA ILE E 648 15.91 43.50 27.73
C ILE E 648 15.29 44.64 28.53
N ASP E 649 14.09 44.44 29.05
CA ASP E 649 13.42 45.47 29.84
C ASP E 649 14.00 45.43 31.24
N ALA E 650 14.55 46.55 31.69
CA ALA E 650 15.15 46.64 33.01
C ALA E 650 14.22 46.41 34.19
N SER E 651 12.94 46.71 34.01
CA SER E 651 11.97 46.56 35.08
C SER E 651 11.26 45.20 35.16
N THR E 652 10.97 44.60 34.00
CA THR E 652 10.27 43.32 33.96
C THR E 652 11.14 42.15 33.50
N TYR E 653 12.38 42.46 33.10
CA TYR E 653 13.33 41.45 32.65
C TYR E 653 12.88 40.66 31.42
N ALA E 654 11.93 41.22 30.68
CA ALA E 654 11.44 40.57 29.47
C ALA E 654 12.50 40.78 28.37
N THR E 655 12.73 39.75 27.57
CA THR E 655 13.72 39.80 26.50
C THR E 655 13.11 39.63 25.12
N ARG E 656 13.43 40.55 24.21
CA ARG E 656 12.91 40.48 22.85
C ARG E 656 14.05 40.45 21.83
N VAL E 657 13.96 39.53 20.88
CA VAL E 657 14.96 39.47 19.82
C VAL E 657 14.36 40.35 18.74
N THR E 658 14.87 41.56 18.63
CA THR E 658 14.36 42.55 17.69
C THR E 658 14.91 42.44 16.27
N ASP E 659 16.12 41.91 16.12
CA ASP E 659 16.74 41.79 14.80
C ASP E 659 17.60 40.53 14.73
N PHE E 660 17.76 39.99 13.53
CA PHE E 660 18.58 38.81 13.34
C PHE E 660 19.17 38.89 11.94
N PHE E 661 20.47 38.65 11.85
CA PHE E 661 21.17 38.72 10.59
C PHE E 661 21.91 37.42 10.36
N ALA E 662 21.93 36.95 9.13
CA ALA E 662 22.61 35.71 8.81
C ALA E 662 23.36 35.77 7.51
N VAL E 663 24.55 35.20 7.50
CA VAL E 663 25.37 35.11 6.31
C VAL E 663 25.67 33.62 6.21
N GLU E 664 25.28 33.01 5.11
CA GLU E 664 25.49 31.58 4.93
C GLU E 664 26.27 31.23 3.68
N ASP E 665 27.23 30.31 3.83
CA ASP E 665 28.02 29.85 2.71
C ASP E 665 27.96 28.33 2.72
N CYS E 666 27.00 27.77 1.98
CA CYS E 666 26.85 26.33 1.90
C CYS E 666 27.30 25.90 0.49
N GLY E 667 28.29 26.62 -0.03
CA GLY E 667 28.77 26.32 -1.36
C GLY E 667 27.64 26.65 -2.33
N THR E 668 27.49 25.81 -3.34
CA THR E 668 26.45 26.01 -4.33
C THR E 668 25.08 25.67 -3.73
N MET E 669 24.18 26.66 -3.70
CA MET E 669 22.85 26.42 -3.17
C MET E 669 22.04 25.71 -4.25
N ILE E 670 21.32 24.67 -3.89
CA ILE E 670 20.50 23.97 -4.88
C ILE E 670 19.23 24.79 -5.06
N ASN E 671 18.63 25.20 -3.95
CA ASN E 671 17.39 25.97 -3.98
C ASN E 671 17.47 27.03 -2.89
N PRO E 672 17.82 28.27 -3.25
CA PRO E 672 17.95 29.39 -2.31
C PRO E 672 16.75 29.57 -1.39
N MET E 673 15.55 29.41 -1.95
CA MET E 673 14.31 29.55 -1.18
C MET E 673 14.30 28.53 -0.05
N ILE E 674 14.61 27.28 -0.37
CA ILE E 674 14.63 26.22 0.62
C ILE E 674 15.76 26.43 1.62
N VAL E 675 16.91 26.91 1.16
CA VAL E 675 18.03 27.18 2.07
C VAL E 675 17.63 28.26 3.08
N GLU E 676 16.95 29.30 2.61
CA GLU E 676 16.54 30.36 3.52
C GLU E 676 15.51 29.82 4.51
N GLY E 677 14.65 28.93 4.04
CA GLY E 677 13.66 28.35 4.93
C GLY E 677 14.37 27.61 6.05
N GLN E 678 15.45 26.90 5.70
CA GLN E 678 16.24 26.17 6.69
C GLN E 678 16.90 27.10 7.70
N ILE E 679 17.42 28.22 7.21
CA ILE E 679 18.08 29.18 8.09
C ILE E 679 17.06 29.79 9.06
N ARG E 680 15.92 30.24 8.53
CA ARG E 680 14.91 30.85 9.40
C ARG E 680 14.37 29.87 10.43
N GLY E 681 14.17 28.62 10.02
CA GLY E 681 13.66 27.62 10.95
C GLY E 681 14.66 27.36 12.05
N GLY E 682 15.94 27.24 11.68
CA GLY E 682 16.97 26.99 12.68
C GLY E 682 17.13 28.16 13.63
N ILE E 683 16.97 29.38 13.12
CA ILE E 683 17.09 30.57 13.95
C ILE E 683 15.98 30.60 15.00
N ALA E 684 14.78 30.20 14.59
CA ALA E 684 13.65 30.15 15.52
C ALA E 684 13.96 29.17 16.63
N GLN E 685 14.44 27.99 16.28
CA GLN E 685 14.77 27.00 17.29
C GLN E 685 15.88 27.50 18.20
N ALA E 686 16.77 28.34 17.66
CA ALA E 686 17.88 28.89 18.44
C ALA E 686 17.33 29.87 19.47
N ILE E 687 16.42 30.74 19.04
CA ILE E 687 15.80 31.70 19.96
C ILE E 687 15.12 30.88 21.05
N GLY E 688 14.51 29.78 20.64
CA GLY E 688 13.83 28.91 21.59
C GLY E 688 14.77 28.34 22.64
N GLN E 689 15.87 27.74 22.21
CA GLN E 689 16.83 27.16 23.15
C GLN E 689 17.44 28.19 24.10
N THR E 690 17.76 29.37 23.58
CA THR E 690 18.42 30.40 24.38
C THR E 690 17.55 31.25 25.28
N LEU E 691 16.26 31.37 24.98
CA LEU E 691 15.39 32.22 25.79
C LEU E 691 14.12 31.58 26.36
N LEU E 692 13.68 30.46 25.80
CA LEU E 692 12.43 29.86 26.24
C LEU E 692 12.35 28.41 26.67
N GLU E 693 13.03 27.54 25.94
CA GLU E 693 12.96 26.11 26.18
C GLU E 693 13.86 25.44 27.20
N GLU E 694 13.25 24.59 28.02
CA GLU E 694 14.00 23.80 28.97
C GLU E 694 13.21 22.62 29.51
N VAL E 695 13.76 21.43 29.32
CA VAL E 695 13.18 20.19 29.82
C VAL E 695 13.82 20.15 31.21
N ILE E 696 12.99 20.09 32.24
CA ILE E 696 13.51 20.12 33.60
C ILE E 696 13.25 18.91 34.47
N TYR E 697 14.31 18.38 35.07
CA TYR E 697 14.22 17.26 36.00
C TYR E 697 14.51 17.87 37.36
N ASP E 698 13.66 17.64 38.35
CA ASP E 698 13.92 18.22 39.66
C ASP E 698 14.94 17.41 40.46
N ASP E 699 15.12 17.79 41.71
CA ASP E 699 16.10 17.12 42.57
C ASP E 699 15.76 15.67 42.93
N PHE E 700 14.58 15.23 42.55
CA PHE E 700 14.19 13.86 42.84
C PHE E 700 14.21 13.01 41.57
N GLY E 701 14.56 13.63 40.45
CA GLY E 701 14.59 12.90 39.20
C GLY E 701 13.27 12.91 38.46
N GLN E 702 12.32 13.68 38.96
CA GLN E 702 11.01 13.79 38.32
C GLN E 702 11.11 14.74 37.14
N LEU E 703 10.44 14.40 36.04
CA LEU E 703 10.43 15.26 34.87
C LEU E 703 9.24 16.18 35.13
N VAL E 704 9.51 17.45 35.42
CA VAL E 704 8.45 18.39 35.72
C VAL E 704 7.93 19.14 34.49
N THR E 705 8.53 18.89 33.34
CA THR E 705 8.08 19.54 32.11
C THR E 705 7.65 18.47 31.12
N THR E 706 6.33 18.27 30.98
CA THR E 706 5.80 17.26 30.07
C THR E 706 4.66 17.77 29.19
N THR E 707 4.43 19.07 29.18
CA THR E 707 3.37 19.64 28.36
C THR E 707 3.83 20.94 27.72
N LEU E 708 3.10 21.37 26.68
CA LEU E 708 3.42 22.59 25.98
C LEU E 708 3.09 23.82 26.83
N MET E 709 2.52 23.59 28.01
CA MET E 709 2.21 24.70 28.90
C MET E 709 3.49 25.00 29.69
N ASP E 710 4.28 23.97 29.97
CA ASP E 710 5.51 24.16 30.71
C ASP E 710 6.75 24.19 29.83
N TYR E 711 6.63 23.67 28.60
CA TYR E 711 7.75 23.69 27.67
C TYR E 711 7.35 24.68 26.59
N LEU E 712 8.00 25.83 26.60
CA LEU E 712 7.69 26.91 25.69
C LEU E 712 8.54 27.01 24.44
N ILE E 713 7.93 26.81 23.28
CA ILE E 713 8.67 26.95 22.04
C ILE E 713 8.25 28.27 21.41
N PRO E 714 9.09 28.83 20.53
CA PRO E 714 8.78 30.11 19.89
C PRO E 714 7.50 30.19 19.05
N THR E 715 6.90 31.37 19.11
CA THR E 715 5.68 31.68 18.39
C THR E 715 5.98 32.83 17.43
N THR E 716 4.98 33.22 16.65
CA THR E 716 5.13 34.32 15.70
C THR E 716 5.57 35.60 16.41
N LEU E 717 5.37 35.66 17.73
CA LEU E 717 5.73 36.85 18.50
C LEU E 717 7.12 36.81 19.10
N ASP E 718 7.79 35.66 19.00
CA ASP E 718 9.13 35.50 19.54
C ASP E 718 10.19 35.64 18.46
N VAL E 719 9.81 35.39 17.22
CA VAL E 719 10.77 35.45 16.12
C VAL E 719 10.58 36.68 15.25
N PRO E 720 11.63 37.49 15.09
CA PRO E 720 11.53 38.71 14.27
C PRO E 720 11.72 38.36 12.81
N ASP E 721 11.58 39.35 11.94
CA ASP E 721 11.82 39.12 10.52
C ASP E 721 13.34 38.92 10.48
N ILE E 722 13.81 38.10 9.56
CA ILE E 722 15.24 37.79 9.47
C ILE E 722 15.88 38.22 8.17
N ARG E 723 17.04 38.87 8.25
CA ARG E 723 17.75 39.31 7.05
C ARG E 723 18.85 38.29 6.75
N ILE E 724 18.91 37.86 5.49
CA ILE E 724 19.89 36.86 5.08
C ILE E 724 20.68 37.26 3.85
N ARG E 725 21.97 36.95 3.86
CA ARG E 725 22.83 37.24 2.72
C ARG E 725 23.59 35.94 2.45
N HIS E 726 23.90 35.69 1.18
CA HIS E 726 24.59 34.46 0.79
C HIS E 726 25.95 34.66 0.14
N LEU E 727 26.83 33.68 0.35
CA LEU E 727 28.16 33.64 -0.25
C LEU E 727 28.29 32.20 -0.70
N GLU E 728 28.97 31.97 -1.83
CA GLU E 728 29.11 30.61 -2.33
C GLU E 728 30.55 30.18 -2.65
N THR E 729 31.07 29.26 -1.84
CA THR E 729 32.40 28.73 -2.04
C THR E 729 32.21 27.25 -2.36
N PRO E 730 32.16 26.91 -3.66
CA PRO E 730 31.95 25.53 -4.12
C PRO E 730 32.92 24.51 -3.53
N SER E 731 32.40 23.32 -3.24
CA SER E 731 33.24 22.24 -2.72
C SER E 731 33.70 21.46 -3.95
N PRO E 732 35.00 21.15 -4.03
CA PRO E 732 35.48 20.40 -5.19
C PRO E 732 35.24 18.90 -4.98
N LEU E 733 34.67 18.54 -3.83
CA LEU E 733 34.42 17.14 -3.49
C LEU E 733 32.98 16.66 -3.67
N VAL E 734 32.11 17.57 -4.10
CA VAL E 734 30.70 17.25 -4.28
C VAL E 734 30.24 17.77 -5.62
N PRO E 735 29.43 16.98 -6.35
CA PRO E 735 28.98 17.50 -7.65
C PRO E 735 28.25 18.82 -7.51
N GLY E 736 28.51 19.72 -8.46
CA GLY E 736 27.88 21.02 -8.43
C GLY E 736 28.44 21.96 -7.38
N GLY E 737 29.39 21.48 -6.58
CA GLY E 737 30.00 22.31 -5.54
C GLY E 737 29.13 22.49 -4.30
N ILE E 738 28.09 21.66 -4.21
CA ILE E 738 27.14 21.70 -3.11
C ILE E 738 27.74 21.37 -1.75
N LYS E 739 27.27 22.07 -0.71
CA LYS E 739 27.71 21.84 0.67
C LYS E 739 26.43 21.82 1.53
N GLY E 740 26.51 21.26 2.72
CA GLY E 740 25.33 21.18 3.58
C GLY E 740 25.12 22.42 4.44
N MET E 741 23.98 22.49 5.11
CA MET E 741 23.68 23.65 5.97
C MET E 741 22.47 23.49 6.87
N GLY E 742 21.79 22.36 6.78
CA GLY E 742 20.60 22.12 7.59
C GLY E 742 20.71 22.50 9.06
N GLU E 743 21.84 22.16 9.67
CA GLU E 743 22.07 22.45 11.09
C GLU E 743 22.69 23.81 11.39
N SER E 744 23.23 24.46 10.36
CA SER E 744 23.92 25.74 10.53
C SER E 744 23.39 26.71 11.59
N ALA E 745 22.13 27.13 11.45
CA ALA E 745 21.55 28.08 12.40
C ALA E 745 21.49 27.60 13.85
N MET E 746 21.26 26.31 14.07
CA MET E 746 21.18 25.80 15.43
C MET E 746 22.56 25.59 16.04
N ILE E 747 23.59 25.71 15.20
CA ILE E 747 24.95 25.58 15.68
C ILE E 747 25.40 26.97 16.11
N SER E 748 25.10 27.95 15.26
CA SER E 748 25.54 29.33 15.48
C SER E 748 24.55 30.37 16.03
N ALA E 749 23.29 30.34 15.62
CA ALA E 749 22.35 31.33 16.11
C ALA E 749 22.20 31.37 17.63
N PRO E 750 22.32 30.21 18.32
CA PRO E 750 22.20 30.23 19.78
C PRO E 750 23.29 31.10 20.42
N ALA E 751 24.50 30.98 19.89
CA ALA E 751 25.62 31.75 20.40
C ALA E 751 25.39 33.24 20.15
N ALA E 752 24.78 33.58 19.02
CA ALA E 752 24.52 34.99 18.72
C ALA E 752 23.55 35.60 19.72
N VAL E 753 22.53 34.86 20.14
CA VAL E 753 21.57 35.38 21.10
C VAL E 753 22.19 35.49 22.50
N VAL E 754 22.91 34.44 22.91
CA VAL E 754 23.54 34.46 24.22
C VAL E 754 24.55 35.60 24.29
N ALA E 755 25.33 35.77 23.23
CA ALA E 755 26.32 36.85 23.17
C ALA E 755 25.60 38.20 23.23
N ALA E 756 24.45 38.27 22.56
CA ALA E 756 23.67 39.51 22.53
C ALA E 756 23.20 39.88 23.94
N VAL E 757 22.75 38.89 24.70
CA VAL E 757 22.29 39.16 26.06
C VAL E 757 23.46 39.63 26.92
N ASN E 758 24.60 38.94 26.81
CA ASN E 758 25.77 39.32 27.58
C ASN E 758 26.27 40.71 27.21
N ASP E 759 26.03 41.11 25.96
CA ASP E 759 26.45 42.43 25.50
C ASP E 759 25.50 43.48 26.11
N ALA E 760 24.24 43.11 26.24
CA ALA E 760 23.23 44.01 26.79
C ALA E 760 23.46 44.31 28.27
N LEU E 761 23.98 43.33 29.00
CA LEU E 761 24.21 43.48 30.44
C LEU E 761 25.67 43.74 30.82
N ALA E 762 26.53 43.87 29.83
CA ALA E 762 27.96 44.10 30.07
C ALA E 762 28.22 45.33 30.94
N HIS E 763 27.53 46.43 30.65
CA HIS E 763 27.73 47.66 31.40
C HIS E 763 27.46 47.51 32.89
N LEU E 764 26.73 46.46 33.26
CA LEU E 764 26.43 46.20 34.67
C LEU E 764 27.45 45.23 35.23
N GLU E 765 28.46 44.90 34.42
CA GLU E 765 29.50 43.97 34.81
C GLU E 765 28.87 42.67 35.29
N VAL E 766 27.93 42.18 34.49
CA VAL E 766 27.20 40.96 34.77
C VAL E 766 27.30 40.05 33.55
N VAL E 767 27.34 38.74 33.78
CA VAL E 767 27.40 37.79 32.68
C VAL E 767 26.33 36.72 32.91
N ILE E 768 25.90 36.09 31.82
CA ILE E 768 24.92 35.01 31.91
C ILE E 768 25.48 33.91 31.04
N GLU E 769 25.85 32.81 31.68
CA GLU E 769 26.46 31.70 30.96
C GLU E 769 25.64 30.42 30.93
N THR E 770 24.37 30.52 31.33
CA THR E 770 23.47 29.38 31.35
C THR E 770 22.25 29.65 30.46
N VAL E 771 21.83 28.64 29.70
CA VAL E 771 20.64 28.78 28.86
C VAL E 771 19.63 27.74 29.33
N PRO E 772 18.33 28.03 29.20
CA PRO E 772 17.75 29.25 28.64
C PRO E 772 17.93 30.49 29.53
N ILE E 773 18.00 31.65 28.90
CA ILE E 773 18.14 32.90 29.64
C ILE E 773 16.72 33.39 29.89
N THR E 774 16.21 33.08 31.07
CA THR E 774 14.86 33.43 31.47
C THR E 774 14.77 34.69 32.30
N PRO E 775 13.56 35.25 32.46
CA PRO E 775 13.46 36.46 33.27
C PRO E 775 14.01 36.22 34.68
N GLU E 776 13.80 35.02 35.21
CA GLU E 776 14.31 34.69 36.53
C GLU E 776 15.84 34.78 36.52
N ARG E 777 16.47 34.20 35.50
CA ARG E 777 17.93 34.26 35.43
C ARG E 777 18.45 35.67 35.21
N ILE E 778 17.73 36.48 34.45
CA ILE E 778 18.15 37.86 34.23
C ILE E 778 17.99 38.63 35.53
N PHE E 779 16.83 38.46 36.16
CA PHE E 779 16.52 39.12 37.43
C PHE E 779 17.63 38.84 38.44
N ARG E 780 17.97 37.56 38.58
CA ARG E 780 19.01 37.10 39.50
C ARG E 780 20.39 37.68 39.17
N SER E 781 20.78 37.63 37.91
CA SER E 781 22.09 38.13 37.53
C SER E 781 22.22 39.61 37.86
N ILE E 782 21.18 40.40 37.59
CA ILE E 782 21.22 41.82 37.88
C ILE E 782 21.22 42.07 39.39
N GLN E 783 20.38 41.33 40.10
CA GLN E 783 20.28 41.48 41.54
C GLN E 783 21.62 41.18 42.22
N GLU E 784 22.39 40.27 41.63
CA GLU E 784 23.67 39.87 42.18
C GLU E 784 24.86 40.62 41.57
N ARG E 785 24.59 41.74 40.90
CA ARG E 785 25.67 42.51 40.29
C ARG E 785 26.61 43.14 41.32
N PRO E 786 27.88 43.32 40.95
CA PRO E 786 28.90 43.91 41.83
C PRO E 786 28.82 45.43 41.91
N MET F 1 -3.28 9.74 26.09
CA MET F 1 -3.83 11.11 26.26
C MET F 1 -5.30 11.16 25.86
N LYS F 2 -5.94 9.99 25.80
CA LYS F 2 -7.36 9.93 25.44
C LYS F 2 -8.21 10.07 26.69
N PHE F 3 -9.37 10.72 26.53
CA PHE F 3 -10.29 10.93 27.65
C PHE F 3 -10.79 9.59 28.16
N PRO F 4 -11.10 9.52 29.46
CA PRO F 4 -11.62 8.25 29.97
C PRO F 4 -13.06 8.17 29.43
N ALA F 5 -13.69 7.01 29.55
CA ALA F 5 -15.06 6.88 29.05
C ALA F 5 -16.10 7.57 29.92
N PHE F 6 -17.16 8.05 29.28
CA PHE F 6 -18.26 8.73 29.98
C PHE F 6 -19.44 8.87 29.05
N SER F 7 -20.64 9.07 29.62
CA SER F 7 -21.84 9.25 28.81
C SER F 7 -22.01 10.76 28.61
N TYR F 8 -22.99 11.13 27.81
CA TYR F 8 -23.22 12.55 27.50
C TYR F 8 -24.68 12.93 27.42
N ARG F 9 -25.00 14.13 27.91
CA ARG F 9 -26.37 14.66 27.87
C ARG F 9 -26.29 16.17 27.67
N ALA F 10 -27.23 16.71 26.92
CA ALA F 10 -27.28 18.15 26.66
C ALA F 10 -28.73 18.60 26.80
N PRO F 11 -29.25 18.61 28.04
CA PRO F 11 -30.63 19.02 28.31
C PRO F 11 -31.02 20.42 27.87
N ALA F 12 -32.29 20.56 27.47
CA ALA F 12 -32.82 21.82 26.98
C ALA F 12 -33.21 22.84 28.05
N SER F 13 -33.17 22.45 29.32
CA SER F 13 -33.55 23.38 30.37
C SER F 13 -32.61 23.32 31.58
N LEU F 14 -32.51 24.43 32.29
CA LEU F 14 -31.67 24.52 33.47
C LEU F 14 -32.16 23.53 34.51
N GLN F 15 -33.48 23.51 34.72
CA GLN F 15 -34.09 22.61 35.68
C GLN F 15 -33.69 21.16 35.44
N GLU F 16 -33.68 20.74 34.17
CA GLU F 16 -33.31 19.37 33.84
C GLU F 16 -31.83 19.11 34.10
N VAL F 17 -30.99 20.11 33.82
CA VAL F 17 -29.56 19.96 34.07
C VAL F 17 -29.37 19.65 35.56
N ILE F 18 -30.07 20.42 36.39
CA ILE F 18 -30.01 20.25 37.84
C ILE F 18 -30.46 18.86 38.24
N GLN F 19 -31.53 18.37 37.62
CA GLN F 19 -32.05 17.03 37.93
C GLN F 19 -31.02 15.95 37.60
N VAL F 20 -30.38 16.09 36.43
CA VAL F 20 -29.38 15.11 36.01
C VAL F 20 -28.22 15.04 37.01
N LEU F 21 -27.71 16.21 37.38
CA LEU F 21 -26.59 16.29 38.32
C LEU F 21 -26.98 15.75 39.69
N ALA F 22 -28.21 16.04 40.10
CA ALA F 22 -28.69 15.56 41.39
C ALA F 22 -28.76 14.03 41.41
N ASP F 23 -29.30 13.45 40.35
CA ASP F 23 -29.45 12.01 40.25
C ASP F 23 -28.12 11.25 40.12
N ASP F 24 -27.12 11.89 39.53
CA ASP F 24 -25.82 11.26 39.35
C ASP F 24 -24.71 12.14 39.89
N PRO F 25 -24.25 11.86 41.12
CA PRO F 25 -23.18 12.62 41.79
C PRO F 25 -21.85 12.64 41.04
N ASP F 26 -21.61 11.62 40.22
CA ASP F 26 -20.36 11.53 39.47
C ASP F 26 -20.42 12.25 38.11
N ALA F 27 -21.57 12.83 37.81
CA ALA F 27 -21.73 13.55 36.56
C ALA F 27 -21.10 14.92 36.71
N ARG F 28 -20.57 15.46 35.62
CA ARG F 28 -19.94 16.77 35.65
C ARG F 28 -20.41 17.63 34.50
N ILE F 29 -20.46 18.94 34.72
CA ILE F 29 -20.88 19.89 33.71
C ILE F 29 -19.79 20.16 32.69
N ILE F 30 -20.18 20.40 31.45
CA ILE F 30 -19.22 20.79 30.44
C ILE F 30 -19.82 21.99 29.73
N ALA F 31 -19.03 23.05 29.64
CA ALA F 31 -19.40 24.28 28.97
C ALA F 31 -18.58 24.31 27.69
N GLY F 32 -17.57 25.17 27.64
CA GLY F 32 -16.72 25.27 26.45
C GLY F 32 -15.69 24.17 26.33
N GLY F 33 -15.49 23.43 27.42
CA GLY F 33 -14.54 22.33 27.43
C GLY F 33 -13.06 22.68 27.37
N GLN F 34 -12.72 23.97 27.29
CA GLN F 34 -11.33 24.38 27.18
C GLN F 34 -10.44 24.15 28.40
N SER F 35 -11.03 23.88 29.55
CA SER F 35 -10.26 23.60 30.77
C SER F 35 -10.51 22.17 31.26
N LEU F 36 -11.72 21.66 31.03
CA LEU F 36 -12.09 20.33 31.45
C LEU F 36 -11.48 19.23 30.58
N LEU F 37 -11.54 19.42 29.26
CA LEU F 37 -10.99 18.41 28.37
C LEU F 37 -9.49 18.20 28.60
N PRO F 38 -8.72 19.28 28.81
CA PRO F 38 -7.29 19.05 29.04
C PRO F 38 -7.11 18.17 30.27
N LEU F 39 -7.95 18.37 31.29
CA LEU F 39 -7.89 17.55 32.50
C LEU F 39 -8.27 16.10 32.19
N LEU F 40 -9.26 15.94 31.32
CA LEU F 40 -9.70 14.60 30.93
C LEU F 40 -8.60 13.92 30.13
N ALA F 41 -7.91 14.69 29.30
CA ALA F 41 -6.83 14.16 28.47
C ALA F 41 -5.74 13.55 29.35
N PHE F 42 -5.52 14.16 30.51
CA PHE F 42 -4.51 13.70 31.46
C PHE F 42 -5.11 12.69 32.43
N ARG F 43 -6.40 12.43 32.28
CA ARG F 43 -7.11 11.50 33.15
C ARG F 43 -6.95 11.89 34.61
N LEU F 44 -7.15 13.17 34.89
CA LEU F 44 -7.06 13.69 36.24
C LEU F 44 -8.44 13.68 36.90
N VAL F 45 -9.47 13.49 36.08
CA VAL F 45 -10.85 13.43 36.56
C VAL F 45 -11.56 12.31 35.81
N TYR F 46 -12.47 11.62 36.47
CA TYR F 46 -13.20 10.51 35.86
C TYR F 46 -14.70 10.66 36.01
N PRO F 47 -15.31 11.56 35.23
CA PRO F 47 -16.76 11.77 35.31
C PRO F 47 -17.50 10.58 34.70
N SER F 48 -18.68 10.28 35.24
CA SER F 48 -19.48 9.19 34.74
C SER F 48 -20.23 9.69 33.53
N CYS F 49 -20.53 10.98 33.55
CA CYS F 49 -21.31 11.61 32.49
C CYS F 49 -20.99 13.09 32.42
N LEU F 50 -21.02 13.65 31.22
CA LEU F 50 -20.78 15.07 31.05
C LEU F 50 -22.11 15.69 30.63
N VAL F 51 -22.51 16.72 31.36
CA VAL F 51 -23.76 17.39 31.09
C VAL F 51 -23.48 18.74 30.44
N ASP F 52 -23.76 18.80 29.14
CA ASP F 52 -23.53 20.01 28.35
C ASP F 52 -24.63 21.04 28.60
N LEU F 53 -24.25 22.31 28.69
CA LEU F 53 -25.20 23.39 28.92
C LEU F 53 -25.55 24.10 27.62
N ARG F 54 -24.99 23.61 26.51
CA ARG F 54 -25.22 24.24 25.21
C ARG F 54 -26.68 24.52 24.86
N ASN F 55 -27.60 23.70 25.34
CA ASN F 55 -29.01 23.91 24.98
C ASN F 55 -29.84 24.71 25.99
N VAL F 56 -29.21 25.24 27.02
CA VAL F 56 -29.94 26.04 28.02
C VAL F 56 -29.78 27.49 27.61
N SER F 57 -30.70 27.96 26.76
CA SER F 57 -30.65 29.31 26.22
C SER F 57 -30.54 30.47 27.22
N GLU F 58 -31.18 30.36 28.38
CA GLU F 58 -31.12 31.46 29.34
C GLU F 58 -29.69 31.75 29.79
N LEU F 59 -28.82 30.74 29.72
CA LEU F 59 -27.44 30.91 30.14
C LEU F 59 -26.61 31.70 29.13
N PHE F 60 -27.19 31.97 27.95
CA PHE F 60 -26.48 32.72 26.91
C PHE F 60 -26.89 34.19 26.85
N GLU F 61 -27.78 34.59 27.75
CA GLU F 61 -28.28 35.96 27.78
C GLU F 61 -27.34 37.02 28.37
N ILE F 62 -27.37 38.19 27.74
CA ILE F 62 -26.60 39.34 28.19
C ILE F 62 -27.60 40.49 28.24
N SER F 63 -27.69 41.16 29.39
CA SER F 63 -28.62 42.28 29.53
C SER F 63 -28.14 43.28 30.57
N GLN F 64 -28.70 44.49 30.52
CA GLN F 64 -28.34 45.53 31.47
C GLN F 64 -29.64 46.04 32.09
N SER F 65 -29.59 46.35 33.38
CA SER F 65 -30.77 46.84 34.07
C SER F 65 -30.43 47.55 35.37
N ALA F 66 -30.92 48.77 35.51
CA ALA F 66 -30.69 49.57 36.70
C ALA F 66 -29.24 49.59 37.18
N GLY F 67 -28.32 49.98 36.32
CA GLY F 67 -26.93 50.05 36.72
C GLY F 67 -26.18 48.75 36.90
N ILE F 68 -26.70 47.66 36.36
CA ILE F 68 -25.98 46.40 36.52
C ILE F 68 -26.02 45.57 35.25
N LEU F 69 -24.86 45.01 34.89
CA LEU F 69 -24.70 44.19 33.70
C LEU F 69 -24.87 42.72 34.09
N SER F 70 -25.76 42.01 33.40
CA SER F 70 -26.00 40.60 33.67
C SER F 70 -25.41 39.77 32.53
N VAL F 71 -24.52 38.84 32.86
CA VAL F 71 -23.90 38.00 31.84
C VAL F 71 -24.12 36.54 32.17
N GLY F 72 -24.74 35.81 31.24
CA GLY F 72 -25.01 34.40 31.45
C GLY F 72 -23.74 33.56 31.49
N ALA F 73 -23.77 32.49 32.25
CA ALA F 73 -22.62 31.59 32.39
C ALA F 73 -22.08 31.02 31.10
N MET F 74 -22.95 30.82 30.10
CA MET F 74 -22.49 30.24 28.85
C MET F 74 -22.08 31.26 27.79
N VAL F 75 -21.93 32.51 28.21
CA VAL F 75 -21.48 33.56 27.28
C VAL F 75 -19.97 33.34 27.08
N THR F 76 -19.56 33.17 25.82
CA THR F 76 -18.14 32.93 25.51
C THR F 76 -17.28 34.16 25.69
N HIS F 77 -15.97 33.96 25.82
CA HIS F 77 -15.04 35.07 25.96
C HIS F 77 -15.18 35.93 24.72
N PHE F 78 -15.40 35.30 23.58
CA PHE F 78 -15.56 36.02 22.31
C PHE F 78 -16.72 37.00 22.35
N ARG F 79 -17.88 36.53 22.76
CA ARG F 79 -19.06 37.37 22.83
C ARG F 79 -18.88 38.50 23.83
N ASN F 80 -18.34 38.18 25.00
CA ASN F 80 -18.10 39.18 26.03
C ASN F 80 -17.14 40.26 25.55
N LYS F 81 -16.16 39.87 24.76
CA LYS F 81 -15.16 40.79 24.23
C LYS F 81 -15.65 41.61 23.04
N THR F 82 -16.78 41.20 22.44
CA THR F 82 -17.31 41.91 21.28
C THR F 82 -18.74 42.43 21.43
N ASP F 83 -19.45 42.00 22.45
CA ASP F 83 -20.83 42.44 22.64
C ASP F 83 -20.96 43.94 22.93
N PRO F 84 -21.93 44.61 22.27
CA PRO F 84 -22.20 46.04 22.40
C PRO F 84 -22.61 46.46 23.81
N THR F 85 -23.50 45.69 24.42
CA THR F 85 -23.99 45.97 25.76
C THR F 85 -22.85 45.87 26.77
N VAL F 86 -22.05 44.81 26.66
CA VAL F 86 -20.93 44.62 27.57
C VAL F 86 -19.92 45.77 27.42
N ALA F 87 -19.64 46.14 26.17
CA ALA F 87 -18.69 47.22 25.89
C ALA F 87 -19.13 48.55 26.47
N LYS F 88 -20.41 48.87 26.31
CA LYS F 88 -20.93 50.14 26.81
C LYS F 88 -21.05 50.17 28.33
N CYS F 89 -21.40 49.04 28.93
CA CYS F 89 -21.58 48.98 30.38
C CYS F 89 -20.32 48.75 31.21
N VAL F 90 -19.50 47.80 30.78
CA VAL F 90 -18.28 47.47 31.51
C VAL F 90 -17.15 47.32 30.50
N PRO F 91 -16.62 48.45 30.00
CA PRO F 91 -15.53 48.46 29.02
C PRO F 91 -14.24 47.77 29.47
N ILE F 92 -14.05 47.63 30.78
CA ILE F 92 -12.85 46.98 31.28
C ILE F 92 -12.87 45.48 30.96
N LEU F 93 -14.07 44.90 30.86
CA LEU F 93 -14.20 43.48 30.58
C LEU F 93 -13.55 43.08 29.26
N PRO F 94 -13.98 43.66 28.13
CA PRO F 94 -13.35 43.26 26.88
C PRO F 94 -11.84 43.51 26.85
N LYS F 95 -11.38 44.55 27.54
CA LYS F 95 -9.95 44.85 27.58
C LYS F 95 -9.19 43.77 28.33
N VAL F 96 -9.81 43.21 29.36
CA VAL F 96 -9.16 42.14 30.11
C VAL F 96 -9.19 40.85 29.30
N LEU F 97 -10.30 40.62 28.59
CA LEU F 97 -10.43 39.42 27.78
C LEU F 97 -9.41 39.33 26.66
N ALA F 98 -8.85 40.47 26.26
CA ALA F 98 -7.85 40.47 25.20
C ALA F 98 -6.62 39.68 25.63
N HIS F 99 -6.46 39.51 26.94
CA HIS F 99 -5.32 38.79 27.50
C HIS F 99 -5.59 37.29 27.69
N VAL F 100 -6.85 36.90 27.58
CA VAL F 100 -7.22 35.50 27.77
C VAL F 100 -6.95 34.59 26.57
N ALA F 101 -5.98 33.70 26.74
CA ALA F 101 -5.63 32.73 25.70
C ALA F 101 -5.53 33.35 24.31
N HIS F 102 -6.03 32.62 23.32
CA HIS F 102 -6.00 33.05 21.93
C HIS F 102 -7.42 32.98 21.36
N GLN F 103 -7.59 33.45 20.13
CA GLN F 103 -8.89 33.46 19.48
C GLN F 103 -9.64 32.13 19.50
N ALA F 104 -8.99 31.06 19.07
CA ALA F 104 -9.63 29.74 19.04
C ALA F 104 -10.19 29.32 20.39
N VAL F 105 -9.44 29.56 21.45
CA VAL F 105 -9.89 29.21 22.80
C VAL F 105 -11.01 30.13 23.27
N ARG F 106 -10.91 31.42 22.96
CA ARG F 106 -11.95 32.36 23.35
C ARG F 106 -13.26 32.10 22.61
N ASN F 107 -13.19 31.35 21.52
CA ASN F 107 -14.39 31.04 20.75
C ASN F 107 -15.24 29.97 21.45
N ARG F 108 -14.64 29.23 22.38
CA ARG F 108 -15.38 28.19 23.10
C ARG F 108 -15.48 28.45 24.61
N GLY F 109 -14.43 29.04 25.18
CA GLY F 109 -14.43 29.32 26.61
C GLY F 109 -15.57 30.25 27.04
N THR F 110 -16.09 30.02 28.24
CA THR F 110 -17.21 30.83 28.76
C THR F 110 -16.89 31.49 30.09
N LEU F 111 -17.66 32.52 30.43
CA LEU F 111 -17.47 33.22 31.68
C LEU F 111 -17.72 32.27 32.84
N GLY F 112 -18.81 31.51 32.74
CA GLY F 112 -19.17 30.58 33.79
C GLY F 112 -18.16 29.46 33.96
N GLY F 113 -17.67 28.94 32.84
CA GLY F 113 -16.69 27.86 32.89
C GLY F 113 -15.40 28.35 33.54
N SER F 114 -14.98 29.55 33.15
CA SER F 114 -13.77 30.14 33.70
C SER F 114 -13.90 30.31 35.21
N LEU F 115 -15.03 30.85 35.66
CA LEU F 115 -15.25 31.07 37.08
C LEU F 115 -15.35 29.77 37.87
N ALA F 116 -16.04 28.78 37.31
CA ALA F 116 -16.20 27.49 38.00
C ALA F 116 -14.89 26.70 38.04
N HIS F 117 -14.07 26.83 37.01
CA HIS F 117 -12.79 26.14 36.94
C HIS F 117 -11.91 26.73 38.06
N ALA F 118 -11.97 28.05 38.19
CA ALA F 118 -11.25 28.79 39.22
C ALA F 118 -9.73 28.63 39.29
N ASP F 119 -9.05 28.76 38.16
CA ASP F 119 -7.59 28.69 38.16
C ASP F 119 -7.17 29.99 38.85
N ALA F 120 -6.24 29.91 39.81
CA ALA F 120 -5.79 31.10 40.52
C ALA F 120 -5.13 32.13 39.62
N GLY F 121 -4.70 31.70 38.44
CA GLY F 121 -4.07 32.62 37.52
C GLY F 121 -4.99 33.13 36.42
N ALA F 122 -6.27 32.77 36.51
CA ALA F 122 -7.25 33.20 35.50
C ALA F 122 -7.70 34.63 35.67
N GLU F 123 -7.97 35.29 34.56
CA GLU F 123 -8.41 36.68 34.58
C GLU F 123 -9.83 36.92 35.11
N MET F 124 -10.79 36.10 34.69
CA MET F 124 -12.17 36.29 35.13
C MET F 124 -12.46 36.17 36.63
N PRO F 125 -11.94 35.12 37.29
CA PRO F 125 -12.21 35.03 38.73
C PRO F 125 -11.67 36.26 39.43
N PHE F 126 -10.50 36.71 38.97
CA PHE F 126 -9.85 37.89 39.52
C PHE F 126 -10.67 39.15 39.24
N LEU F 127 -11.04 39.34 37.99
CA LEU F 127 -11.81 40.52 37.60
C LEU F 127 -13.17 40.62 38.27
N MET F 128 -13.94 39.53 38.26
CA MET F 128 -15.26 39.56 38.89
C MET F 128 -15.21 39.95 40.36
N ALA F 129 -14.24 39.39 41.09
CA ALA F 129 -14.10 39.71 42.51
C ALA F 129 -13.75 41.19 42.66
N THR F 130 -12.79 41.64 41.86
CA THR F 130 -12.34 43.02 41.90
C THR F 130 -13.46 44.01 41.54
N LEU F 131 -14.35 43.62 40.64
CA LEU F 131 -15.45 44.49 40.24
C LEU F 131 -16.64 44.39 41.17
N GLY F 132 -16.54 43.54 42.19
CA GLY F 132 -17.62 43.38 43.13
C GLY F 132 -18.87 42.75 42.53
N ALA F 133 -18.65 41.80 41.62
CA ALA F 133 -19.77 41.12 40.96
C ALA F 133 -20.48 40.16 41.91
N THR F 134 -21.64 39.70 41.49
CA THR F 134 -22.42 38.76 42.28
C THR F 134 -22.76 37.56 41.40
N MET F 135 -22.56 36.36 41.93
CA MET F 135 -22.88 35.15 41.18
C MET F 135 -24.22 34.58 41.62
N TYR F 136 -25.00 34.11 40.65
CA TYR F 136 -26.28 33.48 40.95
C TYR F 136 -26.16 32.00 40.63
N ILE F 137 -26.36 31.19 41.66
CA ILE F 137 -26.22 29.74 41.57
C ILE F 137 -27.55 29.03 41.76
N ALA F 138 -27.85 28.09 40.87
CA ALA F 138 -29.10 27.35 40.93
C ALA F 138 -28.89 25.90 41.37
N SER F 139 -29.85 25.38 42.13
CA SER F 139 -29.80 24.00 42.61
C SER F 139 -31.23 23.47 42.71
N SER F 140 -31.38 22.24 43.17
CA SER F 140 -32.71 21.65 43.33
C SER F 140 -33.52 22.46 44.33
N ALA F 141 -32.83 23.14 45.25
CA ALA F 141 -33.49 23.93 46.29
C ALA F 141 -33.82 25.35 45.89
N GLY F 142 -33.34 25.79 44.73
CA GLY F 142 -33.63 27.14 44.29
C GLY F 142 -32.40 27.90 43.84
N VAL F 143 -32.50 29.23 43.79
CA VAL F 143 -31.39 30.06 43.35
C VAL F 143 -30.85 30.92 44.49
N ARG F 144 -29.53 30.94 44.65
CA ARG F 144 -28.89 31.73 45.69
C ARG F 144 -27.81 32.60 45.08
N SER F 145 -27.38 33.61 45.82
CA SER F 145 -26.33 34.51 45.33
C SER F 145 -25.18 34.57 46.32
N VAL F 146 -24.00 34.88 45.81
CA VAL F 146 -22.80 35.02 46.63
C VAL F 146 -21.88 36.01 45.91
N SER F 147 -21.10 36.77 46.66
CA SER F 147 -20.21 37.75 46.04
C SER F 147 -19.09 37.02 45.29
N ALA F 148 -18.54 37.69 44.28
CA ALA F 148 -17.46 37.11 43.48
C ALA F 148 -16.25 36.78 44.35
N THR F 149 -16.00 37.59 45.37
CA THR F 149 -14.88 37.35 46.27
C THR F 149 -15.11 36.07 47.06
N ASP F 150 -16.32 35.89 47.60
CA ASP F 150 -16.62 34.70 48.36
C ASP F 150 -16.73 33.47 47.48
N PHE F 151 -17.08 33.68 46.21
CA PHE F 151 -17.21 32.59 45.25
C PHE F 151 -15.86 31.93 44.97
N MET F 152 -14.83 32.76 44.79
CA MET F 152 -13.48 32.29 44.50
C MET F 152 -12.72 32.11 45.80
N LYS F 153 -12.63 30.87 46.25
CA LYS F 153 -11.96 30.56 47.52
C LYS F 153 -10.51 30.12 47.40
N GLY F 154 -10.06 29.83 46.18
CA GLY F 154 -8.68 29.41 45.99
C GLY F 154 -8.48 28.74 44.65
N HIS F 155 -7.29 28.22 44.42
CA HIS F 155 -7.00 27.55 43.15
C HIS F 155 -7.90 26.33 43.01
N TYR F 156 -8.70 26.31 41.95
CA TYR F 156 -9.61 25.19 41.71
C TYR F 156 -10.51 24.98 42.92
N PHE F 157 -10.88 26.07 43.60
CA PHE F 157 -11.73 25.96 44.79
C PHE F 157 -12.76 27.09 44.82
N THR F 158 -14.03 26.74 44.62
CA THR F 158 -15.11 27.73 44.63
C THR F 158 -16.17 27.43 45.68
N ASP F 159 -17.13 28.34 45.81
CA ASP F 159 -18.22 28.18 46.76
C ASP F 159 -19.28 27.24 46.21
N LEU F 160 -19.02 26.71 45.01
CA LEU F 160 -19.94 25.80 44.34
C LEU F 160 -20.01 24.48 45.09
N GLU F 161 -21.23 23.97 45.25
CA GLU F 161 -21.46 22.71 45.93
C GLU F 161 -21.90 21.68 44.91
N ALA F 162 -21.92 20.41 45.32
CA ALA F 162 -22.33 19.33 44.43
C ALA F 162 -23.73 19.56 43.87
N GLY F 163 -23.86 19.40 42.55
CA GLY F 163 -25.15 19.57 41.90
C GLY F 163 -25.55 21.00 41.57
N GLU F 164 -24.72 21.98 41.89
CA GLU F 164 -25.06 23.37 41.61
C GLU F 164 -24.62 23.86 40.25
N VAL F 165 -25.35 24.84 39.71
CA VAL F 165 -25.03 25.40 38.40
C VAL F 165 -24.91 26.93 38.49
N LEU F 166 -23.77 27.46 38.05
CA LEU F 166 -23.57 28.90 38.02
C LEU F 166 -24.43 29.33 36.85
N VAL F 167 -25.41 30.20 37.10
CA VAL F 167 -26.32 30.63 36.05
C VAL F 167 -25.92 31.92 35.35
N ARG F 168 -25.50 32.90 36.13
CA ARG F 168 -25.10 34.18 35.56
C ARG F 168 -24.32 34.98 36.58
N VAL F 169 -23.70 36.04 36.10
CA VAL F 169 -22.91 36.92 36.93
C VAL F 169 -23.46 38.32 36.73
N GLU F 170 -23.72 39.00 37.84
CA GLU F 170 -24.23 40.35 37.79
C GLU F 170 -23.13 41.32 38.18
N ILE F 171 -22.76 42.19 37.24
CA ILE F 171 -21.70 43.16 37.47
C ILE F 171 -22.19 44.59 37.61
N PRO F 172 -21.95 45.21 38.76
CA PRO F 172 -22.40 46.60 38.94
C PRO F 172 -21.61 47.50 38.00
N ILE F 173 -22.29 48.36 37.25
CA ILE F 173 -21.60 49.26 36.34
C ILE F 173 -20.70 50.13 37.22
N PRO F 174 -19.39 50.13 36.95
CA PRO F 174 -18.42 50.90 37.72
C PRO F 174 -18.44 52.42 37.57
N ALA F 175 -18.14 53.10 38.67
CA ALA F 175 -18.08 54.56 38.69
C ALA F 175 -16.59 54.90 38.54
N LEU F 176 -15.76 53.95 38.96
CA LEU F 176 -14.31 54.11 38.88
C LEU F 176 -13.84 53.86 37.45
N HIS F 177 -12.73 54.49 37.09
CA HIS F 177 -12.14 54.29 35.78
C HIS F 177 -11.10 53.19 35.95
N TRP F 178 -11.31 52.06 35.28
CA TRP F 178 -10.41 50.92 35.39
C TRP F 178 -9.42 50.71 34.26
N GLU F 179 -8.25 50.19 34.62
CA GLU F 179 -7.20 49.84 33.67
C GLU F 179 -6.68 48.51 34.19
N PHE F 180 -6.21 47.68 33.28
CA PHE F 180 -5.72 46.36 33.64
C PHE F 180 -4.44 46.04 32.88
N ASP F 181 -3.61 45.20 33.47
CA ASP F 181 -2.39 44.76 32.82
C ASP F 181 -1.88 43.54 33.55
N GLU F 182 -0.95 42.83 32.92
CA GLU F 182 -0.42 41.62 33.53
C GLU F 182 0.91 41.29 32.86
N TYR F 183 1.67 40.41 33.51
CA TYR F 183 2.94 39.98 32.98
C TYR F 183 2.80 38.51 32.59
N ALA F 184 3.05 38.20 31.33
CA ALA F 184 2.96 36.83 30.83
C ALA F 184 4.14 36.60 29.90
N ARG F 185 4.72 35.40 29.95
CA ARG F 185 5.86 35.07 29.09
C ARG F 185 5.69 35.61 27.66
N ARG F 186 4.49 35.42 27.11
CA ARG F 186 4.11 35.91 25.78
C ARG F 186 2.63 36.26 25.91
N LYS F 187 2.19 37.34 25.26
CA LYS F 187 0.78 37.72 25.34
C LYS F 187 -0.11 36.52 25.06
N GLY F 188 -0.96 36.20 26.02
CA GLY F 188 -1.85 35.06 25.90
C GLY F 188 -1.46 34.02 26.93
N ASP F 189 -0.17 33.97 27.25
CA ASP F 189 0.35 33.04 28.24
C ASP F 189 -0.31 33.30 29.59
N TYR F 190 -0.50 32.25 30.39
CA TYR F 190 -1.07 32.43 31.72
C TYR F 190 -0.13 33.41 32.42
N ALA F 191 -0.70 34.46 33.00
CA ALA F 191 0.10 35.49 33.66
C ALA F 191 0.76 35.06 34.96
N LEU F 192 1.92 35.64 35.24
CA LEU F 192 2.66 35.37 36.47
C LEU F 192 2.04 36.28 37.52
N VAL F 193 1.59 37.44 37.08
CA VAL F 193 0.95 38.42 37.96
C VAL F 193 0.06 39.32 37.10
N MET F 194 -1.04 39.78 37.68
CA MET F 194 -1.94 40.68 36.98
C MET F 194 -2.42 41.71 37.98
N ALA F 195 -2.70 42.92 37.51
CA ALA F 195 -3.16 43.96 38.40
C ALA F 195 -4.22 44.83 37.75
N ALA F 196 -5.12 45.34 38.58
CA ALA F 196 -6.18 46.21 38.10
C ALA F 196 -6.24 47.41 39.04
N ALA F 197 -6.48 48.58 38.47
CA ALA F 197 -6.58 49.79 39.26
C ALA F 197 -7.80 50.59 38.82
N GLY F 198 -8.67 50.90 39.78
CA GLY F 198 -9.87 51.68 39.48
C GLY F 198 -9.75 52.97 40.26
N LEU F 199 -9.80 54.10 39.55
CA LEU F 199 -9.66 55.39 40.22
C LEU F 199 -10.73 56.42 39.89
N SER F 200 -10.92 57.33 40.84
CA SER F 200 -11.85 58.45 40.69
C SER F 200 -10.99 59.65 41.07
N MET F 201 -11.03 60.70 40.26
CA MET F 201 -10.23 61.89 40.51
C MET F 201 -11.08 63.15 40.60
N GLN F 202 -10.64 64.09 41.43
CA GLN F 202 -11.28 65.39 41.56
C GLN F 202 -10.12 66.29 41.17
N GLY F 203 -10.09 66.71 39.92
CA GLY F 203 -8.98 67.51 39.45
C GLY F 203 -7.83 66.52 39.33
N GLY F 204 -6.65 66.88 39.80
CA GLY F 204 -5.52 65.97 39.71
C GLY F 204 -5.33 65.17 40.98
N ARG F 205 -6.35 65.18 41.85
CA ARG F 205 -6.27 64.46 43.11
C ARG F 205 -7.19 63.25 43.16
N CYS F 206 -6.67 62.14 43.67
CA CYS F 206 -7.43 60.91 43.76
C CYS F 206 -8.43 61.00 44.91
N VAL F 207 -9.68 60.60 44.67
CA VAL F 207 -10.70 60.64 45.72
C VAL F 207 -11.23 59.25 46.04
N ALA F 208 -10.88 58.29 45.19
CA ALA F 208 -11.30 56.90 45.39
C ALA F 208 -10.35 55.99 44.62
N ALA F 209 -10.00 54.87 45.24
CA ALA F 209 -9.08 53.94 44.58
C ALA F 209 -9.30 52.50 44.99
N ARG F 210 -9.19 51.60 44.02
CA ARG F 210 -9.32 50.17 44.23
C ARG F 210 -8.20 49.52 43.45
N ILE F 211 -7.21 49.01 44.18
CA ILE F 211 -6.06 48.36 43.57
C ILE F 211 -6.16 46.88 43.91
N ALA F 212 -6.02 46.03 42.91
CA ALA F 212 -6.10 44.59 43.13
C ALA F 212 -5.04 43.84 42.35
N LEU F 213 -4.53 42.78 42.97
CA LEU F 213 -3.52 41.94 42.33
C LEU F 213 -4.02 40.52 42.24
N GLY F 214 -3.76 39.88 41.11
CA GLY F 214 -4.20 38.51 40.91
C GLY F 214 -3.05 37.63 40.44
N ALA F 215 -3.23 36.32 40.59
CA ALA F 215 -2.23 35.33 40.18
C ALA F 215 -0.98 35.33 41.06
N VAL F 216 -0.92 36.22 42.04
CA VAL F 216 0.23 36.26 42.94
C VAL F 216 -0.06 35.26 44.05
N GLU F 217 -1.29 35.29 44.54
CA GLU F 217 -1.72 34.36 45.57
C GLU F 217 -2.92 33.59 45.03
N GLU F 218 -3.45 32.66 45.83
CA GLU F 218 -4.58 31.84 45.39
C GLU F 218 -5.90 32.58 45.16
N ARG F 219 -6.02 33.79 45.71
CA ARG F 219 -7.23 34.57 45.54
C ARG F 219 -6.82 35.99 45.19
N ALA F 220 -7.74 36.76 44.63
CA ALA F 220 -7.44 38.14 44.28
C ALA F 220 -7.08 38.88 45.57
N HIS F 221 -6.11 39.78 45.48
CA HIS F 221 -5.70 40.54 46.64
C HIS F 221 -6.14 41.98 46.47
N GLN F 222 -7.10 42.40 47.28
CA GLN F 222 -7.57 43.78 47.24
C GLN F 222 -6.60 44.53 48.12
N ALA F 223 -5.79 45.39 47.51
CA ALA F 223 -4.76 46.14 48.23
C ALA F 223 -5.29 47.35 48.98
N ILE F 224 -5.93 47.09 50.11
CA ILE F 224 -6.50 48.13 50.95
C ILE F 224 -5.47 49.18 51.36
N ARG F 225 -4.27 48.73 51.72
CA ARG F 225 -3.21 49.66 52.12
C ARG F 225 -2.95 50.67 51.00
N ALA F 226 -2.90 50.17 49.78
CA ALA F 226 -2.67 51.02 48.61
C ALA F 226 -3.85 51.96 48.39
N ASN F 227 -5.06 51.41 48.44
CA ASN F 227 -6.28 52.21 48.25
C ASN F 227 -6.27 53.43 49.17
N ASP F 228 -6.07 53.18 50.46
CA ASP F 228 -6.06 54.23 51.47
C ASP F 228 -4.94 55.24 51.29
N PHE F 229 -3.81 54.79 50.75
CA PHE F 229 -2.66 55.65 50.52
C PHE F 229 -2.89 56.63 49.37
N LEU F 230 -3.48 56.13 48.29
CA LEU F 230 -3.74 56.94 47.10
C LEU F 230 -4.78 58.03 47.31
N VAL F 231 -5.71 57.81 48.22
CA VAL F 231 -6.75 58.79 48.49
C VAL F 231 -6.19 60.15 48.92
N GLY F 232 -6.54 61.19 48.18
CA GLY F 232 -6.07 62.53 48.51
C GLY F 232 -4.73 62.92 47.93
N LYS F 233 -4.13 62.05 47.13
CA LYS F 233 -2.83 62.36 46.54
C LYS F 233 -2.85 62.55 45.04
N VAL F 234 -1.86 63.29 44.54
CA VAL F 234 -1.70 63.50 43.12
C VAL F 234 -0.93 62.26 42.68
N ILE F 235 -1.45 61.55 41.70
CA ILE F 235 -0.80 60.33 41.28
C ILE F 235 0.27 60.49 40.21
N ASP F 236 1.52 60.50 40.66
CA ASP F 236 2.66 60.62 39.76
C ASP F 236 3.52 59.37 39.95
N GLU F 237 4.65 59.33 39.26
CA GLU F 237 5.55 58.19 39.33
C GLU F 237 5.89 57.72 40.74
N SER F 238 6.36 58.64 41.57
CA SER F 238 6.74 58.29 42.94
C SER F 238 5.57 57.79 43.79
N THR F 239 4.41 58.39 43.60
CA THR F 239 3.23 57.98 44.37
C THR F 239 2.77 56.60 43.92
N ALA F 240 2.77 56.37 42.61
CA ALA F 240 2.36 55.09 42.06
C ALA F 240 3.33 54.02 42.54
N ALA F 241 4.60 54.39 42.66
CA ALA F 241 5.64 53.47 43.11
C ALA F 241 5.42 53.06 44.56
N THR F 242 5.12 54.04 45.41
CA THR F 242 4.88 53.77 46.82
C THR F 242 3.63 52.92 47.00
N ALA F 243 2.57 53.25 46.24
CA ALA F 243 1.33 52.51 46.30
C ALA F 243 1.59 51.06 45.87
N ALA F 244 2.43 50.89 44.85
CA ALA F 244 2.76 49.56 44.37
C ALA F 244 3.44 48.73 45.45
N GLU F 245 4.33 49.36 46.22
CA GLU F 245 5.03 48.67 47.30
C GLU F 245 4.03 48.29 48.38
N LEU F 246 3.11 49.19 48.67
CA LEU F 246 2.09 48.93 49.67
C LEU F 246 1.16 47.82 49.21
N ALA F 247 0.91 47.76 47.92
CA ALA F 247 0.02 46.75 47.34
C ALA F 247 0.61 45.35 47.33
N THR F 248 1.93 45.25 47.29
CA THR F 248 2.59 43.95 47.24
C THR F 248 3.20 43.47 48.55
N GLU F 249 3.34 44.37 49.52
CA GLU F 249 3.92 43.95 50.80
C GLU F 249 2.94 43.02 51.51
N GLY F 250 3.44 41.88 51.96
CA GLY F 250 2.59 40.91 52.64
C GLY F 250 2.25 39.75 51.74
N LEU F 251 2.35 39.94 50.43
CA LEU F 251 2.04 38.88 49.47
C LEU F 251 3.08 37.76 49.52
N GLU F 252 2.61 36.54 49.33
CA GLU F 252 3.49 35.37 49.37
C GLU F 252 3.29 34.49 48.15
N PRO F 253 3.93 34.86 47.02
CA PRO F 253 3.82 34.09 45.77
C PRO F 253 4.57 32.78 45.96
N ARG F 254 4.34 31.81 45.07
CA ARG F 254 5.06 30.56 45.18
C ARG F 254 6.09 30.41 44.07
N SER F 255 7.26 29.90 44.43
CA SER F 255 8.34 29.69 43.46
C SER F 255 8.11 28.41 42.68
N ASP F 256 8.24 28.49 41.37
CA ASP F 256 8.12 27.33 40.50
C ASP F 256 9.07 27.52 39.33
N ILE F 257 8.99 26.63 38.34
CA ILE F 257 9.90 26.72 37.21
C ILE F 257 9.76 27.98 36.36
N HIS F 258 8.64 28.68 36.51
CA HIS F 258 8.44 29.89 35.72
C HIS F 258 8.77 31.18 36.46
N GLY F 259 9.25 31.06 37.69
CA GLY F 259 9.61 32.25 38.44
C GLY F 259 9.65 32.05 39.94
N SER F 260 10.66 32.64 40.58
CA SER F 260 10.84 32.55 42.02
C SER F 260 9.90 33.52 42.72
N ARG F 261 9.79 33.39 44.03
CA ARG F 261 8.94 34.26 44.82
C ARG F 261 9.39 35.72 44.63
N ASP F 262 10.69 35.96 44.70
CA ASP F 262 11.24 37.30 44.55
C ASP F 262 10.93 37.92 43.18
N LEU F 263 11.09 37.12 42.12
CA LEU F 263 10.80 37.61 40.78
C LEU F 263 9.34 38.04 40.70
N ARG F 264 8.46 37.20 41.25
CA ARG F 264 7.03 37.43 41.27
C ARG F 264 6.69 38.76 41.94
N LEU F 265 7.27 38.99 43.10
CA LEU F 265 7.05 40.22 43.84
C LEU F 265 7.56 41.43 43.07
N SER F 266 8.74 41.28 42.48
CA SER F 266 9.34 42.36 41.69
C SER F 266 8.41 42.70 40.53
N LEU F 267 7.91 41.67 39.85
CA LEU F 267 7.01 41.85 38.72
C LEU F 267 5.67 42.44 39.17
N ALA F 268 5.17 41.95 40.31
CA ALA F 268 3.90 42.42 40.84
C ALA F 268 3.97 43.93 41.08
N LYS F 269 5.08 44.36 41.67
CA LYS F 269 5.29 45.77 41.97
C LYS F 269 5.35 46.59 40.68
N ALA F 270 6.13 46.14 39.71
CA ALA F 270 6.27 46.83 38.43
C ALA F 270 4.95 46.96 37.67
N ILE F 271 4.21 45.86 37.59
CA ILE F 271 2.93 45.86 36.89
C ILE F 271 1.91 46.77 37.60
N THR F 272 1.87 46.68 38.92
CA THR F 272 0.93 47.49 39.69
C THR F 272 1.22 48.98 39.51
N GLN F 273 2.49 49.36 39.61
CA GLN F 273 2.89 50.74 39.44
C GLN F 273 2.44 51.25 38.06
N ARG F 274 2.65 50.40 37.05
CA ARG F 274 2.29 50.74 35.68
C ARG F 274 0.79 50.97 35.49
N VAL F 275 -0.02 50.04 36.02
CA VAL F 275 -1.46 50.13 35.87
C VAL F 275 -2.05 51.32 36.65
N ILE F 276 -1.46 51.65 37.79
CA ILE F 276 -1.93 52.78 38.58
C ILE F 276 -1.77 54.08 37.78
N LEU F 277 -0.59 54.26 37.19
CA LEU F 277 -0.32 55.45 36.39
C LEU F 277 -1.24 55.53 35.18
N LYS F 278 -1.46 54.37 34.57
CA LYS F 278 -2.32 54.28 33.40
C LYS F 278 -3.74 54.64 33.80
N ALA F 279 -4.18 54.17 34.96
CA ALA F 279 -5.52 54.46 35.45
C ALA F 279 -5.69 55.94 35.75
N ALA F 280 -4.69 56.53 36.40
CA ALA F 280 -4.74 57.95 36.74
C ALA F 280 -4.82 58.77 35.46
N GLN F 281 -4.11 58.33 34.43
CA GLN F 281 -4.10 59.01 33.14
C GLN F 281 -5.52 59.01 32.55
N GLY F 282 -6.10 57.82 32.43
CA GLY F 282 -7.44 57.70 31.90
C GLY F 282 -8.50 58.40 32.73
N ALA F 283 -8.32 58.39 34.04
CA ALA F 283 -9.29 59.02 34.93
C ALA F 283 -9.31 60.53 34.77
N MET F 284 -8.14 61.17 34.75
CA MET F 284 -8.07 62.62 34.61
C MET F 284 -8.45 63.13 33.22
N TYR F 285 -7.94 62.47 32.18
CA TYR F 285 -8.20 62.89 30.82
C TYR F 285 -9.22 62.01 30.11
FE1 FES G . -4.71 -21.86 -11.02
FE2 FES G . -6.10 -23.99 -10.08
S1 FES G . -4.12 -23.38 -9.38
S2 FES G . -6.78 -22.41 -11.50
FE1 FES H . -17.98 -20.06 -10.01
FE2 FES H . -19.39 -19.67 -7.71
S1 FES H . -19.32 -21.51 -8.81
S2 FES H . -17.98 -18.20 -8.76
C1 GOL I . -6.77 -46.02 -6.60
O1 GOL I . -7.03 -45.37 -5.16
C2 GOL I . -5.57 -45.95 -7.30
O2 GOL I . -4.52 -46.00 -6.47
C3 GOL I . -5.80 -45.86 -8.50
O3 GOL I . -6.57 -45.76 -9.84
S SO4 J . 8.59 -34.25 -9.12
O1 SO4 J . 7.79 -35.42 -8.70
O2 SO4 J . 8.91 -33.43 -7.93
O3 SO4 J . 9.85 -34.71 -9.74
O4 SO4 J . 7.83 -33.45 -10.08
S SO4 K . -6.31 -15.44 -51.92
O1 SO4 K . -5.37 -15.42 -53.06
O2 SO4 K . -7.55 -16.14 -52.31
O3 SO4 K . -5.69 -16.15 -50.79
O4 SO4 K . -6.63 -14.06 -51.51
S SO4 L . -4.23 -8.37 -50.58
O1 SO4 L . -5.01 -7.52 -49.67
O2 SO4 L . -3.02 -8.87 -49.91
O3 SO4 L . -5.07 -9.52 -51.00
O4 SO4 L . -3.85 -7.58 -51.78
S SO4 M . -12.83 4.85 -35.13
O1 SO4 M . -13.14 4.80 -36.56
O2 SO4 M . -14.00 5.37 -34.39
O3 SO4 M . -12.49 3.50 -34.63
O4 SO4 M . -11.68 5.76 -34.91
N1 MCN N . 11.06 -23.72 -15.16
C2 MCN N . 12.10 -24.42 -14.46
N3 MCN N . 13.16 -24.78 -15.26
C4 MCN N . 13.27 -24.54 -16.63
C5 MCN N . 12.18 -23.84 -17.31
C6 MCN N . 11.09 -23.43 -16.57
O2 MCN N . 11.99 -24.65 -13.28
N4 MCN N . 14.34 -24.94 -17.31
C1' MCN N . 9.85 -23.24 -14.26
C2D MCN N . 10.00 -21.72 -13.84
O2' MCN N . 9.45 -21.51 -12.49
C3' MCN N . 9.27 -20.98 -14.94
C4D MCN N . 8.10 -21.87 -15.29
O4D MCN N . 8.56 -23.27 -14.95
O3' MCN N . 8.82 -19.66 -14.46
C5' MCN N . 7.53 -21.70 -16.73
O5' MCN N . 8.63 -21.80 -17.58
PA MCN N . 9.06 -20.71 -18.66
O1A MCN N . 10.32 -20.10 -18.14
O2A MCN N . 9.00 -21.45 -19.98
O3A MCN N . 7.93 -19.56 -18.91
PB MCN N . 7.52 -18.28 -18.03
O1B MCN N . 7.80 -17.07 -18.85
O2B MCN N . 8.10 -18.36 -16.65
O3B MCN N . 5.93 -18.47 -17.85
C10 MCN N . 5.04 -18.07 -18.86
C9' MCN N . 4.56 -19.33 -19.51
C8' MCN N . 3.52 -18.87 -20.55
S8' MCN N . 4.17 -17.83 -21.86
C7' MCN N . 2.23 -19.20 -20.59
S7' MCN N . 1.04 -18.64 -21.79
C6' MCN N . 1.68 -20.08 -19.42
C7 MCN N . 2.78 -20.95 -18.83
O9' MCN N . 3.89 -20.16 -18.45
N5' MCN N . 0.95 -19.13 -18.49
C4A MCN N . 0.76 -19.80 -17.22
N8' MCN N . 2.28 -21.67 -17.62
C4B MCN N . 1.32 -21.02 -16.79
N1' MCN N . 1.11 -21.64 -15.53
C2' MCN N . 0.28 -20.96 -14.70
N2' MCN N . 0.04 -21.52 -13.50
N3' MCN N . -0.29 -19.75 -15.02
C4' MCN N . -0.11 -19.06 -16.27
O4' MCN N . -0.65 -17.99 -16.47
S SMO O . 0.74 -17.13 -24.63
MO SMO O . 2.28 -17.03 -23.15
OM2 SMO O . 3.17 -16.73 -24.61
OM1 SMO O . 1.91 -15.55 -22.40
C1 GOL P . 4.17 -15.29 -27.23
O1 GOL P . 2.80 -14.49 -27.07
C2 GOL P . 4.81 -15.62 -28.44
O2 GOL P . 4.83 -14.57 -29.28
C3 GOL P . 5.18 -16.76 -28.40
O3 GOL P . 5.43 -18.21 -27.86
C1 GOL Q . 34.06 -3.50 -11.02
O1 GOL Q . 34.23 -5.06 -10.63
C2 GOL Q . 33.04 -2.67 -10.56
O2 GOL Q . 33.36 -2.14 -9.36
C3 GOL Q . 32.13 -2.67 -11.34
O3 GOL Q . 31.27 -2.99 -12.61
PA FAD R . -34.61 -22.21 -7.26
O1A FAD R . -33.49 -21.89 -8.19
O2A FAD R . -34.75 -21.47 -6.15
O5B FAD R . -35.74 -21.81 -8.18
C5B FAD R . -36.29 -22.61 -9.27
C4B FAD R . -37.56 -21.89 -9.88
O4B FAD R . -38.74 -22.55 -9.25
C3B FAD R . -37.78 -20.36 -9.63
O3B FAD R . -38.46 -19.76 -10.69
C2B FAD R . -38.59 -20.37 -8.29
O2B FAD R . -39.40 -19.23 -8.14
C1B FAD R . -39.48 -21.56 -8.47
N9A FAD R . -39.79 -22.29 -7.25
C8A FAD R . -38.90 -22.91 -6.39
N7A FAD R . -39.50 -23.68 -5.48
C5A FAD R . -40.84 -23.55 -5.74
C6A FAD R . -42.06 -24.17 -5.12
N6A FAD R . -42.03 -24.98 -4.10
N1A FAD R . -43.28 -23.79 -5.70
C2A FAD R . -43.35 -22.93 -6.77
N3A FAD R . -42.30 -22.32 -7.40
C4A FAD R . -41.08 -22.62 -6.82
N1 FAD R . -30.50 -29.69 -12.71
C2 FAD R . -30.70 -30.90 -13.27
O2 FAD R . -31.80 -31.33 -13.46
N3 FAD R . -29.61 -31.64 -13.85
C4 FAD R . -28.33 -31.12 -13.94
O4 FAD R . -27.47 -31.77 -14.47
C4X FAD R . -28.12 -29.77 -13.40
N5 FAD R . -26.87 -29.19 -13.47
C5X FAD R . -26.69 -27.97 -12.86
C6 FAD R . -25.39 -27.37 -12.93
C7 FAD R . -25.12 -26.14 -12.34
C7M FAD R . -23.72 -25.55 -12.48
C8 FAD R . -26.17 -25.43 -11.59
C8M FAD R . -25.95 -24.09 -10.92
C9 FAD R . -27.47 -26.01 -11.49
C9A FAD R . -27.74 -27.27 -12.12
N10 FAD R . -29.05 -27.92 -12.09
C10 FAD R . -29.25 -29.10 -12.73
C1' FAD R . -30.19 -27.19 -11.50
C2' FAD R . -30.56 -27.67 -10.08
O2' FAD R . -31.22 -28.94 -10.17
C3' FAD R . -31.48 -26.60 -9.48
O3' FAD R . -31.31 -26.67 -8.06
C4' FAD R . -32.98 -26.80 -9.83
O4' FAD R . -33.19 -26.79 -11.25
C5' FAD R . -33.73 -25.65 -9.22
O5' FAD R . -34.06 -25.99 -7.74
P FAD R . -33.82 -24.94 -6.68
O1P FAD R . -34.31 -25.57 -5.37
O2P FAD R . -32.53 -24.42 -6.69
O3P FAD R . -34.72 -23.81 -6.98
C1 GOL S . -29.83 -25.97 1.59
O1 GOL S . -29.30 -26.63 2.96
C2 GOL S . -30.59 -24.81 1.49
O2 GOL S . -30.23 -23.89 2.40
C3 GOL S . -31.40 -24.94 0.61
O3 GOL S . -32.20 -25.59 -0.56
C1 GOL T . -51.23 -28.53 3.08
O1 GOL T . -49.94 -27.76 3.67
C2 GOL T . -51.77 -29.72 3.60
O2 GOL T . -51.70 -29.76 4.94
C3 GOL T . -52.16 -30.41 2.68
O3 GOL T . -52.48 -30.88 1.23
FE1 FES U . 6.70 21.81 10.12
FE2 FES U . 5.17 23.92 10.49
S1 FES U . 6.01 23.28 8.59
S2 FES U . 5.68 22.37 12.04
FE1 FES V . -2.62 20.81 19.70
FE2 FES V . -5.37 20.52 19.40
S1 FES V . -4.28 22.27 20.04
S2 FES V . -3.74 19.03 18.95
S SO4 W . 18.43 -4.92 32.51
O1 SO4 W . 18.98 -6.21 32.06
O2 SO4 W . 19.16 -3.81 31.85
O3 SO4 W . 17.00 -4.84 32.13
O4 SO4 W . 18.58 -4.80 33.96
S SO4 X . 36.80 14.34 37.23
O1 SO4 X . 36.17 15.40 38.02
O2 SO4 X . 38.24 14.27 37.53
O3 SO4 X . 36.17 13.03 37.53
O4 SO4 X . 36.63 14.64 35.78
S SO4 Y . 5.94 17.44 -11.48
O1 SO4 Y . 5.67 16.63 -12.68
O2 SO4 Y . 5.50 16.71 -10.27
O3 SO4 Y . 7.39 17.71 -11.39
O4 SO4 Y . 5.21 18.73 -11.58
S SO4 Z . 10.89 22.63 -15.95
O1 SO4 Z . 10.12 21.94 -17.01
O2 SO4 Z . 12.12 23.21 -16.53
O3 SO4 Z . 10.07 23.71 -15.36
O4 SO4 Z . 11.24 21.66 -14.89
N1 MCN AA . 19.97 22.65 0.45
C2 MCN AA . 20.09 23.29 -0.83
N3 MCN AA . 21.41 23.61 -1.15
C4 MCN AA . 22.53 23.37 -0.36
C5 MCN AA . 22.34 22.72 0.94
C6 MCN AA . 21.07 22.36 1.33
O2 MCN AA . 19.12 23.53 -1.50
N4 MCN AA . 23.73 23.71 -0.77
C1' MCN AA . 18.49 22.23 0.84
C2D MCN AA . 18.20 20.70 0.52
O2' MCN AA . 16.83 20.57 0.02
C3' MCN AA . 18.49 19.99 1.83
C4D MCN AA . 18.14 20.97 2.91
O4D MCN AA . 18.23 22.34 2.26
O3' MCN AA . 17.69 18.75 1.91
C5' MCN AA . 18.98 20.84 4.21
O5' MCN AA . 20.31 20.64 3.76
PA MCN AA . 21.30 19.58 4.34
O1A MCN AA . 21.81 18.84 3.14
O2A MCN AA . 22.25 20.36 5.24
O3A MCN AA . 20.62 18.57 5.40
PB MCN AA . 19.60 17.35 5.22
O1B MCN AA . 20.36 16.10 5.54
O2B MCN AA . 18.89 17.41 3.90
O3B MCN AA . 18.51 17.64 6.35
C10 MCN AA . 18.72 17.28 7.69
C9' MCN AA . 19.00 18.54 8.42
C8' MCN AA . 19.12 18.09 9.87
S8' MCN AA . 20.48 16.98 10.22
C7' MCN AA . 18.33 18.47 10.89
S7' MCN AA . 18.48 17.93 12.56
C6' MCN AA . 17.13 19.42 10.56
C7 MCN AA . 17.42 20.25 9.34
O9' MCN AA . 17.81 19.44 8.25
N5' MCN AA . 15.89 18.54 10.57
C4A MCN AA . 14.84 19.25 9.87
N8' MCN AA . 16.21 21.05 8.93
C4B MCN AA . 14.93 20.45 9.13
N1' MCN AA . 13.86 21.10 8.47
C2' MCN AA . 12.67 20.48 8.58
N2' MCN AA . 11.60 21.05 7.97
N3' MCN AA . 12.50 19.29 9.26
C4' MCN AA . 13.53 18.56 9.94
O4' MCN AA . 13.29 17.53 10.51
S SMO BA . 20.75 16.41 14.56
MO SMO BA . 20.21 16.21 12.50
OM2 SMO BA . 21.83 15.49 12.62
OM1 SMO BA . 19.27 14.84 12.18
C1 GOL CA . 1.29 -3.43 -0.73
O1 GOL CA . 2.29 -3.88 0.45
C2 GOL CA . 1.63 -2.58 -1.80
O2 GOL CA . 2.88 -2.12 -1.69
C3 GOL CA . 0.69 -2.48 -2.55
O3 GOL CA . -0.74 -2.68 -3.15
C1 GOL DA . 3.91 26.77 23.68
O1 GOL DA . 5.07 25.66 23.76
C2 GOL DA . 4.10 28.15 23.61
O2 GOL DA . 5.41 28.46 23.51
C3 GOL DA . 3.04 28.73 23.69
O3 GOL DA . 1.51 28.98 23.81
C1 GOL EA . 10.58 29.35 32.07
O1 GOL EA . 9.34 30.37 31.97
C2 GOL EA . 11.23 28.76 30.99
O2 GOL EA . 11.18 29.53 29.89
C3 GOL EA . 11.66 27.69 31.33
O3 GOL EA . 11.99 26.47 32.24
PA FAD FA . -15.21 23.96 30.82
O1A FAD FA . -13.79 23.59 30.57
O2A FAD FA . -16.17 23.22 30.25
O5B FAD FA . -15.24 23.63 32.30
C5B FAD FA . -14.95 24.58 33.37
C4B FAD FA . -15.11 23.83 34.76
O4B FAD FA . -16.29 24.47 35.38
C3B FAD FA . -15.45 22.30 34.82
O3B FAD FA . -15.05 21.72 36.04
C2B FAD FA . -16.98 22.30 34.60
O2B FAD FA . -17.61 21.16 35.15
C1B FAD FA . -17.41 23.51 35.39
N9A FAD FA . -18.51 24.30 34.83
C8A FAD FA . -18.60 24.84 33.56
N7A FAD FA . -19.66 25.64 33.41
C5A FAD FA . -20.29 25.61 34.64
C6A FAD FA . -21.49 26.34 35.17
N6A FAD FA . -22.16 27.22 34.50
N1A FAD FA . -21.80 26.06 36.49
C2A FAD FA . -21.04 25.21 37.28
N3A FAD FA . -19.94 24.50 36.88
C4A FAD FA . -19.59 24.75 35.56
N1 FAD FA . -7.99 31.03 30.88
C2 FAD FA . -7.60 32.20 31.40
O2 FAD FA . -8.25 32.77 32.24
N3 FAD FA . -6.43 32.89 30.90
C4 FAD FA . -5.60 32.33 29.92
O4 FAD FA . -4.70 32.99 29.46
C4X FAD FA . -5.96 31.00 29.42
N5 FAD FA . -5.18 30.37 28.48
C5X FAD FA . -5.61 29.16 27.98
C6 FAD FA . -4.74 28.48 27.05
C7 FAD FA . -5.06 27.23 26.53
C7M FAD FA . -4.09 26.54 25.59
C8 FAD FA . -6.36 26.60 26.87
C8M FAD FA . -6.82 25.29 26.28
C9 FAD FA . -7.22 27.25 27.79
C9A FAD FA . -6.85 28.51 28.38
N10 FAD FA . -7.66 29.22 29.36
C10 FAD FA . -7.23 30.41 29.89
C1' FAD FA . -8.89 28.56 29.87
C2' FAD FA . -10.20 29.15 29.26
O2' FAD FA . -10.44 30.44 29.81
C3' FAD FA . -11.32 28.15 29.62
O3' FAD FA . -12.29 28.25 28.58
C4' FAD FA . -11.99 28.45 31.00
O4' FAD FA . -11.03 28.43 32.05
C5' FAD FA . -12.99 27.35 31.24
O5' FAD FA . -14.35 27.70 30.58
P FAD FA . -15.05 26.63 29.74
O1P FAD FA . -16.33 27.31 29.24
O2P FAD FA . -14.22 26.05 28.78
O3P FAD FA . -15.45 25.56 30.65
C1 GOL GA . -13.15 34.55 15.93
O1 GOL GA . -11.69 33.87 15.91
C2 GOL GA . -14.14 34.35 14.97
O2 GOL GA . -13.64 34.46 13.72
C3 GOL GA . -15.19 34.11 15.51
O3 GOL GA . -16.23 33.86 16.65
#